data_1FHO
#
_entry.id   1FHO
#
_cell.length_a   1.000
_cell.length_b   1.000
_cell.length_c   1.000
_cell.angle_alpha   90.00
_cell.angle_beta   90.00
_cell.angle_gamma   90.00
#
_symmetry.space_group_name_H-M   'P 1'
#
_entity_poly.entity_id   1
_entity_poly.type   'polypeptide(L)'
_entity_poly.pdbx_seq_one_letter_code
;MGDTGKLGRIIRHDAFQVWEGDEPPKLRYVFLFRNKIMFTEQDASTSPPSYTHYSSIRLDKYNIRQHTTDEDTIVLQPQE
PGLPSFRIKPKDFETSEYVRKAWLRDIAEEQEKYAAERD
;
_entity_poly.pdbx_strand_id   A
#
# COMPACT_ATOMS: atom_id res chain seq x y z
N MET A 1 -15.73 -10.77 -9.62
CA MET A 1 -16.15 -9.64 -8.74
C MET A 1 -17.15 -8.74 -9.48
N GLY A 2 -16.85 -8.43 -10.74
CA GLY A 2 -17.73 -7.58 -11.52
C GLY A 2 -17.11 -6.25 -11.83
N ASP A 3 -17.93 -5.27 -12.17
CA ASP A 3 -17.45 -3.92 -12.47
C ASP A 3 -18.21 -2.89 -11.66
N THR A 4 -18.56 -3.27 -10.44
CA THR A 4 -19.28 -2.39 -9.53
C THR A 4 -18.30 -1.74 -8.57
N GLY A 5 -17.33 -1.02 -9.12
CA GLY A 5 -16.33 -0.37 -8.31
C GLY A 5 -16.26 1.12 -8.56
N LYS A 6 -16.04 1.88 -7.50
CA LYS A 6 -15.95 3.33 -7.61
C LYS A 6 -14.50 3.78 -7.76
N LEU A 7 -14.30 5.08 -7.90
CA LEU A 7 -12.96 5.64 -8.05
C LEU A 7 -12.31 5.81 -6.69
N GLY A 8 -13.12 6.16 -5.71
CA GLY A 8 -12.62 6.36 -4.37
C GLY A 8 -11.84 7.66 -4.27
N ARG A 9 -10.51 7.57 -4.39
CA ARG A 9 -9.61 8.73 -4.32
C ARG A 9 -9.75 9.46 -2.99
N ILE A 10 -10.38 8.79 -2.04
CA ILE A 10 -10.66 9.36 -0.73
C ILE A 10 -9.41 9.45 0.15
N ILE A 11 -8.43 8.59 -0.08
CA ILE A 11 -7.21 8.63 0.71
C ILE A 11 -5.99 8.89 -0.15
N ARG A 12 -5.39 7.82 -0.67
CA ARG A 12 -4.19 7.94 -1.47
C ARG A 12 -4.12 6.83 -2.51
N HIS A 13 -3.43 7.07 -3.62
CA HIS A 13 -3.30 6.08 -4.68
C HIS A 13 -2.01 6.30 -5.48
N ASP A 14 -1.00 5.50 -5.18
CA ASP A 14 0.30 5.58 -5.85
C ASP A 14 0.79 4.18 -6.18
N ALA A 15 1.72 4.07 -7.10
CA ALA A 15 2.26 2.79 -7.50
C ALA A 15 3.61 2.53 -6.86
N PHE A 16 3.70 1.46 -6.09
CA PHE A 16 4.93 1.08 -5.42
C PHE A 16 5.50 -0.19 -6.03
N GLN A 17 6.69 -0.11 -6.57
CA GLN A 17 7.33 -1.27 -7.16
C GLN A 17 8.10 -2.01 -6.09
N VAL A 18 7.53 -3.12 -5.66
CA VAL A 18 8.14 -3.92 -4.60
C VAL A 18 7.97 -5.40 -4.85
N TRP A 19 8.34 -6.17 -3.84
CA TRP A 19 8.31 -7.62 -3.91
C TRP A 19 7.40 -8.22 -2.85
N GLU A 20 6.27 -8.82 -3.22
CA GLU A 20 5.39 -9.44 -2.22
C GLU A 20 5.91 -10.84 -1.92
N GLY A 21 5.33 -11.50 -0.91
CA GLY A 21 5.67 -12.87 -0.48
C GLY A 21 6.95 -13.49 -1.05
N ASP A 22 8.07 -12.78 -0.93
CA ASP A 22 9.37 -13.25 -1.42
C ASP A 22 9.37 -13.58 -2.93
N GLU A 23 8.32 -13.18 -3.62
CA GLU A 23 8.17 -13.42 -5.04
C GLU A 23 8.72 -12.24 -5.83
N PRO A 24 9.27 -12.49 -7.05
CA PRO A 24 9.84 -11.45 -7.91
C PRO A 24 9.04 -10.14 -7.92
N PRO A 25 9.70 -9.01 -8.25
CA PRO A 25 9.09 -7.68 -8.26
C PRO A 25 7.73 -7.59 -8.94
N LYS A 26 6.96 -6.64 -8.42
CA LYS A 26 5.63 -6.32 -8.91
C LYS A 26 5.49 -4.82 -9.06
N LEU A 27 4.51 -4.42 -9.86
CA LEU A 27 4.22 -3.02 -10.08
C LEU A 27 2.78 -2.80 -9.64
N ARG A 28 2.57 -2.81 -8.34
CA ARG A 28 1.22 -2.67 -7.80
C ARG A 28 0.84 -1.23 -7.52
N TYR A 29 -0.32 -0.85 -8.04
CA TYR A 29 -0.86 0.47 -7.82
C TYR A 29 -1.64 0.41 -6.51
N VAL A 30 -1.00 0.84 -5.43
CA VAL A 30 -1.59 0.80 -4.10
C VAL A 30 -2.67 1.89 -3.96
N PHE A 31 -3.90 1.45 -3.80
CA PHE A 31 -5.03 2.34 -3.64
C PHE A 31 -5.62 2.21 -2.24
N LEU A 32 -5.61 3.28 -1.47
CA LEU A 32 -6.18 3.22 -0.13
C LEU A 32 -7.57 3.83 -0.16
N PHE A 33 -8.57 3.05 0.18
CA PHE A 33 -9.94 3.54 0.19
C PHE A 33 -10.62 3.20 1.51
N ARG A 34 -11.30 4.19 2.09
CA ARG A 34 -12.03 4.01 3.36
C ARG A 34 -11.10 3.59 4.50
N ASN A 35 -10.90 2.28 4.66
CA ASN A 35 -10.05 1.78 5.73
C ASN A 35 -9.27 0.55 5.25
N LYS A 36 -9.19 0.37 3.94
CA LYS A 36 -8.46 -0.77 3.40
C LYS A 36 -7.54 -0.36 2.27
N ILE A 37 -6.44 -1.11 2.15
CA ILE A 37 -5.44 -0.89 1.14
C ILE A 37 -5.54 -1.94 0.04
N MET A 38 -6.05 -1.55 -1.11
CA MET A 38 -6.16 -2.46 -2.23
C MET A 38 -5.17 -2.07 -3.31
N PHE A 39 -4.22 -2.95 -3.58
CA PHE A 39 -3.18 -2.65 -4.56
C PHE A 39 -3.27 -3.60 -5.75
N THR A 40 -3.36 -3.01 -6.93
CA THR A 40 -3.43 -3.77 -8.14
C THR A 40 -2.03 -4.22 -8.57
N GLU A 41 -1.67 -5.44 -8.21
CA GLU A 41 -0.36 -5.96 -8.54
C GLU A 41 -0.21 -6.22 -10.04
N GLN A 42 0.18 -5.19 -10.76
CA GLN A 42 0.40 -5.30 -12.18
C GLN A 42 1.73 -6.02 -12.38
N ASP A 43 1.66 -7.33 -12.35
CA ASP A 43 2.84 -8.16 -12.48
C ASP A 43 3.03 -8.57 -13.93
N ALA A 44 4.14 -8.15 -14.50
CA ALA A 44 4.46 -8.43 -15.89
C ALA A 44 5.00 -9.84 -16.08
N SER A 45 4.42 -10.79 -15.35
CA SER A 45 4.82 -12.18 -15.46
C SER A 45 4.34 -12.71 -16.80
N THR A 46 5.20 -12.63 -17.78
CA THR A 46 4.88 -13.05 -19.15
C THR A 46 3.62 -12.32 -19.64
N SER A 47 2.50 -13.04 -19.76
CA SER A 47 1.26 -12.42 -20.21
C SER A 47 0.03 -12.88 -19.39
N PRO A 48 -0.20 -14.21 -19.25
CA PRO A 48 -1.38 -14.74 -18.52
C PRO A 48 -1.54 -14.32 -17.04
N PRO A 49 -0.48 -14.39 -16.19
CA PRO A 49 -0.58 -14.06 -14.74
C PRO A 49 -1.06 -12.64 -14.40
N SER A 50 -0.24 -11.87 -13.66
CA SER A 50 -0.61 -10.53 -13.20
C SER A 50 -1.74 -10.65 -12.17
N TYR A 51 -2.14 -9.54 -11.57
CA TYR A 51 -3.20 -9.55 -10.57
C TYR A 51 -4.19 -8.41 -10.79
N THR A 52 -5.33 -8.74 -11.39
CA THR A 52 -6.38 -7.76 -11.64
C THR A 52 -7.08 -7.43 -10.32
N HIS A 53 -6.50 -6.46 -9.59
CA HIS A 53 -6.97 -6.02 -8.27
C HIS A 53 -7.39 -7.20 -7.38
N TYR A 54 -6.61 -8.27 -7.42
CA TYR A 54 -6.88 -9.46 -6.62
C TYR A 54 -6.25 -9.33 -5.24
N SER A 55 -5.05 -8.76 -5.21
CA SER A 55 -4.33 -8.56 -3.96
C SER A 55 -4.93 -7.37 -3.21
N SER A 56 -5.16 -7.55 -1.92
CA SER A 56 -5.75 -6.49 -1.11
C SER A 56 -5.46 -6.71 0.37
N ILE A 57 -5.35 -5.62 1.11
CA ILE A 57 -5.08 -5.65 2.53
C ILE A 57 -6.13 -4.81 3.26
N ARG A 58 -6.47 -5.18 4.48
CA ARG A 58 -7.45 -4.43 5.26
C ARG A 58 -6.86 -4.06 6.62
N LEU A 59 -6.95 -2.77 6.97
CA LEU A 59 -6.38 -2.23 8.22
C LEU A 59 -7.10 -2.74 9.46
N ASP A 60 -7.65 -3.93 9.37
CA ASP A 60 -8.34 -4.52 10.49
C ASP A 60 -7.48 -5.59 11.16
N LYS A 61 -7.28 -6.71 10.48
CA LYS A 61 -6.50 -7.81 11.06
C LYS A 61 -5.14 -8.02 10.39
N TYR A 62 -4.33 -6.98 10.34
CA TYR A 62 -2.99 -7.10 9.79
C TYR A 62 -2.01 -6.38 10.69
N ASN A 63 -0.81 -6.91 10.83
CA ASN A 63 0.20 -6.28 11.64
C ASN A 63 1.07 -5.45 10.74
N ILE A 64 1.54 -4.32 11.19
CA ILE A 64 2.33 -3.46 10.34
C ILE A 64 3.45 -2.76 11.10
N ARG A 65 4.55 -2.54 10.40
CA ARG A 65 5.72 -1.88 10.93
C ARG A 65 6.18 -0.83 9.91
N GLN A 66 7.12 0.01 10.28
CA GLN A 66 7.60 1.04 9.36
C GLN A 66 9.05 1.40 9.62
N HIS A 67 9.84 1.42 8.55
CA HIS A 67 11.24 1.78 8.63
C HIS A 67 11.36 3.26 8.28
N THR A 68 12.32 3.95 8.86
CA THR A 68 12.49 5.37 8.59
C THR A 68 13.98 5.71 8.51
N THR A 69 14.35 6.94 8.89
CA THR A 69 15.74 7.40 8.86
C THR A 69 16.32 7.29 7.45
N ASP A 70 15.69 8.03 6.52
CA ASP A 70 16.07 8.06 5.09
C ASP A 70 15.40 6.93 4.33
N GLU A 71 15.39 5.73 4.90
CA GLU A 71 14.78 4.59 4.25
C GLU A 71 13.39 4.33 4.81
N ASP A 72 12.41 4.96 4.19
CA ASP A 72 11.02 4.79 4.60
C ASP A 72 10.46 3.59 3.87
N THR A 73 9.96 2.64 4.63
CA THR A 73 9.40 1.43 4.07
C THR A 73 8.32 0.92 4.99
N ILE A 74 7.11 0.68 4.48
CA ILE A 74 6.05 0.16 5.28
C ILE A 74 6.05 -1.35 5.14
N VAL A 75 6.27 -2.04 6.23
CA VAL A 75 6.34 -3.47 6.21
C VAL A 75 5.20 -4.08 7.01
N LEU A 76 4.31 -4.77 6.34
CA LEU A 76 3.20 -5.39 7.03
C LEU A 76 3.49 -6.85 7.30
N GLN A 77 3.15 -7.27 8.50
CA GLN A 77 3.37 -8.64 8.94
C GLN A 77 2.03 -9.37 9.04
N PRO A 78 1.98 -10.60 8.55
CA PRO A 78 0.76 -11.41 8.53
C PRO A 78 0.33 -12.01 9.87
N GLN A 79 -0.69 -11.43 10.48
CA GLN A 79 -1.25 -11.97 11.71
C GLN A 79 -2.49 -12.77 11.35
N GLU A 80 -2.48 -13.24 10.11
CA GLU A 80 -3.54 -14.06 9.54
C GLU A 80 -2.92 -15.18 8.70
N PRO A 81 -3.36 -16.42 8.91
CA PRO A 81 -2.84 -17.59 8.17
C PRO A 81 -3.05 -17.49 6.67
N GLY A 82 -1.97 -17.27 5.93
CA GLY A 82 -2.06 -17.16 4.49
C GLY A 82 -1.27 -15.97 3.97
N LEU A 83 -1.63 -14.78 4.45
CA LEU A 83 -0.97 -13.54 4.03
C LEU A 83 0.54 -13.65 4.24
N PRO A 84 1.34 -13.14 3.28
CA PRO A 84 2.79 -13.17 3.37
C PRO A 84 3.33 -11.84 3.87
N SER A 85 4.64 -11.73 4.02
CA SER A 85 5.24 -10.48 4.46
C SER A 85 5.78 -9.77 3.23
N PHE A 86 5.11 -8.70 2.84
CA PHE A 86 5.49 -7.96 1.65
C PHE A 86 5.72 -6.50 1.96
N ARG A 87 6.86 -5.98 1.55
CA ARG A 87 7.20 -4.59 1.83
C ARG A 87 6.76 -3.67 0.70
N ILE A 88 7.11 -2.40 0.83
CA ILE A 88 6.86 -1.38 -0.20
C ILE A 88 8.02 -0.41 -0.15
N LYS A 89 8.64 -0.15 -1.29
CA LYS A 89 9.81 0.71 -1.34
C LYS A 89 9.53 1.99 -2.12
N PRO A 90 10.37 3.02 -1.92
CA PRO A 90 10.23 4.32 -2.61
C PRO A 90 10.62 4.24 -4.08
N LYS A 91 10.10 3.25 -4.77
CA LYS A 91 10.39 3.05 -6.17
C LYS A 91 9.45 3.90 -7.03
N ASP A 92 9.16 5.08 -6.51
CA ASP A 92 8.26 6.04 -7.16
C ASP A 92 8.69 6.33 -8.58
N PHE A 93 9.72 7.16 -8.71
CA PHE A 93 10.25 7.57 -10.01
C PHE A 93 11.60 8.26 -9.87
N GLU A 94 11.66 9.55 -10.20
CA GLU A 94 12.88 10.33 -10.11
C GLU A 94 13.18 10.67 -8.65
N THR A 95 12.85 11.89 -8.25
CA THR A 95 13.05 12.35 -6.89
C THR A 95 11.72 12.37 -6.17
N SER A 96 11.72 11.92 -4.92
CA SER A 96 10.51 11.88 -4.15
C SER A 96 10.84 11.79 -2.66
N GLU A 97 10.38 10.71 -2.04
CA GLU A 97 10.51 10.46 -0.62
C GLU A 97 9.35 11.15 0.08
N TYR A 98 9.39 12.48 0.02
CA TYR A 98 8.36 13.33 0.64
C TYR A 98 6.93 12.87 0.28
N VAL A 99 6.81 12.20 -0.86
CA VAL A 99 5.54 11.66 -1.31
C VAL A 99 5.17 10.42 -0.48
N ARG A 100 6.12 9.52 -0.37
CA ARG A 100 5.97 8.28 0.40
C ARG A 100 5.99 8.54 1.90
N LYS A 101 6.59 9.67 2.29
CA LYS A 101 6.66 10.04 3.70
C LYS A 101 5.25 10.27 4.20
N ALA A 102 4.43 10.83 3.33
CA ALA A 102 3.04 11.07 3.65
C ALA A 102 2.28 9.75 3.72
N TRP A 103 2.73 8.77 2.91
CA TRP A 103 2.13 7.45 2.89
C TRP A 103 2.23 6.77 4.23
N LEU A 104 3.36 6.96 4.93
CA LEU A 104 3.51 6.37 6.25
C LEU A 104 2.42 6.98 7.11
N ARG A 105 2.52 8.30 7.29
CA ARG A 105 1.58 9.06 8.10
C ARG A 105 0.13 8.66 7.78
N ASP A 106 -0.16 8.38 6.51
CA ASP A 106 -1.50 7.96 6.10
C ASP A 106 -1.85 6.65 6.80
N ILE A 107 -0.94 5.69 6.76
CA ILE A 107 -1.13 4.39 7.40
C ILE A 107 -1.39 4.55 8.91
N ALA A 108 -0.62 5.45 9.54
CA ALA A 108 -0.74 5.70 10.98
C ALA A 108 -2.09 6.34 11.35
N GLU A 109 -2.78 6.88 10.36
CA GLU A 109 -4.08 7.51 10.56
C GLU A 109 -4.79 7.61 9.22
N GLU A 110 -5.40 6.50 8.85
CA GLU A 110 -6.11 6.37 7.59
C GLU A 110 -7.28 7.34 7.49
N GLN A 111 -7.60 7.70 6.25
CA GLN A 111 -8.70 8.59 5.93
C GLN A 111 -8.39 10.04 6.28
N GLU A 112 -8.13 10.84 5.26
CA GLU A 112 -7.84 12.27 5.46
C GLU A 112 -9.06 12.95 6.04
N LYS A 113 -10.23 12.52 5.59
CA LYS A 113 -11.50 13.10 6.02
C LYS A 113 -11.72 12.94 7.53
N TYR A 114 -11.13 11.91 8.11
CA TYR A 114 -11.27 11.69 9.54
C TYR A 114 -10.65 12.84 10.32
N ALA A 115 -9.50 13.29 9.86
CA ALA A 115 -8.80 14.40 10.51
C ALA A 115 -9.23 15.73 9.91
N ALA A 116 -8.93 15.91 8.63
CA ALA A 116 -9.28 17.12 7.90
C ALA A 116 -9.07 16.88 6.41
N GLU A 117 -10.15 16.92 5.65
CA GLU A 117 -10.08 16.69 4.22
C GLU A 117 -9.61 17.94 3.49
N ARG A 118 -8.90 17.74 2.39
CA ARG A 118 -8.39 18.84 1.60
C ARG A 118 -8.84 18.68 0.16
N ASP A 119 -8.47 19.66 -0.66
CA ASP A 119 -8.83 19.69 -2.08
C ASP A 119 -10.33 19.46 -2.27
N MET A 1 -19.49 11.20 -14.91
CA MET A 1 -20.17 10.59 -16.08
C MET A 1 -19.69 9.16 -16.29
N GLY A 2 -18.46 9.03 -16.78
CA GLY A 2 -17.92 7.73 -17.03
C GLY A 2 -17.06 7.21 -15.90
N ASP A 3 -17.72 6.65 -14.90
CA ASP A 3 -17.06 6.05 -13.73
C ASP A 3 -16.36 7.09 -12.85
N THR A 4 -16.83 7.20 -11.62
CA THR A 4 -16.25 8.11 -10.64
C THR A 4 -16.03 7.35 -9.35
N GLY A 5 -15.59 6.11 -9.50
CA GLY A 5 -15.34 5.24 -8.36
C GLY A 5 -14.00 5.53 -7.70
N LYS A 6 -12.97 5.73 -8.51
CA LYS A 6 -11.64 6.01 -7.97
C LYS A 6 -11.39 7.52 -7.88
N LEU A 7 -12.28 8.29 -8.49
CA LEU A 7 -12.17 9.74 -8.46
C LEU A 7 -12.76 10.28 -7.17
N GLY A 8 -11.95 10.26 -6.11
CA GLY A 8 -12.38 10.72 -4.81
C GLY A 8 -11.28 10.53 -3.79
N ARG A 9 -10.71 9.33 -3.80
CA ARG A 9 -9.60 8.96 -2.92
C ARG A 9 -9.88 9.28 -1.45
N ILE A 10 -10.73 8.47 -0.84
CA ILE A 10 -11.09 8.64 0.56
C ILE A 10 -9.83 8.64 1.42
N ILE A 11 -8.85 7.80 1.06
CA ILE A 11 -7.58 7.74 1.77
C ILE A 11 -6.45 8.14 0.81
N ARG A 12 -5.93 7.17 0.06
CA ARG A 12 -4.83 7.43 -0.87
C ARG A 12 -4.83 6.45 -2.04
N HIS A 13 -3.81 6.59 -2.87
CA HIS A 13 -3.55 5.72 -4.01
C HIS A 13 -2.23 6.12 -4.66
N ASP A 14 -1.42 5.15 -5.05
CA ASP A 14 -0.11 5.39 -5.65
C ASP A 14 0.46 4.08 -6.17
N ALA A 15 1.72 4.06 -6.56
CA ALA A 15 2.34 2.86 -7.10
C ALA A 15 3.75 2.63 -6.53
N PHE A 16 4.12 1.37 -6.32
CA PHE A 16 5.42 1.01 -5.79
C PHE A 16 5.96 -0.22 -6.49
N GLN A 17 7.27 -0.35 -6.50
CA GLN A 17 7.91 -1.48 -7.13
C GLN A 17 8.85 -2.09 -6.10
N VAL A 18 8.33 -3.06 -5.39
CA VAL A 18 9.06 -3.71 -4.32
C VAL A 18 8.87 -5.21 -4.34
N TRP A 19 9.38 -5.84 -3.29
CA TRP A 19 9.34 -7.28 -3.14
C TRP A 19 8.11 -7.77 -2.38
N GLU A 20 7.38 -8.67 -3.02
CA GLU A 20 6.20 -9.30 -2.46
C GLU A 20 6.60 -10.74 -2.09
N GLY A 21 6.39 -11.19 -0.85
CA GLY A 21 6.82 -12.53 -0.48
C GLY A 21 6.28 -13.63 -1.35
N ASP A 22 7.20 -14.48 -1.82
CA ASP A 22 6.89 -15.61 -2.68
C ASP A 22 6.48 -15.15 -4.06
N GLU A 23 6.81 -13.91 -4.37
CA GLU A 23 6.50 -13.31 -5.67
C GLU A 23 7.67 -12.46 -6.13
N PRO A 24 7.92 -12.35 -7.43
CA PRO A 24 9.02 -11.54 -7.93
C PRO A 24 8.71 -10.06 -7.78
N PRO A 25 9.74 -9.19 -7.73
CA PRO A 25 9.54 -7.75 -7.62
C PRO A 25 8.62 -7.26 -8.73
N LYS A 26 7.72 -6.36 -8.40
CA LYS A 26 6.76 -5.89 -9.38
C LYS A 26 6.22 -4.50 -9.04
N LEU A 27 5.82 -3.79 -10.09
CA LEU A 27 5.23 -2.47 -9.95
C LEU A 27 3.73 -2.63 -9.69
N ARG A 28 3.39 -2.84 -8.42
CA ARG A 28 2.01 -3.03 -8.03
C ARG A 28 1.42 -1.70 -7.57
N TYR A 29 0.12 -1.54 -7.73
CA TYR A 29 -0.54 -0.31 -7.35
C TYR A 29 -1.17 -0.45 -5.97
N VAL A 30 -1.10 0.64 -5.20
CA VAL A 30 -1.63 0.65 -3.84
C VAL A 30 -2.75 1.67 -3.67
N PHE A 31 -3.95 1.19 -3.36
CA PHE A 31 -5.09 2.08 -3.18
C PHE A 31 -5.75 1.81 -1.83
N LEU A 32 -5.66 2.75 -0.91
CA LEU A 32 -6.29 2.53 0.39
C LEU A 32 -7.68 3.16 0.40
N PHE A 33 -8.71 2.32 0.51
CA PHE A 33 -10.09 2.80 0.47
C PHE A 33 -10.93 2.21 1.61
N ARG A 34 -11.64 3.11 2.31
CA ARG A 34 -12.53 2.76 3.41
C ARG A 34 -11.79 2.07 4.56
N ASN A 35 -11.77 0.74 4.54
CA ASN A 35 -11.12 -0.04 5.59
C ASN A 35 -10.25 -1.12 4.97
N LYS A 36 -9.73 -0.89 3.78
CA LYS A 36 -8.89 -1.88 3.12
C LYS A 36 -7.94 -1.27 2.11
N ILE A 37 -6.94 -2.04 1.73
CA ILE A 37 -5.96 -1.61 0.75
C ILE A 37 -6.16 -2.40 -0.55
N MET A 38 -6.63 -1.71 -1.56
CA MET A 38 -6.85 -2.31 -2.86
C MET A 38 -5.53 -2.45 -3.59
N PHE A 39 -5.26 -3.66 -4.05
CA PHE A 39 -4.02 -3.94 -4.75
C PHE A 39 -4.28 -4.39 -6.17
N THR A 40 -3.56 -3.81 -7.11
CA THR A 40 -3.68 -4.14 -8.51
C THR A 40 -2.27 -4.24 -9.10
N GLU A 41 -2.02 -5.29 -9.87
CA GLU A 41 -0.70 -5.50 -10.44
C GLU A 41 -0.65 -5.17 -11.92
N GLN A 42 0.29 -4.30 -12.27
CA GLN A 42 0.51 -3.87 -13.64
C GLN A 42 2.01 -3.74 -13.84
N ASP A 43 2.62 -4.85 -14.16
CA ASP A 43 4.04 -4.91 -14.34
C ASP A 43 4.32 -5.30 -15.77
N ALA A 44 5.40 -4.74 -16.30
CA ALA A 44 5.82 -4.97 -17.67
C ALA A 44 4.85 -4.33 -18.65
N SER A 45 5.28 -3.24 -19.28
CA SER A 45 4.45 -2.51 -20.22
C SER A 45 4.42 -3.19 -21.60
N THR A 46 5.08 -4.33 -21.72
CA THR A 46 5.09 -5.07 -22.96
C THR A 46 4.16 -6.27 -22.84
N SER A 47 4.51 -7.17 -21.95
CA SER A 47 3.72 -8.36 -21.67
C SER A 47 3.50 -8.45 -20.16
N PRO A 48 2.39 -7.85 -19.62
CA PRO A 48 2.10 -7.85 -18.18
C PRO A 48 1.85 -9.26 -17.65
N PRO A 49 2.81 -9.82 -16.91
CA PRO A 49 2.71 -11.16 -16.35
C PRO A 49 2.20 -11.16 -14.92
N SER A 50 2.35 -10.04 -14.25
CA SER A 50 1.91 -9.92 -12.87
C SER A 50 0.57 -9.21 -12.77
N TYR A 51 -0.41 -9.91 -12.25
CA TYR A 51 -1.75 -9.37 -12.05
C TYR A 51 -2.36 -10.01 -10.80
N THR A 52 -2.24 -11.34 -10.74
CA THR A 52 -2.72 -12.16 -9.63
C THR A 52 -4.14 -11.81 -9.16
N HIS A 53 -5.12 -11.98 -10.04
CA HIS A 53 -6.52 -11.70 -9.72
C HIS A 53 -6.69 -10.28 -9.19
N TYR A 54 -7.30 -10.17 -8.02
CA TYR A 54 -7.51 -8.90 -7.37
C TYR A 54 -7.01 -8.98 -5.94
N SER A 55 -5.74 -8.64 -5.74
CA SER A 55 -5.15 -8.68 -4.42
C SER A 55 -5.84 -7.67 -3.51
N SER A 56 -6.17 -8.09 -2.29
CA SER A 56 -6.85 -7.21 -1.36
C SER A 56 -6.27 -7.37 0.04
N ILE A 57 -5.95 -6.24 0.66
CA ILE A 57 -5.40 -6.21 2.00
C ILE A 57 -6.42 -5.56 2.93
N ARG A 58 -6.60 -6.11 4.11
CA ARG A 58 -7.57 -5.56 5.05
C ARG A 58 -6.90 -4.55 5.98
N LEU A 59 -7.70 -3.66 6.55
CA LEU A 59 -7.16 -2.67 7.49
C LEU A 59 -7.76 -2.92 8.87
N ASP A 60 -7.82 -4.19 9.25
CA ASP A 60 -8.39 -4.59 10.53
C ASP A 60 -7.39 -5.36 11.38
N LYS A 61 -7.13 -6.62 11.02
CA LYS A 61 -6.21 -7.43 11.81
C LYS A 61 -4.84 -7.59 11.15
N TYR A 62 -4.12 -6.50 11.04
CA TYR A 62 -2.79 -6.52 10.48
C TYR A 62 -1.93 -5.51 11.25
N ASN A 63 -0.63 -5.75 11.33
CA ASN A 63 0.27 -4.84 12.02
C ASN A 63 1.19 -4.20 11.00
N ILE A 64 1.14 -2.89 10.89
CA ILE A 64 1.97 -2.21 9.91
C ILE A 64 2.99 -1.30 10.60
N ARG A 65 4.20 -1.26 10.05
CA ARG A 65 5.27 -0.45 10.58
C ARG A 65 6.09 0.16 9.48
N GLN A 66 6.42 1.41 9.65
CA GLN A 66 7.22 2.12 8.69
C GLN A 66 8.65 2.21 9.21
N HIS A 67 9.56 1.58 8.50
CA HIS A 67 10.95 1.56 8.89
C HIS A 67 11.72 2.70 8.25
N THR A 68 12.20 3.60 9.08
CA THR A 68 13.01 4.69 8.60
C THR A 68 14.45 4.31 8.90
N THR A 69 15.00 4.80 10.04
CA THR A 69 16.35 4.44 10.51
C THR A 69 17.49 4.77 9.53
N ASP A 70 17.22 4.71 8.24
CA ASP A 70 18.22 4.98 7.21
C ASP A 70 17.49 5.38 5.93
N GLU A 71 16.51 4.57 5.56
CA GLU A 71 15.69 4.81 4.39
C GLU A 71 14.31 4.20 4.56
N ASP A 72 13.30 4.97 4.18
CA ASP A 72 11.90 4.56 4.27
C ASP A 72 11.68 3.12 3.81
N THR A 73 10.72 2.51 4.46
CA THR A 73 10.28 1.14 4.19
C THR A 73 8.92 0.92 4.85
N ILE A 74 8.04 0.18 4.20
CA ILE A 74 6.73 -0.11 4.74
C ILE A 74 6.49 -1.61 4.80
N VAL A 75 6.45 -2.14 6.01
CA VAL A 75 6.21 -3.56 6.19
C VAL A 75 4.88 -3.77 6.90
N LEU A 76 4.29 -4.94 6.70
CA LEU A 76 3.03 -5.24 7.36
C LEU A 76 2.99 -6.71 7.73
N GLN A 77 2.77 -6.94 9.00
CA GLN A 77 2.73 -8.29 9.53
C GLN A 77 1.29 -8.78 9.62
N PRO A 78 0.99 -9.87 8.91
CA PRO A 78 -0.33 -10.46 8.90
C PRO A 78 -0.54 -11.42 10.05
N GLN A 79 -1.50 -11.13 10.91
CA GLN A 79 -1.76 -11.98 12.06
C GLN A 79 -2.83 -13.01 11.74
N GLU A 80 -3.16 -13.12 10.46
CA GLU A 80 -4.12 -14.09 9.99
C GLU A 80 -3.47 -14.95 8.91
N PRO A 81 -3.77 -16.25 8.89
CA PRO A 81 -3.17 -17.18 7.92
C PRO A 81 -3.60 -16.94 6.48
N GLY A 82 -4.56 -16.06 6.29
CA GLY A 82 -5.01 -15.77 4.94
C GLY A 82 -4.32 -14.55 4.34
N LEU A 83 -3.10 -14.26 4.81
CA LEU A 83 -2.34 -13.11 4.32
C LEU A 83 -0.85 -13.43 4.25
N PRO A 84 -0.18 -13.02 3.16
CA PRO A 84 1.25 -13.26 2.97
C PRO A 84 2.12 -12.16 3.59
N SER A 85 3.39 -12.16 3.26
CA SER A 85 4.32 -11.13 3.76
C SER A 85 4.72 -10.20 2.61
N PHE A 86 4.37 -8.93 2.73
CA PHE A 86 4.64 -7.96 1.66
C PHE A 86 5.26 -6.67 2.22
N ARG A 87 6.08 -6.02 1.39
CA ARG A 87 6.77 -4.79 1.78
C ARG A 87 6.78 -3.79 0.63
N ILE A 88 6.52 -2.52 0.94
CA ILE A 88 6.54 -1.45 -0.06
C ILE A 88 7.58 -0.41 0.33
N LYS A 89 8.56 -0.17 -0.53
CA LYS A 89 9.61 0.79 -0.22
C LYS A 89 9.97 1.62 -1.44
N PRO A 90 10.49 2.82 -1.22
CA PRO A 90 10.89 3.71 -2.31
C PRO A 90 12.22 3.28 -2.93
N LYS A 91 12.16 2.34 -3.88
CA LYS A 91 13.35 1.81 -4.54
C LYS A 91 14.19 2.91 -5.19
N ASP A 92 13.95 3.25 -6.46
CA ASP A 92 14.74 4.27 -7.12
C ASP A 92 13.86 5.18 -7.96
N PHE A 93 13.52 6.34 -7.41
CA PHE A 93 12.71 7.33 -8.11
C PHE A 93 12.91 8.70 -7.45
N GLU A 94 12.69 9.76 -8.21
CA GLU A 94 12.86 11.10 -7.68
C GLU A 94 11.66 11.97 -8.06
N THR A 95 11.43 13.02 -7.27
CA THR A 95 10.30 13.92 -7.47
C THR A 95 9.01 13.14 -7.21
N SER A 96 8.95 12.57 -6.00
CA SER A 96 7.84 11.75 -5.52
C SER A 96 8.01 11.40 -4.02
N GLU A 97 9.25 11.51 -3.51
CA GLU A 97 9.58 11.19 -2.12
C GLU A 97 8.68 11.94 -1.14
N TYR A 98 8.36 13.19 -1.48
CA TYR A 98 7.52 14.01 -0.62
C TYR A 98 6.13 13.39 -0.45
N VAL A 99 5.55 12.89 -1.54
CA VAL A 99 4.23 12.25 -1.44
C VAL A 99 4.39 10.88 -0.80
N ARG A 100 5.57 10.28 -0.98
CA ARG A 100 5.88 8.97 -0.42
C ARG A 100 5.95 9.04 1.10
N LYS A 101 6.64 10.06 1.64
CA LYS A 101 6.75 10.21 3.08
C LYS A 101 5.40 10.60 3.69
N ALA A 102 4.53 11.12 2.83
CA ALA A 102 3.18 11.47 3.25
C ALA A 102 2.42 10.19 3.53
N TRP A 103 2.74 9.15 2.74
CA TRP A 103 2.12 7.86 2.91
C TRP A 103 2.48 7.26 4.26
N LEU A 104 3.73 7.45 4.65
CA LEU A 104 4.22 6.95 5.95
C LEU A 104 3.48 7.65 7.08
N ARG A 105 3.15 8.92 6.86
CA ARG A 105 2.44 9.70 7.86
C ARG A 105 1.02 9.17 8.04
N ASP A 106 0.36 8.93 6.92
CA ASP A 106 -1.01 8.41 6.95
C ASP A 106 -1.01 6.98 7.48
N ILE A 107 -0.02 6.20 7.08
CA ILE A 107 0.14 4.82 7.52
C ILE A 107 0.29 4.78 9.05
N ALA A 108 1.01 5.75 9.60
CA ALA A 108 1.21 5.83 11.05
C ALA A 108 -0.13 6.17 11.70
N GLU A 109 -0.67 7.30 11.28
CA GLU A 109 -1.98 7.78 11.74
C GLU A 109 -3.10 7.03 11.00
N GLU A 110 -2.93 5.73 10.86
CA GLU A 110 -3.85 4.87 10.13
C GLU A 110 -5.21 4.79 10.80
N GLN A 111 -6.25 4.68 9.96
CA GLN A 111 -7.65 4.56 10.36
C GLN A 111 -7.90 5.06 11.77
N GLU A 112 -8.18 6.33 11.87
CA GLU A 112 -8.43 7.00 13.15
C GLU A 112 -9.43 6.24 14.02
N LYS A 113 -10.43 5.63 13.40
CA LYS A 113 -11.44 4.90 14.13
C LYS A 113 -10.91 3.56 14.65
N TYR A 114 -9.76 3.12 14.11
CA TYR A 114 -9.13 1.86 14.52
C TYR A 114 -8.77 1.88 16.00
N ALA A 115 -7.79 2.69 16.35
CA ALA A 115 -7.33 2.79 17.75
C ALA A 115 -8.42 3.39 18.65
N ALA A 116 -9.47 3.90 18.05
CA ALA A 116 -10.56 4.47 18.80
C ALA A 116 -11.53 3.38 19.22
N GLU A 117 -11.62 2.34 18.38
CA GLU A 117 -12.53 1.21 18.62
C GLU A 117 -13.96 1.67 18.71
N ARG A 118 -14.28 2.68 17.92
CA ARG A 118 -15.61 3.25 17.89
C ARG A 118 -15.74 4.14 16.66
N ASP A 119 -16.96 4.31 16.18
CA ASP A 119 -17.21 5.15 15.01
C ASP A 119 -18.39 6.07 15.29
N MET A 1 -15.40 -2.71 -16.23
CA MET A 1 -14.92 -3.33 -14.96
C MET A 1 -15.67 -2.75 -13.77
N GLY A 2 -16.98 -2.75 -13.88
CA GLY A 2 -17.82 -2.20 -12.85
C GLY A 2 -18.47 -0.94 -13.34
N ASP A 3 -17.72 0.16 -13.30
CA ASP A 3 -18.17 1.45 -13.80
C ASP A 3 -19.60 1.76 -13.38
N THR A 4 -19.85 1.77 -12.09
CA THR A 4 -21.17 2.05 -11.57
C THR A 4 -21.10 2.81 -10.24
N GLY A 5 -19.89 3.12 -9.81
CA GLY A 5 -19.73 3.86 -8.57
C GLY A 5 -18.54 3.39 -7.75
N LYS A 6 -17.53 2.87 -8.43
CA LYS A 6 -16.33 2.40 -7.76
C LYS A 6 -15.32 3.55 -7.66
N LEU A 7 -15.81 4.69 -7.21
CA LEU A 7 -14.98 5.88 -7.06
C LEU A 7 -14.87 6.25 -5.60
N GLY A 8 -13.81 5.78 -4.97
CA GLY A 8 -13.60 6.05 -3.58
C GLY A 8 -12.12 6.14 -3.28
N ARG A 9 -11.46 7.05 -3.98
CA ARG A 9 -10.01 7.25 -3.83
C ARG A 9 -9.69 8.00 -2.55
N ILE A 10 -10.25 7.52 -1.45
CA ILE A 10 -10.04 8.11 -0.16
C ILE A 10 -8.66 7.71 0.39
N ILE A 11 -8.29 8.29 1.53
CA ILE A 11 -7.00 8.03 2.16
C ILE A 11 -5.83 8.34 1.23
N ARG A 12 -5.30 7.33 0.54
CA ARG A 12 -4.18 7.55 -0.36
C ARG A 12 -4.10 6.45 -1.42
N HIS A 13 -3.41 6.74 -2.53
CA HIS A 13 -3.24 5.77 -3.61
C HIS A 13 -1.93 6.07 -4.35
N ASP A 14 -1.09 5.04 -4.54
CA ASP A 14 0.18 5.22 -5.23
C ASP A 14 0.69 3.90 -5.81
N ALA A 15 1.51 4.00 -6.84
CA ALA A 15 2.08 2.82 -7.48
C ALA A 15 3.45 2.49 -6.89
N PHE A 16 3.53 1.38 -6.16
CA PHE A 16 4.78 0.97 -5.54
C PHE A 16 5.42 -0.21 -6.27
N GLN A 17 6.74 -0.20 -6.30
CA GLN A 17 7.51 -1.28 -6.89
C GLN A 17 8.08 -2.06 -5.71
N VAL A 18 7.31 -3.03 -5.28
CA VAL A 18 7.64 -3.79 -4.09
C VAL A 18 7.77 -5.30 -4.33
N TRP A 19 8.39 -5.95 -3.35
CA TRP A 19 8.63 -7.38 -3.33
C TRP A 19 7.60 -8.03 -2.39
N GLU A 20 6.47 -8.46 -2.92
CA GLU A 20 5.44 -9.07 -2.08
C GLU A 20 5.64 -10.58 -1.99
N GLY A 21 5.71 -11.07 -0.76
CA GLY A 21 5.93 -12.49 -0.53
C GLY A 21 7.36 -12.87 -0.86
N ASP A 22 8.21 -11.85 -0.89
CA ASP A 22 9.62 -12.00 -1.21
C ASP A 22 9.82 -12.40 -2.67
N GLU A 23 8.72 -12.36 -3.42
CA GLU A 23 8.73 -12.68 -4.83
C GLU A 23 9.39 -11.55 -5.61
N PRO A 24 9.68 -11.76 -6.91
CA PRO A 24 10.27 -10.71 -7.73
C PRO A 24 9.36 -9.49 -7.74
N PRO A 25 9.94 -8.28 -7.66
CA PRO A 25 9.20 -7.02 -7.62
C PRO A 25 8.07 -6.95 -8.65
N LYS A 26 6.98 -6.34 -8.24
CA LYS A 26 5.81 -6.16 -9.10
C LYS A 26 5.27 -4.78 -8.85
N LEU A 27 4.78 -4.13 -9.89
CA LEU A 27 4.22 -2.80 -9.75
C LEU A 27 2.86 -2.91 -9.07
N ARG A 28 2.89 -2.91 -7.75
CA ARG A 28 1.71 -3.03 -6.93
C ARG A 28 1.09 -1.68 -6.65
N TYR A 29 -0.05 -1.45 -7.26
CA TYR A 29 -0.76 -0.20 -7.05
C TYR A 29 -1.42 -0.25 -5.68
N VAL A 30 -0.93 0.59 -4.79
CA VAL A 30 -1.42 0.63 -3.42
C VAL A 30 -2.50 1.68 -3.24
N PHE A 31 -3.73 1.23 -3.08
CA PHE A 31 -4.85 2.14 -2.86
C PHE A 31 -5.50 1.83 -1.53
N LEU A 32 -5.42 2.74 -0.59
CA LEU A 32 -6.08 2.50 0.68
C LEU A 32 -7.43 3.17 0.64
N PHE A 33 -8.46 2.37 0.53
CA PHE A 33 -9.81 2.90 0.40
C PHE A 33 -10.64 2.71 1.66
N ARG A 34 -10.02 2.91 2.82
CA ARG A 34 -10.71 2.82 4.12
C ARG A 34 -11.16 1.39 4.47
N ASN A 35 -11.99 0.79 3.61
CA ASN A 35 -12.50 -0.55 3.85
C ASN A 35 -11.38 -1.58 3.76
N LYS A 36 -10.38 -1.28 2.94
CA LYS A 36 -9.24 -2.16 2.76
C LYS A 36 -8.18 -1.47 1.90
N ILE A 37 -7.06 -2.15 1.74
CA ILE A 37 -5.99 -1.65 0.90
C ILE A 37 -6.08 -2.35 -0.44
N MET A 38 -6.76 -1.72 -1.38
CA MET A 38 -6.95 -2.29 -2.70
C MET A 38 -5.63 -2.36 -3.44
N PHE A 39 -5.27 -3.55 -3.83
CA PHE A 39 -4.02 -3.80 -4.53
C PHE A 39 -4.29 -4.22 -5.97
N THR A 40 -3.46 -3.73 -6.88
CA THR A 40 -3.57 -4.09 -8.28
C THR A 40 -2.17 -4.39 -8.82
N GLU A 41 -2.04 -5.52 -9.50
CA GLU A 41 -0.77 -5.95 -10.03
C GLU A 41 -0.51 -5.40 -11.42
N GLN A 42 0.76 -5.35 -11.81
CA GLN A 42 1.16 -4.87 -13.12
C GLN A 42 2.63 -5.19 -13.36
N ASP A 43 2.90 -5.83 -14.48
CA ASP A 43 4.27 -6.19 -14.86
C ASP A 43 4.76 -5.29 -15.96
N ALA A 44 5.58 -4.32 -15.62
CA ALA A 44 6.11 -3.38 -16.60
C ALA A 44 7.36 -3.93 -17.29
N SER A 45 7.56 -5.24 -17.21
CA SER A 45 8.70 -5.88 -17.84
C SER A 45 8.51 -5.91 -19.35
N THR A 46 7.26 -5.90 -19.76
CA THR A 46 6.87 -5.91 -21.16
C THR A 46 5.78 -4.86 -21.36
N SER A 47 4.95 -4.99 -22.39
CA SER A 47 3.87 -4.04 -22.59
C SER A 47 2.60 -4.55 -21.91
N PRO A 48 2.07 -5.74 -22.28
CA PRO A 48 0.90 -6.29 -21.61
C PRO A 48 1.34 -6.94 -20.30
N PRO A 49 0.90 -6.39 -19.15
CA PRO A 49 1.30 -6.89 -17.84
C PRO A 49 0.56 -8.15 -17.41
N SER A 50 0.86 -8.57 -16.19
CA SER A 50 0.25 -9.74 -15.61
C SER A 50 -0.35 -9.37 -14.27
N TYR A 51 -1.23 -10.20 -13.75
CA TYR A 51 -1.86 -9.91 -12.47
C TYR A 51 -1.83 -11.13 -11.57
N THR A 52 -2.08 -10.92 -10.30
CA THR A 52 -2.14 -11.99 -9.34
C THR A 52 -3.59 -12.13 -8.91
N HIS A 53 -4.45 -11.62 -9.79
CA HIS A 53 -5.90 -11.63 -9.63
C HIS A 53 -6.35 -10.79 -8.43
N TYR A 54 -5.86 -9.56 -8.36
CA TYR A 54 -6.19 -8.62 -7.28
C TYR A 54 -5.85 -9.19 -5.91
N SER A 55 -4.58 -9.16 -5.57
CA SER A 55 -4.14 -9.63 -4.27
C SER A 55 -4.14 -8.47 -3.28
N SER A 56 -5.33 -8.09 -2.86
CA SER A 56 -5.51 -6.97 -1.95
C SER A 56 -5.23 -7.30 -0.49
N ILE A 57 -5.06 -6.24 0.29
CA ILE A 57 -4.81 -6.31 1.71
C ILE A 57 -6.05 -5.80 2.45
N ARG A 58 -6.28 -6.24 3.68
CA ARG A 58 -7.42 -5.77 4.45
C ARG A 58 -6.97 -4.66 5.39
N LEU A 59 -7.85 -3.76 5.72
CA LEU A 59 -7.52 -2.67 6.62
C LEU A 59 -8.20 -2.92 7.95
N ASP A 60 -8.00 -4.11 8.48
CA ASP A 60 -8.62 -4.50 9.74
C ASP A 60 -7.62 -5.23 10.63
N LYS A 61 -7.28 -6.46 10.28
CA LYS A 61 -6.36 -7.25 11.07
C LYS A 61 -4.96 -7.35 10.45
N TYR A 62 -4.23 -6.24 10.46
CA TYR A 62 -2.87 -6.24 9.94
C TYR A 62 -1.99 -5.36 10.82
N ASN A 63 -0.73 -5.75 10.99
CA ASN A 63 0.20 -4.97 11.79
C ASN A 63 1.09 -4.20 10.86
N ILE A 64 1.09 -2.89 10.99
CA ILE A 64 1.86 -2.06 10.10
C ILE A 64 3.15 -1.53 10.74
N ARG A 65 4.25 -1.82 10.08
CA ARG A 65 5.57 -1.39 10.51
C ARG A 65 6.08 -0.34 9.52
N GLN A 66 7.28 0.19 9.75
CA GLN A 66 7.84 1.16 8.83
C GLN A 66 9.32 1.39 9.13
N HIS A 67 10.06 1.85 8.14
CA HIS A 67 11.47 2.13 8.29
C HIS A 67 11.74 3.54 7.76
N THR A 68 12.70 4.22 8.34
CA THR A 68 13.05 5.56 7.91
C THR A 68 14.57 5.73 7.89
N THR A 69 15.07 6.73 8.63
CA THR A 69 16.50 7.00 8.70
C THR A 69 17.03 7.33 7.30
N ASP A 70 16.59 8.47 6.80
CA ASP A 70 16.96 8.98 5.47
C ASP A 70 16.45 8.07 4.34
N GLU A 71 15.49 7.21 4.67
CA GLU A 71 14.91 6.31 3.68
C GLU A 71 13.41 6.20 3.90
N ASP A 72 12.84 5.06 3.52
CA ASP A 72 11.41 4.82 3.66
C ASP A 72 11.14 3.34 3.49
N THR A 73 10.05 2.87 4.09
CA THR A 73 9.61 1.47 4.01
C THR A 73 8.28 1.35 4.73
N ILE A 74 7.38 0.54 4.20
CA ILE A 74 6.09 0.28 4.82
C ILE A 74 5.94 -1.23 4.92
N VAL A 75 6.14 -1.77 6.10
CA VAL A 75 6.09 -3.21 6.30
C VAL A 75 4.74 -3.67 6.84
N LEU A 76 4.03 -4.47 6.06
CA LEU A 76 2.75 -5.00 6.51
C LEU A 76 2.96 -6.42 7.02
N GLN A 77 2.77 -6.59 8.31
CA GLN A 77 2.96 -7.87 8.95
C GLN A 77 1.61 -8.52 9.23
N PRO A 78 1.44 -9.78 8.81
CA PRO A 78 0.19 -10.50 8.98
C PRO A 78 0.05 -11.07 10.38
N GLN A 79 -0.78 -10.45 11.21
CA GLN A 79 -1.00 -10.92 12.57
C GLN A 79 -1.85 -12.20 12.54
N GLU A 80 -2.35 -12.50 11.35
CA GLU A 80 -3.16 -13.69 11.12
C GLU A 80 -2.76 -14.31 9.79
N PRO A 81 -2.72 -15.66 9.73
CA PRO A 81 -2.31 -16.41 8.53
C PRO A 81 -3.31 -16.31 7.37
N GLY A 82 -3.67 -15.09 7.01
CA GLY A 82 -4.59 -14.87 5.91
C GLY A 82 -4.10 -13.76 5.01
N LEU A 83 -2.92 -13.23 5.33
CA LEU A 83 -2.31 -12.16 4.57
C LEU A 83 -0.84 -12.48 4.28
N PRO A 84 -0.32 -11.97 3.16
CA PRO A 84 1.06 -12.18 2.76
C PRO A 84 2.00 -11.21 3.47
N SER A 85 3.29 -11.47 3.39
CA SER A 85 4.28 -10.61 4.02
C SER A 85 5.03 -9.82 2.96
N PHE A 86 4.87 -8.50 2.97
CA PHE A 86 5.57 -7.68 2.00
C PHE A 86 5.95 -6.33 2.61
N ARG A 87 6.90 -5.67 1.96
CA ARG A 87 7.37 -4.37 2.40
C ARG A 87 7.22 -3.37 1.26
N ILE A 88 6.07 -2.69 1.16
CA ILE A 88 5.88 -1.73 0.06
C ILE A 88 6.96 -0.68 0.05
N LYS A 89 7.58 -0.56 -1.11
CA LYS A 89 8.65 0.38 -1.33
C LYS A 89 8.55 0.94 -2.73
N PRO A 90 9.06 2.13 -2.97
CA PRO A 90 9.06 2.74 -4.27
C PRO A 90 10.39 2.44 -4.97
N LYS A 91 10.61 1.17 -5.35
CA LYS A 91 11.88 0.79 -5.99
C LYS A 91 12.05 1.49 -7.33
N ASP A 92 10.94 1.69 -8.04
CA ASP A 92 10.96 2.36 -9.34
C ASP A 92 11.44 3.79 -9.21
N PHE A 93 11.05 4.42 -8.11
CA PHE A 93 11.43 5.79 -7.80
C PHE A 93 11.48 5.93 -6.28
N GLU A 94 12.66 5.71 -5.72
CA GLU A 94 12.83 5.74 -4.26
C GLU A 94 13.00 7.14 -3.73
N THR A 95 13.83 7.93 -4.38
CA THR A 95 14.06 9.30 -3.95
C THR A 95 12.80 10.13 -4.18
N SER A 96 11.97 10.18 -3.15
CA SER A 96 10.72 10.91 -3.15
C SER A 96 10.28 11.00 -1.70
N GLU A 97 11.18 11.54 -0.89
CA GLU A 97 10.97 11.68 0.54
C GLU A 97 9.66 12.39 0.84
N TYR A 98 9.42 13.47 0.13
CA TYR A 98 8.21 14.27 0.32
C TYR A 98 6.93 13.43 0.19
N VAL A 99 6.82 12.70 -0.90
CA VAL A 99 5.66 11.86 -1.16
C VAL A 99 5.65 10.61 -0.28
N ARG A 100 6.78 9.94 -0.18
CA ARG A 100 6.89 8.70 0.61
C ARG A 100 6.74 8.92 2.11
N LYS A 101 7.38 9.95 2.65
CA LYS A 101 7.28 10.22 4.08
C LYS A 101 5.85 10.56 4.46
N ALA A 102 5.13 11.14 3.51
CA ALA A 102 3.74 11.49 3.72
C ALA A 102 2.89 10.22 3.89
N TRP A 103 3.32 9.13 3.25
CA TRP A 103 2.63 7.86 3.38
C TRP A 103 2.93 7.22 4.73
N LEU A 104 4.14 7.46 5.24
CA LEU A 104 4.54 6.91 6.54
C LEU A 104 3.66 7.50 7.63
N ARG A 105 3.35 8.78 7.51
CA ARG A 105 2.50 9.46 8.48
C ARG A 105 1.06 8.97 8.34
N ASP A 106 0.58 8.95 7.11
CA ASP A 106 -0.79 8.55 6.81
C ASP A 106 -1.04 7.08 7.17
N ILE A 107 -0.10 6.19 6.83
CA ILE A 107 -0.27 4.76 7.13
C ILE A 107 -0.22 4.51 8.64
N ALA A 108 0.52 5.35 9.35
CA ALA A 108 0.66 5.23 10.79
C ALA A 108 -0.63 5.56 11.51
N GLU A 109 -1.55 6.23 10.81
CA GLU A 109 -2.82 6.63 11.40
C GLU A 109 -3.82 7.00 10.30
N GLU A 110 -4.20 6.01 9.49
CA GLU A 110 -5.14 6.22 8.39
C GLU A 110 -6.49 6.70 8.92
N GLN A 111 -6.78 7.98 8.70
CA GLN A 111 -8.03 8.60 9.13
C GLN A 111 -8.39 8.19 10.57
N GLU A 112 -7.37 8.16 11.43
CA GLU A 112 -7.50 7.80 12.82
C GLU A 112 -8.59 8.57 13.53
N LYS A 113 -8.43 9.89 13.57
CA LYS A 113 -9.39 10.77 14.25
C LYS A 113 -10.70 10.85 13.46
N TYR A 114 -10.67 10.30 12.25
CA TYR A 114 -11.84 10.27 11.37
C TYR A 114 -12.29 11.70 11.04
N ALA A 115 -11.33 12.60 10.98
CA ALA A 115 -11.61 13.99 10.68
C ALA A 115 -11.14 14.31 9.28
N ALA A 116 -11.87 13.78 8.29
CA ALA A 116 -11.54 13.99 6.90
C ALA A 116 -11.46 15.47 6.58
N GLU A 117 -10.30 15.91 6.10
CA GLU A 117 -10.09 17.30 5.76
C GLU A 117 -10.77 17.64 4.44
N ARG A 118 -12.10 17.69 4.48
CA ARG A 118 -12.90 17.99 3.33
C ARG A 118 -13.66 19.29 3.58
N ASP A 119 -14.54 19.26 4.58
CA ASP A 119 -15.29 20.44 4.98
C ASP A 119 -15.30 20.57 6.48
N MET A 1 -3.56 14.48 -10.44
CA MET A 1 -3.45 13.28 -11.30
C MET A 1 -4.83 12.82 -11.76
N GLY A 2 -5.08 12.84 -13.05
CA GLY A 2 -6.37 12.42 -13.56
C GLY A 2 -7.46 13.44 -13.28
N ASP A 3 -8.69 12.95 -13.20
CA ASP A 3 -9.83 13.80 -12.93
C ASP A 3 -10.45 13.40 -11.59
N THR A 4 -10.71 14.39 -10.76
CA THR A 4 -11.27 14.17 -9.43
C THR A 4 -12.68 13.60 -9.45
N GLY A 5 -13.28 13.52 -10.63
CA GLY A 5 -14.61 12.99 -10.75
C GLY A 5 -14.68 11.53 -10.34
N LYS A 6 -13.70 10.75 -10.78
CA LYS A 6 -13.66 9.33 -10.46
C LYS A 6 -12.41 8.99 -9.66
N LEU A 7 -11.50 9.94 -9.55
CA LEU A 7 -10.28 9.74 -8.79
C LEU A 7 -10.22 10.68 -7.59
N GLY A 8 -11.16 10.49 -6.65
CA GLY A 8 -11.18 11.33 -5.46
C GLY A 8 -10.19 10.83 -4.42
N ARG A 9 -10.11 9.51 -4.27
CA ARG A 9 -9.18 8.88 -3.33
C ARG A 9 -9.48 9.32 -1.92
N ILE A 10 -10.44 8.65 -1.29
CA ILE A 10 -10.84 8.98 0.06
C ILE A 10 -9.63 8.99 1.01
N ILE A 11 -8.76 8.00 0.91
CA ILE A 11 -7.56 7.96 1.75
C ILE A 11 -6.35 8.32 0.91
N ARG A 12 -5.76 7.32 0.26
CA ARG A 12 -4.59 7.57 -0.56
C ARG A 12 -4.52 6.63 -1.73
N HIS A 13 -3.55 6.88 -2.58
CA HIS A 13 -3.31 6.08 -3.78
C HIS A 13 -1.93 6.41 -4.35
N ASP A 14 -1.14 5.38 -4.62
CA ASP A 14 0.22 5.58 -5.17
C ASP A 14 0.72 4.28 -5.83
N ALA A 15 1.91 4.32 -6.40
CA ALA A 15 2.49 3.15 -7.05
C ALA A 15 3.84 2.81 -6.45
N PHE A 16 3.90 1.67 -5.79
CA PHE A 16 5.15 1.22 -5.17
C PHE A 16 5.64 -0.07 -5.80
N GLN A 17 6.92 -0.10 -6.13
CA GLN A 17 7.54 -1.28 -6.71
C GLN A 17 8.33 -1.96 -5.60
N VAL A 18 7.82 -3.08 -5.12
CA VAL A 18 8.43 -3.78 -4.01
C VAL A 18 8.41 -5.29 -4.20
N TRP A 19 9.10 -5.96 -3.32
CA TRP A 19 9.20 -7.40 -3.33
C TRP A 19 8.01 -8.06 -2.65
N GLU A 20 7.13 -8.69 -3.43
CA GLU A 20 5.94 -9.33 -2.87
C GLU A 20 6.30 -10.66 -2.21
N GLY A 21 5.27 -11.38 -1.79
CA GLY A 21 5.45 -12.67 -1.14
C GLY A 21 6.44 -13.59 -1.81
N ASP A 22 7.68 -13.54 -1.31
CA ASP A 22 8.80 -14.35 -1.82
C ASP A 22 9.28 -13.88 -3.20
N GLU A 23 8.34 -13.58 -4.08
CA GLU A 23 8.62 -13.16 -5.46
C GLU A 23 9.45 -11.86 -5.55
N PRO A 24 10.02 -11.62 -6.74
CA PRO A 24 10.85 -10.44 -7.05
C PRO A 24 10.09 -9.11 -6.96
N PRO A 25 10.81 -7.98 -7.13
CA PRO A 25 10.20 -6.64 -7.06
C PRO A 25 9.14 -6.37 -8.13
N LYS A 26 7.90 -6.36 -7.68
CA LYS A 26 6.76 -6.08 -8.53
C LYS A 26 6.23 -4.69 -8.24
N LEU A 27 5.57 -4.08 -9.21
CA LEU A 27 5.00 -2.76 -9.02
C LEU A 27 3.56 -2.93 -8.59
N ARG A 28 3.11 -2.16 -7.61
CA ARG A 28 1.74 -2.29 -7.13
C ARG A 28 1.10 -0.94 -6.92
N TYR A 29 -0.12 -0.80 -7.43
CA TYR A 29 -0.89 0.42 -7.29
C TYR A 29 -1.79 0.30 -6.07
N VAL A 30 -1.24 0.64 -4.92
CA VAL A 30 -1.96 0.55 -3.65
C VAL A 30 -3.07 1.60 -3.55
N PHE A 31 -4.31 1.14 -3.35
CA PHE A 31 -5.46 2.03 -3.26
C PHE A 31 -6.16 1.88 -1.91
N LEU A 32 -6.01 2.84 -1.00
CA LEU A 32 -6.69 2.72 0.26
C LEU A 32 -8.01 3.48 0.21
N PHE A 33 -9.09 2.75 0.44
CA PHE A 33 -10.42 3.33 0.41
C PHE A 33 -11.23 2.90 1.63
N ARG A 34 -11.39 3.85 2.55
CA ARG A 34 -12.13 3.65 3.80
C ARG A 34 -11.52 2.61 4.72
N ASN A 35 -12.13 1.43 4.78
CA ASN A 35 -11.67 0.37 5.68
C ASN A 35 -10.96 -0.75 4.94
N LYS A 36 -10.58 -0.52 3.70
CA LYS A 36 -9.88 -1.56 2.93
C LYS A 36 -8.89 -0.94 1.94
N ILE A 37 -7.95 -1.75 1.51
CA ILE A 37 -6.92 -1.31 0.57
C ILE A 37 -6.93 -2.18 -0.68
N MET A 38 -7.44 -1.65 -1.78
CA MET A 38 -7.46 -2.42 -3.03
C MET A 38 -6.05 -2.60 -3.52
N PHE A 39 -5.84 -3.68 -4.25
CA PHE A 39 -4.50 -3.98 -4.69
C PHE A 39 -4.44 -4.55 -6.09
N THR A 40 -3.60 -3.94 -6.90
CA THR A 40 -3.36 -4.38 -8.26
C THR A 40 -1.86 -4.66 -8.38
N GLU A 41 -1.50 -5.86 -8.80
CA GLU A 41 -0.11 -6.28 -8.86
C GLU A 41 0.44 -6.40 -10.28
N GLN A 42 1.45 -5.59 -10.58
CA GLN A 42 2.13 -5.64 -11.85
C GLN A 42 3.36 -6.52 -11.67
N ASP A 43 3.62 -7.42 -12.60
CA ASP A 43 4.76 -8.34 -12.47
C ASP A 43 5.98 -7.77 -13.14
N ALA A 44 6.36 -6.58 -12.68
CA ALA A 44 7.52 -5.86 -13.19
C ALA A 44 7.31 -5.51 -14.66
N SER A 45 8.03 -6.18 -15.54
CA SER A 45 7.89 -5.92 -16.96
C SER A 45 8.02 -7.21 -17.78
N THR A 46 7.81 -8.36 -17.14
CA THR A 46 7.90 -9.64 -17.84
C THR A 46 6.52 -10.24 -18.04
N SER A 47 6.18 -10.46 -19.31
CA SER A 47 4.88 -11.00 -19.68
C SER A 47 3.77 -9.99 -19.34
N PRO A 48 2.51 -10.26 -19.72
CA PRO A 48 1.40 -9.34 -19.41
C PRO A 48 1.26 -9.19 -17.90
N PRO A 49 1.47 -7.98 -17.36
CA PRO A 49 1.40 -7.72 -15.93
C PRO A 49 -0.03 -7.60 -15.41
N SER A 50 -0.20 -6.74 -14.39
CA SER A 50 -1.48 -6.45 -13.71
C SER A 50 -2.12 -7.71 -13.11
N TYR A 51 -1.36 -8.82 -13.13
CA TYR A 51 -1.77 -10.12 -12.59
C TYR A 51 -2.93 -10.69 -13.39
N THR A 52 -4.11 -10.10 -13.19
CA THR A 52 -5.32 -10.51 -13.89
C THR A 52 -6.43 -9.55 -13.49
N HIS A 53 -6.36 -9.10 -12.25
CA HIS A 53 -7.30 -8.14 -11.67
C HIS A 53 -6.97 -7.96 -10.20
N TYR A 54 -6.79 -9.09 -9.51
CA TYR A 54 -6.44 -9.12 -8.08
C TYR A 54 -7.64 -8.64 -7.23
N SER A 55 -7.51 -8.74 -5.92
CA SER A 55 -8.56 -8.35 -5.00
C SER A 55 -8.17 -7.14 -4.16
N SER A 56 -8.36 -7.21 -2.85
CA SER A 56 -8.03 -6.12 -1.95
C SER A 56 -7.30 -6.64 -0.70
N ILE A 57 -6.72 -5.73 0.04
CA ILE A 57 -6.01 -6.05 1.27
C ILE A 57 -6.83 -5.55 2.45
N ARG A 58 -6.71 -6.22 3.59
CA ARG A 58 -7.47 -5.83 4.77
C ARG A 58 -6.85 -4.62 5.46
N LEU A 59 -7.52 -4.13 6.49
CA LEU A 59 -7.03 -2.97 7.22
C LEU A 59 -7.35 -3.14 8.71
N ASP A 60 -7.62 -4.38 9.09
CA ASP A 60 -7.97 -4.69 10.47
C ASP A 60 -6.90 -5.45 11.22
N LYS A 61 -6.74 -6.73 10.91
CA LYS A 61 -5.79 -7.57 11.65
C LYS A 61 -4.41 -7.64 10.98
N TYR A 62 -4.08 -6.68 10.16
CA TYR A 62 -2.78 -6.66 9.52
C TYR A 62 -1.84 -5.78 10.37
N ASN A 63 -0.64 -6.26 10.66
CA ASN A 63 0.30 -5.51 11.49
C ASN A 63 1.21 -4.64 10.63
N ILE A 64 1.02 -3.33 10.68
CA ILE A 64 1.82 -2.42 9.88
C ILE A 64 2.99 -1.82 10.66
N ARG A 65 4.15 -1.78 9.99
CA ARG A 65 5.35 -1.21 10.56
C ARG A 65 6.05 -0.41 9.48
N GLN A 66 6.55 0.75 9.84
CA GLN A 66 7.23 1.62 8.89
C GLN A 66 8.62 2.01 9.39
N HIS A 67 9.59 1.81 8.51
CA HIS A 67 10.98 2.12 8.81
C HIS A 67 11.34 3.45 8.18
N THR A 68 11.54 4.45 9.01
CA THR A 68 11.88 5.77 8.51
C THR A 68 13.30 6.13 8.95
N THR A 69 13.55 7.43 9.17
CA THR A 69 14.84 7.94 9.62
C THR A 69 16.01 7.39 8.77
N ASP A 70 16.59 6.27 9.18
CA ASP A 70 17.70 5.66 8.45
C ASP A 70 17.23 5.03 7.14
N GLU A 71 15.99 4.57 7.12
CA GLU A 71 15.46 3.92 5.92
C GLU A 71 14.19 4.60 5.42
N ASP A 72 13.57 3.96 4.44
CA ASP A 72 12.33 4.40 3.82
C ASP A 72 11.63 3.14 3.32
N THR A 73 10.78 2.56 4.16
CA THR A 73 10.07 1.33 3.82
C THR A 73 8.87 1.06 4.74
N ILE A 74 7.78 0.64 4.12
CA ILE A 74 6.56 0.27 4.81
C ILE A 74 6.42 -1.24 4.75
N VAL A 75 6.28 -1.91 5.89
CA VAL A 75 6.18 -3.34 5.89
C VAL A 75 4.93 -3.81 6.61
N LEU A 76 4.31 -4.82 6.04
CA LEU A 76 3.11 -5.39 6.60
C LEU A 76 3.41 -6.79 7.15
N GLN A 77 3.25 -6.94 8.45
CA GLN A 77 3.48 -8.21 9.12
C GLN A 77 2.16 -8.95 9.25
N PRO A 78 2.18 -10.24 9.70
CA PRO A 78 1.00 -11.10 9.86
C PRO A 78 -0.32 -10.37 9.89
N GLN A 79 -1.01 -10.43 8.77
CA GLN A 79 -2.29 -9.81 8.56
C GLN A 79 -3.38 -10.88 8.57
N GLU A 80 -3.00 -12.07 8.14
CA GLU A 80 -3.88 -13.23 8.09
C GLU A 80 -3.07 -14.49 8.32
N PRO A 81 -3.73 -15.61 8.67
CA PRO A 81 -3.05 -16.89 8.89
C PRO A 81 -2.29 -17.32 7.64
N GLY A 82 -2.88 -17.04 6.48
CA GLY A 82 -2.25 -17.37 5.21
C GLY A 82 -1.33 -16.25 4.78
N LEU A 83 -1.94 -15.08 4.51
CA LEU A 83 -1.26 -13.86 4.04
C LEU A 83 0.26 -13.87 4.21
N PRO A 84 0.98 -13.85 3.07
CA PRO A 84 2.47 -13.88 3.03
C PRO A 84 3.14 -12.66 3.65
N SER A 85 4.30 -12.31 3.11
CA SER A 85 5.06 -11.16 3.57
C SER A 85 4.83 -10.03 2.60
N PHE A 86 4.28 -8.94 3.08
CA PHE A 86 3.99 -7.80 2.24
C PHE A 86 4.87 -6.61 2.62
N ARG A 87 5.52 -6.02 1.64
CA ARG A 87 6.36 -4.85 1.89
C ARG A 87 6.15 -3.83 0.78
N ILE A 88 6.30 -2.56 1.12
CA ILE A 88 6.17 -1.47 0.15
C ILE A 88 7.25 -0.42 0.39
N LYS A 89 8.09 -0.19 -0.62
CA LYS A 89 9.17 0.80 -0.51
C LYS A 89 9.36 1.50 -1.85
N PRO A 90 9.92 2.72 -1.85
CA PRO A 90 10.18 3.46 -3.08
C PRO A 90 11.42 2.94 -3.81
N LYS A 91 11.31 1.74 -4.37
CA LYS A 91 12.43 1.11 -5.06
C LYS A 91 12.84 1.87 -6.32
N ASP A 92 11.94 1.98 -7.28
CA ASP A 92 12.26 2.68 -8.52
C ASP A 92 11.04 3.42 -9.07
N PHE A 93 10.94 4.70 -8.78
CA PHE A 93 9.85 5.53 -9.24
C PHE A 93 10.20 6.99 -9.00
N GLU A 94 10.09 7.80 -10.04
CA GLU A 94 10.45 9.22 -9.93
C GLU A 94 9.21 10.10 -9.78
N THR A 95 9.45 11.34 -9.37
CA THR A 95 8.40 12.35 -9.19
C THR A 95 7.31 11.90 -8.20
N SER A 96 7.74 11.47 -7.01
CA SER A 96 6.82 11.01 -5.98
C SER A 96 7.45 11.23 -4.60
N GLU A 97 8.28 12.25 -4.52
CA GLU A 97 8.97 12.59 -3.28
C GLU A 97 7.99 12.96 -2.19
N TYR A 98 7.08 13.88 -2.51
CA TYR A 98 6.09 14.34 -1.56
C TYR A 98 5.20 13.20 -1.08
N VAL A 99 4.63 12.47 -2.03
CA VAL A 99 3.71 11.36 -1.72
C VAL A 99 4.40 10.25 -0.93
N ARG A 100 5.64 9.94 -1.27
CA ARG A 100 6.42 8.90 -0.57
C ARG A 100 6.51 9.19 0.93
N LYS A 101 6.99 10.37 1.26
CA LYS A 101 7.15 10.76 2.65
C LYS A 101 5.81 10.95 3.34
N ALA A 102 4.78 11.20 2.55
CA ALA A 102 3.43 11.36 3.07
C ALA A 102 2.89 10.04 3.61
N TRP A 103 2.84 9.00 2.76
CA TRP A 103 2.34 7.66 3.16
C TRP A 103 3.01 7.17 4.45
N LEU A 104 4.21 7.68 4.73
CA LEU A 104 4.95 7.31 5.94
C LEU A 104 4.19 7.82 7.16
N ARG A 105 3.45 8.92 6.97
CA ARG A 105 2.63 9.47 8.03
C ARG A 105 1.25 8.85 7.95
N ASP A 106 0.74 8.71 6.72
CA ASP A 106 -0.59 8.14 6.47
C ASP A 106 -0.69 6.68 6.89
N ILE A 107 0.41 6.07 7.27
CA ILE A 107 0.38 4.69 7.72
C ILE A 107 0.79 4.65 9.20
N ALA A 108 1.40 5.75 9.64
CA ALA A 108 1.82 5.93 11.02
C ALA A 108 0.61 6.19 11.90
N GLU A 109 -0.48 6.55 11.23
CA GLU A 109 -1.75 6.84 11.87
C GLU A 109 -2.84 6.86 10.80
N GLU A 110 -3.23 5.66 10.39
CA GLU A 110 -4.24 5.45 9.35
C GLU A 110 -5.62 5.90 9.83
N GLN A 111 -6.59 5.80 8.90
CA GLN A 111 -8.00 6.12 9.15
C GLN A 111 -8.22 7.14 10.27
N GLU A 112 -8.14 8.41 9.90
CA GLU A 112 -8.31 9.50 10.85
C GLU A 112 -9.71 9.47 11.46
N LYS A 113 -10.67 9.00 10.68
CA LYS A 113 -12.06 8.94 11.11
C LYS A 113 -12.28 7.86 12.18
N TYR A 114 -11.39 6.87 12.22
CA TYR A 114 -11.46 5.78 13.21
C TYR A 114 -11.38 6.30 14.63
N ALA A 115 -10.52 7.29 14.84
CA ALA A 115 -10.35 7.87 16.16
C ALA A 115 -11.55 8.70 16.57
N ALA A 116 -12.27 8.20 17.56
CA ALA A 116 -13.43 8.90 18.08
C ALA A 116 -12.97 10.08 18.90
N GLU A 117 -11.81 9.93 19.50
CA GLU A 117 -11.22 10.98 20.29
C GLU A 117 -10.14 11.67 19.47
N ARG A 118 -10.36 12.94 19.20
CA ARG A 118 -9.42 13.72 18.42
C ARG A 118 -9.33 15.12 18.98
N ASP A 119 -10.35 15.91 18.70
CA ASP A 119 -10.43 17.28 19.17
C ASP A 119 -11.88 17.73 19.26
N MET A 1 -16.68 25.01 -11.97
CA MET A 1 -17.83 24.19 -11.53
C MET A 1 -17.57 22.71 -11.83
N GLY A 2 -18.10 21.84 -10.99
CA GLY A 2 -17.92 20.41 -11.16
C GLY A 2 -17.01 19.84 -10.09
N ASP A 3 -16.46 18.66 -10.33
CA ASP A 3 -15.57 18.04 -9.37
C ASP A 3 -14.20 18.73 -9.38
N THR A 4 -13.56 18.68 -10.55
CA THR A 4 -12.24 19.29 -10.77
C THR A 4 -11.17 18.60 -9.93
N GLY A 5 -11.14 18.92 -8.64
CA GLY A 5 -10.16 18.32 -7.75
C GLY A 5 -10.65 18.28 -6.32
N LYS A 6 -11.71 17.53 -6.08
CA LYS A 6 -12.27 17.41 -4.74
C LYS A 6 -11.64 16.23 -4.01
N LEU A 7 -12.12 15.96 -2.80
CA LEU A 7 -11.61 14.85 -2.01
C LEU A 7 -12.36 13.56 -2.32
N GLY A 8 -12.09 12.99 -3.49
CA GLY A 8 -12.74 11.75 -3.87
C GLY A 8 -11.98 10.57 -3.34
N ARG A 9 -10.66 10.69 -3.34
CA ARG A 9 -9.78 9.65 -2.84
C ARG A 9 -9.66 9.80 -1.33
N ILE A 10 -10.65 9.25 -0.64
CA ILE A 10 -10.75 9.31 0.81
C ILE A 10 -9.40 9.09 1.53
N ILE A 11 -8.64 8.07 1.13
CA ILE A 11 -7.33 7.84 1.73
C ILE A 11 -6.25 8.31 0.75
N ARG A 12 -5.64 7.38 0.01
CA ARG A 12 -4.60 7.73 -0.96
C ARG A 12 -4.46 6.67 -2.06
N HIS A 13 -3.57 6.95 -3.00
CA HIS A 13 -3.29 6.03 -4.10
C HIS A 13 -1.91 6.32 -4.67
N ASP A 14 -1.12 5.28 -4.91
CA ASP A 14 0.21 5.46 -5.47
C ASP A 14 0.64 4.22 -6.25
N ALA A 15 1.63 4.38 -7.09
CA ALA A 15 2.15 3.29 -7.89
C ALA A 15 3.50 2.86 -7.38
N PHE A 16 3.50 1.86 -6.52
CA PHE A 16 4.74 1.36 -5.94
C PHE A 16 5.30 0.23 -6.79
N GLN A 17 6.61 0.08 -6.75
CA GLN A 17 7.29 -0.97 -7.48
C GLN A 17 8.35 -1.57 -6.57
N VAL A 18 7.87 -2.37 -5.63
CA VAL A 18 8.70 -2.97 -4.60
C VAL A 18 8.31 -4.42 -4.34
N TRP A 19 9.29 -5.19 -3.89
CA TRP A 19 9.18 -6.62 -3.58
C TRP A 19 7.82 -7.02 -3.01
N GLU A 20 7.29 -8.13 -3.52
CA GLU A 20 5.99 -8.66 -3.08
C GLU A 20 6.19 -9.60 -1.90
N GLY A 21 7.30 -9.37 -1.23
CA GLY A 21 7.67 -10.17 -0.09
C GLY A 21 9.10 -10.64 -0.25
N ASP A 22 9.32 -11.94 -0.14
CA ASP A 22 10.66 -12.50 -0.31
C ASP A 22 10.90 -12.85 -1.78
N GLU A 23 9.99 -12.41 -2.63
CA GLU A 23 10.08 -12.64 -4.06
C GLU A 23 10.63 -11.40 -4.76
N PRO A 24 11.08 -11.53 -6.04
CA PRO A 24 11.61 -10.40 -6.80
C PRO A 24 10.65 -9.19 -6.79
N PRO A 25 11.19 -7.99 -6.99
CA PRO A 25 10.38 -6.77 -6.99
C PRO A 25 9.35 -6.75 -8.11
N LYS A 26 8.13 -6.41 -7.76
CA LYS A 26 7.05 -6.36 -8.73
C LYS A 26 6.27 -5.06 -8.60
N LEU A 27 5.72 -4.60 -9.71
CA LEU A 27 4.94 -3.37 -9.73
C LEU A 27 3.60 -3.60 -9.04
N ARG A 28 3.18 -2.65 -8.21
CA ARG A 28 1.90 -2.79 -7.49
C ARG A 28 1.30 -1.45 -7.13
N TYR A 29 0.17 -1.15 -7.73
CA TYR A 29 -0.53 0.10 -7.47
C TYR A 29 -1.34 -0.05 -6.19
N VAL A 30 -0.98 0.71 -5.17
CA VAL A 30 -1.65 0.64 -3.89
C VAL A 30 -2.72 1.71 -3.77
N PHE A 31 -3.97 1.26 -3.62
CA PHE A 31 -5.11 2.15 -3.45
C PHE A 31 -5.79 1.81 -2.14
N LEU A 32 -5.80 2.73 -1.21
CA LEU A 32 -6.48 2.50 0.05
C LEU A 32 -7.68 3.43 0.09
N PHE A 33 -8.86 2.89 0.33
CA PHE A 33 -10.05 3.71 0.35
C PHE A 33 -10.92 3.40 1.56
N ARG A 34 -10.97 4.37 2.43
CA ARG A 34 -11.76 4.33 3.65
C ARG A 34 -11.35 3.25 4.63
N ASN A 35 -12.09 2.16 4.68
CA ASN A 35 -11.80 1.11 5.65
C ASN A 35 -11.12 -0.11 5.03
N LYS A 36 -10.06 0.10 4.26
CA LYS A 36 -9.32 -1.01 3.66
C LYS A 36 -8.20 -0.51 2.76
N ILE A 37 -7.25 -1.39 2.49
CA ILE A 37 -6.12 -1.08 1.61
C ILE A 37 -6.12 -2.10 0.47
N MET A 38 -5.87 -1.64 -0.75
CA MET A 38 -5.84 -2.51 -1.91
C MET A 38 -4.60 -2.26 -2.73
N PHE A 39 -4.18 -3.27 -3.48
CA PHE A 39 -3.02 -3.15 -4.36
C PHE A 39 -2.99 -4.35 -5.29
N THR A 40 -2.79 -4.09 -6.57
CA THR A 40 -2.77 -5.16 -7.54
C THR A 40 -1.39 -5.76 -7.68
N GLU A 41 -1.32 -7.05 -7.48
CA GLU A 41 -0.07 -7.78 -7.56
C GLU A 41 0.37 -7.99 -9.00
N GLN A 42 0.82 -6.92 -9.64
CA GLN A 42 1.29 -7.00 -11.01
C GLN A 42 2.58 -7.79 -11.03
N ASP A 43 2.80 -8.54 -12.09
CA ASP A 43 3.99 -9.37 -12.19
C ASP A 43 5.06 -8.68 -13.01
N ALA A 44 5.88 -7.91 -12.32
CA ALA A 44 6.96 -7.15 -12.92
C ALA A 44 6.43 -6.15 -13.93
N SER A 45 7.09 -6.02 -15.07
CA SER A 45 6.66 -5.08 -16.09
C SER A 45 5.94 -5.82 -17.22
N THR A 46 5.31 -6.93 -16.89
CA THR A 46 4.55 -7.71 -17.86
C THR A 46 3.28 -8.25 -17.23
N SER A 47 2.51 -9.02 -17.96
CA SER A 47 1.27 -9.56 -17.42
C SER A 47 1.13 -11.07 -17.65
N PRO A 48 2.15 -11.90 -17.33
CA PRO A 48 2.05 -13.35 -17.52
C PRO A 48 1.04 -13.99 -16.55
N PRO A 49 1.27 -14.01 -15.21
CA PRO A 49 0.31 -14.61 -14.28
C PRO A 49 -0.82 -13.64 -13.93
N SER A 50 -0.50 -12.34 -13.86
CA SER A 50 -1.43 -11.26 -13.53
C SER A 50 -2.12 -11.48 -12.18
N TYR A 51 -1.86 -10.57 -11.24
CA TYR A 51 -2.41 -10.64 -9.90
C TYR A 51 -1.97 -11.96 -9.25
N THR A 52 -0.69 -12.01 -8.84
CA THR A 52 -0.07 -13.20 -8.24
C THR A 52 -1.03 -14.04 -7.39
N HIS A 53 -1.56 -13.47 -6.30
CA HIS A 53 -2.44 -14.23 -5.42
C HIS A 53 -3.85 -13.66 -5.43
N TYR A 54 -4.03 -12.50 -6.07
CA TYR A 54 -5.32 -11.81 -6.09
C TYR A 54 -5.65 -11.50 -4.63
N SER A 55 -4.83 -10.64 -4.05
CA SER A 55 -4.95 -10.31 -2.65
C SER A 55 -5.62 -8.98 -2.39
N SER A 56 -6.12 -8.84 -1.17
CA SER A 56 -6.79 -7.64 -0.72
C SER A 56 -6.41 -7.42 0.74
N ILE A 57 -6.29 -6.18 1.17
CA ILE A 57 -5.89 -5.93 2.55
C ILE A 57 -7.02 -5.38 3.41
N ARG A 58 -6.95 -5.73 4.70
CA ARG A 58 -7.91 -5.26 5.67
C ARG A 58 -7.18 -4.78 6.91
N LEU A 59 -7.78 -3.83 7.59
CA LEU A 59 -7.22 -3.26 8.80
C LEU A 59 -7.45 -4.19 10.00
N ASP A 60 -8.37 -5.14 9.82
CA ASP A 60 -8.75 -6.11 10.88
C ASP A 60 -7.58 -6.61 11.71
N LYS A 61 -6.69 -7.41 11.13
CA LYS A 61 -5.58 -7.97 11.91
C LYS A 61 -4.25 -7.99 11.14
N TYR A 62 -3.95 -6.96 10.37
CA TYR A 62 -2.68 -6.93 9.67
C TYR A 62 -1.68 -6.10 10.50
N ASN A 63 -0.47 -6.62 10.64
CA ASN A 63 0.57 -5.93 11.41
C ASN A 63 1.40 -5.10 10.46
N ILE A 64 1.14 -3.82 10.48
CA ILE A 64 1.84 -2.91 9.58
C ILE A 64 2.88 -2.09 10.34
N ARG A 65 4.05 -1.94 9.75
CA ARG A 65 5.14 -1.18 10.34
C ARG A 65 5.82 -0.35 9.28
N GLN A 66 6.70 0.56 9.69
CA GLN A 66 7.42 1.40 8.75
C GLN A 66 8.85 1.59 9.27
N HIS A 67 9.83 1.26 8.45
CA HIS A 67 11.23 1.38 8.84
C HIS A 67 11.97 2.28 7.87
N THR A 68 12.76 3.21 8.38
CA THR A 68 13.51 4.11 7.52
C THR A 68 14.90 3.52 7.25
N THR A 69 14.92 2.39 6.55
CA THR A 69 16.14 1.71 6.18
C THR A 69 16.55 2.17 4.79
N ASP A 70 17.25 3.31 4.74
CA ASP A 70 17.67 3.96 3.48
C ASP A 70 16.46 4.68 2.89
N GLU A 71 15.42 3.89 2.61
CA GLU A 71 14.16 4.41 2.11
C GLU A 71 13.09 3.94 3.08
N ASP A 72 12.06 4.75 3.27
CA ASP A 72 10.98 4.37 4.17
C ASP A 72 10.28 3.13 3.66
N THR A 73 10.33 2.10 4.47
CA THR A 73 9.78 0.82 4.12
C THR A 73 8.58 0.48 4.98
N ILE A 74 7.41 0.46 4.37
CA ILE A 74 6.20 0.10 5.07
C ILE A 74 5.93 -1.36 4.80
N VAL A 75 6.11 -2.17 5.83
CA VAL A 75 5.92 -3.60 5.74
C VAL A 75 4.57 -3.97 6.28
N LEU A 76 4.01 -5.04 5.75
CA LEU A 76 2.70 -5.47 6.17
C LEU A 76 2.66 -6.97 6.45
N GLN A 77 2.43 -7.32 7.71
CA GLN A 77 2.33 -8.71 8.12
C GLN A 77 0.86 -9.12 8.08
N PRO A 78 0.54 -10.14 7.31
CA PRO A 78 -0.83 -10.62 7.11
C PRO A 78 -1.43 -11.43 8.25
N GLN A 79 -2.75 -11.44 8.24
CA GLN A 79 -3.53 -12.22 9.18
C GLN A 79 -3.91 -13.52 8.47
N GLU A 80 -3.23 -13.70 7.35
CA GLU A 80 -3.36 -14.82 6.44
C GLU A 80 -4.79 -15.19 6.00
N PRO A 81 -5.56 -14.21 5.51
CA PRO A 81 -6.90 -14.44 4.97
C PRO A 81 -6.77 -14.70 3.47
N GLY A 82 -5.66 -15.34 3.11
CA GLY A 82 -5.36 -15.56 1.72
C GLY A 82 -4.50 -14.42 1.23
N LEU A 83 -3.82 -13.79 2.19
CA LEU A 83 -2.97 -12.64 1.95
C LEU A 83 -1.52 -12.99 2.25
N PRO A 84 -0.60 -12.54 1.40
CA PRO A 84 0.83 -12.79 1.57
C PRO A 84 1.50 -11.66 2.37
N SER A 85 2.80 -11.79 2.58
CA SER A 85 3.56 -10.77 3.31
C SER A 85 4.41 -10.01 2.32
N PHE A 86 4.07 -8.74 2.06
CA PHE A 86 4.83 -7.95 1.10
C PHE A 86 5.40 -6.70 1.74
N ARG A 87 6.15 -5.92 0.95
CA ARG A 87 6.78 -4.71 1.45
C ARG A 87 6.67 -3.60 0.42
N ILE A 88 6.48 -2.36 0.86
CA ILE A 88 6.40 -1.24 -0.07
C ILE A 88 7.44 -0.16 0.22
N LYS A 89 8.24 0.15 -0.79
CA LYS A 89 9.29 1.16 -0.69
C LYS A 89 9.23 2.09 -1.90
N PRO A 90 9.02 3.39 -1.68
CA PRO A 90 8.98 4.39 -2.76
C PRO A 90 10.39 4.63 -3.28
N LYS A 91 10.97 3.58 -3.84
CA LYS A 91 12.33 3.59 -4.33
C LYS A 91 12.39 3.48 -5.86
N ASP A 92 11.90 2.36 -6.40
CA ASP A 92 11.95 2.13 -7.85
C ASP A 92 10.78 2.79 -8.57
N PHE A 93 10.57 4.07 -8.28
CA PHE A 93 9.49 4.83 -8.90
C PHE A 93 9.64 6.30 -8.53
N GLU A 94 9.95 7.11 -9.52
CA GLU A 94 10.15 8.54 -9.31
C GLU A 94 8.83 9.27 -9.11
N THR A 95 8.91 10.44 -8.50
CA THR A 95 7.76 11.29 -8.18
C THR A 95 7.02 10.74 -6.97
N SER A 96 7.58 9.68 -6.40
CA SER A 96 7.01 9.07 -5.21
C SER A 96 7.88 9.38 -3.99
N GLU A 97 8.90 10.23 -4.18
CA GLU A 97 9.77 10.64 -3.08
C GLU A 97 8.96 11.47 -2.10
N TYR A 98 8.33 12.51 -2.63
CA TYR A 98 7.50 13.39 -1.84
C TYR A 98 6.33 12.61 -1.24
N VAL A 99 5.68 11.81 -2.07
CA VAL A 99 4.54 11.00 -1.65
C VAL A 99 4.94 10.03 -0.55
N ARG A 100 6.20 9.63 -0.55
CA ARG A 100 6.73 8.72 0.47
C ARG A 100 6.57 9.34 1.86
N LYS A 101 6.82 10.65 1.93
CA LYS A 101 6.71 11.38 3.18
C LYS A 101 5.27 11.38 3.68
N ALA A 102 4.33 11.49 2.75
CA ALA A 102 2.92 11.48 3.09
C ALA A 102 2.53 10.12 3.64
N TRP A 103 2.46 9.14 2.74
CA TRP A 103 2.07 7.77 3.07
C TRP A 103 2.68 7.31 4.39
N LEU A 104 3.94 7.65 4.63
CA LEU A 104 4.61 7.28 5.86
C LEU A 104 3.82 7.79 7.05
N ARG A 105 3.69 9.10 7.10
CA ARG A 105 2.97 9.78 8.17
C ARG A 105 1.48 9.44 8.14
N ASP A 106 0.92 9.30 6.94
CA ASP A 106 -0.50 8.96 6.78
C ASP A 106 -0.78 7.56 7.28
N ILE A 107 0.27 6.83 7.54
CA ILE A 107 0.19 5.46 8.03
C ILE A 107 0.48 5.43 9.53
N ALA A 108 1.31 6.37 9.97
CA ALA A 108 1.64 6.49 11.39
C ALA A 108 0.43 7.08 12.13
N GLU A 109 -0.49 7.56 11.32
CA GLU A 109 -1.73 8.16 11.78
C GLU A 109 -2.66 8.25 10.59
N GLU A 110 -3.35 7.15 10.33
CA GLU A 110 -4.25 7.06 9.19
C GLU A 110 -5.33 8.13 9.26
N GLN A 111 -5.51 8.80 8.13
CA GLN A 111 -6.45 9.91 7.97
C GLN A 111 -7.89 9.54 8.34
N GLU A 112 -8.20 8.26 8.40
CA GLU A 112 -9.56 7.84 8.72
C GLU A 112 -9.98 8.23 10.14
N LYS A 113 -9.08 8.78 10.93
CA LYS A 113 -9.41 9.23 12.27
C LYS A 113 -10.30 10.46 12.20
N TYR A 114 -10.25 11.13 11.04
CA TYR A 114 -11.03 12.32 10.81
C TYR A 114 -12.53 12.04 10.82
N ALA A 115 -12.93 10.93 10.22
CA ALA A 115 -14.34 10.57 10.16
C ALA A 115 -14.61 9.17 10.68
N ALA A 116 -13.81 8.20 10.22
CA ALA A 116 -13.95 6.80 10.63
C ALA A 116 -15.31 6.26 10.22
N GLU A 117 -16.21 6.11 11.19
CA GLU A 117 -17.55 5.62 10.89
C GLU A 117 -18.58 6.74 11.09
N ARG A 118 -19.48 6.86 10.13
CA ARG A 118 -20.51 7.87 10.16
C ARG A 118 -21.78 7.30 10.77
N ASP A 119 -22.71 8.18 11.13
CA ASP A 119 -23.96 7.77 11.71
C ASP A 119 -25.06 8.74 11.32
N MET A 1 -28.01 6.51 -9.91
CA MET A 1 -26.92 6.79 -10.89
C MET A 1 -25.95 7.84 -10.33
N GLY A 2 -24.67 7.51 -10.32
CA GLY A 2 -23.66 8.44 -9.83
C GLY A 2 -22.37 8.26 -10.61
N ASP A 3 -22.43 8.45 -11.92
CA ASP A 3 -21.27 8.28 -12.77
C ASP A 3 -20.53 9.59 -12.95
N THR A 4 -19.55 9.80 -12.10
CA THR A 4 -18.74 11.00 -12.17
C THR A 4 -17.27 10.64 -11.98
N GLY A 5 -16.99 9.86 -10.94
CA GLY A 5 -15.60 9.46 -10.68
C GLY A 5 -14.71 10.64 -10.31
N LYS A 6 -15.28 11.62 -9.63
CA LYS A 6 -14.54 12.79 -9.21
C LYS A 6 -14.35 12.82 -7.70
N LEU A 7 -15.43 12.58 -6.98
CA LEU A 7 -15.39 12.58 -5.52
C LEU A 7 -15.42 11.16 -4.98
N GLY A 8 -14.29 10.69 -4.47
CA GLY A 8 -14.21 9.34 -3.92
C GLY A 8 -12.79 8.80 -3.93
N ARG A 9 -11.80 9.68 -3.76
CA ARG A 9 -10.39 9.26 -3.74
C ARG A 9 -9.88 9.34 -2.31
N ILE A 10 -10.86 9.29 -1.41
CA ILE A 10 -10.71 9.35 0.07
C ILE A 10 -9.26 9.39 0.60
N ILE A 11 -8.47 8.31 0.44
CA ILE A 11 -7.09 8.33 0.96
C ILE A 11 -6.07 8.67 -0.13
N ARG A 12 -5.24 7.70 -0.51
CA ARG A 12 -4.21 7.95 -1.52
C ARG A 12 -3.93 6.71 -2.36
N HIS A 13 -3.56 6.93 -3.63
CA HIS A 13 -3.25 5.84 -4.53
C HIS A 13 -1.95 6.10 -5.29
N ASP A 14 -0.95 5.28 -5.03
CA ASP A 14 0.35 5.41 -5.69
C ASP A 14 0.95 4.04 -5.99
N ALA A 15 1.68 3.96 -7.08
CA ALA A 15 2.31 2.72 -7.48
C ALA A 15 3.66 2.56 -6.76
N PHE A 16 3.87 1.38 -6.19
CA PHE A 16 5.10 1.09 -5.46
C PHE A 16 5.73 -0.21 -5.94
N GLN A 17 6.74 -0.11 -6.78
CA GLN A 17 7.39 -1.31 -7.28
C GLN A 17 8.33 -1.83 -6.19
N VAL A 18 7.99 -3.01 -5.69
CA VAL A 18 8.75 -3.60 -4.61
C VAL A 18 8.32 -5.05 -4.35
N TRP A 19 9.20 -5.81 -3.70
CA TRP A 19 8.98 -7.20 -3.37
C TRP A 19 7.76 -7.42 -2.50
N GLU A 20 6.74 -8.05 -3.04
CA GLU A 20 5.54 -8.36 -2.27
C GLU A 20 5.66 -9.77 -1.75
N GLY A 21 6.89 -10.12 -1.45
CA GLY A 21 7.22 -11.43 -0.96
C GLY A 21 7.10 -12.49 -2.03
N ASP A 22 6.98 -13.75 -1.58
CA ASP A 22 6.86 -14.92 -2.46
C ASP A 22 8.14 -15.22 -3.26
N GLU A 23 8.81 -14.19 -3.78
CA GLU A 23 10.05 -14.38 -4.53
C GLU A 23 10.54 -13.06 -5.18
N PRO A 24 9.86 -12.54 -6.24
CA PRO A 24 10.31 -11.35 -6.95
C PRO A 24 9.49 -10.09 -6.68
N PRO A 25 10.00 -8.92 -7.12
CA PRO A 25 9.31 -7.66 -6.98
C PRO A 25 8.44 -7.37 -8.20
N LYS A 26 7.30 -6.75 -8.00
CA LYS A 26 6.39 -6.48 -9.10
C LYS A 26 6.23 -4.98 -9.35
N LEU A 27 5.10 -4.64 -9.96
CA LEU A 27 4.72 -3.28 -10.26
C LEU A 27 3.27 -3.13 -9.82
N ARG A 28 3.08 -3.04 -8.53
CA ARG A 28 1.75 -2.96 -7.95
C ARG A 28 1.34 -1.56 -7.59
N TYR A 29 0.23 -1.12 -8.14
CA TYR A 29 -0.32 0.16 -7.84
C TYR A 29 -1.08 0.06 -6.53
N VAL A 30 -0.53 0.64 -5.48
CA VAL A 30 -1.16 0.60 -4.17
C VAL A 30 -2.23 1.68 -4.10
N PHE A 31 -3.43 1.26 -3.74
CA PHE A 31 -4.57 2.18 -3.64
C PHE A 31 -5.18 2.08 -2.24
N LEU A 32 -5.28 3.17 -1.54
CA LEU A 32 -5.92 3.14 -0.24
C LEU A 32 -7.28 3.82 -0.35
N PHE A 33 -8.34 3.04 -0.25
CA PHE A 33 -9.68 3.58 -0.40
C PHE A 33 -10.68 2.99 0.61
N ARG A 34 -10.99 3.76 1.64
CA ARG A 34 -11.96 3.38 2.66
C ARG A 34 -11.58 2.13 3.45
N ASN A 35 -10.89 2.38 4.56
CA ASN A 35 -10.47 1.34 5.51
C ASN A 35 -9.73 0.16 4.86
N LYS A 36 -8.97 0.38 3.80
CA LYS A 36 -8.23 -0.73 3.19
C LYS A 36 -7.21 -0.27 2.15
N ILE A 37 -6.35 -1.21 1.78
CA ILE A 37 -5.31 -1.02 0.79
C ILE A 37 -5.51 -2.03 -0.34
N MET A 38 -5.94 -1.55 -1.50
CA MET A 38 -6.15 -2.41 -2.65
C MET A 38 -5.07 -2.18 -3.67
N PHE A 39 -4.20 -3.14 -3.85
CA PHE A 39 -3.13 -2.99 -4.82
C PHE A 39 -3.17 -4.14 -5.82
N THR A 40 -3.33 -3.80 -7.08
CA THR A 40 -3.39 -4.77 -8.16
C THR A 40 -2.00 -4.97 -8.77
N GLU A 41 -1.61 -6.22 -8.95
CA GLU A 41 -0.30 -6.53 -9.50
C GLU A 41 -0.28 -6.39 -11.03
N GLN A 42 0.51 -5.46 -11.52
CA GLN A 42 0.66 -5.23 -12.95
C GLN A 42 2.03 -5.74 -13.37
N ASP A 43 2.06 -6.92 -13.99
CA ASP A 43 3.34 -7.50 -14.41
C ASP A 43 3.60 -7.28 -15.89
N ALA A 44 4.63 -6.50 -16.15
CA ALA A 44 5.07 -6.20 -17.49
C ALA A 44 6.57 -6.44 -17.61
N SER A 45 7.12 -7.10 -16.58
CA SER A 45 8.54 -7.43 -16.51
C SER A 45 8.76 -8.88 -16.93
N THR A 46 8.10 -9.81 -16.21
CA THR A 46 8.26 -11.22 -16.50
C THR A 46 7.17 -11.70 -17.47
N SER A 47 7.01 -13.01 -17.62
CA SER A 47 6.05 -13.58 -18.56
C SER A 47 4.71 -13.91 -17.89
N PRO A 48 4.68 -14.62 -16.75
CA PRO A 48 3.45 -14.96 -16.08
C PRO A 48 3.04 -13.87 -15.10
N PRO A 49 2.01 -13.08 -15.45
CA PRO A 49 1.52 -12.00 -14.62
C PRO A 49 0.46 -12.48 -13.65
N SER A 50 0.00 -11.59 -12.81
CA SER A 50 -1.02 -11.93 -11.83
C SER A 50 -1.98 -10.78 -11.61
N TYR A 51 -2.79 -10.51 -12.62
CA TYR A 51 -3.77 -9.44 -12.54
C TYR A 51 -5.17 -10.06 -12.46
N THR A 52 -5.23 -11.31 -12.02
CA THR A 52 -6.49 -12.00 -11.90
C THR A 52 -7.07 -11.84 -10.50
N HIS A 53 -6.25 -12.09 -9.50
CA HIS A 53 -6.68 -11.96 -8.12
C HIS A 53 -6.41 -10.56 -7.64
N TYR A 54 -7.47 -9.80 -7.40
CA TYR A 54 -7.33 -8.44 -6.92
C TYR A 54 -6.96 -8.46 -5.45
N SER A 55 -5.71 -8.15 -5.16
CA SER A 55 -5.22 -8.17 -3.79
C SER A 55 -5.93 -7.09 -2.97
N SER A 56 -6.28 -7.43 -1.72
CA SER A 56 -6.96 -6.50 -0.83
C SER A 56 -6.52 -6.71 0.62
N ILE A 57 -6.04 -5.63 1.22
CA ILE A 57 -5.57 -5.67 2.61
C ILE A 57 -6.37 -4.69 3.46
N ARG A 58 -7.02 -5.17 4.50
CA ARG A 58 -7.81 -4.29 5.34
C ARG A 58 -6.91 -3.61 6.36
N LEU A 59 -6.94 -2.28 6.33
CA LEU A 59 -6.13 -1.45 7.21
C LEU A 59 -6.45 -1.77 8.66
N ASP A 60 -7.75 -1.87 8.91
CA ASP A 60 -8.31 -2.10 10.23
C ASP A 60 -7.61 -3.22 11.03
N LYS A 61 -7.12 -4.26 10.37
CA LYS A 61 -6.52 -5.36 11.14
C LYS A 61 -5.27 -6.01 10.51
N TYR A 62 -4.17 -5.29 10.51
CA TYR A 62 -2.92 -5.85 10.04
C TYR A 62 -1.78 -5.31 10.88
N ASN A 63 -0.65 -6.02 10.89
CA ASN A 63 0.50 -5.57 11.64
C ASN A 63 1.43 -4.89 10.66
N ILE A 64 2.01 -3.77 11.04
CA ILE A 64 2.83 -3.03 10.11
C ILE A 64 4.09 -2.45 10.74
N ARG A 65 5.16 -2.48 9.96
CA ARG A 65 6.44 -1.96 10.33
C ARG A 65 6.87 -0.94 9.27
N GLN A 66 7.74 -0.04 9.63
CA GLN A 66 8.25 0.96 8.71
C GLN A 66 9.73 1.11 8.97
N HIS A 67 10.51 1.09 7.90
CA HIS A 67 11.96 1.14 8.05
C HIS A 67 12.52 2.41 7.45
N THR A 68 12.54 3.46 8.27
CA THR A 68 13.07 4.74 7.86
C THR A 68 14.60 4.70 7.94
N THR A 69 15.23 4.79 6.77
CA THR A 69 16.69 4.76 6.65
C THR A 69 17.08 5.25 5.26
N ASP A 70 16.71 6.51 4.97
CA ASP A 70 16.94 7.13 3.65
C ASP A 70 15.72 6.84 2.77
N GLU A 71 15.29 5.60 2.82
CA GLU A 71 14.10 5.15 2.10
C GLU A 71 13.04 4.81 3.12
N ASP A 72 11.85 5.39 2.99
CA ASP A 72 10.78 5.11 3.94
C ASP A 72 10.03 3.86 3.51
N THR A 73 10.65 2.72 3.74
CA THR A 73 10.09 1.44 3.35
C THR A 73 8.98 1.01 4.31
N ILE A 74 7.86 0.58 3.75
CA ILE A 74 6.75 0.11 4.56
C ILE A 74 6.69 -1.40 4.46
N VAL A 75 6.55 -2.06 5.60
CA VAL A 75 6.51 -3.51 5.63
C VAL A 75 5.38 -3.97 6.54
N LEU A 76 4.33 -4.50 5.95
CA LEU A 76 3.22 -5.00 6.74
C LEU A 76 3.46 -6.46 7.02
N GLN A 77 3.25 -6.85 8.27
CA GLN A 77 3.49 -8.20 8.70
C GLN A 77 2.19 -8.91 9.03
N PRO A 78 2.18 -10.23 8.95
CA PRO A 78 1.00 -11.04 9.22
C PRO A 78 0.60 -11.03 10.69
N GLN A 79 -0.55 -10.41 10.99
CA GLN A 79 -1.06 -10.38 12.35
C GLN A 79 -1.72 -11.73 12.66
N GLU A 80 -1.89 -12.52 11.61
CA GLU A 80 -2.45 -13.86 11.67
C GLU A 80 -1.67 -14.71 10.69
N PRO A 81 -1.39 -15.97 10.99
CA PRO A 81 -0.59 -16.85 10.12
C PRO A 81 -1.21 -17.09 8.75
N GLY A 82 -2.48 -16.74 8.60
CA GLY A 82 -3.16 -16.89 7.32
C GLY A 82 -2.97 -15.68 6.41
N LEU A 83 -2.36 -14.63 6.93
CA LEU A 83 -2.17 -13.40 6.15
C LEU A 83 -0.75 -13.33 5.56
N PRO A 84 -0.62 -13.16 4.24
CA PRO A 84 0.68 -13.06 3.59
C PRO A 84 1.34 -11.70 3.84
N SER A 85 2.66 -11.70 3.89
CA SER A 85 3.42 -10.47 4.14
C SER A 85 4.08 -9.94 2.89
N PHE A 86 3.97 -8.65 2.66
CA PHE A 86 4.58 -8.02 1.51
C PHE A 86 5.14 -6.64 1.88
N ARG A 87 6.15 -6.19 1.12
CA ARG A 87 6.79 -4.91 1.39
C ARG A 87 6.50 -3.90 0.28
N ILE A 88 6.81 -2.64 0.56
CA ILE A 88 6.65 -1.55 -0.38
C ILE A 88 7.81 -0.57 -0.22
N LYS A 89 8.34 -0.01 -1.31
CA LYS A 89 9.42 0.96 -1.18
C LYS A 89 9.30 2.05 -2.26
N PRO A 90 9.90 3.23 -2.02
CA PRO A 90 9.85 4.38 -2.96
C PRO A 90 10.76 4.19 -4.17
N LYS A 91 10.76 2.98 -4.72
CA LYS A 91 11.57 2.71 -5.89
C LYS A 91 10.80 3.03 -7.17
N ASP A 92 9.51 3.32 -7.05
CA ASP A 92 8.73 3.68 -8.22
C ASP A 92 8.59 5.20 -8.26
N PHE A 93 9.35 5.88 -7.40
CA PHE A 93 9.33 7.32 -7.36
C PHE A 93 10.51 7.90 -8.13
N GLU A 94 11.25 8.76 -7.47
CA GLU A 94 12.42 9.45 -8.04
C GLU A 94 12.89 10.48 -7.05
N THR A 95 12.06 11.51 -6.87
CA THR A 95 12.34 12.57 -5.92
C THR A 95 11.00 13.08 -5.39
N SER A 96 10.00 12.22 -5.49
CA SER A 96 8.65 12.54 -5.05
C SER A 96 8.34 11.77 -3.78
N GLU A 97 9.25 11.85 -2.83
CA GLU A 97 9.10 11.22 -1.54
C GLU A 97 8.37 12.22 -0.63
N TYR A 98 7.60 13.07 -1.27
CA TYR A 98 6.83 14.09 -0.58
C TYR A 98 5.56 13.51 -0.02
N VAL A 99 4.89 12.65 -0.78
CA VAL A 99 3.67 12.03 -0.31
C VAL A 99 4.02 10.89 0.61
N ARG A 100 5.22 10.38 0.45
CA ARG A 100 5.73 9.26 1.24
C ARG A 100 5.61 9.56 2.74
N LYS A 101 5.79 10.83 3.13
CA LYS A 101 5.70 11.21 4.53
C LYS A 101 4.27 11.04 5.05
N ALA A 102 3.30 11.20 4.17
CA ALA A 102 1.88 11.01 4.51
C ALA A 102 1.42 9.62 4.11
N TRP A 103 2.39 8.81 3.71
CA TRP A 103 2.13 7.41 3.35
C TRP A 103 2.43 6.54 4.57
N LEU A 104 3.20 7.10 5.50
CA LEU A 104 3.53 6.40 6.74
C LEU A 104 2.30 6.34 7.63
N ARG A 105 2.03 7.43 8.33
CA ARG A 105 0.92 7.52 9.27
C ARG A 105 -0.39 6.90 8.77
N ASP A 106 -0.76 7.17 7.54
CA ASP A 106 -2.02 6.62 7.00
C ASP A 106 -1.99 5.10 6.91
N ILE A 107 -0.79 4.55 6.92
CA ILE A 107 -0.60 3.11 6.87
C ILE A 107 -0.63 2.53 8.29
N ALA A 108 0.17 3.11 9.17
CA ALA A 108 0.27 2.66 10.55
C ALA A 108 -1.01 2.94 11.33
N GLU A 109 -1.69 4.01 10.95
CA GLU A 109 -2.91 4.42 11.59
C GLU A 109 -3.71 5.29 10.63
N GLU A 110 -4.51 4.61 9.84
CA GLU A 110 -5.36 5.25 8.84
C GLU A 110 -6.12 6.44 9.42
N GLN A 111 -6.32 7.46 8.58
CA GLN A 111 -7.02 8.67 8.97
C GLN A 111 -7.55 9.37 7.73
N GLU A 112 -8.25 8.58 6.92
CA GLU A 112 -8.87 9.06 5.70
C GLU A 112 -9.96 10.09 6.03
N LYS A 113 -10.71 9.84 7.10
CA LYS A 113 -11.76 10.77 7.50
C LYS A 113 -11.13 12.00 8.14
N TYR A 114 -9.90 11.80 8.64
CA TYR A 114 -9.11 12.84 9.29
C TYR A 114 -9.97 13.83 10.06
N ALA A 115 -10.65 13.33 11.08
CA ALA A 115 -11.51 14.15 11.89
C ALA A 115 -11.16 14.01 13.37
N ALA A 116 -11.08 15.14 14.07
CA ALA A 116 -10.76 15.14 15.49
C ALA A 116 -12.03 14.89 16.30
N GLU A 117 -12.60 13.70 16.12
CA GLU A 117 -13.81 13.30 16.81
C GLU A 117 -13.47 12.83 18.22
N ARG A 118 -13.87 13.63 19.20
CA ARG A 118 -13.62 13.30 20.61
C ARG A 118 -14.67 12.32 21.10
N ASP A 119 -15.78 12.29 20.38
CA ASP A 119 -16.90 11.41 20.69
C ASP A 119 -17.56 10.97 19.38
N MET A 1 -3.72 19.96 -3.46
CA MET A 1 -4.79 19.74 -4.46
C MET A 1 -4.86 18.27 -4.83
N GLY A 2 -6.06 17.71 -4.82
CA GLY A 2 -6.25 16.31 -5.13
C GLY A 2 -5.91 15.42 -3.96
N ASP A 3 -5.52 16.06 -2.86
CA ASP A 3 -5.13 15.36 -1.65
C ASP A 3 -6.28 15.33 -0.65
N THR A 4 -7.37 16.01 -0.99
CA THR A 4 -8.54 16.07 -0.14
C THR A 4 -9.69 16.71 -0.92
N GLY A 5 -10.92 16.52 -0.45
CA GLY A 5 -12.08 17.08 -1.13
C GLY A 5 -12.64 16.11 -2.15
N LYS A 6 -12.92 16.62 -3.34
CA LYS A 6 -13.45 15.78 -4.42
C LYS A 6 -12.28 15.29 -5.28
N LEU A 7 -12.37 14.03 -5.71
CA LEU A 7 -11.31 13.41 -6.51
C LEU A 7 -10.02 13.41 -5.68
N GLY A 8 -10.18 13.17 -4.38
CA GLY A 8 -9.05 13.13 -3.49
C GLY A 8 -8.79 11.72 -3.04
N ARG A 9 -9.89 10.96 -2.93
CA ARG A 9 -9.86 9.56 -2.52
C ARG A 9 -9.53 9.43 -1.04
N ILE A 10 -10.40 8.73 -0.31
CA ILE A 10 -10.20 8.51 1.14
C ILE A 10 -8.81 7.96 1.43
N ILE A 11 -8.23 8.43 2.52
CA ILE A 11 -6.89 8.07 2.95
C ILE A 11 -5.85 8.63 1.97
N ARG A 12 -5.22 7.77 1.16
CA ARG A 12 -4.20 8.23 0.20
C ARG A 12 -4.07 7.28 -0.99
N HIS A 13 -2.91 7.37 -1.65
CA HIS A 13 -2.58 6.53 -2.82
C HIS A 13 -1.12 6.72 -3.22
N ASP A 14 -0.48 5.64 -3.67
CA ASP A 14 0.90 5.72 -4.13
C ASP A 14 1.21 4.55 -5.07
N ALA A 15 2.34 4.64 -5.76
CA ALA A 15 2.75 3.60 -6.71
C ALA A 15 4.18 3.14 -6.40
N PHE A 16 4.44 1.84 -6.55
CA PHE A 16 5.76 1.30 -6.28
C PHE A 16 6.03 0.03 -7.09
N GLN A 17 7.16 -0.60 -6.80
CA GLN A 17 7.58 -1.86 -7.41
C GLN A 17 8.59 -2.50 -6.46
N VAL A 18 8.08 -3.29 -5.52
CA VAL A 18 8.92 -3.90 -4.50
C VAL A 18 8.54 -5.37 -4.24
N TRP A 19 9.53 -6.11 -3.75
CA TRP A 19 9.46 -7.53 -3.47
C TRP A 19 8.15 -7.98 -2.81
N GLU A 20 7.41 -8.82 -3.52
CA GLU A 20 6.18 -9.39 -3.00
C GLU A 20 6.52 -10.78 -2.44
N GLY A 21 5.56 -11.49 -1.89
CA GLY A 21 5.83 -12.81 -1.34
C GLY A 21 5.51 -13.94 -2.29
N ASP A 22 4.36 -13.83 -2.95
CA ASP A 22 3.92 -14.84 -3.90
C ASP A 22 4.79 -14.82 -5.14
N GLU A 23 5.64 -13.80 -5.25
CA GLU A 23 6.51 -13.66 -6.39
C GLU A 23 7.50 -12.52 -6.13
N PRO A 24 8.70 -12.55 -6.76
CA PRO A 24 9.74 -11.51 -6.60
C PRO A 24 9.19 -10.07 -6.79
N PRO A 25 10.06 -9.04 -6.71
CA PRO A 25 9.68 -7.63 -6.87
C PRO A 25 8.62 -7.41 -7.94
N LYS A 26 7.45 -6.98 -7.50
CA LYS A 26 6.32 -6.77 -8.39
C LYS A 26 5.85 -5.33 -8.41
N LEU A 27 5.54 -4.85 -9.60
CA LEU A 27 5.04 -3.50 -9.78
C LEU A 27 3.57 -3.49 -9.35
N ARG A 28 3.29 -2.79 -8.26
CA ARG A 28 1.94 -2.74 -7.73
C ARG A 28 1.57 -1.33 -7.28
N TYR A 29 0.30 -0.99 -7.47
CA TYR A 29 -0.21 0.33 -7.09
C TYR A 29 -1.07 0.20 -5.84
N VAL A 30 -0.69 0.93 -4.80
CA VAL A 30 -1.40 0.85 -3.54
C VAL A 30 -2.28 2.05 -3.27
N PHE A 31 -3.56 1.77 -3.13
CA PHE A 31 -4.55 2.78 -2.81
C PHE A 31 -5.26 2.28 -1.57
N LEU A 32 -5.16 2.97 -0.46
CA LEU A 32 -5.83 2.48 0.73
C LEU A 32 -7.12 3.25 0.93
N PHE A 33 -8.22 2.54 0.98
CA PHE A 33 -9.51 3.16 1.18
C PHE A 33 -10.03 2.76 2.56
N ARG A 34 -11.17 3.30 2.96
CA ARG A 34 -11.74 2.98 4.27
C ARG A 34 -12.45 1.63 4.20
N ASN A 35 -11.84 0.70 3.50
CA ASN A 35 -12.38 -0.63 3.34
C ASN A 35 -11.27 -1.63 3.56
N LYS A 36 -10.23 -1.51 2.75
CA LYS A 36 -9.08 -2.37 2.83
C LYS A 36 -7.99 -1.82 1.93
N ILE A 37 -6.94 -2.60 1.73
CA ILE A 37 -5.83 -2.18 0.89
C ILE A 37 -6.08 -2.63 -0.55
N MET A 38 -6.44 -1.68 -1.40
CA MET A 38 -6.70 -1.96 -2.80
C MET A 38 -5.41 -1.89 -3.61
N PHE A 39 -4.58 -2.91 -3.47
CA PHE A 39 -3.33 -2.91 -4.23
C PHE A 39 -3.34 -3.98 -5.32
N THR A 40 -3.46 -3.50 -6.54
CA THR A 40 -3.49 -4.37 -7.71
C THR A 40 -2.07 -4.76 -8.11
N GLU A 41 -1.94 -5.53 -9.17
CA GLU A 41 -0.64 -5.97 -9.63
C GLU A 41 -0.51 -5.75 -11.13
N GLN A 42 0.65 -5.27 -11.56
CA GLN A 42 0.87 -5.02 -12.98
C GLN A 42 2.18 -5.62 -13.45
N ASP A 43 2.08 -6.52 -14.42
CA ASP A 43 3.23 -7.17 -15.03
C ASP A 43 3.18 -6.83 -16.51
N ALA A 44 4.18 -6.11 -16.99
CA ALA A 44 4.21 -5.63 -18.38
C ALA A 44 3.23 -4.47 -18.54
N SER A 45 3.01 -4.01 -19.76
CA SER A 45 2.09 -2.91 -19.99
C SER A 45 0.99 -3.28 -20.99
N THR A 46 -0.22 -3.44 -20.45
CA THR A 46 -1.42 -3.81 -21.21
C THR A 46 -1.21 -5.07 -22.05
N SER A 47 -0.53 -6.05 -21.46
CA SER A 47 -0.27 -7.31 -22.12
C SER A 47 -0.51 -8.43 -21.12
N PRO A 48 -1.16 -9.55 -21.55
CA PRO A 48 -1.47 -10.71 -20.69
C PRO A 48 -0.30 -11.07 -19.77
N PRO A 49 -0.41 -10.71 -18.48
CA PRO A 49 0.62 -10.94 -17.49
C PRO A 49 0.36 -12.15 -16.61
N SER A 50 1.05 -12.18 -15.50
CA SER A 50 0.93 -13.23 -14.52
C SER A 50 0.81 -12.60 -13.14
N TYR A 51 -0.31 -11.92 -12.93
CA TYR A 51 -0.56 -11.24 -11.67
C TYR A 51 -1.24 -12.19 -10.70
N THR A 52 -1.12 -11.91 -9.41
CA THR A 52 -1.73 -12.77 -8.40
C THR A 52 -3.26 -12.66 -8.49
N HIS A 53 -3.95 -13.71 -8.09
CA HIS A 53 -5.41 -13.76 -8.16
C HIS A 53 -6.05 -12.80 -7.16
N TYR A 54 -6.10 -11.52 -7.55
CA TYR A 54 -6.68 -10.45 -6.75
C TYR A 54 -6.19 -10.48 -5.31
N SER A 55 -4.96 -10.06 -5.11
CA SER A 55 -4.39 -10.02 -3.78
C SER A 55 -4.67 -8.69 -3.11
N SER A 56 -5.54 -8.70 -2.11
CA SER A 56 -5.88 -7.51 -1.37
C SER A 56 -5.65 -7.78 0.11
N ILE A 57 -5.43 -6.74 0.88
CA ILE A 57 -5.18 -6.90 2.31
C ILE A 57 -6.15 -6.08 3.15
N ARG A 58 -7.08 -6.78 3.79
CA ARG A 58 -8.08 -6.13 4.63
C ARG A 58 -7.42 -5.31 5.74
N LEU A 59 -7.97 -4.14 5.98
CA LEU A 59 -7.48 -3.24 7.01
C LEU A 59 -7.75 -3.80 8.39
N ASP A 60 -8.81 -4.59 8.47
CA ASP A 60 -9.27 -5.21 9.70
C ASP A 60 -8.18 -5.97 10.47
N LYS A 61 -7.43 -6.85 9.81
CA LYS A 61 -6.46 -7.63 10.55
C LYS A 61 -5.06 -7.71 9.94
N TYR A 62 -4.38 -6.57 9.91
CA TYR A 62 -3.00 -6.54 9.44
C TYR A 62 -2.27 -5.44 10.20
N ASN A 63 -1.02 -5.70 10.56
CA ASN A 63 -0.22 -4.72 11.27
C ASN A 63 0.71 -4.03 10.30
N ILE A 64 0.52 -2.73 10.13
CA ILE A 64 1.34 -1.99 9.20
C ILE A 64 2.49 -1.28 9.91
N ARG A 65 3.68 -1.81 9.72
CA ARG A 65 4.86 -1.25 10.33
C ARG A 65 5.69 -0.55 9.25
N GLN A 66 6.72 0.19 9.65
CA GLN A 66 7.54 0.88 8.67
C GLN A 66 8.94 1.18 9.21
N HIS A 67 9.92 1.12 8.33
CA HIS A 67 11.29 1.40 8.67
C HIS A 67 11.76 2.55 7.80
N THR A 68 11.65 3.76 8.32
CA THR A 68 12.03 4.94 7.57
C THR A 68 13.55 5.18 7.61
N THR A 69 13.94 6.39 7.99
CA THR A 69 15.33 6.83 8.03
C THR A 69 15.95 6.78 6.65
N ASP A 70 15.60 7.79 5.85
CA ASP A 70 16.06 7.94 4.46
C ASP A 70 15.20 7.12 3.52
N GLU A 71 15.48 5.83 3.43
CA GLU A 71 14.70 4.96 2.57
C GLU A 71 13.55 4.37 3.35
N ASP A 72 12.41 5.01 3.18
CA ASP A 72 11.18 4.66 3.86
C ASP A 72 10.62 3.33 3.39
N THR A 73 10.86 2.27 4.15
CA THR A 73 10.34 0.95 3.81
C THR A 73 9.14 0.61 4.70
N ILE A 74 7.99 0.41 4.10
CA ILE A 74 6.79 0.05 4.82
C ILE A 74 6.62 -1.47 4.75
N VAL A 75 6.18 -2.10 5.82
CA VAL A 75 6.03 -3.55 5.83
C VAL A 75 4.66 -3.96 6.36
N LEU A 76 4.03 -4.90 5.67
CA LEU A 76 2.72 -5.39 6.07
C LEU A 76 2.87 -6.72 6.77
N GLN A 77 2.56 -6.74 8.05
CA GLN A 77 2.65 -7.95 8.85
C GLN A 77 1.25 -8.44 9.21
N PRO A 78 0.87 -9.63 8.75
CA PRO A 78 -0.46 -10.18 9.02
C PRO A 78 -0.60 -10.68 10.44
N GLN A 79 -1.79 -10.49 11.00
CA GLN A 79 -2.08 -10.97 12.35
C GLN A 79 -3.10 -12.09 12.24
N GLU A 80 -3.53 -12.33 11.01
CA GLU A 80 -4.48 -13.37 10.70
C GLU A 80 -3.78 -14.49 9.94
N PRO A 81 -4.13 -15.77 10.18
CA PRO A 81 -3.51 -16.90 9.47
C PRO A 81 -3.76 -16.81 7.97
N GLY A 82 -2.69 -16.87 7.18
CA GLY A 82 -2.80 -16.75 5.74
C GLY A 82 -2.11 -15.51 5.24
N LEU A 83 -2.91 -14.46 5.01
CA LEU A 83 -2.48 -13.12 4.53
C LEU A 83 -0.97 -13.02 4.30
N PRO A 84 -0.55 -12.93 3.03
CA PRO A 84 0.85 -12.85 2.65
C PRO A 84 1.59 -11.64 3.23
N SER A 85 2.91 -11.77 3.32
CA SER A 85 3.75 -10.71 3.86
C SER A 85 4.72 -10.20 2.81
N PHE A 86 4.57 -8.95 2.45
CA PHE A 86 5.44 -8.31 1.49
C PHE A 86 5.80 -6.92 1.98
N ARG A 87 6.98 -6.43 1.63
CA ARG A 87 7.39 -5.10 2.08
C ARG A 87 7.30 -4.15 0.90
N ILE A 88 7.16 -2.87 1.17
CA ILE A 88 7.04 -1.90 0.09
C ILE A 88 7.99 -0.72 0.28
N LYS A 89 8.62 -0.35 -0.83
CA LYS A 89 9.53 0.76 -0.85
C LYS A 89 9.15 1.67 -2.02
N PRO A 90 8.32 2.70 -1.75
CA PRO A 90 7.89 3.63 -2.77
C PRO A 90 9.04 4.53 -3.18
N LYS A 91 9.88 4.02 -4.06
CA LYS A 91 11.04 4.77 -4.49
C LYS A 91 10.90 5.23 -5.95
N ASP A 92 10.01 4.60 -6.70
CA ASP A 92 9.77 4.97 -8.10
C ASP A 92 8.92 6.22 -8.21
N PHE A 93 8.76 6.88 -7.07
CA PHE A 93 8.03 8.14 -6.91
C PHE A 93 6.88 8.37 -7.90
N GLU A 94 5.67 8.18 -7.41
CA GLU A 94 4.49 8.39 -8.24
C GLU A 94 4.35 9.89 -8.54
N THR A 95 4.68 10.71 -7.53
CA THR A 95 4.58 12.15 -7.68
C THR A 95 5.69 12.84 -6.88
N SER A 96 6.93 12.79 -7.41
CA SER A 96 8.09 13.42 -6.79
C SER A 96 8.14 13.10 -5.31
N GLU A 97 7.87 11.83 -5.03
CA GLU A 97 7.90 11.26 -3.67
C GLU A 97 7.11 12.07 -2.64
N TYR A 98 6.47 13.14 -3.11
CA TYR A 98 5.73 14.03 -2.25
C TYR A 98 4.71 13.26 -1.45
N VAL A 99 4.00 12.41 -2.15
CA VAL A 99 3.00 11.58 -1.53
C VAL A 99 3.66 10.54 -0.60
N ARG A 100 4.79 9.97 -1.03
CA ARG A 100 5.52 8.98 -0.24
C ARG A 100 5.87 9.54 1.14
N LYS A 101 6.54 10.67 1.17
CA LYS A 101 6.93 11.31 2.40
C LYS A 101 5.72 11.76 3.21
N ALA A 102 4.64 12.04 2.52
CA ALA A 102 3.43 12.50 3.16
C ALA A 102 2.54 11.36 3.66
N TRP A 103 1.96 10.62 2.73
CA TRP A 103 1.02 9.54 3.03
C TRP A 103 1.59 8.46 3.96
N LEU A 104 2.91 8.35 4.04
CA LEU A 104 3.54 7.38 4.96
C LEU A 104 3.24 7.84 6.37
N ARG A 105 3.48 9.13 6.57
CA ARG A 105 3.27 9.78 7.87
C ARG A 105 1.84 9.52 8.33
N ASP A 106 0.92 9.41 7.36
CA ASP A 106 -0.46 9.07 7.65
C ASP A 106 -0.51 7.63 8.13
N ILE A 107 -0.15 6.72 7.22
CA ILE A 107 -0.10 5.26 7.45
C ILE A 107 0.33 4.90 8.89
N ALA A 108 1.37 5.54 9.37
CA ALA A 108 1.89 5.29 10.70
C ALA A 108 0.91 5.71 11.81
N GLU A 109 0.38 6.92 11.69
CA GLU A 109 -0.52 7.47 12.68
C GLU A 109 -1.96 6.93 12.58
N GLU A 110 -2.48 6.83 11.36
CA GLU A 110 -3.85 6.38 11.14
C GLU A 110 -4.03 5.87 9.71
N GLN A 111 -5.22 5.31 9.46
CA GLN A 111 -5.62 4.78 8.15
C GLN A 111 -7.12 4.59 8.13
N GLU A 112 -7.57 3.52 8.78
CA GLU A 112 -8.99 3.22 8.88
C GLU A 112 -9.62 4.18 9.88
N LYS A 113 -8.76 4.82 10.67
CA LYS A 113 -9.21 5.79 11.67
C LYS A 113 -9.81 7.01 10.99
N TYR A 114 -8.97 7.99 10.66
CA TYR A 114 -9.40 9.23 10.02
C TYR A 114 -10.58 9.86 10.76
N ALA A 115 -10.54 9.71 12.08
CA ALA A 115 -11.55 10.24 12.97
C ALA A 115 -10.88 10.45 14.33
N ALA A 116 -9.89 11.33 14.32
CA ALA A 116 -9.07 11.64 15.50
C ALA A 116 -9.85 11.67 16.80
N GLU A 117 -9.59 10.67 17.63
CA GLU A 117 -10.20 10.55 18.93
C GLU A 117 -9.42 11.44 19.89
N ARG A 118 -10.09 12.01 20.89
CA ARG A 118 -9.43 12.88 21.86
C ARG A 118 -8.79 12.02 22.95
N ASP A 119 -9.60 11.14 23.54
CA ASP A 119 -9.16 10.23 24.57
C ASP A 119 -10.25 9.22 24.86
N MET A 1 -3.33 21.76 -13.05
CA MET A 1 -4.54 22.35 -13.65
C MET A 1 -5.69 21.35 -13.60
N GLY A 2 -6.64 21.61 -12.71
CA GLY A 2 -7.76 20.68 -12.53
C GLY A 2 -7.38 19.62 -11.54
N ASP A 3 -6.37 18.82 -11.91
CA ASP A 3 -5.83 17.77 -11.06
C ASP A 3 -6.93 16.86 -10.54
N THR A 4 -6.74 16.37 -9.33
CA THR A 4 -7.71 15.48 -8.71
C THR A 4 -8.80 16.27 -8.01
N GLY A 5 -8.42 17.41 -7.45
CA GLY A 5 -9.35 18.24 -6.73
C GLY A 5 -9.47 17.79 -5.27
N LYS A 6 -9.82 16.51 -5.10
CA LYS A 6 -9.96 15.91 -3.78
C LYS A 6 -9.46 14.46 -3.82
N LEU A 7 -9.71 13.72 -2.75
CA LEU A 7 -9.30 12.33 -2.67
C LEU A 7 -10.50 11.43 -2.97
N GLY A 8 -10.67 11.08 -4.25
CA GLY A 8 -11.79 10.23 -4.67
C GLY A 8 -11.64 8.82 -4.17
N ARG A 9 -10.42 8.47 -3.81
CA ARG A 9 -10.14 7.17 -3.26
C ARG A 9 -10.11 7.26 -1.74
N ILE A 10 -10.72 8.34 -1.25
CA ILE A 10 -10.85 8.71 0.16
C ILE A 10 -9.52 8.83 0.94
N ILE A 11 -8.63 7.84 0.87
CA ILE A 11 -7.37 7.94 1.59
C ILE A 11 -6.25 8.37 0.64
N ARG A 12 -5.59 7.39 0.03
CA ARG A 12 -4.48 7.68 -0.86
C ARG A 12 -4.34 6.62 -1.95
N HIS A 13 -3.77 6.99 -3.09
CA HIS A 13 -3.58 6.04 -4.17
C HIS A 13 -2.35 6.41 -5.02
N ASP A 14 -1.32 5.59 -4.96
CA ASP A 14 -0.10 5.83 -5.73
C ASP A 14 0.56 4.52 -6.11
N ALA A 15 1.60 4.58 -6.94
CA ALA A 15 2.29 3.37 -7.36
C ALA A 15 3.43 3.03 -6.43
N PHE A 16 3.51 1.77 -6.00
CA PHE A 16 4.58 1.32 -5.13
C PHE A 16 5.35 0.17 -5.76
N GLN A 17 6.54 0.48 -6.24
CA GLN A 17 7.40 -0.51 -6.88
C GLN A 17 8.20 -1.23 -5.82
N VAL A 18 7.64 -2.34 -5.33
CA VAL A 18 8.30 -3.05 -4.25
C VAL A 18 8.14 -4.55 -4.27
N TRP A 19 9.23 -5.19 -3.89
CA TRP A 19 9.36 -6.62 -3.78
C TRP A 19 8.22 -7.19 -2.95
N GLU A 20 7.38 -8.02 -3.53
CA GLU A 20 6.29 -8.61 -2.77
C GLU A 20 6.86 -9.79 -1.99
N GLY A 21 6.02 -10.65 -1.49
CA GLY A 21 6.50 -11.80 -0.79
C GLY A 21 7.23 -12.73 -1.73
N ASP A 22 8.18 -13.47 -1.21
CA ASP A 22 8.96 -14.42 -2.02
C ASP A 22 9.91 -13.70 -2.97
N GLU A 23 10.12 -12.39 -2.73
CA GLU A 23 11.07 -11.52 -3.47
C GLU A 23 10.47 -10.71 -4.66
N PRO A 24 9.97 -11.32 -5.77
CA PRO A 24 9.41 -10.63 -6.95
C PRO A 24 8.94 -9.19 -6.73
N PRO A 25 9.68 -8.22 -7.33
CA PRO A 25 9.35 -6.81 -7.25
C PRO A 25 8.29 -6.46 -8.28
N LYS A 26 7.22 -5.85 -7.83
CA LYS A 26 6.12 -5.53 -8.72
C LYS A 26 5.71 -4.06 -8.68
N LEU A 27 5.09 -3.67 -9.76
CA LEU A 27 4.58 -2.32 -9.94
C LEU A 27 3.12 -2.31 -9.50
N ARG A 28 2.91 -2.25 -8.20
CA ARG A 28 1.55 -2.29 -7.66
C ARG A 28 0.96 -0.90 -7.46
N TYR A 29 -0.28 -0.75 -7.89
CA TYR A 29 -1.02 0.49 -7.74
C TYR A 29 -1.78 0.40 -6.44
N VAL A 30 -1.21 0.98 -5.39
CA VAL A 30 -1.80 0.90 -4.08
C VAL A 30 -2.88 1.94 -3.82
N PHE A 31 -4.10 1.47 -3.68
CA PHE A 31 -5.23 2.34 -3.41
C PHE A 31 -5.77 2.01 -2.01
N LEU A 32 -5.71 2.97 -1.12
CA LEU A 32 -6.21 2.73 0.22
C LEU A 32 -7.60 3.31 0.37
N PHE A 33 -8.58 2.45 0.61
CA PHE A 33 -9.95 2.90 0.78
C PHE A 33 -10.30 2.83 2.27
N ARG A 34 -11.38 3.50 2.68
CA ARG A 34 -11.77 3.48 4.09
C ARG A 34 -12.47 2.17 4.42
N ASN A 35 -11.73 1.10 4.23
CA ASN A 35 -12.21 -0.24 4.48
C ASN A 35 -11.03 -1.19 4.44
N LYS A 36 -10.31 -1.14 3.33
CA LYS A 36 -9.13 -1.98 3.15
C LYS A 36 -8.22 -1.38 2.08
N ILE A 37 -7.03 -1.92 1.96
CA ILE A 37 -6.08 -1.44 0.98
C ILE A 37 -6.14 -2.32 -0.27
N MET A 38 -6.74 -1.79 -1.32
CA MET A 38 -6.87 -2.50 -2.57
C MET A 38 -5.74 -2.11 -3.52
N PHE A 39 -4.63 -2.82 -3.39
CA PHE A 39 -3.46 -2.56 -4.23
C PHE A 39 -3.37 -3.59 -5.35
N THR A 40 -3.30 -3.11 -6.56
CA THR A 40 -3.25 -3.97 -7.74
C THR A 40 -1.82 -4.11 -8.26
N GLU A 41 -1.24 -5.28 -8.06
CA GLU A 41 0.14 -5.53 -8.48
C GLU A 41 0.27 -5.90 -9.94
N GLN A 42 1.31 -5.37 -10.54
CA GLN A 42 1.65 -5.63 -11.93
C GLN A 42 3.06 -6.19 -11.97
N ASP A 43 3.26 -7.27 -12.72
CA ASP A 43 4.59 -7.89 -12.80
C ASP A 43 5.47 -7.25 -13.86
N ALA A 44 6.78 -7.46 -13.72
CA ALA A 44 7.78 -6.90 -14.62
C ALA A 44 7.99 -7.77 -15.86
N SER A 45 6.88 -8.18 -16.46
CA SER A 45 6.89 -8.98 -17.69
C SER A 45 7.61 -10.32 -17.57
N THR A 46 7.99 -10.75 -16.36
CA THR A 46 8.69 -12.02 -16.21
C THR A 46 7.71 -13.10 -15.76
N SER A 47 6.77 -12.71 -14.93
CA SER A 47 5.72 -13.59 -14.46
C SER A 47 4.40 -12.93 -14.88
N PRO A 48 3.19 -13.43 -14.46
CA PRO A 48 1.93 -12.79 -14.85
C PRO A 48 1.94 -11.29 -14.56
N PRO A 49 1.98 -10.46 -15.63
CA PRO A 49 2.03 -8.98 -15.53
C PRO A 49 0.73 -8.39 -14.99
N SER A 50 -0.01 -9.18 -14.26
CA SER A 50 -1.27 -8.77 -13.66
C SER A 50 -1.54 -9.61 -12.43
N TYR A 51 -1.04 -9.15 -11.28
CA TYR A 51 -1.25 -9.87 -10.05
C TYR A 51 -2.54 -9.35 -9.40
N THR A 52 -3.13 -8.35 -10.06
CA THR A 52 -4.35 -7.70 -9.61
C THR A 52 -5.53 -8.67 -9.59
N HIS A 53 -5.67 -9.35 -8.46
CA HIS A 53 -6.73 -10.32 -8.21
C HIS A 53 -6.40 -11.07 -6.95
N TYR A 54 -5.10 -11.21 -6.69
CA TYR A 54 -4.62 -11.92 -5.54
C TYR A 54 -4.20 -10.96 -4.44
N SER A 55 -3.71 -9.80 -4.84
CA SER A 55 -3.22 -8.80 -3.89
C SER A 55 -4.37 -8.05 -3.19
N SER A 56 -4.70 -8.47 -1.98
CA SER A 56 -5.76 -7.83 -1.22
C SER A 56 -5.46 -7.80 0.28
N ILE A 57 -5.50 -6.60 0.85
CA ILE A 57 -5.26 -6.41 2.27
C ILE A 57 -6.45 -5.71 2.88
N ARG A 58 -6.84 -6.08 4.09
CA ARG A 58 -7.95 -5.44 4.77
C ARG A 58 -7.46 -4.88 6.10
N LEU A 59 -7.81 -3.63 6.39
CA LEU A 59 -7.38 -2.99 7.61
C LEU A 59 -8.35 -3.35 8.72
N ASP A 60 -8.66 -4.62 8.79
CA ASP A 60 -9.56 -5.14 9.80
C ASP A 60 -8.75 -5.78 10.91
N LYS A 61 -7.88 -6.70 10.54
CA LYS A 61 -7.02 -7.37 11.51
C LYS A 61 -5.65 -7.66 10.91
N TYR A 62 -4.79 -6.65 10.90
CA TYR A 62 -3.45 -6.81 10.35
C TYR A 62 -2.44 -6.11 11.26
N ASN A 63 -1.15 -6.30 10.99
CA ASN A 63 -0.12 -5.64 11.77
C ASN A 63 0.85 -5.00 10.79
N ILE A 64 1.10 -3.73 10.96
CA ILE A 64 1.98 -3.03 10.04
C ILE A 64 3.24 -2.54 10.75
N ARG A 65 4.32 -2.51 10.00
CA ARG A 65 5.62 -2.06 10.48
C ARG A 65 6.30 -1.22 9.39
N GLN A 66 7.63 -1.13 9.45
CA GLN A 66 8.40 -0.36 8.48
C GLN A 66 9.89 -0.60 8.72
N HIS A 67 10.71 -0.45 7.69
CA HIS A 67 12.14 -0.65 7.83
C HIS A 67 12.88 0.51 7.19
N THR A 68 13.62 1.25 7.99
CA THR A 68 14.34 2.41 7.50
C THR A 68 15.83 2.11 7.39
N THR A 69 16.64 2.80 8.19
CA THR A 69 18.10 2.63 8.23
C THR A 69 18.78 3.11 6.94
N ASP A 70 18.47 2.49 5.81
CA ASP A 70 19.03 2.86 4.51
C ASP A 70 17.91 3.11 3.52
N GLU A 71 17.01 2.14 3.43
CA GLU A 71 15.87 2.22 2.55
C GLU A 71 14.59 2.17 3.35
N ASP A 72 14.00 3.35 3.53
CA ASP A 72 12.78 3.52 4.32
C ASP A 72 11.56 2.90 3.64
N THR A 73 11.31 1.63 3.89
CA THR A 73 10.19 0.92 3.29
C THR A 73 9.13 0.58 4.33
N ILE A 74 7.86 0.62 3.93
CA ILE A 74 6.79 0.26 4.83
C ILE A 74 6.54 -1.23 4.70
N VAL A 75 6.45 -1.94 5.81
CA VAL A 75 6.28 -3.39 5.75
C VAL A 75 5.19 -3.87 6.70
N LEU A 76 4.15 -4.49 6.18
CA LEU A 76 3.10 -5.03 7.03
C LEU A 76 3.39 -6.50 7.31
N GLN A 77 3.13 -6.92 8.53
CA GLN A 77 3.42 -8.28 8.95
C GLN A 77 2.19 -9.16 9.04
N PRO A 78 2.36 -10.47 8.81
CA PRO A 78 1.28 -11.42 8.91
C PRO A 78 0.92 -11.70 10.36
N GLN A 79 0.01 -10.89 10.91
CA GLN A 79 -0.42 -11.03 12.30
C GLN A 79 -1.01 -12.41 12.53
N GLU A 80 -1.52 -13.00 11.47
CA GLU A 80 -2.08 -14.33 11.52
C GLU A 80 -1.72 -15.02 10.21
N PRO A 81 -1.58 -16.37 10.22
CA PRO A 81 -1.21 -17.14 9.01
C PRO A 81 -2.09 -16.84 7.80
N GLY A 82 -3.28 -16.30 8.03
CA GLY A 82 -4.20 -15.98 6.95
C GLY A 82 -3.94 -14.61 6.35
N LEU A 83 -3.10 -13.84 7.01
CA LEU A 83 -2.76 -12.51 6.55
C LEU A 83 -1.40 -12.55 5.81
N PRO A 84 -1.32 -12.03 4.58
CA PRO A 84 -0.08 -12.05 3.78
C PRO A 84 0.90 -10.95 4.19
N SER A 85 2.14 -11.09 3.77
CA SER A 85 3.17 -10.11 4.10
C SER A 85 3.90 -9.63 2.86
N PHE A 86 4.18 -8.33 2.81
CA PHE A 86 4.93 -7.74 1.70
C PHE A 86 5.53 -6.40 2.14
N ARG A 87 6.31 -5.78 1.27
CA ARG A 87 6.92 -4.50 1.58
C ARG A 87 6.55 -3.49 0.51
N ILE A 88 6.39 -2.25 0.91
CA ILE A 88 6.04 -1.19 -0.01
C ILE A 88 6.89 0.05 0.25
N LYS A 89 7.78 0.35 -0.69
CA LYS A 89 8.64 1.49 -0.55
C LYS A 89 8.11 2.60 -1.43
N PRO A 90 8.17 3.83 -0.93
CA PRO A 90 7.67 5.02 -1.61
C PRO A 90 8.54 5.46 -2.80
N LYS A 91 8.77 4.54 -3.72
CA LYS A 91 9.52 4.82 -4.92
C LYS A 91 8.63 4.49 -6.10
N ASP A 92 7.83 5.48 -6.47
CA ASP A 92 6.86 5.34 -7.55
C ASP A 92 7.51 5.30 -8.94
N PHE A 93 8.23 6.35 -9.32
CA PHE A 93 8.88 6.37 -10.62
C PHE A 93 9.93 7.46 -10.73
N GLU A 94 10.48 7.60 -11.94
CA GLU A 94 11.51 8.57 -12.28
C GLU A 94 11.09 9.99 -11.89
N THR A 95 11.93 10.63 -11.07
CA THR A 95 11.71 11.99 -10.59
C THR A 95 10.38 12.10 -9.85
N SER A 96 10.45 12.03 -8.52
CA SER A 96 9.28 12.14 -7.67
C SER A 96 9.71 12.17 -6.20
N GLU A 97 9.71 10.99 -5.54
CA GLU A 97 10.13 10.83 -4.16
C GLU A 97 9.30 11.66 -3.16
N TYR A 98 8.35 12.43 -3.65
CA TYR A 98 7.51 13.22 -2.78
C TYR A 98 6.67 12.29 -1.90
N VAL A 99 6.17 11.21 -2.51
CA VAL A 99 5.34 10.23 -1.83
C VAL A 99 6.09 9.58 -0.65
N ARG A 100 7.41 9.59 -0.72
CA ARG A 100 8.24 9.01 0.32
C ARG A 100 7.97 9.63 1.68
N LYS A 101 7.72 10.92 1.71
CA LYS A 101 7.48 11.62 2.96
C LYS A 101 6.04 11.54 3.44
N ALA A 102 5.08 11.57 2.52
CA ALA A 102 3.65 11.58 2.90
C ALA A 102 2.92 10.24 2.78
N TRP A 103 3.64 9.14 2.75
CA TRP A 103 2.95 7.86 2.74
C TRP A 103 3.23 7.12 4.03
N LEU A 104 4.24 7.60 4.77
CA LEU A 104 4.54 7.04 6.08
C LEU A 104 3.34 7.44 6.94
N ARG A 105 3.39 8.59 7.59
CA ARG A 105 2.30 9.07 8.45
C ARG A 105 0.90 8.63 7.96
N ASP A 106 0.60 8.87 6.68
CA ASP A 106 -0.70 8.50 6.11
C ASP A 106 -1.01 7.00 6.17
N ILE A 107 0.02 6.16 6.22
CA ILE A 107 -0.21 4.72 6.28
C ILE A 107 -0.61 4.33 7.70
N ALA A 108 0.07 4.93 8.68
CA ALA A 108 -0.19 4.66 10.09
C ALA A 108 -1.54 5.16 10.57
N GLU A 109 -2.28 5.77 9.67
CA GLU A 109 -3.59 6.31 9.98
C GLU A 109 -4.37 6.48 8.69
N GLU A 110 -4.30 5.45 7.86
CA GLU A 110 -4.99 5.48 6.59
C GLU A 110 -6.51 5.42 6.80
N GLN A 111 -6.98 4.40 7.51
CA GLN A 111 -8.41 4.26 7.76
C GLN A 111 -8.94 5.36 8.69
N GLU A 112 -7.99 6.06 9.33
CA GLU A 112 -8.24 7.21 10.22
C GLU A 112 -9.47 7.11 11.13
N LYS A 113 -10.65 7.33 10.55
CA LYS A 113 -11.91 7.31 11.30
C LYS A 113 -12.20 5.93 11.90
N TYR A 114 -11.41 4.95 11.51
CA TYR A 114 -11.56 3.59 12.03
C TYR A 114 -11.35 3.61 13.54
N ALA A 115 -10.47 4.50 13.97
CA ALA A 115 -10.17 4.68 15.38
C ALA A 115 -10.76 5.97 15.91
N ALA A 116 -12.00 6.25 15.54
CA ALA A 116 -12.66 7.49 15.98
C ALA A 116 -13.12 7.37 17.43
N GLU A 117 -13.03 6.14 17.94
CA GLU A 117 -13.41 5.77 19.32
C GLU A 117 -14.64 6.52 19.85
N ARG A 118 -15.71 6.48 19.08
CA ARG A 118 -16.96 7.11 19.48
C ARG A 118 -17.97 6.02 19.82
N ASP A 119 -18.15 5.11 18.87
CA ASP A 119 -19.06 3.98 19.04
C ASP A 119 -18.64 2.84 18.12
N MET A 1 -14.29 19.44 -13.86
CA MET A 1 -14.19 18.86 -15.21
C MET A 1 -12.92 18.03 -15.39
N GLY A 2 -11.88 18.37 -14.63
CA GLY A 2 -10.62 17.67 -14.71
C GLY A 2 -10.71 16.21 -14.29
N ASP A 3 -10.53 15.95 -13.00
CA ASP A 3 -10.59 14.59 -12.48
C ASP A 3 -11.25 14.59 -11.10
N THR A 4 -12.40 13.95 -11.01
CA THR A 4 -13.14 13.88 -9.75
C THR A 4 -13.18 12.43 -9.27
N GLY A 5 -12.01 11.82 -9.23
CA GLY A 5 -11.90 10.44 -8.83
C GLY A 5 -11.75 10.26 -7.33
N LYS A 6 -11.59 11.34 -6.58
CA LYS A 6 -11.45 11.23 -5.13
C LYS A 6 -12.82 11.08 -4.46
N LEU A 7 -13.68 10.32 -5.12
CA LEU A 7 -15.01 10.04 -4.60
C LEU A 7 -15.08 8.54 -4.32
N GLY A 8 -14.83 8.21 -3.07
CA GLY A 8 -14.75 6.83 -2.65
C GLY A 8 -13.32 6.53 -2.27
N ARG A 9 -12.42 7.22 -2.97
CA ARG A 9 -11.00 7.14 -2.71
C ARG A 9 -10.66 8.19 -1.66
N ILE A 10 -11.17 7.94 -0.45
CA ILE A 10 -11.01 8.84 0.69
C ILE A 10 -9.56 9.06 1.13
N ILE A 11 -8.74 8.01 1.10
CA ILE A 11 -7.36 8.13 1.52
C ILE A 11 -6.45 8.55 0.36
N ARG A 12 -5.74 7.60 -0.23
CA ARG A 12 -4.84 7.90 -1.34
C ARG A 12 -4.57 6.68 -2.22
N HIS A 13 -3.82 6.91 -3.30
CA HIS A 13 -3.43 5.86 -4.24
C HIS A 13 -2.04 6.19 -4.78
N ASP A 14 -1.22 5.19 -5.06
CA ASP A 14 0.11 5.45 -5.56
C ASP A 14 0.64 4.23 -6.29
N ALA A 15 1.52 4.45 -7.26
CA ALA A 15 2.10 3.36 -8.03
C ALA A 15 3.45 2.95 -7.45
N PHE A 16 3.50 1.77 -6.86
CA PHE A 16 4.72 1.24 -6.27
C PHE A 16 5.25 0.06 -7.08
N GLN A 17 6.52 -0.19 -6.97
CA GLN A 17 7.16 -1.30 -7.67
C GLN A 17 8.27 -1.80 -6.77
N VAL A 18 7.85 -2.45 -5.70
CA VAL A 18 8.77 -2.91 -4.69
C VAL A 18 8.45 -4.35 -4.25
N TRP A 19 9.51 -5.02 -3.83
CA TRP A 19 9.49 -6.41 -3.39
C TRP A 19 8.24 -6.74 -2.58
N GLU A 20 7.44 -7.68 -3.10
CA GLU A 20 6.21 -8.09 -2.45
C GLU A 20 6.48 -9.20 -1.44
N GLY A 21 7.68 -9.20 -0.92
CA GLY A 21 8.10 -10.22 0.03
C GLY A 21 8.16 -11.61 -0.59
N ASP A 22 7.86 -11.68 -1.86
CA ASP A 22 7.87 -12.94 -2.61
C ASP A 22 9.29 -13.20 -3.10
N GLU A 23 10.17 -12.23 -2.82
CA GLU A 23 11.59 -12.21 -3.16
C GLU A 23 11.89 -11.12 -4.21
N PRO A 24 11.37 -11.22 -5.45
CA PRO A 24 11.62 -10.22 -6.49
C PRO A 24 10.70 -9.00 -6.34
N PRO A 25 11.12 -7.85 -6.89
CA PRO A 25 10.33 -6.63 -6.82
C PRO A 25 9.19 -6.66 -7.82
N LYS A 26 7.99 -6.40 -7.36
CA LYS A 26 6.82 -6.44 -8.22
C LYS A 26 6.07 -5.13 -8.23
N LEU A 27 5.58 -4.76 -9.40
CA LEU A 27 4.83 -3.52 -9.56
C LEU A 27 3.42 -3.69 -9.03
N ARG A 28 2.93 -2.71 -8.30
CA ARG A 28 1.58 -2.77 -7.75
C ARG A 28 1.00 -1.37 -7.44
N TYR A 29 -0.24 -1.16 -7.87
CA TYR A 29 -0.94 0.10 -7.62
C TYR A 29 -1.67 -0.01 -6.31
N VAL A 30 -1.16 0.68 -5.31
CA VAL A 30 -1.75 0.63 -3.98
C VAL A 30 -2.74 1.77 -3.74
N PHE A 31 -3.97 1.40 -3.38
CA PHE A 31 -5.02 2.36 -3.09
C PHE A 31 -5.57 2.07 -1.68
N LEU A 32 -5.65 3.07 -0.83
CA LEU A 32 -6.19 2.85 0.49
C LEU A 32 -7.54 3.51 0.59
N PHE A 33 -8.53 2.77 1.05
CA PHE A 33 -9.87 3.28 1.21
C PHE A 33 -10.28 3.09 2.66
N ARG A 34 -11.35 3.75 3.09
CA ARG A 34 -11.82 3.60 4.45
C ARG A 34 -12.64 2.32 4.52
N ASN A 35 -11.92 1.22 4.32
CA ASN A 35 -12.51 -0.09 4.29
C ASN A 35 -11.42 -1.13 4.19
N LYS A 36 -10.56 -0.98 3.20
CA LYS A 36 -9.47 -1.90 2.97
C LYS A 36 -8.42 -1.25 2.09
N ILE A 37 -7.27 -1.92 1.98
CA ILE A 37 -6.18 -1.44 1.14
C ILE A 37 -6.18 -2.24 -0.16
N MET A 38 -6.91 -1.74 -1.13
CA MET A 38 -6.99 -2.41 -2.41
C MET A 38 -5.77 -2.09 -3.26
N PHE A 39 -5.05 -3.10 -3.70
CA PHE A 39 -3.88 -2.86 -4.51
C PHE A 39 -3.81 -3.85 -5.67
N THR A 40 -3.97 -3.32 -6.87
CA THR A 40 -3.94 -4.12 -8.07
C THR A 40 -2.53 -4.08 -8.65
N GLU A 41 -1.85 -5.21 -8.60
CA GLU A 41 -0.49 -5.30 -9.08
C GLU A 41 -0.40 -5.69 -10.53
N GLN A 42 0.80 -5.55 -11.07
CA GLN A 42 1.09 -5.93 -12.43
C GLN A 42 2.13 -7.01 -12.39
N ASP A 43 1.93 -8.03 -13.18
CA ASP A 43 2.84 -9.14 -13.20
C ASP A 43 3.88 -8.95 -14.29
N ALA A 44 4.99 -8.33 -13.88
CA ALA A 44 6.11 -8.04 -14.74
C ALA A 44 7.29 -7.62 -13.88
N SER A 45 8.40 -7.22 -14.51
CA SER A 45 9.60 -6.77 -13.78
C SER A 45 10.22 -7.88 -12.96
N THR A 46 11.13 -8.61 -13.59
CA THR A 46 11.84 -9.72 -12.97
C THR A 46 10.88 -10.74 -12.38
N SER A 47 9.64 -10.70 -12.86
CA SER A 47 8.59 -11.60 -12.41
C SER A 47 7.76 -12.08 -13.61
N PRO A 48 7.24 -13.31 -13.55
CA PRO A 48 6.42 -13.87 -14.63
C PRO A 48 5.19 -13.00 -14.89
N PRO A 49 4.71 -12.91 -16.12
CA PRO A 49 3.56 -12.08 -16.47
C PRO A 49 2.22 -12.75 -16.21
N SER A 50 1.16 -12.04 -16.60
CA SER A 50 -0.22 -12.51 -16.48
C SER A 50 -0.69 -12.58 -15.03
N TYR A 51 -1.35 -11.53 -14.59
CA TYR A 51 -1.88 -11.46 -13.24
C TYR A 51 -3.41 -11.55 -13.28
N THR A 52 -3.99 -12.36 -12.41
CA THR A 52 -5.46 -12.51 -12.34
C THR A 52 -5.95 -12.14 -10.93
N HIS A 53 -7.26 -12.01 -10.76
CA HIS A 53 -7.86 -11.64 -9.47
C HIS A 53 -7.62 -10.17 -9.13
N TYR A 54 -7.95 -9.80 -7.90
CA TYR A 54 -7.77 -8.42 -7.43
C TYR A 54 -7.30 -8.43 -5.97
N SER A 55 -6.05 -8.11 -5.76
CA SER A 55 -5.48 -8.08 -4.42
C SER A 55 -6.02 -6.91 -3.60
N SER A 56 -6.30 -7.21 -2.34
CA SER A 56 -6.82 -6.22 -1.39
C SER A 56 -6.40 -6.63 0.01
N ILE A 57 -5.82 -5.71 0.74
CA ILE A 57 -5.36 -5.97 2.08
C ILE A 57 -6.39 -5.49 3.10
N ARG A 58 -6.81 -6.42 3.94
CA ARG A 58 -7.76 -6.12 4.99
C ARG A 58 -7.17 -5.03 5.85
N LEU A 59 -7.94 -4.01 6.09
CA LEU A 59 -7.50 -2.87 6.86
C LEU A 59 -8.15 -2.90 8.23
N ASP A 60 -8.14 -4.06 8.87
CA ASP A 60 -8.76 -4.20 10.16
C ASP A 60 -7.75 -4.53 11.25
N LYS A 61 -6.97 -5.63 11.11
CA LYS A 61 -6.02 -5.97 12.15
C LYS A 61 -4.72 -6.62 11.66
N TYR A 62 -3.97 -5.94 10.81
CA TYR A 62 -2.70 -6.48 10.36
C TYR A 62 -1.57 -5.90 11.20
N ASN A 63 -0.45 -6.61 11.26
CA ASN A 63 0.72 -6.16 12.00
C ASN A 63 1.64 -5.43 11.05
N ILE A 64 1.58 -4.11 11.07
CA ILE A 64 2.37 -3.30 10.18
C ILE A 64 3.65 -2.80 10.85
N ARG A 65 4.73 -2.75 10.07
CA ARG A 65 6.04 -2.29 10.53
C ARG A 65 6.63 -1.33 9.51
N GLN A 66 7.52 -0.45 9.95
CA GLN A 66 8.14 0.54 9.07
C GLN A 66 9.59 0.77 9.46
N HIS A 67 10.49 0.73 8.50
CA HIS A 67 11.91 0.95 8.78
C HIS A 67 12.39 2.24 8.12
N THR A 68 12.44 3.30 8.90
CA THR A 68 12.86 4.60 8.39
C THR A 68 14.37 4.77 8.53
N THR A 69 15.11 3.81 7.99
CA THR A 69 16.56 3.82 8.06
C THR A 69 17.16 4.58 6.87
N ASP A 70 16.45 4.57 5.75
CA ASP A 70 16.91 5.23 4.53
C ASP A 70 15.73 5.45 3.59
N GLU A 71 15.31 4.37 2.95
CA GLU A 71 14.19 4.42 2.05
C GLU A 71 12.95 3.99 2.84
N ASP A 72 11.98 4.89 2.92
CA ASP A 72 10.73 4.65 3.66
C ASP A 72 10.08 3.35 3.25
N THR A 73 10.37 2.29 4.00
CA THR A 73 9.84 0.97 3.70
C THR A 73 8.75 0.55 4.68
N ILE A 74 7.59 0.24 4.14
CA ILE A 74 6.44 -0.19 4.91
C ILE A 74 6.21 -1.69 4.70
N VAL A 75 6.11 -2.44 5.79
CA VAL A 75 5.86 -3.86 5.71
C VAL A 75 4.68 -4.21 6.59
N LEU A 76 3.98 -5.27 6.24
CA LEU A 76 2.83 -5.73 6.99
C LEU A 76 2.79 -7.23 6.92
N GLN A 77 2.61 -7.87 8.06
CA GLN A 77 2.62 -9.32 8.07
C GLN A 77 1.21 -9.93 8.21
N PRO A 78 0.67 -10.27 9.41
CA PRO A 78 -0.62 -10.90 9.51
C PRO A 78 -1.74 -10.07 10.12
N GLN A 79 -2.88 -10.73 10.08
CA GLN A 79 -4.18 -10.31 10.62
C GLN A 79 -4.80 -11.63 11.00
N GLU A 80 -4.68 -12.53 10.05
CA GLU A 80 -5.10 -13.91 10.17
C GLU A 80 -3.94 -14.80 9.76
N PRO A 81 -3.67 -15.89 10.49
CA PRO A 81 -2.57 -16.80 10.19
C PRO A 81 -2.64 -17.33 8.75
N GLY A 82 -1.67 -16.96 7.94
CA GLY A 82 -1.66 -17.39 6.55
C GLY A 82 -1.55 -16.23 5.59
N LEU A 83 -1.25 -15.05 6.13
CA LEU A 83 -1.09 -13.84 5.35
C LEU A 83 0.39 -13.50 5.20
N PRO A 84 0.84 -13.26 3.97
CA PRO A 84 2.24 -12.94 3.67
C PRO A 84 2.57 -11.50 4.02
N SER A 85 3.86 -11.18 3.96
CA SER A 85 4.31 -9.85 4.28
C SER A 85 5.06 -9.22 3.10
N PHE A 86 4.48 -8.19 2.51
CA PHE A 86 5.11 -7.53 1.37
C PHE A 86 5.62 -6.15 1.77
N ARG A 87 6.64 -5.67 1.07
CA ARG A 87 7.24 -4.38 1.39
C ARG A 87 6.94 -3.33 0.33
N ILE A 88 6.72 -2.11 0.77
CA ILE A 88 6.47 -1.03 -0.17
C ILE A 88 7.39 0.15 0.14
N LYS A 89 8.18 0.53 -0.86
CA LYS A 89 9.11 1.64 -0.74
C LYS A 89 8.84 2.64 -1.85
N PRO A 90 9.40 3.87 -1.78
CA PRO A 90 9.15 4.92 -2.79
C PRO A 90 9.83 4.69 -4.13
N LYS A 91 10.40 3.49 -4.34
CA LYS A 91 11.10 3.17 -5.58
C LYS A 91 12.07 4.30 -5.95
N ASP A 92 12.84 4.72 -4.94
CA ASP A 92 13.85 5.79 -5.02
C ASP A 92 14.08 6.33 -6.42
N PHE A 93 13.55 7.50 -6.65
CA PHE A 93 13.65 8.16 -7.95
C PHE A 93 13.19 9.61 -7.85
N GLU A 94 14.08 10.53 -8.24
CA GLU A 94 13.78 11.97 -8.20
C GLU A 94 13.36 12.43 -6.80
N THR A 95 12.10 12.82 -6.66
CA THR A 95 11.57 13.26 -5.37
C THR A 95 10.30 12.49 -5.00
N SER A 96 10.23 11.25 -5.47
CA SER A 96 9.08 10.40 -5.18
C SER A 96 9.17 9.86 -3.75
N GLU A 97 10.29 10.12 -3.09
CA GLU A 97 10.49 9.70 -1.72
C GLU A 97 9.58 10.50 -0.79
N TYR A 98 9.49 11.80 -1.06
CA TYR A 98 8.66 12.69 -0.25
C TYR A 98 7.18 12.39 -0.41
N VAL A 99 6.83 11.61 -1.44
CA VAL A 99 5.45 11.18 -1.64
C VAL A 99 5.18 10.05 -0.68
N ARG A 100 6.11 9.11 -0.68
CA ARG A 100 6.04 7.94 0.19
C ARG A 100 6.25 8.32 1.65
N LYS A 101 6.95 9.43 1.87
CA LYS A 101 7.23 9.94 3.19
C LYS A 101 5.91 10.34 3.84
N ALA A 102 4.97 10.76 2.99
CA ALA A 102 3.64 11.07 3.47
C ALA A 102 3.03 9.75 3.85
N TRP A 103 2.93 8.87 2.85
CA TRP A 103 2.38 7.52 3.00
C TRP A 103 2.80 6.85 4.32
N LEU A 104 3.98 7.20 4.83
CA LEU A 104 4.47 6.65 6.11
C LEU A 104 3.55 7.13 7.23
N ARG A 105 3.32 8.43 7.24
CA ARG A 105 2.44 9.05 8.22
C ARG A 105 0.99 8.63 7.96
N ASP A 106 0.60 8.62 6.69
CA ASP A 106 -0.75 8.23 6.28
C ASP A 106 -1.03 6.77 6.63
N ILE A 107 0.02 5.93 6.70
CA ILE A 107 -0.14 4.52 7.03
C ILE A 107 0.05 4.31 8.55
N ALA A 108 0.82 5.21 9.18
CA ALA A 108 1.08 5.14 10.61
C ALA A 108 -0.20 5.49 11.37
N GLU A 109 -1.13 6.07 10.64
CA GLU A 109 -2.41 6.48 11.18
C GLU A 109 -3.43 6.63 10.06
N GLU A 110 -3.83 5.50 9.51
CA GLU A 110 -4.81 5.46 8.43
C GLU A 110 -6.16 5.91 8.97
N GLN A 111 -6.74 6.90 8.28
CA GLN A 111 -8.02 7.52 8.67
C GLN A 111 -8.12 7.68 10.18
N GLU A 112 -7.08 8.31 10.73
CA GLU A 112 -6.95 8.54 12.18
C GLU A 112 -8.16 9.27 12.79
N LYS A 113 -8.97 9.88 11.94
CA LYS A 113 -10.18 10.56 12.41
C LYS A 113 -11.15 9.51 12.90
N TYR A 114 -11.34 8.49 12.06
CA TYR A 114 -12.24 7.39 12.39
C TYR A 114 -11.69 6.55 13.53
N ALA A 115 -10.36 6.37 13.55
CA ALA A 115 -9.69 5.56 14.57
C ALA A 115 -9.63 6.26 15.94
N ALA A 116 -9.97 7.55 15.96
CA ALA A 116 -9.95 8.35 17.19
C ALA A 116 -8.52 8.51 17.74
N GLU A 117 -7.64 9.13 16.93
CA GLU A 117 -6.22 9.37 17.27
C GLU A 117 -5.54 8.20 17.98
N ARG A 118 -5.77 6.99 17.49
CA ARG A 118 -5.15 5.80 18.06
C ARG A 118 -5.18 4.70 17.03
N ASP A 119 -4.33 3.72 17.23
CA ASP A 119 -4.24 2.59 16.33
C ASP A 119 -4.61 1.31 17.07
N MET A 1 -9.60 24.26 2.37
CA MET A 1 -10.81 25.10 2.25
C MET A 1 -11.10 25.40 0.78
N GLY A 2 -12.33 25.16 0.37
CA GLY A 2 -12.70 25.38 -1.00
C GLY A 2 -12.47 24.13 -1.82
N ASP A 3 -12.82 24.18 -3.10
CA ASP A 3 -12.62 23.03 -3.98
C ASP A 3 -11.18 22.95 -4.44
N THR A 4 -10.36 22.27 -3.65
CA THR A 4 -8.94 22.12 -3.95
C THR A 4 -8.75 21.28 -5.22
N GLY A 5 -9.69 20.38 -5.48
CA GLY A 5 -9.60 19.54 -6.66
C GLY A 5 -8.64 18.38 -6.47
N LYS A 6 -8.29 18.11 -5.21
CA LYS A 6 -7.36 17.02 -4.90
C LYS A 6 -7.86 16.17 -3.73
N LEU A 7 -8.85 16.68 -2.99
CA LEU A 7 -9.40 15.96 -1.85
C LEU A 7 -10.51 15.01 -2.29
N GLY A 8 -10.94 14.15 -1.38
CA GLY A 8 -11.98 13.19 -1.67
C GLY A 8 -11.48 11.80 -1.37
N ARG A 9 -10.18 11.64 -1.48
CA ARG A 9 -9.52 10.38 -1.22
C ARG A 9 -8.88 10.41 0.15
N ILE A 10 -9.26 9.49 1.01
CA ILE A 10 -8.65 9.42 2.32
C ILE A 10 -7.36 8.62 2.15
N ILE A 11 -6.36 8.91 2.96
CA ILE A 11 -5.07 8.26 2.86
C ILE A 11 -4.44 8.71 1.55
N ARG A 12 -4.01 7.78 0.71
CA ARG A 12 -3.41 8.12 -0.59
C ARG A 12 -3.43 6.93 -1.53
N HIS A 13 -2.73 7.09 -2.66
CA HIS A 13 -2.58 6.04 -3.65
C HIS A 13 -1.17 6.12 -4.21
N ASP A 14 -0.46 5.00 -4.28
CA ASP A 14 0.93 5.00 -4.76
C ASP A 14 1.37 3.66 -5.34
N ALA A 15 2.14 3.73 -6.41
CA ALA A 15 2.65 2.54 -7.08
C ALA A 15 4.10 2.27 -6.69
N PHE A 16 4.30 1.22 -5.91
CA PHE A 16 5.63 0.86 -5.44
C PHE A 16 6.22 -0.32 -6.22
N GLN A 17 7.53 -0.29 -6.39
CA GLN A 17 8.23 -1.38 -7.04
C GLN A 17 8.91 -2.19 -5.95
N VAL A 18 8.20 -3.18 -5.45
CA VAL A 18 8.71 -3.98 -4.36
C VAL A 18 8.54 -5.48 -4.52
N TRP A 19 8.64 -6.13 -3.38
CA TRP A 19 8.56 -7.56 -3.26
C TRP A 19 7.28 -7.97 -2.53
N GLU A 20 6.25 -8.32 -3.29
CA GLU A 20 4.98 -8.75 -2.69
C GLU A 20 4.83 -10.26 -2.82
N GLY A 21 5.38 -10.94 -1.84
CA GLY A 21 5.33 -12.40 -1.79
C GLY A 21 6.16 -13.07 -2.87
N ASP A 22 5.84 -12.76 -4.12
CA ASP A 22 6.56 -13.30 -5.25
C ASP A 22 7.88 -12.56 -5.37
N GLU A 23 8.71 -12.80 -4.34
CA GLU A 23 10.06 -12.20 -4.14
C GLU A 23 10.52 -11.23 -5.25
N PRO A 24 10.83 -11.69 -6.50
CA PRO A 24 11.28 -10.81 -7.58
C PRO A 24 10.49 -9.49 -7.62
N PRO A 25 11.18 -8.36 -7.45
CA PRO A 25 10.56 -7.03 -7.44
C PRO A 25 9.64 -6.78 -8.64
N LYS A 26 8.44 -6.34 -8.33
CA LYS A 26 7.43 -6.05 -9.36
C LYS A 26 6.74 -4.74 -9.06
N LEU A 27 6.20 -4.11 -10.07
CA LEU A 27 5.48 -2.86 -9.91
C LEU A 27 4.07 -3.16 -9.44
N ARG A 28 3.72 -2.72 -8.25
CA ARG A 28 2.39 -2.96 -7.72
C ARG A 28 1.89 -1.72 -6.98
N TYR A 29 0.85 -1.11 -7.54
CA TYR A 29 0.28 0.11 -7.00
C TYR A 29 -0.71 -0.17 -5.86
N VAL A 30 -0.42 0.45 -4.72
CA VAL A 30 -1.22 0.30 -3.53
C VAL A 30 -2.15 1.50 -3.36
N PHE A 31 -3.42 1.23 -3.12
CA PHE A 31 -4.41 2.27 -2.92
C PHE A 31 -5.12 2.03 -1.60
N LEU A 32 -4.82 2.83 -0.57
CA LEU A 32 -5.47 2.63 0.71
C LEU A 32 -6.58 3.64 0.93
N PHE A 33 -7.72 3.17 1.39
CA PHE A 33 -8.85 4.02 1.69
C PHE A 33 -9.42 3.56 3.02
N ARG A 34 -10.31 4.35 3.62
CA ARG A 34 -10.90 3.96 4.91
C ARG A 34 -11.95 2.89 4.72
N ASN A 35 -11.49 1.69 4.37
CA ASN A 35 -12.35 0.55 4.14
C ASN A 35 -11.49 -0.71 4.09
N LYS A 36 -10.38 -0.62 3.37
CA LYS A 36 -9.44 -1.72 3.23
C LYS A 36 -8.23 -1.27 2.43
N ILE A 37 -7.37 -2.20 2.10
CA ILE A 37 -6.20 -1.92 1.29
C ILE A 37 -6.53 -2.36 -0.14
N MET A 38 -6.96 -1.43 -0.95
CA MET A 38 -7.35 -1.75 -2.32
C MET A 38 -6.18 -1.55 -3.26
N PHE A 39 -5.21 -2.43 -3.15
CA PHE A 39 -4.04 -2.38 -3.98
C PHE A 39 -4.18 -3.44 -5.06
N THR A 40 -3.58 -3.24 -6.23
CA THR A 40 -3.69 -4.22 -7.30
C THR A 40 -2.32 -4.56 -7.84
N GLU A 41 -2.02 -5.85 -7.90
CA GLU A 41 -0.75 -6.32 -8.39
C GLU A 41 -0.60 -6.12 -9.90
N GLN A 42 0.66 -5.99 -10.33
CA GLN A 42 1.02 -5.82 -11.72
C GLN A 42 2.38 -6.48 -11.91
N ASP A 43 2.71 -6.90 -13.11
CA ASP A 43 3.99 -7.55 -13.33
C ASP A 43 4.73 -6.92 -14.49
N ALA A 44 5.54 -5.92 -14.17
CA ALA A 44 6.32 -5.19 -15.15
C ALA A 44 7.76 -5.03 -14.65
N SER A 45 8.68 -4.73 -15.56
CA SER A 45 10.09 -4.57 -15.22
C SER A 45 10.71 -5.93 -14.86
N THR A 46 10.03 -6.98 -15.29
CA THR A 46 10.45 -8.34 -15.05
C THR A 46 10.51 -9.08 -16.38
N SER A 47 10.36 -10.39 -16.37
CA SER A 47 10.38 -11.17 -17.60
C SER A 47 8.95 -11.58 -18.00
N PRO A 48 8.22 -12.28 -17.12
CA PRO A 48 6.84 -12.68 -17.42
C PRO A 48 5.86 -11.58 -16.99
N PRO A 49 5.04 -11.07 -17.92
CA PRO A 49 4.09 -10.01 -17.63
C PRO A 49 2.77 -10.55 -17.06
N SER A 50 1.79 -9.64 -16.93
CA SER A 50 0.46 -9.96 -16.41
C SER A 50 0.49 -10.29 -14.92
N TYR A 51 -0.54 -9.88 -14.21
CA TYR A 51 -0.64 -10.11 -12.78
C TYR A 51 -1.46 -11.36 -12.47
N THR A 52 -1.45 -11.77 -11.22
CA THR A 52 -2.17 -12.97 -10.81
C THR A 52 -3.68 -12.72 -10.72
N HIS A 53 -4.09 -11.82 -9.84
CA HIS A 53 -5.52 -11.54 -9.64
C HIS A 53 -5.72 -10.16 -9.02
N TYR A 54 -6.92 -9.90 -8.52
CA TYR A 54 -7.22 -8.63 -7.87
C TYR A 54 -6.84 -8.70 -6.39
N SER A 55 -5.79 -7.98 -6.04
CA SER A 55 -5.30 -7.96 -4.67
C SER A 55 -6.29 -7.27 -3.74
N SER A 56 -6.38 -7.74 -2.51
CA SER A 56 -7.28 -7.17 -1.52
C SER A 56 -6.84 -7.57 -0.11
N ILE A 57 -6.81 -6.59 0.80
CA ILE A 57 -6.42 -6.83 2.19
C ILE A 57 -7.40 -6.15 3.14
N ARG A 58 -7.66 -6.79 4.28
CA ARG A 58 -8.55 -6.25 5.29
C ARG A 58 -7.71 -5.43 6.25
N LEU A 59 -8.31 -4.52 6.97
CA LEU A 59 -7.58 -3.74 7.94
C LEU A 59 -8.00 -4.20 9.33
N ASP A 60 -8.13 -5.52 9.46
CA ASP A 60 -8.56 -6.13 10.71
C ASP A 60 -7.35 -6.69 11.46
N LYS A 61 -6.93 -7.90 11.11
CA LYS A 61 -5.77 -8.51 11.75
C LYS A 61 -4.56 -8.48 10.84
N TYR A 62 -3.98 -7.32 10.66
CA TYR A 62 -2.79 -7.18 9.85
C TYR A 62 -1.79 -6.31 10.61
N ASN A 63 -0.57 -6.81 10.77
CA ASN A 63 0.43 -6.09 11.54
C ASN A 63 1.28 -5.24 10.63
N ILE A 64 0.93 -3.98 10.56
CA ILE A 64 1.62 -3.04 9.72
C ILE A 64 2.57 -2.15 10.51
N ARG A 65 3.76 -1.97 9.97
CA ARG A 65 4.77 -1.14 10.59
C ARG A 65 5.54 -0.40 9.52
N GLN A 66 5.80 0.86 9.78
CA GLN A 66 6.51 1.68 8.83
C GLN A 66 7.81 2.19 9.45
N HIS A 67 8.91 2.02 8.73
CA HIS A 67 10.20 2.47 9.21
C HIS A 67 10.20 3.98 9.38
N THR A 68 10.25 4.40 10.64
CA THR A 68 10.20 5.83 10.98
C THR A 68 11.55 6.52 10.82
N THR A 69 11.81 7.52 11.67
CA THR A 69 13.06 8.28 11.66
C THR A 69 13.35 8.84 10.25
N ASP A 70 14.52 8.53 9.70
CA ASP A 70 14.88 9.00 8.36
C ASP A 70 14.71 7.85 7.37
N GLU A 71 14.19 6.74 7.87
CA GLU A 71 13.96 5.56 7.06
C GLU A 71 12.66 5.76 6.28
N ASP A 72 12.36 4.86 5.37
CA ASP A 72 11.15 4.98 4.56
C ASP A 72 10.77 3.64 3.95
N THR A 73 9.80 2.98 4.57
CA THR A 73 9.30 1.68 4.11
C THR A 73 7.98 1.34 4.81
N ILE A 74 7.07 0.73 4.07
CA ILE A 74 5.79 0.30 4.63
C ILE A 74 5.75 -1.22 4.65
N VAL A 75 5.81 -1.81 5.84
CA VAL A 75 5.79 -3.25 5.99
C VAL A 75 4.48 -3.71 6.61
N LEU A 76 3.76 -4.62 5.95
CA LEU A 76 2.53 -5.15 6.51
C LEU A 76 2.63 -6.66 6.60
N GLN A 77 2.57 -7.14 7.82
CA GLN A 77 2.74 -8.57 8.10
C GLN A 77 1.41 -9.30 8.34
N PRO A 78 1.27 -10.49 7.75
CA PRO A 78 0.07 -11.32 7.88
C PRO A 78 0.06 -12.12 9.17
N GLN A 79 -0.77 -11.74 10.13
CA GLN A 79 -0.83 -12.48 11.38
C GLN A 79 -1.84 -13.62 11.28
N GLU A 80 -2.44 -13.78 10.10
CA GLU A 80 -3.38 -14.85 9.86
C GLU A 80 -2.81 -15.80 8.81
N PRO A 81 -2.92 -17.12 9.04
CA PRO A 81 -2.42 -18.12 8.09
C PRO A 81 -3.18 -18.06 6.76
N GLY A 82 -2.51 -17.52 5.75
CA GLY A 82 -3.12 -17.38 4.44
C GLY A 82 -2.65 -16.13 3.76
N LEU A 83 -2.74 -15.02 4.48
CA LEU A 83 -2.33 -13.73 3.96
C LEU A 83 -0.84 -13.76 3.61
N PRO A 84 -0.46 -13.14 2.47
CA PRO A 84 0.94 -13.14 2.02
C PRO A 84 1.81 -12.14 2.77
N SER A 85 3.09 -12.12 2.40
CA SER A 85 4.05 -11.20 2.99
C SER A 85 4.17 -10.00 2.06
N PHE A 86 3.86 -8.83 2.57
CA PHE A 86 3.84 -7.65 1.73
C PHE A 86 4.64 -6.49 2.33
N ARG A 87 5.54 -5.94 1.53
CA ARG A 87 6.34 -4.80 1.93
C ARG A 87 6.43 -3.83 0.75
N ILE A 88 6.37 -2.55 1.04
CA ILE A 88 6.44 -1.52 -0.01
C ILE A 88 7.49 -0.47 0.36
N LYS A 89 8.40 -0.22 -0.58
CA LYS A 89 9.48 0.74 -0.35
C LYS A 89 9.76 1.52 -1.63
N PRO A 90 10.29 2.76 -1.49
CA PRO A 90 10.61 3.60 -2.64
C PRO A 90 11.89 3.12 -3.35
N LYS A 91 11.75 2.07 -4.14
CA LYS A 91 12.88 1.47 -4.85
C LYS A 91 13.76 2.54 -5.51
N ASP A 92 13.26 3.17 -6.56
CA ASP A 92 14.05 4.17 -7.26
C ASP A 92 13.17 5.30 -7.79
N PHE A 93 13.44 6.51 -7.31
CA PHE A 93 12.70 7.70 -7.74
C PHE A 93 13.36 8.94 -7.16
N GLU A 94 13.20 10.07 -7.84
CA GLU A 94 13.80 11.32 -7.41
C GLU A 94 12.95 11.99 -6.33
N THR A 95 11.91 12.73 -6.74
CA THR A 95 11.06 13.43 -5.78
C THR A 95 10.27 12.46 -4.92
N SER A 96 9.94 11.35 -5.55
CA SER A 96 9.20 10.25 -4.96
C SER A 96 7.71 10.51 -4.90
N GLU A 97 7.11 10.81 -6.04
CA GLU A 97 5.68 11.03 -6.13
C GLU A 97 5.19 12.31 -5.48
N TYR A 98 5.80 12.71 -4.34
CA TYR A 98 5.38 13.87 -3.57
C TYR A 98 4.35 13.37 -2.55
N VAL A 99 3.50 12.46 -2.99
CA VAL A 99 2.50 11.86 -2.12
C VAL A 99 3.08 10.69 -1.35
N ARG A 100 4.08 10.03 -1.94
CA ARG A 100 4.70 8.86 -1.33
C ARG A 100 5.26 9.14 0.06
N LYS A 101 6.11 10.15 0.20
CA LYS A 101 6.66 10.48 1.51
C LYS A 101 5.60 11.09 2.42
N ALA A 102 4.55 11.60 1.79
CA ALA A 102 3.46 12.22 2.53
C ALA A 102 2.53 11.18 3.12
N TRP A 103 2.12 10.20 2.31
CA TRP A 103 1.24 9.15 2.77
C TRP A 103 1.97 8.19 3.68
N LEU A 104 3.29 8.35 3.72
CA LEU A 104 4.14 7.58 4.60
C LEU A 104 3.84 8.00 6.03
N ARG A 105 3.53 9.29 6.18
CA ARG A 105 3.17 9.87 7.45
C ARG A 105 1.71 9.59 7.77
N ASP A 106 0.90 9.48 6.72
CA ASP A 106 -0.51 9.15 6.88
C ASP A 106 -0.64 7.75 7.42
N ILE A 107 0.02 6.83 6.76
CA ILE A 107 0.04 5.42 7.14
C ILE A 107 0.58 5.23 8.56
N ALA A 108 1.55 6.06 8.95
CA ALA A 108 2.15 5.97 10.28
C ALA A 108 1.09 6.15 11.36
N GLU A 109 0.34 7.23 11.26
CA GLU A 109 -0.71 7.53 12.22
C GLU A 109 -1.97 6.71 11.92
N GLU A 110 -2.56 6.98 10.75
CA GLU A 110 -3.77 6.33 10.25
C GLU A 110 -4.91 6.21 11.28
N GLN A 111 -5.99 5.57 10.82
CA GLN A 111 -7.22 5.35 11.59
C GLN A 111 -7.45 6.39 12.68
N GLU A 112 -7.84 7.58 12.23
CA GLU A 112 -8.11 8.72 13.08
C GLU A 112 -9.12 8.39 14.19
N LYS A 113 -10.16 7.63 13.85
CA LYS A 113 -11.16 7.26 14.84
C LYS A 113 -10.59 6.27 15.85
N TYR A 114 -10.21 5.08 15.36
CA TYR A 114 -9.64 4.03 16.22
C TYR A 114 -10.52 3.86 17.45
N ALA A 115 -11.78 3.53 17.20
CA ALA A 115 -12.78 3.36 18.26
C ALA A 115 -12.39 2.29 19.26
N ALA A 116 -11.82 1.20 18.77
CA ALA A 116 -11.43 0.10 19.64
C ALA A 116 -9.94 -0.13 19.60
N GLU A 117 -9.29 0.03 20.75
CA GLU A 117 -7.87 -0.20 20.86
C GLU A 117 -7.62 -1.70 20.91
N ARG A 118 -6.92 -2.22 19.90
CA ARG A 118 -6.62 -3.64 19.77
C ARG A 118 -7.85 -4.39 19.25
N ASP A 119 -8.94 -4.36 20.01
CA ASP A 119 -10.18 -5.03 19.64
C ASP A 119 -11.24 -4.81 20.69
N MET A 1 -11.36 20.37 -1.88
CA MET A 1 -12.13 19.18 -2.35
C MET A 1 -11.81 18.88 -3.82
N GLY A 2 -10.55 18.59 -4.09
CA GLY A 2 -10.13 18.30 -5.44
C GLY A 2 -8.80 18.92 -5.78
N ASP A 3 -8.75 20.24 -5.63
CA ASP A 3 -7.57 21.06 -5.90
C ASP A 3 -6.74 20.55 -7.08
N THR A 4 -5.53 20.07 -6.80
CA THR A 4 -4.66 19.56 -7.84
C THR A 4 -4.47 18.06 -7.71
N GLY A 5 -5.51 17.30 -8.05
CA GLY A 5 -5.46 15.85 -7.96
C GLY A 5 -5.37 15.38 -6.52
N LYS A 6 -5.97 16.16 -5.62
CA LYS A 6 -5.97 15.85 -4.21
C LYS A 6 -7.39 15.54 -3.74
N LEU A 7 -7.49 14.62 -2.78
CA LEU A 7 -8.78 14.17 -2.25
C LEU A 7 -9.57 13.41 -3.31
N GLY A 8 -10.87 13.29 -3.07
CA GLY A 8 -11.72 12.53 -3.97
C GLY A 8 -11.85 11.14 -3.42
N ARG A 9 -10.72 10.63 -2.96
CA ARG A 9 -10.64 9.34 -2.33
C ARG A 9 -10.24 9.61 -0.89
N ILE A 10 -10.96 9.01 0.06
CA ILE A 10 -10.72 9.22 1.49
C ILE A 10 -9.22 9.27 1.84
N ILE A 11 -8.45 8.34 1.30
CA ILE A 11 -7.02 8.33 1.57
C ILE A 11 -6.24 8.60 0.29
N ARG A 12 -5.39 7.67 -0.14
CA ARG A 12 -4.60 7.88 -1.35
C ARG A 12 -4.32 6.62 -2.13
N HIS A 13 -3.87 6.82 -3.35
CA HIS A 13 -3.49 5.75 -4.25
C HIS A 13 -2.13 6.11 -4.84
N ASP A 14 -1.15 5.21 -4.77
CA ASP A 14 0.18 5.51 -5.29
C ASP A 14 0.96 4.25 -5.68
N ALA A 15 1.79 4.36 -6.70
CA ALA A 15 2.56 3.23 -7.21
C ALA A 15 3.85 2.97 -6.43
N PHE A 16 3.97 1.75 -5.88
CA PHE A 16 5.17 1.39 -5.15
C PHE A 16 5.78 0.10 -5.71
N GLN A 17 6.92 0.22 -6.40
CA GLN A 17 7.58 -0.95 -6.95
C GLN A 17 8.28 -1.64 -5.80
N VAL A 18 7.87 -2.87 -5.53
CA VAL A 18 8.43 -3.65 -4.45
C VAL A 18 8.14 -5.12 -4.62
N TRP A 19 8.55 -5.86 -3.61
CA TRP A 19 8.41 -7.29 -3.55
C TRP A 19 7.19 -7.68 -2.69
N GLU A 20 6.26 -8.41 -3.30
CA GLU A 20 5.05 -8.85 -2.59
C GLU A 20 4.73 -10.29 -2.98
N GLY A 21 4.88 -11.18 -2.02
CA GLY A 21 4.66 -12.60 -2.26
C GLY A 21 5.93 -13.39 -2.12
N ASP A 22 6.35 -14.07 -3.18
CA ASP A 22 7.60 -14.84 -3.19
C ASP A 22 8.78 -13.88 -3.37
N GLU A 23 8.63 -12.69 -2.76
CA GLU A 23 9.60 -11.59 -2.84
C GLU A 23 9.94 -11.23 -4.30
N PRO A 24 8.91 -11.06 -5.16
CA PRO A 24 9.10 -10.71 -6.56
C PRO A 24 8.91 -9.22 -6.80
N PRO A 25 9.86 -8.55 -7.47
CA PRO A 25 9.74 -7.13 -7.74
C PRO A 25 8.68 -6.90 -8.79
N LYS A 26 7.56 -6.44 -8.32
CA LYS A 26 6.40 -6.21 -9.16
C LYS A 26 5.98 -4.74 -9.14
N LEU A 27 5.09 -4.37 -10.04
CA LEU A 27 4.59 -2.99 -10.10
C LEU A 27 3.17 -2.98 -9.57
N ARG A 28 2.99 -2.48 -8.36
CA ARG A 28 1.66 -2.48 -7.78
C ARG A 28 1.25 -1.10 -7.28
N TYR A 29 0.10 -0.66 -7.76
CA TYR A 29 -0.46 0.60 -7.33
C TYR A 29 -1.25 0.34 -6.06
N VAL A 30 -0.91 1.00 -4.98
CA VAL A 30 -1.61 0.79 -3.72
C VAL A 30 -2.76 1.78 -3.62
N PHE A 31 -3.90 1.32 -3.13
CA PHE A 31 -5.08 2.16 -2.99
C PHE A 31 -5.68 1.97 -1.60
N LEU A 32 -5.42 2.90 -0.70
CA LEU A 32 -6.01 2.79 0.63
C LEU A 32 -7.31 3.55 0.66
N PHE A 33 -8.34 2.91 1.18
CA PHE A 33 -9.64 3.54 1.29
C PHE A 33 -10.17 3.38 2.70
N ARG A 34 -11.40 3.82 2.91
CA ARG A 34 -12.02 3.71 4.21
C ARG A 34 -12.53 2.29 4.41
N ASN A 35 -12.16 1.71 5.56
CA ASN A 35 -12.54 0.33 5.94
C ASN A 35 -11.55 -0.73 5.43
N LYS A 36 -10.77 -0.42 4.39
CA LYS A 36 -9.78 -1.39 3.89
C LYS A 36 -8.83 -0.78 2.87
N ILE A 37 -7.80 -1.56 2.54
CA ILE A 37 -6.78 -1.15 1.58
C ILE A 37 -6.75 -2.20 0.46
N MET A 38 -6.06 -1.91 -0.64
CA MET A 38 -5.96 -2.85 -1.73
C MET A 38 -4.92 -2.37 -2.73
N PHE A 39 -4.56 -3.26 -3.65
CA PHE A 39 -3.61 -2.93 -4.69
C PHE A 39 -3.78 -3.91 -5.84
N THR A 40 -2.99 -3.76 -6.89
CA THR A 40 -3.07 -4.64 -8.04
C THR A 40 -1.67 -5.14 -8.38
N GLU A 41 -1.48 -6.45 -8.36
CA GLU A 41 -0.17 -7.02 -8.62
C GLU A 41 0.12 -7.13 -10.12
N GLN A 42 0.21 -6.00 -10.80
CA GLN A 42 0.51 -6.00 -12.22
C GLN A 42 1.99 -6.30 -12.41
N ASP A 43 2.30 -7.27 -13.24
CA ASP A 43 3.67 -7.65 -13.46
C ASP A 43 4.18 -7.06 -14.75
N ALA A 44 4.71 -5.86 -14.63
CA ALA A 44 5.24 -5.08 -15.74
C ALA A 44 4.13 -4.58 -16.66
N SER A 45 4.49 -3.81 -17.67
CA SER A 45 3.52 -3.27 -18.60
C SER A 45 3.17 -4.31 -19.66
N THR A 46 2.44 -3.86 -20.66
CA THR A 46 1.96 -4.72 -21.76
C THR A 46 1.19 -5.91 -21.17
N SER A 47 1.40 -7.13 -21.68
CA SER A 47 0.70 -8.27 -21.12
C SER A 47 1.54 -9.57 -21.12
N PRO A 48 2.83 -9.53 -20.71
CA PRO A 48 3.66 -10.74 -20.65
C PRO A 48 3.17 -11.71 -19.54
N PRO A 49 3.40 -11.45 -18.22
CA PRO A 49 2.91 -12.34 -17.15
C PRO A 49 1.41 -12.10 -16.95
N SER A 50 1.06 -10.82 -16.81
CA SER A 50 -0.34 -10.34 -16.64
C SER A 50 -1.01 -10.84 -15.36
N TYR A 51 -1.63 -9.89 -14.65
CA TYR A 51 -2.34 -10.20 -13.43
C TYR A 51 -3.53 -9.24 -13.26
N THR A 52 -4.24 -9.35 -12.14
CA THR A 52 -5.39 -8.48 -11.90
C THR A 52 -5.32 -7.81 -10.51
N HIS A 53 -6.23 -8.20 -9.62
CA HIS A 53 -6.27 -7.62 -8.27
C HIS A 53 -6.67 -8.67 -7.25
N TYR A 54 -5.88 -9.72 -7.17
CA TYR A 54 -6.14 -10.81 -6.23
C TYR A 54 -5.79 -10.42 -4.81
N SER A 55 -4.75 -9.63 -4.66
CA SER A 55 -4.30 -9.24 -3.33
C SER A 55 -5.05 -8.01 -2.81
N SER A 56 -5.75 -8.20 -1.71
CA SER A 56 -6.48 -7.14 -1.06
C SER A 56 -5.98 -7.01 0.37
N ILE A 57 -6.04 -5.82 0.93
CA ILE A 57 -5.55 -5.60 2.28
C ILE A 57 -6.69 -5.25 3.22
N ARG A 58 -6.91 -6.08 4.22
CA ARG A 58 -7.94 -5.79 5.20
C ARG A 58 -7.28 -5.76 6.56
N LEU A 59 -7.64 -4.76 7.36
CA LEU A 59 -7.07 -4.58 8.69
C LEU A 59 -7.42 -5.72 9.63
N ASP A 60 -8.30 -6.60 9.17
CA ASP A 60 -8.73 -7.74 9.96
C ASP A 60 -7.53 -8.47 10.57
N LYS A 61 -6.71 -9.11 9.75
CA LYS A 61 -5.56 -9.83 10.27
C LYS A 61 -4.25 -9.34 9.69
N TYR A 62 -3.98 -8.05 9.81
CA TYR A 62 -2.72 -7.50 9.31
C TYR A 62 -2.22 -6.36 10.20
N ASN A 63 -0.95 -6.43 10.55
CA ASN A 63 -0.32 -5.43 11.39
C ASN A 63 0.71 -4.68 10.56
N ILE A 64 0.47 -3.40 10.33
CA ILE A 64 1.37 -2.60 9.52
C ILE A 64 2.45 -1.95 10.39
N ARG A 65 3.66 -1.87 9.85
CA ARG A 65 4.79 -1.29 10.56
C ARG A 65 5.60 -0.43 9.61
N GLN A 66 6.57 0.28 10.17
CA GLN A 66 7.44 1.13 9.39
C GLN A 66 8.85 1.12 9.95
N HIS A 67 9.81 0.86 9.10
CA HIS A 67 11.21 0.83 9.51
C HIS A 67 11.94 2.01 8.88
N THR A 68 12.12 3.08 9.62
CA THR A 68 12.80 4.26 9.11
C THR A 68 14.29 4.21 9.46
N THR A 69 14.90 5.36 9.70
CA THR A 69 16.33 5.47 10.02
C THR A 69 17.17 5.14 8.79
N ASP A 70 17.19 6.10 7.86
CA ASP A 70 17.89 6.02 6.58
C ASP A 70 17.02 5.31 5.55
N GLU A 71 16.86 4.01 5.70
CA GLU A 71 16.02 3.24 4.80
C GLU A 71 14.62 3.11 5.38
N ASP A 72 13.76 4.01 4.95
CA ASP A 72 12.37 4.04 5.40
C ASP A 72 11.53 3.05 4.61
N THR A 73 11.19 1.97 5.27
CA THR A 73 10.42 0.90 4.65
C THR A 73 9.05 0.71 5.31
N ILE A 74 8.00 0.71 4.51
CA ILE A 74 6.65 0.47 5.01
C ILE A 74 6.33 -1.01 4.81
N VAL A 75 6.21 -1.75 5.90
CA VAL A 75 5.96 -3.18 5.81
C VAL A 75 4.72 -3.58 6.60
N LEU A 76 4.15 -4.73 6.30
CA LEU A 76 2.99 -5.19 7.05
C LEU A 76 3.10 -6.67 7.31
N GLN A 77 2.90 -7.04 8.58
CA GLN A 77 2.99 -8.43 9.00
C GLN A 77 1.60 -9.02 9.14
N PRO A 78 1.21 -9.87 8.19
CA PRO A 78 -0.10 -10.49 8.19
C PRO A 78 -0.22 -11.68 9.15
N GLN A 79 -1.36 -11.75 9.82
CA GLN A 79 -1.67 -12.88 10.69
C GLN A 79 -2.15 -13.92 9.70
N GLU A 80 -2.78 -13.31 8.71
CA GLU A 80 -3.28 -13.89 7.49
C GLU A 80 -4.02 -15.23 7.54
N PRO A 81 -5.28 -15.19 7.10
CA PRO A 81 -6.09 -16.37 6.88
C PRO A 81 -5.91 -16.66 5.39
N GLY A 82 -4.86 -15.97 4.90
CA GLY A 82 -4.42 -15.92 3.53
C GLY A 82 -3.78 -14.53 3.33
N LEU A 83 -2.45 -14.49 3.09
CA LEU A 83 -1.71 -13.21 2.89
C LEU A 83 -0.21 -13.41 3.16
N PRO A 84 0.65 -13.23 2.14
CA PRO A 84 2.10 -13.36 2.29
C PRO A 84 2.71 -12.04 2.77
N SER A 85 4.02 -12.01 3.05
CA SER A 85 4.64 -10.79 3.55
C SER A 85 4.85 -9.80 2.41
N PHE A 86 4.11 -8.71 2.52
CA PHE A 86 4.12 -7.64 1.54
C PHE A 86 4.90 -6.47 2.13
N ARG A 87 5.57 -5.73 1.26
CA ARG A 87 6.36 -4.58 1.67
C ARG A 87 6.34 -3.55 0.55
N ILE A 88 6.56 -2.28 0.90
CA ILE A 88 6.58 -1.22 -0.09
C ILE A 88 7.81 -0.33 0.09
N LYS A 89 8.42 0.05 -1.03
CA LYS A 89 9.61 0.89 -0.98
C LYS A 89 9.57 1.95 -2.07
N PRO A 90 9.98 3.18 -1.74
CA PRO A 90 10.04 4.27 -2.70
C PRO A 90 11.26 4.13 -3.60
N LYS A 91 11.17 3.15 -4.50
CA LYS A 91 12.26 2.83 -5.42
C LYS A 91 12.28 3.80 -6.58
N ASP A 92 12.69 5.00 -6.25
CA ASP A 92 12.84 6.11 -7.21
C ASP A 92 11.57 6.43 -8.00
N PHE A 93 11.31 5.64 -9.04
CA PHE A 93 10.15 5.82 -9.93
C PHE A 93 10.31 7.11 -10.73
N GLU A 94 10.09 8.24 -10.05
CA GLU A 94 10.25 9.57 -10.65
C GLU A 94 10.06 10.63 -9.58
N THR A 95 9.04 10.41 -8.74
CA THR A 95 8.72 11.33 -7.67
C THR A 95 8.29 10.57 -6.41
N SER A 96 8.75 9.33 -6.30
CA SER A 96 8.43 8.49 -5.14
C SER A 96 8.99 9.12 -3.87
N GLU A 97 10.03 9.92 -4.02
CA GLU A 97 10.65 10.58 -2.87
C GLU A 97 9.64 11.50 -2.19
N TYR A 98 8.79 12.15 -2.99
CA TYR A 98 7.74 13.00 -2.44
C TYR A 98 6.66 12.13 -1.84
N VAL A 99 6.46 10.97 -2.46
CA VAL A 99 5.46 9.98 -2.05
C VAL A 99 5.83 9.38 -0.69
N ARG A 100 7.10 9.04 -0.55
CA ARG A 100 7.66 8.46 0.67
C ARG A 100 7.20 9.22 1.91
N LYS A 101 7.42 10.53 1.94
CA LYS A 101 7.04 11.36 3.07
C LYS A 101 5.53 11.54 3.16
N ALA A 102 4.88 11.72 2.01
CA ALA A 102 3.43 11.92 1.98
C ALA A 102 2.68 10.72 2.53
N TRP A 103 3.07 9.53 2.11
CA TRP A 103 2.39 8.33 2.57
C TRP A 103 2.70 8.02 4.04
N LEU A 104 3.83 8.53 4.53
CA LEU A 104 4.19 8.38 5.94
C LEU A 104 3.21 9.18 6.79
N ARG A 105 2.49 10.04 6.10
CA ARG A 105 1.45 10.86 6.72
C ARG A 105 0.19 10.03 6.92
N ASP A 106 -0.21 9.35 5.84
CA ASP A 106 -1.40 8.49 5.83
C ASP A 106 -1.15 7.18 6.55
N ILE A 107 -0.15 7.21 7.39
CA ILE A 107 0.24 6.08 8.20
C ILE A 107 0.39 6.55 9.63
N ALA A 108 1.12 7.65 9.79
CA ALA A 108 1.31 8.28 11.09
C ALA A 108 -0.04 8.79 11.61
N GLU A 109 -0.99 8.88 10.68
CA GLU A 109 -2.35 9.32 10.96
C GLU A 109 -3.22 8.91 9.77
N GLU A 110 -3.50 7.61 9.73
CA GLU A 110 -4.27 6.99 8.66
C GLU A 110 -5.74 7.42 8.66
N GLN A 111 -6.58 6.50 8.21
CA GLN A 111 -8.01 6.71 8.12
C GLN A 111 -8.65 6.83 9.49
N GLU A 112 -8.52 7.99 10.09
CA GLU A 112 -9.13 8.25 11.38
C GLU A 112 -10.64 8.23 11.22
N LYS A 113 -11.07 8.43 9.97
CA LYS A 113 -12.49 8.43 9.61
C LYS A 113 -13.05 7.01 9.64
N TYR A 114 -12.16 6.04 9.89
CA TYR A 114 -12.54 4.63 9.97
C TYR A 114 -13.54 4.43 11.11
N ALA A 115 -13.45 5.31 12.10
CA ALA A 115 -14.34 5.31 13.24
C ALA A 115 -14.61 6.76 13.62
N ALA A 116 -15.12 7.53 12.64
CA ALA A 116 -15.41 8.95 12.81
C ALA A 116 -16.62 9.21 13.70
N GLU A 117 -16.57 8.65 14.91
CA GLU A 117 -17.64 8.84 15.87
C GLU A 117 -17.11 9.70 17.01
N ARG A 118 -16.99 10.98 16.73
CA ARG A 118 -16.48 11.92 17.69
C ARG A 118 -17.53 12.22 18.75
N ASP A 119 -18.75 12.45 18.31
CA ASP A 119 -19.85 12.76 19.21
C ASP A 119 -21.16 12.69 18.45
N MET A 1 -24.08 5.74 -13.12
CA MET A 1 -23.62 4.88 -12.01
C MET A 1 -22.16 4.53 -12.20
N GLY A 2 -21.34 4.97 -11.26
CA GLY A 2 -19.92 4.70 -11.31
C GLY A 2 -19.48 3.92 -10.10
N ASP A 3 -18.48 4.40 -9.39
CA ASP A 3 -18.01 3.72 -8.19
C ASP A 3 -17.50 4.73 -7.17
N THR A 4 -18.37 5.11 -6.26
CA THR A 4 -18.02 6.06 -5.23
C THR A 4 -17.95 5.36 -3.88
N GLY A 5 -18.30 4.08 -3.88
CA GLY A 5 -18.29 3.31 -2.66
C GLY A 5 -17.00 2.57 -2.43
N LYS A 6 -16.48 1.92 -3.45
CA LYS A 6 -15.26 1.16 -3.31
C LYS A 6 -14.03 1.90 -3.82
N LEU A 7 -14.13 2.47 -5.01
CA LEU A 7 -13.01 3.18 -5.62
C LEU A 7 -12.96 4.65 -5.23
N GLY A 8 -13.57 5.00 -4.09
CA GLY A 8 -13.53 6.38 -3.65
C GLY A 8 -12.15 6.73 -3.16
N ARG A 9 -11.44 7.54 -3.94
CA ARG A 9 -10.07 7.94 -3.63
C ARG A 9 -9.99 8.88 -2.42
N ILE A 10 -10.64 8.47 -1.34
CA ILE A 10 -10.70 9.25 -0.11
C ILE A 10 -9.37 9.22 0.67
N ILE A 11 -8.60 8.15 0.55
CA ILE A 11 -7.34 8.05 1.30
C ILE A 11 -6.13 8.42 0.44
N ARG A 12 -5.52 7.43 -0.19
CA ARG A 12 -4.34 7.64 -1.04
C ARG A 12 -4.27 6.60 -2.14
N HIS A 13 -3.51 6.89 -3.19
CA HIS A 13 -3.34 5.97 -4.31
C HIS A 13 -2.03 6.27 -5.03
N ASP A 14 -1.14 5.28 -5.07
CA ASP A 14 0.14 5.46 -5.74
C ASP A 14 0.67 4.14 -6.31
N ALA A 15 1.55 4.24 -7.29
CA ALA A 15 2.12 3.06 -7.91
C ALA A 15 3.42 2.66 -7.23
N PHE A 16 3.44 1.49 -6.61
CA PHE A 16 4.63 1.00 -5.92
C PHE A 16 5.29 -0.12 -6.71
N GLN A 17 6.61 -0.11 -6.74
CA GLN A 17 7.37 -1.12 -7.46
C GLN A 17 8.36 -1.72 -6.50
N VAL A 18 7.90 -2.68 -5.73
CA VAL A 18 8.74 -3.28 -4.71
C VAL A 18 8.87 -4.78 -4.87
N TRP A 19 9.35 -5.40 -3.81
CA TRP A 19 9.55 -6.84 -3.78
C TRP A 19 8.37 -7.53 -3.11
N GLU A 20 7.37 -7.88 -3.90
CA GLU A 20 6.19 -8.56 -3.40
C GLU A 20 6.10 -9.96 -3.99
N GLY A 21 6.30 -10.93 -3.14
CA GLY A 21 6.29 -12.32 -3.52
C GLY A 21 7.44 -13.05 -2.89
N ASP A 22 8.09 -13.90 -3.66
CA ASP A 22 9.23 -14.66 -3.16
C ASP A 22 10.52 -13.89 -3.36
N GLU A 23 10.41 -12.55 -3.33
CA GLU A 23 11.51 -11.58 -3.50
C GLU A 23 11.44 -10.80 -4.81
N PRO A 24 11.26 -11.44 -6.00
CA PRO A 24 11.20 -10.71 -7.28
C PRO A 24 10.30 -9.48 -7.25
N PRO A 25 10.86 -8.35 -7.65
CA PRO A 25 10.16 -7.08 -7.66
C PRO A 25 9.08 -6.99 -8.75
N LYS A 26 7.96 -6.37 -8.42
CA LYS A 26 6.85 -6.20 -9.35
C LYS A 26 6.13 -4.87 -9.13
N LEU A 27 5.55 -4.35 -10.18
CA LEU A 27 4.83 -3.08 -10.15
C LEU A 27 3.37 -3.30 -9.71
N ARG A 28 2.86 -2.46 -8.83
CA ARG A 28 1.49 -2.61 -8.36
C ARG A 28 0.88 -1.27 -7.94
N TYR A 29 -0.36 -1.06 -8.34
CA TYR A 29 -1.08 0.16 -8.01
C TYR A 29 -1.70 0.03 -6.62
N VAL A 30 -1.00 0.51 -5.59
CA VAL A 30 -1.51 0.41 -4.22
C VAL A 30 -2.35 1.63 -3.84
N PHE A 31 -3.61 1.38 -3.51
CA PHE A 31 -4.51 2.44 -3.09
C PHE A 31 -5.27 2.00 -1.86
N LEU A 32 -5.47 2.92 -0.94
CA LEU A 32 -6.18 2.62 0.27
C LEU A 32 -7.56 3.22 0.15
N PHE A 33 -8.59 2.39 0.29
CA PHE A 33 -9.95 2.88 0.15
C PHE A 33 -10.81 2.53 1.36
N ARG A 34 -11.50 3.53 1.91
CA ARG A 34 -12.36 3.36 3.07
C ARG A 34 -11.57 2.91 4.28
N ASN A 35 -11.65 1.62 4.59
CA ASN A 35 -10.95 1.04 5.70
C ASN A 35 -10.31 -0.27 5.30
N LYS A 36 -9.57 -0.25 4.17
CA LYS A 36 -8.89 -1.44 3.67
C LYS A 36 -7.84 -0.99 2.65
N ILE A 37 -7.09 -1.96 2.12
CA ILE A 37 -6.05 -1.65 1.13
C ILE A 37 -6.22 -2.52 -0.12
N MET A 38 -6.22 -1.87 -1.28
CA MET A 38 -6.37 -2.55 -2.57
C MET A 38 -5.21 -2.23 -3.48
N PHE A 39 -4.69 -3.21 -4.19
CA PHE A 39 -3.60 -2.96 -5.10
C PHE A 39 -3.62 -3.94 -6.27
N THR A 40 -3.54 -3.40 -7.48
CA THR A 40 -3.54 -4.22 -8.69
C THR A 40 -2.09 -4.52 -9.06
N GLU A 41 -1.75 -5.79 -9.04
CA GLU A 41 -0.40 -6.22 -9.32
C GLU A 41 -0.12 -6.35 -10.81
N GLN A 42 0.70 -5.46 -11.30
CA GLN A 42 1.11 -5.48 -12.69
C GLN A 42 2.41 -6.26 -12.81
N ASP A 43 2.42 -7.30 -13.62
CA ASP A 43 3.61 -8.12 -13.74
C ASP A 43 4.24 -7.99 -15.12
N ALA A 44 5.54 -8.31 -15.20
CA ALA A 44 6.30 -8.21 -16.45
C ALA A 44 6.36 -9.56 -17.17
N SER A 45 5.26 -10.28 -17.11
CA SER A 45 5.13 -11.58 -17.72
C SER A 45 5.95 -12.62 -16.96
N THR A 46 7.19 -12.86 -17.42
CA THR A 46 8.09 -13.83 -16.80
C THR A 46 7.37 -15.17 -16.58
N SER A 47 7.04 -15.86 -17.68
CA SER A 47 6.30 -17.11 -17.59
C SER A 47 4.90 -16.76 -17.07
N PRO A 48 4.08 -17.68 -16.45
CA PRO A 48 2.75 -17.29 -15.97
C PRO A 48 2.88 -16.07 -15.06
N PRO A 49 2.28 -14.93 -15.44
CA PRO A 49 2.39 -13.69 -14.65
C PRO A 49 1.74 -13.79 -13.27
N SER A 50 1.68 -12.65 -12.58
CA SER A 50 1.09 -12.59 -11.25
C SER A 50 0.07 -11.47 -11.11
N TYR A 51 -1.15 -11.73 -11.59
CA TYR A 51 -2.24 -10.76 -11.53
C TYR A 51 -3.53 -11.45 -11.13
N THR A 52 -4.11 -12.22 -12.06
CA THR A 52 -5.36 -12.92 -11.83
C THR A 52 -6.44 -11.90 -11.46
N HIS A 53 -6.82 -11.82 -10.19
CA HIS A 53 -7.79 -10.83 -9.77
C HIS A 53 -7.03 -9.60 -9.29
N TYR A 54 -6.27 -9.80 -8.19
CA TYR A 54 -5.41 -8.80 -7.53
C TYR A 54 -5.52 -9.00 -6.03
N SER A 55 -4.39 -9.04 -5.36
CA SER A 55 -4.36 -9.27 -3.91
C SER A 55 -5.02 -8.13 -3.14
N SER A 56 -5.92 -8.49 -2.23
CA SER A 56 -6.62 -7.53 -1.40
C SER A 56 -6.02 -7.54 0.01
N ILE A 57 -5.94 -6.36 0.64
CA ILE A 57 -5.38 -6.25 1.97
C ILE A 57 -6.43 -5.80 2.97
N ARG A 58 -6.33 -6.32 4.19
CA ARG A 58 -7.24 -5.96 5.26
C ARG A 58 -6.57 -4.96 6.17
N LEU A 59 -7.27 -3.88 6.45
CA LEU A 59 -6.73 -2.83 7.30
C LEU A 59 -7.05 -3.10 8.76
N ASP A 60 -8.04 -3.97 8.97
CA ASP A 60 -8.52 -4.31 10.30
C ASP A 60 -7.49 -4.90 11.27
N LYS A 61 -6.90 -6.02 10.89
CA LYS A 61 -5.98 -6.69 11.79
C LYS A 61 -4.63 -7.05 11.17
N TYR A 62 -3.84 -6.03 10.90
CA TYR A 62 -2.50 -6.25 10.36
C TYR A 62 -1.55 -5.20 10.96
N ASN A 63 -0.36 -5.62 11.36
CA ASN A 63 0.59 -4.68 11.95
C ASN A 63 1.53 -4.16 10.86
N ILE A 64 1.37 -2.90 10.54
CA ILE A 64 2.18 -2.27 9.51
C ILE A 64 3.24 -1.37 10.16
N ARG A 65 4.49 -1.48 9.69
CA ARG A 65 5.61 -0.73 10.28
C ARG A 65 6.52 -0.12 9.20
N GLN A 66 7.76 0.21 9.60
CA GLN A 66 8.75 0.77 8.69
C GLN A 66 10.13 0.23 9.08
N HIS A 67 11.00 -0.02 8.10
CA HIS A 67 12.32 -0.60 8.38
C HIS A 67 13.51 0.23 7.87
N THR A 68 14.31 -0.40 6.99
CA THR A 68 15.53 0.18 6.43
C THR A 68 15.24 1.46 5.63
N THR A 69 16.30 2.03 5.02
CA THR A 69 16.19 3.27 4.28
C THR A 69 15.74 4.31 5.30
N ASP A 70 16.73 4.76 6.10
CA ASP A 70 16.48 5.66 7.20
C ASP A 70 15.43 5.01 8.08
N GLU A 71 14.20 5.48 7.98
CA GLU A 71 13.07 4.91 8.70
C GLU A 71 11.80 5.25 7.93
N ASP A 72 11.51 4.46 6.90
CA ASP A 72 10.32 4.69 6.10
C ASP A 72 10.04 3.61 5.05
N THR A 73 10.64 2.42 5.17
CA THR A 73 10.28 1.35 4.23
C THR A 73 9.05 0.70 4.83
N ILE A 74 7.94 0.74 4.13
CA ILE A 74 6.70 0.24 4.68
C ILE A 74 6.56 -1.28 4.50
N VAL A 75 6.23 -1.93 5.60
CA VAL A 75 6.04 -3.36 5.61
C VAL A 75 4.77 -3.65 6.40
N LEU A 76 4.07 -4.72 6.04
CA LEU A 76 2.85 -5.08 6.73
C LEU A 76 2.88 -6.55 7.16
N GLN A 77 2.82 -6.75 8.46
CA GLN A 77 2.85 -8.08 9.06
C GLN A 77 1.48 -8.43 9.64
N PRO A 78 0.76 -9.37 9.01
CA PRO A 78 -0.56 -9.81 9.46
C PRO A 78 -0.49 -10.51 10.81
N GLN A 79 -1.59 -10.46 11.56
CA GLN A 79 -1.64 -11.13 12.83
C GLN A 79 -2.68 -12.25 12.73
N GLU A 80 -3.17 -12.46 11.50
CA GLU A 80 -4.14 -13.52 11.24
C GLU A 80 -3.69 -14.35 10.04
N PRO A 81 -3.51 -15.66 10.23
CA PRO A 81 -3.08 -16.58 9.15
C PRO A 81 -4.05 -16.55 7.97
N GLY A 82 -3.54 -16.12 6.84
CA GLY A 82 -4.33 -16.04 5.62
C GLY A 82 -4.06 -14.74 4.89
N LEU A 83 -3.59 -13.75 5.65
CA LEU A 83 -3.24 -12.44 5.09
C LEU A 83 -1.77 -12.47 4.70
N PRO A 84 -1.44 -12.05 3.48
CA PRO A 84 -0.06 -12.06 2.99
C PRO A 84 0.77 -10.89 3.50
N SER A 85 2.09 -11.02 3.44
CA SER A 85 2.98 -9.98 3.88
C SER A 85 4.03 -9.62 2.82
N PHE A 86 4.09 -8.35 2.48
CA PHE A 86 5.04 -7.85 1.48
C PHE A 86 5.57 -6.48 1.90
N ARG A 87 6.66 -6.05 1.28
CA ARG A 87 7.26 -4.77 1.59
C ARG A 87 6.95 -3.76 0.49
N ILE A 88 6.79 -2.49 0.85
CA ILE A 88 6.52 -1.45 -0.14
C ILE A 88 7.41 -0.23 0.05
N LYS A 89 8.21 0.07 -0.97
CA LYS A 89 9.09 1.20 -0.98
C LYS A 89 9.06 1.82 -2.38
N PRO A 90 9.38 3.10 -2.52
CA PRO A 90 9.40 3.77 -3.83
C PRO A 90 10.71 3.51 -4.54
N LYS A 91 10.86 2.31 -5.07
CA LYS A 91 12.08 1.94 -5.77
C LYS A 91 12.17 2.69 -7.10
N ASP A 92 11.12 2.56 -7.90
CA ASP A 92 11.07 3.21 -9.22
C ASP A 92 10.60 4.66 -9.11
N PHE A 93 10.34 5.28 -10.25
CA PHE A 93 9.88 6.67 -10.31
C PHE A 93 10.93 7.66 -9.78
N GLU A 94 10.50 8.62 -8.98
CA GLU A 94 11.42 9.63 -8.42
C GLU A 94 10.68 10.56 -7.46
N THR A 95 9.77 11.35 -8.01
CA THR A 95 8.99 12.30 -7.22
C THR A 95 7.98 11.58 -6.34
N SER A 96 8.04 10.27 -6.38
CA SER A 96 7.15 9.45 -5.57
C SER A 96 7.73 9.26 -4.18
N GLU A 97 8.94 9.81 -3.96
CA GLU A 97 9.60 9.75 -2.66
C GLU A 97 8.91 10.69 -1.67
N TYR A 98 8.53 11.88 -2.17
CA TYR A 98 7.88 12.88 -1.33
C TYR A 98 6.59 12.31 -0.74
N VAL A 99 5.66 11.95 -1.61
CA VAL A 99 4.37 11.41 -1.18
C VAL A 99 4.55 10.10 -0.40
N ARG A 100 5.67 9.41 -0.62
CA ARG A 100 5.97 8.17 0.09
C ARG A 100 5.96 8.43 1.60
N LYS A 101 6.63 9.51 2.01
CA LYS A 101 6.68 9.89 3.42
C LYS A 101 5.28 10.32 3.88
N ALA A 102 4.48 10.81 2.96
CA ALA A 102 3.13 11.23 3.28
C ALA A 102 2.19 10.01 3.35
N TRP A 103 2.71 8.85 3.00
CA TRP A 103 1.93 7.63 3.03
C TRP A 103 2.06 6.98 4.41
N LEU A 104 3.28 6.96 4.94
CA LEU A 104 3.55 6.37 6.25
C LEU A 104 2.84 7.16 7.35
N ARG A 105 2.46 8.39 7.04
CA ARG A 105 1.72 9.21 7.99
C ARG A 105 0.37 8.57 8.23
N ASP A 106 -0.22 8.03 7.15
CA ASP A 106 -1.49 7.31 7.24
C ASP A 106 -1.30 5.96 7.90
N ILE A 107 -0.05 5.51 7.98
CA ILE A 107 0.27 4.24 8.59
C ILE A 107 0.38 4.43 10.10
N ALA A 108 0.96 5.57 10.48
CA ALA A 108 1.12 5.92 11.88
C ALA A 108 -0.23 6.25 12.53
N GLU A 109 -1.21 6.50 11.69
CA GLU A 109 -2.56 6.82 12.11
C GLU A 109 -3.53 6.56 10.95
N GLU A 110 -3.88 5.29 10.81
CA GLU A 110 -4.74 4.86 9.73
C GLU A 110 -6.16 5.42 9.81
N GLN A 111 -6.55 6.06 8.70
CA GLN A 111 -7.88 6.65 8.53
C GLN A 111 -8.10 7.83 9.47
N GLU A 112 -8.02 9.04 8.91
CA GLU A 112 -8.21 10.25 9.68
C GLU A 112 -9.62 10.31 10.27
N LYS A 113 -10.56 9.55 9.67
CA LYS A 113 -11.95 9.51 10.12
C LYS A 113 -12.05 8.79 11.47
N TYR A 114 -11.06 7.94 11.73
CA TYR A 114 -11.00 7.18 12.97
C TYR A 114 -10.74 8.11 14.15
N ALA A 115 -10.30 9.34 13.82
CA ALA A 115 -9.97 10.38 14.79
C ALA A 115 -8.63 10.09 15.47
N ALA A 116 -8.39 10.75 16.59
CA ALA A 116 -7.13 10.57 17.32
C ALA A 116 -7.19 9.31 18.19
N GLU A 117 -8.37 9.01 18.70
CA GLU A 117 -8.57 7.84 19.54
C GLU A 117 -9.99 7.32 19.50
N ARG A 118 -10.17 6.09 19.98
CA ARG A 118 -11.46 5.43 20.04
C ARG A 118 -11.27 4.08 20.71
N ASP A 119 -12.36 3.44 21.11
CA ASP A 119 -12.26 2.15 21.75
C ASP A 119 -12.53 1.07 20.73
N MET A 1 -21.63 7.17 -13.33
CA MET A 1 -21.62 7.35 -11.86
C MET A 1 -22.38 8.63 -11.50
N GLY A 2 -23.57 8.46 -10.90
CA GLY A 2 -24.36 9.61 -10.52
C GLY A 2 -23.73 10.35 -9.36
N ASP A 3 -23.94 9.84 -8.15
CA ASP A 3 -23.36 10.45 -6.96
C ASP A 3 -21.88 10.18 -6.94
N THR A 4 -21.11 11.22 -7.14
CA THR A 4 -19.66 11.11 -7.17
C THR A 4 -19.08 11.77 -5.93
N GLY A 5 -19.96 12.34 -5.10
CA GLY A 5 -19.53 12.98 -3.89
C GLY A 5 -19.94 12.20 -2.64
N LYS A 6 -19.94 10.88 -2.77
CA LYS A 6 -20.29 10.01 -1.65
C LYS A 6 -19.04 9.54 -0.95
N LEU A 7 -18.56 8.33 -1.28
CA LEU A 7 -17.37 7.79 -0.67
C LEU A 7 -16.56 6.99 -1.67
N GLY A 8 -15.43 6.49 -1.23
CA GLY A 8 -14.56 5.73 -2.11
C GLY A 8 -13.12 5.82 -1.62
N ARG A 9 -12.42 6.88 -1.99
CA ARG A 9 -11.06 7.09 -1.51
C ARG A 9 -11.11 7.82 -0.19
N ILE A 10 -10.29 7.39 0.77
CA ILE A 10 -10.25 8.01 2.08
C ILE A 10 -8.81 8.25 2.57
N ILE A 11 -7.95 7.25 2.46
CA ILE A 11 -6.57 7.40 2.92
C ILE A 11 -5.66 7.86 1.77
N ARG A 12 -5.02 6.94 1.05
CA ARG A 12 -4.13 7.31 -0.07
C ARG A 12 -4.10 6.26 -1.16
N HIS A 13 -3.39 6.56 -2.23
CA HIS A 13 -3.28 5.63 -3.35
C HIS A 13 -2.10 5.98 -4.25
N ASP A 14 -1.10 5.11 -4.27
CA ASP A 14 0.09 5.33 -5.10
C ASP A 14 0.62 4.01 -5.64
N ALA A 15 1.48 4.09 -6.64
CA ALA A 15 2.03 2.89 -7.25
C ALA A 15 3.44 2.60 -6.76
N PHE A 16 3.65 1.36 -6.33
CA PHE A 16 4.97 0.92 -5.86
C PHE A 16 5.40 -0.31 -6.65
N GLN A 17 6.69 -0.42 -6.93
CA GLN A 17 7.23 -1.56 -7.66
C GLN A 17 8.35 -2.16 -6.84
N VAL A 18 7.94 -2.90 -5.82
CA VAL A 18 8.86 -3.52 -4.89
C VAL A 18 8.48 -4.94 -4.53
N TRP A 19 9.49 -5.63 -4.01
CA TRP A 19 9.40 -7.02 -3.63
C TRP A 19 8.14 -7.37 -2.85
N GLU A 20 7.45 -8.41 -3.32
CA GLU A 20 6.22 -8.87 -2.71
C GLU A 20 6.53 -9.87 -1.61
N GLY A 21 7.71 -9.70 -1.07
CA GLY A 21 8.22 -10.57 -0.03
C GLY A 21 9.62 -10.97 -0.38
N ASP A 22 9.96 -12.23 -0.17
CA ASP A 22 11.27 -12.73 -0.56
C ASP A 22 11.20 -13.24 -1.99
N GLU A 23 10.18 -12.78 -2.70
CA GLU A 23 9.93 -13.13 -4.09
C GLU A 23 10.23 -11.93 -4.97
N PRO A 24 10.33 -12.11 -6.30
CA PRO A 24 10.62 -11.02 -7.26
C PRO A 24 9.80 -9.75 -7.00
N PRO A 25 10.38 -8.57 -7.29
CA PRO A 25 9.70 -7.28 -7.13
C PRO A 25 8.56 -7.16 -8.14
N LYS A 26 7.48 -6.52 -7.74
CA LYS A 26 6.33 -6.41 -8.62
C LYS A 26 5.58 -5.10 -8.44
N LEU A 27 5.04 -4.57 -9.53
CA LEU A 27 4.26 -3.33 -9.50
C LEU A 27 2.94 -3.58 -8.80
N ARG A 28 2.66 -2.75 -7.81
CA ARG A 28 1.43 -2.84 -7.07
C ARG A 28 0.86 -1.45 -6.79
N TYR A 29 -0.39 -1.26 -7.13
CA TYR A 29 -1.07 -0.01 -6.87
C TYR A 29 -1.60 -0.03 -5.45
N VAL A 30 -0.77 0.40 -4.52
CA VAL A 30 -1.12 0.43 -3.12
C VAL A 30 -2.15 1.52 -2.82
N PHE A 31 -3.42 1.14 -2.88
CA PHE A 31 -4.54 2.05 -2.64
C PHE A 31 -5.17 1.69 -1.29
N LEU A 32 -5.16 2.61 -0.34
CA LEU A 32 -5.74 2.29 0.97
C LEU A 32 -7.11 2.94 1.12
N PHE A 33 -8.09 2.15 1.51
CA PHE A 33 -9.44 2.66 1.68
C PHE A 33 -9.97 2.42 3.09
N ARG A 34 -11.29 2.61 3.25
CA ARG A 34 -11.96 2.48 4.53
C ARG A 34 -12.10 1.04 4.99
N ASN A 35 -12.65 0.19 4.13
CA ASN A 35 -12.86 -1.20 4.49
C ASN A 35 -11.53 -1.95 4.54
N LYS A 36 -10.69 -1.74 3.52
CA LYS A 36 -9.39 -2.40 3.46
C LYS A 36 -8.51 -1.75 2.40
N ILE A 37 -7.27 -2.24 2.30
CA ILE A 37 -6.32 -1.73 1.33
C ILE A 37 -6.43 -2.54 0.04
N MET A 38 -6.54 -1.87 -1.09
CA MET A 38 -6.63 -2.53 -2.38
C MET A 38 -5.39 -2.25 -3.20
N PHE A 39 -4.58 -3.27 -3.42
CA PHE A 39 -3.38 -3.07 -4.21
C PHE A 39 -3.28 -4.07 -5.37
N THR A 40 -3.92 -3.73 -6.47
CA THR A 40 -3.93 -4.55 -7.66
C THR A 40 -2.54 -4.54 -8.30
N GLU A 41 -2.08 -5.70 -8.78
CA GLU A 41 -0.77 -5.83 -9.37
C GLU A 41 -0.79 -6.48 -10.75
N GLN A 42 0.36 -6.40 -11.43
CA GLN A 42 0.61 -6.98 -12.75
C GLN A 42 1.83 -6.37 -13.39
N ASP A 43 2.94 -7.04 -13.19
CA ASP A 43 4.21 -6.59 -13.71
C ASP A 43 5.08 -7.75 -14.15
N ALA A 44 5.43 -7.75 -15.43
CA ALA A 44 6.27 -8.80 -16.00
C ALA A 44 7.70 -8.29 -16.22
N SER A 45 7.82 -6.97 -16.39
CA SER A 45 9.12 -6.33 -16.61
C SER A 45 9.19 -5.01 -15.82
N THR A 46 8.96 -3.87 -16.48
CA THR A 46 8.96 -2.56 -15.81
C THR A 46 7.61 -1.87 -15.97
N SER A 47 6.62 -2.37 -15.22
CA SER A 47 5.25 -1.86 -15.22
C SER A 47 4.51 -2.01 -16.58
N PRO A 48 4.72 -3.14 -17.35
CA PRO A 48 4.03 -3.34 -18.63
C PRO A 48 2.50 -3.55 -18.50
N PRO A 49 2.02 -4.59 -17.77
CA PRO A 49 0.58 -4.83 -17.62
C PRO A 49 -0.07 -3.88 -16.60
N SER A 50 0.71 -3.49 -15.58
CA SER A 50 0.25 -2.60 -14.53
C SER A 50 -0.59 -3.35 -13.49
N TYR A 51 -1.85 -3.62 -13.78
CA TYR A 51 -2.68 -4.38 -12.85
C TYR A 51 -3.76 -5.18 -13.58
N THR A 52 -4.09 -6.32 -13.00
CA THR A 52 -5.11 -7.22 -13.52
C THR A 52 -5.61 -8.08 -12.39
N HIS A 53 -4.70 -8.53 -11.56
CA HIS A 53 -5.05 -9.35 -10.41
C HIS A 53 -5.58 -8.43 -9.31
N TYR A 54 -6.63 -8.86 -8.64
CA TYR A 54 -7.23 -8.04 -7.59
C TYR A 54 -6.69 -8.43 -6.22
N SER A 55 -5.70 -7.70 -5.76
CA SER A 55 -5.11 -8.00 -4.45
C SER A 55 -5.65 -7.01 -3.42
N SER A 56 -5.74 -7.44 -2.17
CA SER A 56 -6.26 -6.61 -1.10
C SER A 56 -5.67 -7.03 0.25
N ILE A 57 -5.58 -6.05 1.13
CA ILE A 57 -5.09 -6.23 2.47
C ILE A 57 -6.16 -5.81 3.48
N ARG A 58 -6.90 -6.81 3.97
CA ARG A 58 -7.99 -6.56 4.92
C ARG A 58 -7.50 -5.69 6.08
N LEU A 59 -8.19 -4.59 6.31
CA LEU A 59 -7.81 -3.66 7.36
C LEU A 59 -8.19 -4.20 8.73
N ASP A 60 -9.06 -5.20 8.74
CA ASP A 60 -9.53 -5.78 9.99
C ASP A 60 -8.39 -6.33 10.85
N LYS A 61 -7.55 -7.20 10.30
CA LYS A 61 -6.45 -7.77 11.08
C LYS A 61 -5.13 -7.80 10.34
N TYR A 62 -4.48 -6.66 10.21
CA TYR A 62 -3.18 -6.59 9.59
C TYR A 62 -2.34 -5.58 10.36
N ASN A 63 -1.04 -5.82 10.48
CA ASN A 63 -0.19 -4.89 11.22
C ASN A 63 0.82 -4.25 10.28
N ILE A 64 0.64 -2.98 10.03
CA ILE A 64 1.53 -2.23 9.15
C ILE A 64 2.58 -1.50 9.98
N ARG A 65 3.82 -1.51 9.49
CA ARG A 65 4.95 -0.87 10.19
C ARG A 65 5.86 -0.20 9.18
N GLN A 66 6.99 0.30 9.63
CA GLN A 66 7.95 0.93 8.75
C GLN A 66 9.34 0.82 9.32
N HIS A 67 10.32 0.44 8.50
CA HIS A 67 11.69 0.35 8.95
C HIS A 67 12.36 1.68 8.68
N THR A 68 12.63 2.39 9.75
CA THR A 68 13.23 3.72 9.69
C THR A 68 14.73 3.67 9.37
N THR A 69 15.08 3.41 8.12
CA THR A 69 16.46 3.44 7.70
C THR A 69 16.65 4.87 7.16
N ASP A 70 17.33 5.09 6.04
CA ASP A 70 17.42 6.44 5.50
C ASP A 70 16.05 6.78 4.92
N GLU A 71 15.44 5.74 4.38
CA GLU A 71 14.12 5.80 3.80
C GLU A 71 13.22 4.85 4.58
N ASP A 72 12.18 5.36 5.23
CA ASP A 72 11.29 4.49 5.99
C ASP A 72 10.59 3.53 5.03
N THR A 73 10.85 2.25 5.23
CA THR A 73 10.27 1.21 4.41
C THR A 73 8.96 0.77 5.04
N ILE A 74 7.85 1.03 4.39
CA ILE A 74 6.55 0.65 4.92
C ILE A 74 6.30 -0.82 4.63
N VAL A 75 6.17 -1.61 5.70
CA VAL A 75 6.00 -3.04 5.54
C VAL A 75 4.64 -3.50 6.07
N LEU A 76 3.99 -4.39 5.32
CA LEU A 76 2.69 -4.91 5.72
C LEU A 76 2.84 -6.32 6.26
N GLN A 77 2.68 -6.45 7.56
CA GLN A 77 2.81 -7.72 8.24
C GLN A 77 1.45 -8.24 8.69
N PRO A 78 0.95 -9.30 8.04
CA PRO A 78 -0.36 -9.90 8.37
C PRO A 78 -0.32 -10.65 9.70
N GLN A 79 -1.26 -10.33 10.57
CA GLN A 79 -1.36 -11.01 11.87
C GLN A 79 -2.41 -12.10 11.78
N GLU A 80 -2.95 -12.24 10.60
CA GLU A 80 -3.95 -13.24 10.28
C GLU A 80 -3.53 -13.95 9.00
N PRO A 81 -3.50 -15.29 9.02
CA PRO A 81 -3.11 -16.06 7.85
C PRO A 81 -4.11 -15.86 6.70
N GLY A 82 -3.57 -15.59 5.53
CA GLY A 82 -4.39 -15.36 4.37
C GLY A 82 -3.95 -14.10 3.66
N LEU A 83 -3.39 -13.18 4.41
CA LEU A 83 -2.92 -11.93 3.87
C LEU A 83 -1.44 -12.05 3.51
N PRO A 84 -1.05 -11.55 2.34
CA PRO A 84 0.34 -11.60 1.91
C PRO A 84 1.19 -10.58 2.66
N SER A 85 2.48 -10.84 2.75
CA SER A 85 3.38 -9.93 3.42
C SER A 85 4.42 -9.44 2.44
N PHE A 86 4.46 -8.15 2.30
CA PHE A 86 5.39 -7.49 1.40
C PHE A 86 5.81 -6.14 1.96
N ARG A 87 6.86 -5.60 1.38
CA ARG A 87 7.37 -4.30 1.78
C ARG A 87 7.35 -3.37 0.59
N ILE A 88 6.98 -2.12 0.81
CA ILE A 88 6.96 -1.18 -0.27
C ILE A 88 8.04 -0.13 -0.08
N LYS A 89 8.77 0.14 -1.15
CA LYS A 89 9.85 1.09 -1.14
C LYS A 89 9.65 2.07 -2.27
N PRO A 90 9.69 3.37 -1.99
CA PRO A 90 9.52 4.39 -3.02
C PRO A 90 10.81 4.48 -3.86
N LYS A 91 11.14 3.37 -4.53
CA LYS A 91 12.35 3.29 -5.36
C LYS A 91 12.10 3.86 -6.73
N ASP A 92 11.88 5.15 -6.74
CA ASP A 92 11.61 5.89 -7.95
C ASP A 92 11.82 7.36 -7.58
N PHE A 93 11.82 8.25 -8.55
CA PHE A 93 12.03 9.66 -8.27
C PHE A 93 10.81 10.49 -8.60
N GLU A 94 10.39 10.44 -9.88
CA GLU A 94 9.23 11.19 -10.38
C GLU A 94 8.07 11.18 -9.36
N THR A 95 7.99 12.25 -8.57
CA THR A 95 6.97 12.41 -7.52
C THR A 95 7.22 11.47 -6.34
N SER A 96 7.77 10.32 -6.65
CA SER A 96 8.10 9.28 -5.70
C SER A 96 8.86 9.81 -4.50
N GLU A 97 9.71 10.80 -4.73
CA GLU A 97 10.47 11.42 -3.65
C GLU A 97 9.51 12.14 -2.71
N TYR A 98 8.60 12.91 -3.31
CA TYR A 98 7.62 13.65 -2.54
C TYR A 98 6.69 12.74 -1.76
N VAL A 99 6.10 11.74 -2.44
CA VAL A 99 5.15 10.82 -1.80
C VAL A 99 5.82 9.89 -0.81
N ARG A 100 7.11 9.66 -0.98
CA ARG A 100 7.87 8.79 -0.08
C ARG A 100 7.68 9.24 1.39
N LYS A 101 8.00 10.51 1.65
CA LYS A 101 7.87 11.08 2.99
C LYS A 101 6.40 11.33 3.35
N ALA A 102 5.55 11.39 2.34
CA ALA A 102 4.14 11.66 2.57
C ALA A 102 3.28 10.40 2.76
N TRP A 103 3.89 9.21 2.74
CA TRP A 103 3.11 7.99 2.90
C TRP A 103 3.12 7.49 4.33
N LEU A 104 4.26 7.62 5.00
CA LEU A 104 4.37 7.16 6.38
C LEU A 104 3.43 7.93 7.30
N ARG A 105 3.07 9.15 6.91
CA ARG A 105 2.15 9.95 7.70
C ARG A 105 0.77 9.29 7.71
N ASP A 106 0.32 8.87 6.51
CA ASP A 106 -0.97 8.18 6.37
C ASP A 106 -0.90 6.78 6.95
N ILE A 107 0.32 6.27 7.04
CA ILE A 107 0.54 4.96 7.62
C ILE A 107 0.25 5.03 9.11
N ALA A 108 0.58 6.19 9.69
CA ALA A 108 0.31 6.44 11.09
C ALA A 108 -1.19 6.67 11.31
N GLU A 109 -1.79 7.38 10.35
CA GLU A 109 -3.20 7.72 10.37
C GLU A 109 -4.09 6.51 10.06
N GLU A 110 -3.48 5.33 9.91
CA GLU A 110 -4.24 4.14 9.56
C GLU A 110 -5.27 3.84 10.63
N GLN A 111 -6.52 3.94 10.21
CA GLN A 111 -7.69 3.72 11.04
C GLN A 111 -7.73 4.62 12.27
N GLU A 112 -6.92 5.68 12.28
CA GLU A 112 -6.96 6.62 13.39
C GLU A 112 -8.32 7.30 13.39
N LYS A 113 -8.71 7.72 12.20
CA LYS A 113 -10.01 8.36 11.97
C LYS A 113 -11.09 7.29 11.93
N TYR A 114 -11.33 6.63 13.05
CA TYR A 114 -12.33 5.57 13.16
C TYR A 114 -13.75 6.12 13.10
N ALA A 115 -14.00 6.97 12.13
CA ALA A 115 -15.31 7.58 11.95
C ALA A 115 -16.25 6.60 11.25
N ALA A 116 -17.32 6.19 11.94
CA ALA A 116 -18.28 5.25 11.38
C ALA A 116 -19.70 5.72 11.59
N GLU A 117 -19.94 6.99 11.29
CA GLU A 117 -21.27 7.55 11.43
C GLU A 117 -22.22 6.87 10.46
N ARG A 118 -21.86 6.88 9.18
CA ARG A 118 -22.66 6.26 8.13
C ARG A 118 -21.77 5.84 6.97
N ASP A 119 -22.38 5.27 5.94
CA ASP A 119 -21.63 4.83 4.77
C ASP A 119 -22.48 4.91 3.52
N MET A 1 -23.37 6.98 -9.66
CA MET A 1 -22.78 6.32 -8.46
C MET A 1 -23.57 5.09 -8.09
N GLY A 2 -22.93 4.14 -7.43
CA GLY A 2 -23.60 2.94 -7.04
C GLY A 2 -24.25 3.08 -5.67
N ASP A 3 -25.01 2.07 -5.26
CA ASP A 3 -25.69 2.09 -3.96
C ASP A 3 -24.68 2.13 -2.82
N THR A 4 -23.53 1.52 -3.05
CA THR A 4 -22.45 1.49 -2.07
C THR A 4 -21.13 1.75 -2.77
N GLY A 5 -21.12 2.78 -3.60
CA GLY A 5 -19.93 3.12 -4.31
C GLY A 5 -20.00 4.51 -4.93
N LYS A 6 -19.39 5.47 -4.26
CA LYS A 6 -19.33 6.85 -4.75
C LYS A 6 -18.18 6.93 -5.73
N LEU A 7 -16.98 6.70 -5.22
CA LEU A 7 -15.76 6.69 -6.04
C LEU A 7 -15.00 5.39 -5.78
N GLY A 8 -14.46 5.29 -4.58
CA GLY A 8 -13.71 4.12 -4.19
C GLY A 8 -12.40 4.53 -3.56
N ARG A 9 -11.65 5.36 -4.28
CA ARG A 9 -10.38 5.87 -3.80
C ARG A 9 -10.67 6.96 -2.79
N ILE A 10 -10.18 6.80 -1.58
CA ILE A 10 -10.44 7.76 -0.54
C ILE A 10 -9.20 8.16 0.25
N ILE A 11 -8.41 7.18 0.69
CA ILE A 11 -7.20 7.48 1.46
C ILE A 11 -6.06 7.90 0.55
N ARG A 12 -5.35 6.91 -0.01
CA ARG A 12 -4.22 7.18 -0.89
C ARG A 12 -4.19 6.16 -2.03
N HIS A 13 -3.35 6.40 -3.03
CA HIS A 13 -3.22 5.51 -4.18
C HIS A 13 -1.99 5.91 -5.01
N ASP A 14 -0.93 5.13 -4.93
CA ASP A 14 0.29 5.44 -5.67
C ASP A 14 0.84 4.20 -6.37
N ALA A 15 1.74 4.43 -7.30
CA ALA A 15 2.35 3.34 -8.05
C ALA A 15 3.69 2.97 -7.48
N PHE A 16 3.85 1.71 -7.16
CA PHE A 16 5.10 1.22 -6.60
C PHE A 16 5.58 0.03 -7.41
N GLN A 17 6.71 -0.51 -7.01
CA GLN A 17 7.31 -1.69 -7.64
C GLN A 17 8.31 -2.23 -6.63
N VAL A 18 7.77 -2.67 -5.53
CA VAL A 18 8.57 -3.11 -4.43
C VAL A 18 8.17 -4.48 -3.92
N TRP A 19 9.22 -5.23 -3.60
CA TRP A 19 9.18 -6.60 -3.09
C TRP A 19 7.87 -6.99 -2.38
N GLU A 20 7.27 -8.07 -2.84
CA GLU A 20 6.04 -8.57 -2.26
C GLU A 20 6.31 -9.45 -1.04
N GLY A 21 7.46 -9.26 -0.46
CA GLY A 21 7.85 -10.01 0.73
C GLY A 21 9.07 -10.85 0.54
N ASP A 22 8.91 -12.00 -0.10
CA ASP A 22 10.04 -12.91 -0.33
C ASP A 22 10.89 -12.39 -1.47
N GLU A 23 11.37 -11.15 -1.31
CA GLU A 23 12.21 -10.44 -2.29
C GLU A 23 11.75 -10.49 -3.75
N PRO A 24 10.43 -10.46 -4.06
CA PRO A 24 9.90 -10.47 -5.40
C PRO A 24 9.38 -9.07 -5.77
N PRO A 25 10.21 -8.19 -6.34
CA PRO A 25 9.79 -6.83 -6.68
C PRO A 25 8.80 -6.82 -7.82
N LYS A 26 7.63 -6.26 -7.54
CA LYS A 26 6.56 -6.21 -8.52
C LYS A 26 5.87 -4.87 -8.53
N LEU A 27 5.63 -4.36 -9.73
CA LEU A 27 4.95 -3.09 -9.90
C LEU A 27 3.50 -3.27 -9.48
N ARG A 28 3.03 -2.41 -8.59
CA ARG A 28 1.66 -2.49 -8.10
C ARG A 28 1.09 -1.11 -7.80
N TYR A 29 -0.17 -0.91 -8.19
CA TYR A 29 -0.87 0.33 -7.91
C TYR A 29 -1.63 0.17 -6.60
N VAL A 30 -0.96 0.51 -5.53
CA VAL A 30 -1.50 0.39 -4.18
C VAL A 30 -2.54 1.46 -3.90
N PHE A 31 -3.79 1.03 -3.72
CA PHE A 31 -4.86 1.96 -3.43
C PHE A 31 -5.37 1.69 -2.02
N LEU A 32 -5.37 2.68 -1.16
CA LEU A 32 -5.89 2.46 0.19
C LEU A 32 -7.32 2.97 0.28
N PHE A 33 -8.21 2.11 0.70
CA PHE A 33 -9.61 2.47 0.86
C PHE A 33 -9.93 2.57 2.34
N ARG A 34 -11.18 2.90 2.68
CA ARG A 34 -11.54 3.04 4.10
C ARG A 34 -11.75 1.70 4.80
N ASN A 35 -11.87 0.63 4.03
CA ASN A 35 -12.09 -0.70 4.59
C ASN A 35 -10.86 -1.60 4.46
N LYS A 36 -10.07 -1.39 3.40
CA LYS A 36 -8.87 -2.20 3.20
C LYS A 36 -7.94 -1.55 2.21
N ILE A 37 -6.79 -2.17 2.04
CA ILE A 37 -5.78 -1.71 1.11
C ILE A 37 -5.83 -2.60 -0.14
N MET A 38 -6.29 -2.04 -1.26
CA MET A 38 -6.38 -2.81 -2.51
C MET A 38 -5.22 -2.46 -3.45
N PHE A 39 -4.23 -3.34 -3.51
CA PHE A 39 -3.06 -3.11 -4.38
C PHE A 39 -3.05 -4.07 -5.56
N THR A 40 -3.31 -3.53 -6.73
CA THR A 40 -3.35 -4.32 -7.95
C THR A 40 -1.96 -4.40 -8.60
N GLU A 41 -1.53 -5.61 -8.93
CA GLU A 41 -0.22 -5.80 -9.54
C GLU A 41 -0.28 -5.63 -11.05
N GLN A 42 0.70 -4.91 -11.59
CA GLN A 42 0.80 -4.68 -13.03
C GLN A 42 2.22 -4.98 -13.48
N ASP A 43 2.49 -6.24 -13.74
CA ASP A 43 3.79 -6.66 -14.17
C ASP A 43 3.85 -6.70 -15.68
N ALA A 44 3.99 -5.52 -16.27
CA ALA A 44 4.04 -5.36 -17.71
C ALA A 44 2.71 -5.80 -18.32
N SER A 45 2.76 -6.37 -19.51
CA SER A 45 1.55 -6.82 -20.18
C SER A 45 1.72 -8.25 -20.69
N THR A 46 0.78 -9.09 -20.33
CA THR A 46 0.77 -10.51 -20.69
C THR A 46 2.06 -11.20 -20.24
N SER A 47 2.36 -11.04 -18.96
CA SER A 47 3.54 -11.63 -18.35
C SER A 47 3.09 -12.75 -17.42
N PRO A 48 3.97 -13.71 -17.07
CA PRO A 48 3.64 -14.85 -16.21
C PRO A 48 2.74 -14.52 -14.99
N PRO A 49 3.09 -13.52 -14.16
CA PRO A 49 2.27 -13.17 -12.99
C PRO A 49 0.96 -12.50 -13.37
N SER A 50 0.99 -11.19 -13.53
CA SER A 50 -0.18 -10.41 -13.89
C SER A 50 -1.27 -10.53 -12.80
N TYR A 51 -1.02 -9.84 -11.68
CA TYR A 51 -1.92 -9.84 -10.53
C TYR A 51 -1.85 -11.16 -9.78
N THR A 52 -1.37 -11.09 -8.54
CA THR A 52 -1.24 -12.26 -7.69
C THR A 52 -2.62 -12.76 -7.23
N HIS A 53 -2.66 -13.56 -6.18
CA HIS A 53 -3.93 -14.13 -5.70
C HIS A 53 -4.57 -13.25 -4.63
N TYR A 54 -5.54 -12.45 -5.06
CA TYR A 54 -6.29 -11.56 -4.18
C TYR A 54 -5.36 -10.68 -3.36
N SER A 55 -4.71 -9.74 -4.03
CA SER A 55 -3.80 -8.83 -3.36
C SER A 55 -4.57 -7.75 -2.62
N SER A 56 -5.03 -8.10 -1.44
CA SER A 56 -5.79 -7.19 -0.63
C SER A 56 -5.41 -7.35 0.83
N ILE A 57 -5.09 -6.22 1.45
CA ILE A 57 -4.72 -6.18 2.86
C ILE A 57 -5.86 -5.57 3.67
N ARG A 58 -6.30 -6.25 4.71
CA ARG A 58 -7.38 -5.74 5.52
C ARG A 58 -6.89 -4.56 6.38
N LEU A 59 -7.65 -3.48 6.38
CA LEU A 59 -7.29 -2.28 7.13
C LEU A 59 -7.91 -2.29 8.54
N ASP A 60 -8.48 -3.41 8.94
CA ASP A 60 -9.10 -3.51 10.25
C ASP A 60 -8.19 -4.19 11.26
N LYS A 61 -7.43 -5.18 10.80
CA LYS A 61 -6.51 -5.89 11.67
C LYS A 61 -5.30 -6.36 10.88
N TYR A 62 -4.25 -5.56 10.85
CA TYR A 62 -3.02 -5.90 10.15
C TYR A 62 -1.84 -5.24 10.87
N ASN A 63 -0.72 -5.93 10.93
CA ASN A 63 0.45 -5.39 11.60
C ASN A 63 1.42 -4.77 10.61
N ILE A 64 1.34 -3.47 10.47
CA ILE A 64 2.21 -2.74 9.55
C ILE A 64 3.37 -2.08 10.28
N ARG A 65 4.54 -2.16 9.67
CA ARG A 65 5.75 -1.59 10.24
C ARG A 65 6.60 -0.99 9.12
N GLN A 66 7.76 -0.47 9.45
CA GLN A 66 8.64 0.11 8.45
C GLN A 66 10.08 0.09 8.94
N HIS A 67 11.05 0.10 8.02
CA HIS A 67 12.45 0.08 8.40
C HIS A 67 13.17 1.31 7.89
N THR A 68 14.07 1.85 8.71
CA THR A 68 14.80 3.05 8.35
C THR A 68 16.00 2.73 7.44
N THR A 69 15.91 3.20 6.20
CA THR A 69 16.94 3.04 5.18
C THR A 69 16.68 4.16 4.16
N ASP A 70 17.42 4.21 3.04
CA ASP A 70 17.22 5.26 2.03
C ASP A 70 15.74 5.50 1.80
N GLU A 71 15.00 4.43 1.60
CA GLU A 71 13.56 4.52 1.42
C GLU A 71 12.88 3.73 2.52
N ASP A 72 12.11 4.42 3.36
CA ASP A 72 11.40 3.78 4.46
C ASP A 72 10.51 2.65 3.93
N THR A 73 10.96 1.44 4.16
CA THR A 73 10.27 0.26 3.69
C THR A 73 9.05 -0.05 4.53
N ILE A 74 7.88 0.20 3.97
CA ILE A 74 6.62 -0.04 4.67
C ILE A 74 6.23 -1.50 4.52
N VAL A 75 6.54 -2.31 5.52
CA VAL A 75 6.26 -3.71 5.48
C VAL A 75 4.95 -4.04 6.20
N LEU A 76 4.11 -4.86 5.56
CA LEU A 76 2.84 -5.24 6.14
C LEU A 76 2.89 -6.70 6.53
N GLN A 77 2.65 -6.97 7.79
CA GLN A 77 2.69 -8.33 8.29
C GLN A 77 1.32 -8.79 8.76
N PRO A 78 0.92 -10.01 8.38
CA PRO A 78 -0.38 -10.55 8.72
C PRO A 78 -0.36 -11.37 10.01
N GLN A 79 -0.97 -10.82 11.05
CA GLN A 79 -1.04 -11.49 12.35
C GLN A 79 -2.09 -12.63 12.28
N GLU A 80 -2.71 -12.75 11.12
CA GLU A 80 -3.69 -13.78 10.87
C GLU A 80 -3.42 -14.45 9.53
N PRO A 81 -3.24 -15.79 9.55
CA PRO A 81 -2.96 -16.56 8.34
C PRO A 81 -4.02 -16.35 7.27
N GLY A 82 -3.61 -15.79 6.14
CA GLY A 82 -4.56 -15.54 5.05
C GLY A 82 -4.24 -14.25 4.30
N LEU A 83 -3.64 -13.31 5.02
CA LEU A 83 -3.25 -12.04 4.44
C LEU A 83 -1.80 -12.13 3.95
N PRO A 84 -1.53 -11.53 2.77
CA PRO A 84 -0.18 -11.55 2.20
C PRO A 84 0.76 -10.60 2.95
N SER A 85 2.02 -10.98 3.04
CA SER A 85 3.01 -10.16 3.72
C SER A 85 4.00 -9.63 2.71
N PHE A 86 3.97 -8.33 2.49
CA PHE A 86 4.84 -7.71 1.53
C PHE A 86 5.39 -6.39 2.06
N ARG A 87 6.23 -5.75 1.27
CA ARG A 87 6.80 -4.48 1.67
C ARG A 87 6.63 -3.48 0.56
N ILE A 88 6.36 -2.23 0.91
CA ILE A 88 6.17 -1.21 -0.09
C ILE A 88 6.99 0.04 0.18
N LYS A 89 7.74 0.45 -0.84
CA LYS A 89 8.54 1.64 -0.78
C LYS A 89 8.23 2.39 -2.07
N PRO A 90 8.40 3.72 -2.11
CA PRO A 90 8.08 4.50 -3.29
C PRO A 90 8.65 3.89 -4.58
N LYS A 91 9.93 3.49 -4.53
CA LYS A 91 10.61 2.89 -5.66
C LYS A 91 10.38 3.70 -6.95
N ASP A 92 10.27 4.99 -6.79
CA ASP A 92 10.00 5.86 -7.94
C ASP A 92 11.16 6.79 -8.21
N PHE A 93 11.26 7.90 -7.48
CA PHE A 93 12.33 8.86 -7.68
C PHE A 93 12.99 9.23 -6.35
N GLU A 94 13.79 10.28 -6.36
CA GLU A 94 14.46 10.74 -5.16
C GLU A 94 13.54 11.69 -4.39
N THR A 95 12.84 12.54 -5.12
CA THR A 95 11.92 13.48 -4.50
C THR A 95 10.61 12.80 -4.12
N SER A 96 10.58 11.49 -4.33
CA SER A 96 9.42 10.69 -3.99
C SER A 96 9.47 10.37 -2.49
N GLU A 97 10.50 10.92 -1.84
CA GLU A 97 10.68 10.78 -0.40
C GLU A 97 9.53 11.46 0.32
N TYR A 98 9.22 12.68 -0.08
CA TYR A 98 8.13 13.41 0.53
C TYR A 98 6.79 12.76 0.18
N VAL A 99 6.84 11.90 -0.83
CA VAL A 99 5.66 11.12 -1.21
C VAL A 99 5.56 9.95 -0.23
N ARG A 100 6.74 9.44 0.13
CA ARG A 100 6.86 8.36 1.10
C ARG A 100 6.33 8.85 2.43
N LYS A 101 6.79 10.01 2.84
CA LYS A 101 6.35 10.60 4.10
C LYS A 101 4.84 10.86 4.09
N ALA A 102 4.30 11.14 2.91
CA ALA A 102 2.86 11.40 2.77
C ALA A 102 2.05 10.12 2.95
N TRP A 103 2.72 8.99 2.80
CA TRP A 103 2.11 7.69 2.97
C TRP A 103 2.40 7.17 4.38
N LEU A 104 3.60 7.48 4.88
CA LEU A 104 4.03 7.07 6.22
C LEU A 104 3.13 7.68 7.29
N ARG A 105 2.62 8.86 7.00
CA ARG A 105 1.72 9.55 7.92
C ARG A 105 0.39 8.82 7.95
N ASP A 106 -0.15 8.53 6.75
CA ASP A 106 -1.43 7.83 6.62
C ASP A 106 -1.32 6.42 7.16
N ILE A 107 -0.11 5.86 7.08
CA ILE A 107 0.16 4.51 7.56
C ILE A 107 0.31 4.49 9.08
N ALA A 108 0.88 5.56 9.63
CA ALA A 108 1.08 5.66 11.06
C ALA A 108 -0.24 5.80 11.81
N GLU A 109 -1.28 6.12 11.07
CA GLU A 109 -2.62 6.31 11.61
C GLU A 109 -3.64 6.23 10.48
N GLU A 110 -4.07 5.01 10.17
CA GLU A 110 -5.03 4.74 9.09
C GLU A 110 -6.42 5.31 9.42
N GLN A 111 -7.31 5.30 8.44
CA GLN A 111 -8.67 5.84 8.58
C GLN A 111 -9.53 5.03 9.56
N GLU A 112 -8.90 4.32 10.46
CA GLU A 112 -9.63 3.56 11.47
C GLU A 112 -10.32 4.54 12.40
N LYS A 113 -9.78 5.76 12.42
CA LYS A 113 -10.31 6.86 13.21
C LYS A 113 -11.59 7.40 12.57
N TYR A 114 -12.46 6.49 12.14
CA TYR A 114 -13.71 6.86 11.48
C TYR A 114 -14.57 7.72 12.38
N ALA A 115 -14.57 7.42 13.67
CA ALA A 115 -15.37 8.16 14.64
C ALA A 115 -14.49 9.06 15.50
N ALA A 116 -13.36 9.52 14.95
CA ALA A 116 -12.45 10.40 15.67
C ALA A 116 -12.72 11.85 15.29
N GLU A 117 -14.00 12.22 15.25
CA GLU A 117 -14.39 13.56 14.89
C GLU A 117 -14.34 14.47 16.11
N ARG A 118 -13.17 14.50 16.73
CA ARG A 118 -12.92 15.29 17.92
C ARG A 118 -11.43 15.23 18.18
N ASP A 119 -10.91 16.16 18.95
CA ASP A 119 -9.51 16.16 19.27
C ASP A 119 -9.29 15.54 20.64
N MET A 1 -15.64 9.08 5.78
CA MET A 1 -15.22 9.70 4.49
C MET A 1 -15.02 11.20 4.64
N GLY A 2 -16.04 11.88 5.11
CA GLY A 2 -15.96 13.32 5.28
C GLY A 2 -16.44 14.05 4.04
N ASP A 3 -16.10 15.34 3.95
CA ASP A 3 -16.47 16.14 2.79
C ASP A 3 -15.37 16.09 1.74
N THR A 4 -15.75 15.89 0.50
CA THR A 4 -14.82 15.81 -0.61
C THR A 4 -15.26 16.74 -1.72
N GLY A 5 -14.30 17.35 -2.39
CA GLY A 5 -14.63 18.27 -3.46
C GLY A 5 -14.97 17.54 -4.75
N LYS A 6 -14.24 16.48 -5.05
CA LYS A 6 -14.46 15.72 -6.26
C LYS A 6 -14.53 14.23 -5.95
N LEU A 7 -13.37 13.60 -5.83
CA LEU A 7 -13.29 12.18 -5.54
C LEU A 7 -13.06 11.95 -4.05
N GLY A 8 -13.56 10.83 -3.55
CA GLY A 8 -13.40 10.49 -2.15
C GLY A 8 -12.16 9.67 -1.93
N ARG A 9 -11.06 10.10 -2.55
CA ARG A 9 -9.80 9.39 -2.46
C ARG A 9 -9.16 9.58 -1.08
N ILE A 10 -9.71 8.86 -0.12
CA ILE A 10 -9.21 8.88 1.26
C ILE A 10 -7.80 8.30 1.29
N ILE A 11 -7.00 8.75 2.24
CA ILE A 11 -5.60 8.34 2.36
C ILE A 11 -4.85 8.81 1.11
N ARG A 12 -4.31 7.88 0.33
CA ARG A 12 -3.59 8.22 -0.89
C ARG A 12 -3.39 7.00 -1.79
N HIS A 13 -2.84 7.24 -2.96
CA HIS A 13 -2.54 6.21 -3.93
C HIS A 13 -1.06 6.32 -4.29
N ASP A 14 -0.32 5.24 -4.13
CA ASP A 14 1.10 5.28 -4.41
C ASP A 14 1.48 4.22 -5.45
N ALA A 15 2.78 3.99 -5.64
CA ALA A 15 3.27 3.02 -6.60
C ALA A 15 4.62 2.46 -6.15
N PHE A 16 4.73 1.14 -6.13
CA PHE A 16 5.95 0.46 -5.72
C PHE A 16 6.21 -0.75 -6.61
N GLN A 17 7.46 -1.16 -6.67
CA GLN A 17 7.87 -2.32 -7.44
C GLN A 17 8.85 -3.10 -6.60
N VAL A 18 8.31 -3.75 -5.58
CA VAL A 18 9.12 -4.48 -4.63
C VAL A 18 8.51 -5.81 -4.23
N TRP A 19 9.34 -6.60 -3.61
CA TRP A 19 9.02 -7.95 -3.17
C TRP A 19 7.71 -8.04 -2.37
N GLU A 20 6.69 -8.57 -3.03
CA GLU A 20 5.39 -8.78 -2.43
C GLU A 20 5.19 -10.25 -2.14
N GLY A 21 4.82 -10.56 -0.89
CA GLY A 21 4.61 -11.93 -0.50
C GLY A 21 5.79 -12.80 -0.81
N ASP A 22 5.52 -13.93 -1.41
CA ASP A 22 6.55 -14.87 -1.81
C ASP A 22 6.58 -14.91 -3.32
N GLU A 23 6.23 -13.76 -3.90
CA GLU A 23 6.19 -13.60 -5.35
C GLU A 23 7.33 -12.68 -5.81
N PRO A 24 7.74 -12.77 -7.09
CA PRO A 24 8.80 -11.92 -7.62
C PRO A 24 8.42 -10.45 -7.56
N PRO A 25 9.38 -9.56 -7.29
CA PRO A 25 9.11 -8.14 -7.20
C PRO A 25 8.33 -7.61 -8.40
N LYS A 26 7.11 -7.17 -8.11
CA LYS A 26 6.21 -6.68 -9.13
C LYS A 26 5.83 -5.23 -8.92
N LEU A 27 5.52 -4.55 -10.01
CA LEU A 27 5.14 -3.15 -9.93
C LEU A 27 3.69 -3.03 -9.47
N ARG A 28 3.45 -3.11 -8.17
CA ARG A 28 2.10 -2.99 -7.66
C ARG A 28 1.75 -1.55 -7.32
N TYR A 29 0.76 -1.02 -8.02
CA TYR A 29 0.30 0.33 -7.73
C TYR A 29 -0.60 0.24 -6.51
N VAL A 30 -0.02 0.51 -5.35
CA VAL A 30 -0.75 0.39 -4.10
C VAL A 30 -1.56 1.64 -3.73
N PHE A 31 -2.88 1.48 -3.81
CA PHE A 31 -3.82 2.54 -3.45
C PHE A 31 -4.50 2.10 -2.16
N LEU A 32 -4.55 2.95 -1.15
CA LEU A 32 -5.20 2.56 0.09
C LEU A 32 -6.40 3.44 0.38
N PHE A 33 -7.44 2.83 0.93
CA PHE A 33 -8.65 3.52 1.30
C PHE A 33 -8.99 3.10 2.72
N ARG A 34 -9.61 3.98 3.47
CA ARG A 34 -9.96 3.68 4.86
C ARG A 34 -11.02 2.58 4.92
N ASN A 35 -10.54 1.36 4.85
CA ASN A 35 -11.37 0.16 4.88
C ASN A 35 -10.48 -1.06 4.72
N LYS A 36 -9.44 -0.91 3.89
CA LYS A 36 -8.49 -1.99 3.62
C LYS A 36 -7.47 -1.52 2.58
N ILE A 37 -6.70 -2.47 2.05
CA ILE A 37 -5.73 -2.18 1.01
C ILE A 37 -6.29 -2.66 -0.33
N MET A 38 -6.38 -1.75 -1.30
CA MET A 38 -6.93 -2.09 -2.61
C MET A 38 -5.97 -1.69 -3.72
N PHE A 39 -4.87 -2.39 -3.83
CA PHE A 39 -3.87 -2.09 -4.85
C PHE A 39 -3.99 -2.96 -6.10
N THR A 40 -3.37 -2.51 -7.19
CA THR A 40 -3.40 -3.24 -8.45
C THR A 40 -1.99 -3.65 -8.86
N GLU A 41 -1.80 -4.95 -9.09
CA GLU A 41 -0.49 -5.45 -9.48
C GLU A 41 -0.25 -5.28 -10.99
N GLN A 42 -0.23 -4.04 -11.43
CA GLN A 42 0.01 -3.71 -12.83
C GLN A 42 1.50 -3.83 -13.12
N ASP A 43 1.95 -5.05 -13.41
CA ASP A 43 3.35 -5.27 -13.66
C ASP A 43 3.71 -5.21 -15.13
N ALA A 44 4.98 -5.03 -15.37
CA ALA A 44 5.54 -4.97 -16.71
C ALA A 44 6.98 -5.48 -16.68
N SER A 45 7.44 -5.86 -15.50
CA SER A 45 8.80 -6.36 -15.32
C SER A 45 8.83 -7.89 -15.43
N THR A 46 7.99 -8.57 -14.65
CA THR A 46 7.97 -10.03 -14.67
C THR A 46 6.72 -10.56 -15.38
N SER A 47 5.66 -9.78 -15.34
CA SER A 47 4.40 -10.14 -15.99
C SER A 47 3.97 -9.02 -16.92
N PRO A 48 4.48 -9.05 -18.17
CA PRO A 48 4.19 -8.03 -19.21
C PRO A 48 2.73 -7.55 -19.33
N PRO A 49 1.70 -8.45 -19.35
CA PRO A 49 0.30 -8.02 -19.50
C PRO A 49 -0.32 -7.46 -18.22
N SER A 50 0.48 -7.25 -17.16
CA SER A 50 0.01 -6.70 -15.88
C SER A 50 -1.18 -7.48 -15.31
N TYR A 51 -1.93 -6.87 -14.40
CA TYR A 51 -3.10 -7.50 -13.81
C TYR A 51 -4.19 -6.45 -13.57
N THR A 52 -5.37 -6.91 -13.20
CA THR A 52 -6.49 -6.02 -12.97
C THR A 52 -6.69 -5.74 -11.47
N HIS A 53 -7.81 -5.13 -11.14
CA HIS A 53 -8.12 -4.77 -9.74
C HIS A 53 -8.71 -5.94 -8.97
N TYR A 54 -7.90 -6.95 -8.67
CA TYR A 54 -8.37 -8.12 -7.92
C TYR A 54 -7.43 -8.42 -6.75
N SER A 55 -6.57 -7.47 -6.45
CA SER A 55 -5.62 -7.60 -5.37
C SER A 55 -6.10 -6.81 -4.15
N SER A 56 -6.14 -7.45 -2.99
CA SER A 56 -6.61 -6.78 -1.77
C SER A 56 -5.94 -7.33 -0.52
N ILE A 57 -5.83 -6.46 0.50
CA ILE A 57 -5.22 -6.81 1.77
C ILE A 57 -6.04 -6.22 2.91
N ARG A 58 -6.46 -7.06 3.84
CA ARG A 58 -7.24 -6.61 4.97
C ARG A 58 -6.32 -5.96 6.00
N LEU A 59 -6.71 -4.81 6.51
CA LEU A 59 -5.91 -4.10 7.52
C LEU A 59 -6.50 -4.31 8.91
N ASP A 60 -7.70 -4.88 8.95
CA ASP A 60 -8.39 -5.13 10.21
C ASP A 60 -7.51 -5.91 11.19
N LYS A 61 -6.82 -6.90 10.67
CA LYS A 61 -5.93 -7.72 11.47
C LYS A 61 -4.50 -7.58 10.95
N TYR A 62 -4.19 -6.36 10.52
CA TYR A 62 -2.89 -6.07 9.98
C TYR A 62 -2.13 -5.09 10.87
N ASN A 63 -0.82 -5.22 10.84
CA ASN A 63 0.07 -4.34 11.58
C ASN A 63 1.07 -3.82 10.59
N ILE A 64 0.66 -2.82 9.86
CA ILE A 64 1.49 -2.23 8.84
C ILE A 64 2.30 -1.07 9.40
N ARG A 65 3.62 -1.23 9.38
CA ARG A 65 4.54 -0.23 9.90
C ARG A 65 5.41 0.36 8.80
N GLN A 66 6.45 1.10 9.18
CA GLN A 66 7.34 1.70 8.21
C GLN A 66 8.71 1.95 8.80
N HIS A 67 9.76 1.80 8.00
CA HIS A 67 11.12 2.02 8.44
C HIS A 67 11.87 2.81 7.36
N THR A 68 12.24 4.04 7.68
CA THR A 68 12.91 4.90 6.71
C THR A 68 14.41 4.98 7.00
N THR A 69 15.14 3.92 6.68
CA THR A 69 16.58 3.91 6.88
C THR A 69 17.23 4.80 5.81
N ASP A 70 16.62 4.79 4.64
CA ASP A 70 17.03 5.59 3.49
C ASP A 70 15.81 5.78 2.64
N GLU A 71 15.22 4.66 2.28
CA GLU A 71 13.98 4.63 1.55
C GLU A 71 12.90 4.30 2.56
N ASP A 72 11.68 4.73 2.33
CA ASP A 72 10.62 4.44 3.27
C ASP A 72 10.05 3.05 3.01
N THR A 73 10.44 2.11 3.86
CA THR A 73 9.98 0.74 3.73
C THR A 73 8.72 0.55 4.54
N ILE A 74 7.58 0.49 3.86
CA ILE A 74 6.33 0.27 4.53
C ILE A 74 6.15 -1.24 4.64
N VAL A 75 6.33 -1.76 5.83
CA VAL A 75 6.24 -3.19 6.03
C VAL A 75 4.86 -3.63 6.49
N LEU A 76 4.30 -4.57 5.77
CA LEU A 76 3.00 -5.11 6.10
C LEU A 76 3.19 -6.36 6.93
N GLN A 77 2.83 -6.30 8.19
CA GLN A 77 2.99 -7.44 9.08
C GLN A 77 1.62 -7.99 9.49
N PRO A 78 1.40 -9.29 9.33
CA PRO A 78 0.14 -9.95 9.67
C PRO A 78 0.13 -10.37 11.13
N GLN A 79 -0.95 -10.10 11.84
CA GLN A 79 -1.03 -10.48 13.25
C GLN A 79 -1.67 -11.86 13.37
N GLU A 80 -1.85 -12.52 12.24
CA GLU A 80 -2.41 -13.86 12.21
C GLU A 80 -1.34 -14.85 11.76
N PRO A 81 -1.49 -16.14 12.06
CA PRO A 81 -0.52 -17.15 11.67
C PRO A 81 -0.67 -17.55 10.20
N GLY A 82 -0.73 -16.56 9.33
CA GLY A 82 -0.88 -16.80 7.92
C GLY A 82 -0.61 -15.53 7.12
N LEU A 83 -1.62 -15.12 6.35
CA LEU A 83 -1.60 -13.91 5.50
C LEU A 83 -0.22 -13.48 4.98
N PRO A 84 0.02 -13.67 3.67
CA PRO A 84 1.29 -13.27 3.05
C PRO A 84 1.59 -11.81 3.38
N SER A 85 2.83 -11.53 3.67
CA SER A 85 3.23 -10.20 4.01
C SER A 85 4.27 -9.69 3.03
N PHE A 86 4.26 -8.40 2.76
CA PHE A 86 5.22 -7.84 1.82
C PHE A 86 5.80 -6.53 2.31
N ARG A 87 6.87 -6.11 1.67
CA ARG A 87 7.57 -4.89 1.99
C ARG A 87 7.52 -3.97 0.78
N ILE A 88 7.07 -2.74 0.96
CA ILE A 88 7.03 -1.82 -0.16
C ILE A 88 8.03 -0.70 0.00
N LYS A 89 8.91 -0.60 -0.99
CA LYS A 89 9.93 0.43 -1.03
C LYS A 89 9.77 1.17 -2.34
N PRO A 90 10.07 2.48 -2.37
CA PRO A 90 9.94 3.31 -3.58
C PRO A 90 10.64 2.69 -4.81
N LYS A 91 11.70 1.94 -4.55
CA LYS A 91 12.52 1.27 -5.55
C LYS A 91 13.17 2.30 -6.48
N ASP A 92 12.38 2.86 -7.35
CA ASP A 92 12.83 3.88 -8.29
C ASP A 92 11.83 5.04 -8.30
N PHE A 93 12.31 6.25 -8.05
CA PHE A 93 11.45 7.44 -8.02
C PHE A 93 12.27 8.71 -8.27
N GLU A 94 11.61 9.88 -8.21
CA GLU A 94 12.28 11.17 -8.42
C GLU A 94 12.24 12.01 -7.13
N THR A 95 11.13 12.73 -6.94
CA THR A 95 10.94 13.54 -5.75
C THR A 95 9.59 13.14 -5.14
N SER A 96 9.35 11.84 -5.20
CA SER A 96 8.11 11.24 -4.76
C SER A 96 8.10 10.87 -3.27
N GLU A 97 9.16 11.20 -2.55
CA GLU A 97 9.21 10.89 -1.12
C GLU A 97 8.25 11.71 -0.30
N TYR A 98 7.86 12.87 -0.82
CA TYR A 98 6.91 13.73 -0.11
C TYR A 98 5.65 12.94 0.16
N VAL A 99 5.09 12.36 -0.89
CA VAL A 99 3.87 11.58 -0.77
C VAL A 99 4.09 10.39 0.13
N ARG A 100 5.23 9.73 -0.02
CA ARG A 100 5.55 8.57 0.81
C ARG A 100 5.50 8.93 2.28
N LYS A 101 6.10 10.05 2.65
CA LYS A 101 6.11 10.47 4.04
C LYS A 101 4.70 10.84 4.51
N ALA A 102 3.94 11.48 3.64
CA ALA A 102 2.57 11.89 3.95
C ALA A 102 1.64 10.71 4.03
N TRP A 103 1.36 10.13 2.89
CA TRP A 103 0.43 9.01 2.77
C TRP A 103 0.75 7.86 3.72
N LEU A 104 2.02 7.67 4.08
CA LEU A 104 2.39 6.61 5.02
C LEU A 104 1.86 7.03 6.39
N ARG A 105 1.96 8.32 6.68
CA ARG A 105 1.48 8.85 7.95
C ARG A 105 -0.01 8.50 8.11
N ASP A 106 -0.72 8.43 6.97
CA ASP A 106 -2.14 8.06 6.94
C ASP A 106 -2.31 6.55 7.17
N ILE A 107 -1.20 5.83 7.01
CA ILE A 107 -1.15 4.39 7.26
C ILE A 107 -1.02 4.19 8.77
N ALA A 108 -0.23 5.07 9.38
CA ALA A 108 0.00 5.05 10.82
C ALA A 108 -1.28 5.42 11.57
N GLU A 109 -1.79 6.63 11.31
CA GLU A 109 -3.03 7.11 11.94
C GLU A 109 -4.26 6.50 11.27
N GLU A 110 -4.21 5.19 11.07
CA GLU A 110 -5.29 4.45 10.45
C GLU A 110 -6.56 4.52 11.28
N GLN A 111 -7.50 5.36 10.81
CA GLN A 111 -8.78 5.59 11.47
C GLN A 111 -8.64 5.68 13.00
N GLU A 112 -7.67 6.48 13.46
CA GLU A 112 -7.46 6.63 14.90
C GLU A 112 -8.36 7.71 15.47
N LYS A 113 -8.85 8.58 14.61
CA LYS A 113 -9.74 9.65 15.03
C LYS A 113 -11.10 9.03 15.35
N TYR A 114 -11.43 7.98 14.57
CA TYR A 114 -12.65 7.20 14.67
C TYR A 114 -13.82 8.01 15.26
N ALA A 115 -14.19 9.07 14.55
CA ALA A 115 -15.27 9.94 14.99
C ALA A 115 -16.60 9.18 15.03
N ALA A 116 -16.99 8.65 13.90
CA ALA A 116 -18.22 7.89 13.79
C ALA A 116 -17.93 6.43 13.53
N GLU A 117 -18.85 5.56 13.90
CA GLU A 117 -18.68 4.14 13.68
C GLU A 117 -19.17 3.76 12.30
N ARG A 118 -18.50 4.28 11.29
CA ARG A 118 -18.85 4.03 9.93
C ARG A 118 -17.59 4.10 9.11
N ASP A 119 -17.12 5.33 8.89
CA ASP A 119 -15.92 5.55 8.16
C ASP A 119 -15.53 7.02 8.20
N MET A 1 -18.29 21.06 8.44
CA MET A 1 -18.01 20.34 7.17
C MET A 1 -18.25 18.85 7.37
N GLY A 2 -18.44 18.12 6.28
CA GLY A 2 -18.69 16.70 6.40
C GLY A 2 -18.72 15.99 5.05
N ASP A 3 -17.54 15.67 4.53
CA ASP A 3 -17.43 14.98 3.24
C ASP A 3 -17.66 13.49 3.42
N THR A 4 -18.92 13.06 3.35
CA THR A 4 -19.26 11.66 3.54
C THR A 4 -19.01 10.85 2.27
N GLY A 5 -18.01 10.00 2.32
CA GLY A 5 -17.70 9.17 1.17
C GLY A 5 -17.07 7.86 1.58
N LYS A 6 -17.64 6.75 1.12
CA LYS A 6 -17.11 5.44 1.45
C LYS A 6 -15.92 5.13 0.54
N LEU A 7 -15.99 5.69 -0.65
CA LEU A 7 -14.94 5.56 -1.64
C LEU A 7 -14.49 6.96 -2.02
N GLY A 8 -14.72 7.35 -3.28
CA GLY A 8 -14.34 8.69 -3.71
C GLY A 8 -12.86 9.01 -3.54
N ARG A 9 -12.06 8.01 -3.15
CA ARG A 9 -10.63 8.22 -2.92
C ARG A 9 -10.42 9.25 -1.80
N ILE A 10 -10.88 8.89 -0.61
CA ILE A 10 -10.76 9.73 0.58
C ILE A 10 -9.32 9.85 1.06
N ILE A 11 -8.56 8.74 1.08
CA ILE A 11 -7.19 8.81 1.53
C ILE A 11 -6.24 9.07 0.35
N ARG A 12 -5.59 8.02 -0.13
CA ARG A 12 -4.66 8.16 -1.24
C ARG A 12 -4.49 6.85 -2.00
N HIS A 13 -3.88 6.91 -3.18
CA HIS A 13 -3.67 5.72 -3.98
C HIS A 13 -2.48 5.88 -4.93
N ASP A 14 -1.29 5.57 -4.42
CA ASP A 14 -0.07 5.69 -5.21
C ASP A 14 0.47 4.32 -5.58
N ALA A 15 1.39 4.27 -6.54
CA ALA A 15 1.95 3.01 -6.97
C ALA A 15 3.30 2.71 -6.31
N PHE A 16 3.48 1.47 -5.86
CA PHE A 16 4.73 1.09 -5.20
C PHE A 16 5.37 -0.16 -5.79
N GLN A 17 6.52 0.02 -6.40
CA GLN A 17 7.27 -1.06 -7.01
C GLN A 17 8.05 -1.80 -5.91
N VAL A 18 7.68 -3.04 -5.62
CA VAL A 18 8.33 -3.79 -4.55
C VAL A 18 8.63 -5.22 -4.95
N TRP A 19 8.62 -6.10 -3.94
CA TRP A 19 8.89 -7.52 -4.13
C TRP A 19 7.63 -8.34 -3.91
N GLU A 20 6.92 -7.98 -2.86
CA GLU A 20 5.65 -8.62 -2.46
C GLU A 20 5.87 -10.04 -1.96
N GLY A 21 6.33 -10.16 -0.71
CA GLY A 21 6.55 -11.46 -0.11
C GLY A 21 7.75 -12.19 -0.67
N ASP A 22 7.63 -13.51 -0.78
CA ASP A 22 8.69 -14.36 -1.30
C ASP A 22 8.51 -14.50 -2.80
N GLU A 23 8.33 -13.37 -3.47
CA GLU A 23 8.15 -13.33 -4.90
C GLU A 23 9.17 -12.38 -5.52
N PRO A 24 9.44 -12.54 -6.83
CA PRO A 24 10.37 -11.66 -7.54
C PRO A 24 9.85 -10.23 -7.54
N PRO A 25 10.72 -9.23 -7.74
CA PRO A 25 10.30 -7.82 -7.74
C PRO A 25 9.21 -7.54 -8.77
N LYS A 26 8.16 -6.87 -8.33
CA LYS A 26 7.03 -6.54 -9.15
C LYS A 26 6.58 -5.10 -8.92
N LEU A 27 5.29 -4.87 -9.08
CA LEU A 27 4.71 -3.54 -8.88
C LEU A 27 3.26 -3.67 -8.40
N ARG A 28 2.82 -2.76 -7.53
CA ARG A 28 1.46 -2.80 -7.01
C ARG A 28 0.95 -1.39 -6.68
N TYR A 29 -0.13 -0.94 -7.34
CA TYR A 29 -0.67 0.38 -6.99
C TYR A 29 -1.41 0.17 -5.68
N VAL A 30 -1.09 0.93 -4.66
CA VAL A 30 -1.72 0.78 -3.35
C VAL A 30 -2.74 1.88 -3.11
N PHE A 31 -4.02 1.48 -3.04
CA PHE A 31 -5.13 2.40 -2.83
C PHE A 31 -5.73 2.22 -1.44
N LEU A 32 -5.66 3.24 -0.63
CA LEU A 32 -6.25 3.15 0.70
C LEU A 32 -7.51 3.99 0.78
N PHE A 33 -8.57 3.40 1.33
CA PHE A 33 -9.82 4.09 1.49
C PHE A 33 -10.33 3.87 2.91
N ARG A 34 -11.45 4.43 3.26
CA ARG A 34 -11.97 4.23 4.59
C ARG A 34 -12.73 2.90 4.64
N ASN A 35 -11.99 1.85 4.31
CA ASN A 35 -12.49 0.49 4.28
C ASN A 35 -11.33 -0.46 4.46
N LYS A 36 -10.47 -0.53 3.45
CA LYS A 36 -9.29 -1.40 3.48
C LYS A 36 -8.14 -0.80 2.67
N ILE A 37 -7.26 -1.65 2.15
CA ILE A 37 -6.14 -1.21 1.34
C ILE A 37 -6.01 -2.12 0.14
N MET A 38 -6.48 -1.69 -1.00
CA MET A 38 -6.42 -2.51 -2.20
C MET A 38 -5.16 -2.21 -2.98
N PHE A 39 -4.53 -3.25 -3.50
CA PHE A 39 -3.30 -3.09 -4.25
C PHE A 39 -3.15 -4.19 -5.29
N THR A 40 -2.77 -3.80 -6.51
CA THR A 40 -2.57 -4.76 -7.58
C THR A 40 -2.02 -4.10 -8.83
N GLU A 41 -0.88 -4.63 -9.29
CA GLU A 41 -0.22 -4.16 -10.50
C GLU A 41 0.73 -5.26 -10.97
N GLN A 42 1.37 -5.05 -12.11
CA GLN A 42 2.27 -6.02 -12.67
C GLN A 42 3.57 -5.37 -13.04
N ASP A 43 4.62 -6.13 -12.93
CA ASP A 43 5.95 -5.66 -13.29
C ASP A 43 6.87 -6.83 -13.61
N ALA A 44 7.28 -6.94 -14.88
CA ALA A 44 8.18 -8.00 -15.33
C ALA A 44 7.63 -9.39 -15.02
N SER A 45 8.48 -10.41 -15.16
CA SER A 45 8.13 -11.81 -14.92
C SER A 45 7.09 -12.31 -15.94
N THR A 46 5.89 -11.77 -15.86
CA THR A 46 4.81 -12.16 -16.77
C THR A 46 4.71 -11.17 -17.93
N SER A 47 5.89 -10.81 -18.43
CA SER A 47 6.10 -9.91 -19.59
C SER A 47 5.60 -8.45 -19.39
N PRO A 48 4.37 -8.00 -19.81
CA PRO A 48 3.97 -6.60 -19.64
C PRO A 48 3.57 -6.24 -18.21
N PRO A 49 3.56 -4.93 -17.89
CA PRO A 49 3.19 -4.44 -16.56
C PRO A 49 1.67 -4.32 -16.44
N SER A 50 1.22 -3.82 -15.30
CA SER A 50 -0.22 -3.66 -15.01
C SER A 50 -0.83 -5.06 -14.88
N TYR A 51 -1.26 -5.39 -13.67
CA TYR A 51 -1.79 -6.72 -13.41
C TYR A 51 -3.28 -6.80 -13.75
N THR A 52 -4.10 -6.89 -12.72
CA THR A 52 -5.54 -6.95 -12.86
C THR A 52 -6.16 -6.86 -11.46
N HIS A 53 -7.34 -6.29 -11.35
CA HIS A 53 -8.01 -6.16 -10.06
C HIS A 53 -8.25 -7.54 -9.45
N TYR A 54 -7.55 -7.85 -8.35
CA TYR A 54 -7.68 -9.16 -7.71
C TYR A 54 -7.29 -9.12 -6.24
N SER A 55 -6.03 -8.77 -5.97
CA SER A 55 -5.49 -8.73 -4.60
C SER A 55 -5.90 -7.47 -3.83
N SER A 56 -6.04 -7.64 -2.51
CA SER A 56 -6.42 -6.54 -1.62
C SER A 56 -6.08 -6.90 -0.17
N ILE A 57 -5.80 -5.89 0.63
CA ILE A 57 -5.49 -6.08 2.04
C ILE A 57 -6.70 -5.69 2.88
N ARG A 58 -6.83 -6.27 4.06
CA ARG A 58 -7.95 -5.96 4.94
C ARG A 58 -7.47 -5.73 6.36
N LEU A 59 -7.93 -4.64 6.97
CA LEU A 59 -7.58 -4.30 8.35
C LEU A 59 -8.37 -5.20 9.30
N ASP A 60 -8.36 -6.46 8.94
CA ASP A 60 -9.03 -7.50 9.71
C ASP A 60 -8.01 -8.25 10.53
N LYS A 61 -7.07 -8.90 9.86
CA LYS A 61 -6.04 -9.66 10.57
C LYS A 61 -4.64 -9.41 10.00
N TYR A 62 -4.27 -8.14 9.94
CA TYR A 62 -2.93 -7.78 9.46
C TYR A 62 -2.32 -6.72 10.37
N ASN A 63 -1.01 -6.75 10.52
CA ASN A 63 -0.32 -5.77 11.36
C ASN A 63 0.61 -4.96 10.49
N ILE A 64 0.38 -3.68 10.44
CA ILE A 64 1.19 -2.81 9.62
C ILE A 64 2.34 -2.21 10.41
N ARG A 65 3.48 -2.09 9.74
CA ARG A 65 4.70 -1.57 10.32
C ARG A 65 5.41 -0.66 9.32
N GLN A 66 6.63 -0.30 9.65
CA GLN A 66 7.46 0.52 8.78
C GLN A 66 8.91 0.06 8.88
N HIS A 67 9.56 -0.04 7.74
CA HIS A 67 10.94 -0.47 7.70
C HIS A 67 11.84 0.74 7.66
N THR A 68 12.61 0.91 8.71
CA THR A 68 13.51 2.04 8.77
C THR A 68 14.93 1.53 8.52
N THR A 69 15.93 2.10 9.18
CA THR A 69 17.32 1.68 9.02
C THR A 69 17.80 2.00 7.60
N ASP A 70 18.27 3.24 7.40
CA ASP A 70 18.75 3.76 6.11
C ASP A 70 17.59 4.34 5.31
N GLU A 71 16.61 3.52 5.00
CA GLU A 71 15.45 3.97 4.24
C GLU A 71 14.15 3.59 4.93
N ASP A 72 13.17 4.47 4.83
CA ASP A 72 11.86 4.27 5.43
C ASP A 72 10.88 3.69 4.42
N THR A 73 10.39 2.49 4.69
CA THR A 73 9.46 1.80 3.82
C THR A 73 8.24 1.36 4.64
N ILE A 74 7.12 1.08 3.99
CA ILE A 74 5.94 0.63 4.71
C ILE A 74 5.85 -0.88 4.57
N VAL A 75 5.61 -1.57 5.67
CA VAL A 75 5.55 -3.03 5.66
C VAL A 75 4.32 -3.57 6.36
N LEU A 76 3.54 -4.36 5.63
CA LEU A 76 2.35 -4.99 6.15
C LEU A 76 2.68 -6.44 6.51
N GLN A 77 2.52 -6.78 7.77
CA GLN A 77 2.87 -8.11 8.25
C GLN A 77 1.67 -8.92 8.70
N PRO A 78 1.77 -10.26 8.58
CA PRO A 78 0.72 -11.18 8.99
C PRO A 78 0.76 -11.44 10.49
N GLN A 79 -0.07 -10.71 11.22
CA GLN A 79 -0.14 -10.84 12.68
C GLN A 79 -0.35 -12.30 13.06
N GLU A 80 -1.05 -13.04 12.21
CA GLU A 80 -1.32 -14.45 12.43
C GLU A 80 -0.80 -15.25 11.24
N PRO A 81 -0.19 -16.42 11.49
CA PRO A 81 0.35 -17.25 10.43
C PRO A 81 -0.70 -17.67 9.43
N GLY A 82 -0.38 -17.51 8.15
CA GLY A 82 -1.31 -17.86 7.09
C GLY A 82 -1.21 -16.85 5.96
N LEU A 83 -1.14 -15.58 6.37
CA LEU A 83 -1.01 -14.47 5.44
C LEU A 83 0.46 -14.31 5.07
N PRO A 84 0.78 -13.97 3.81
CA PRO A 84 2.17 -13.80 3.38
C PRO A 84 2.75 -12.50 3.91
N SER A 85 3.93 -12.14 3.44
CA SER A 85 4.57 -10.91 3.86
C SER A 85 4.38 -9.86 2.78
N PHE A 86 4.06 -8.63 3.16
CA PHE A 86 3.81 -7.60 2.18
C PHE A 86 4.62 -6.33 2.49
N ARG A 87 5.34 -5.84 1.49
CA ARG A 87 6.15 -4.64 1.65
C ARG A 87 5.91 -3.73 0.45
N ILE A 88 5.99 -2.41 0.65
CA ILE A 88 5.80 -1.46 -0.44
C ILE A 88 6.83 -0.34 -0.36
N LYS A 89 7.73 -0.30 -1.34
CA LYS A 89 8.78 0.70 -1.34
C LYS A 89 8.67 1.66 -2.52
N PRO A 90 8.66 2.95 -2.24
CA PRO A 90 8.60 4.00 -3.24
C PRO A 90 10.02 4.37 -3.69
N LYS A 91 10.80 3.35 -4.06
CA LYS A 91 12.20 3.53 -4.45
C LYS A 91 12.34 4.14 -5.84
N ASP A 92 11.55 3.65 -6.78
CA ASP A 92 11.63 4.13 -8.14
C ASP A 92 10.26 4.14 -8.81
N PHE A 93 9.80 5.32 -9.19
CA PHE A 93 8.52 5.51 -9.85
C PHE A 93 8.26 6.99 -10.00
N GLU A 94 7.72 7.39 -11.13
CA GLU A 94 7.43 8.79 -11.40
C GLU A 94 6.45 9.32 -10.36
N THR A 95 6.94 10.20 -9.50
CA THR A 95 6.15 10.80 -8.43
C THR A 95 5.70 9.71 -7.45
N SER A 96 6.64 9.26 -6.65
CA SER A 96 6.40 8.24 -5.63
C SER A 96 7.42 8.42 -4.51
N GLU A 97 8.69 8.53 -4.92
CA GLU A 97 9.79 8.71 -3.98
C GLU A 97 9.58 10.01 -3.20
N TYR A 98 8.95 10.97 -3.85
CA TYR A 98 8.65 12.25 -3.22
C TYR A 98 7.49 12.11 -2.25
N VAL A 99 6.39 11.53 -2.72
CA VAL A 99 5.22 11.35 -1.86
C VAL A 99 5.51 10.32 -0.77
N ARG A 100 6.65 9.66 -0.88
CA ARG A 100 7.11 8.66 0.07
C ARG A 100 7.16 9.28 1.46
N LYS A 101 7.60 10.52 1.50
CA LYS A 101 7.68 11.30 2.73
C LYS A 101 6.28 11.54 3.27
N ALA A 102 5.35 11.74 2.33
CA ALA A 102 3.95 11.99 2.66
C ALA A 102 3.15 10.71 2.86
N TRP A 103 3.78 9.55 2.73
CA TRP A 103 3.07 8.30 3.00
C TRP A 103 3.42 7.91 4.42
N LEU A 104 4.54 8.44 4.88
CA LEU A 104 5.03 8.27 6.22
C LEU A 104 4.21 9.13 7.18
N ARG A 105 2.94 9.27 6.85
CA ARG A 105 1.99 10.05 7.61
C ARG A 105 0.61 9.46 7.40
N ASP A 106 0.34 8.96 6.19
CA ASP A 106 -0.94 8.34 5.88
C ASP A 106 -1.18 7.14 6.79
N ILE A 107 -0.09 6.63 7.33
CA ILE A 107 -0.11 5.51 8.26
C ILE A 107 -0.06 6.05 9.69
N ALA A 108 0.77 7.08 9.86
CA ALA A 108 0.98 7.73 11.16
C ALA A 108 -0.29 8.37 11.72
N GLU A 109 -1.31 8.41 10.89
CA GLU A 109 -2.60 8.98 11.26
C GLU A 109 -3.67 8.47 10.30
N GLU A 110 -3.66 7.16 10.05
CA GLU A 110 -4.64 6.54 9.17
C GLU A 110 -6.04 6.75 9.72
N GLN A 111 -6.99 6.94 8.82
CA GLN A 111 -8.36 7.26 9.18
C GLN A 111 -9.07 6.24 10.08
N GLU A 112 -8.94 4.93 9.83
CA GLU A 112 -9.64 3.96 10.69
C GLU A 112 -9.26 4.16 12.16
N LYS A 113 -8.03 4.60 12.33
CA LYS A 113 -7.44 4.83 13.64
C LYS A 113 -8.01 6.06 14.34
N TYR A 114 -8.86 6.79 13.64
CA TYR A 114 -9.50 7.98 14.22
C TYR A 114 -10.32 7.58 15.44
N ALA A 115 -10.79 6.34 15.42
CA ALA A 115 -11.55 5.79 16.52
C ALA A 115 -10.61 5.45 17.67
N ALA A 116 -10.79 6.13 18.80
CA ALA A 116 -9.94 5.92 19.97
C ALA A 116 -10.28 4.61 20.68
N GLU A 117 -10.14 3.51 19.96
CA GLU A 117 -10.41 2.19 20.50
C GLU A 117 -9.19 1.29 20.36
N ARG A 118 -9.02 0.40 21.32
CA ARG A 118 -7.89 -0.52 21.33
C ARG A 118 -8.28 -1.85 20.68
N ASP A 119 -9.18 -2.57 21.35
CA ASP A 119 -9.64 -3.86 20.85
C ASP A 119 -11.04 -4.14 21.39
N MET A 1 -13.38 26.96 2.62
CA MET A 1 -12.78 27.75 1.52
C MET A 1 -12.20 26.82 0.45
N GLY A 2 -11.56 25.73 0.91
CA GLY A 2 -10.97 24.78 0.00
C GLY A 2 -11.07 23.36 0.53
N ASP A 3 -11.67 22.49 -0.25
CA ASP A 3 -11.83 21.08 0.14
C ASP A 3 -10.79 20.21 -0.57
N THR A 4 -10.45 19.08 0.03
CA THR A 4 -9.47 18.18 -0.55
C THR A 4 -10.11 16.81 -0.84
N GLY A 5 -10.30 16.51 -2.12
CA GLY A 5 -10.90 15.26 -2.50
C GLY A 5 -12.40 15.35 -2.57
N LYS A 6 -12.93 15.29 -3.78
CA LYS A 6 -14.36 15.32 -4.01
C LYS A 6 -14.83 13.92 -4.35
N LEU A 7 -13.94 13.14 -4.97
CA LEU A 7 -14.23 11.76 -5.32
C LEU A 7 -14.02 10.87 -4.08
N GLY A 8 -14.10 9.56 -4.28
CA GLY A 8 -13.94 8.63 -3.17
C GLY A 8 -12.46 8.41 -2.79
N ARG A 9 -11.59 9.32 -3.21
CA ARG A 9 -10.16 9.23 -2.92
C ARG A 9 -9.88 9.73 -1.50
N ILE A 10 -10.46 9.02 -0.55
CA ILE A 10 -10.37 9.36 0.87
C ILE A 10 -8.96 9.25 1.47
N ILE A 11 -8.17 8.24 1.09
CA ILE A 11 -6.82 8.12 1.63
C ILE A 11 -5.77 8.47 0.55
N ARG A 12 -5.05 7.47 0.05
CA ARG A 12 -4.00 7.70 -0.93
C ARG A 12 -3.96 6.62 -2.01
N HIS A 13 -3.25 6.93 -3.08
CA HIS A 13 -3.07 6.01 -4.18
C HIS A 13 -1.74 6.28 -4.89
N ASP A 14 -0.90 5.26 -5.00
CA ASP A 14 0.39 5.43 -5.65
C ASP A 14 0.90 4.09 -6.15
N ALA A 15 1.54 4.09 -7.32
CA ALA A 15 2.08 2.89 -7.93
C ALA A 15 3.51 2.62 -7.46
N PHE A 16 3.74 1.44 -6.92
CA PHE A 16 5.07 1.07 -6.45
C PHE A 16 5.51 -0.22 -7.13
N GLN A 17 6.79 -0.56 -6.99
CA GLN A 17 7.35 -1.75 -7.56
C GLN A 17 8.32 -2.34 -6.57
N VAL A 18 7.77 -3.04 -5.59
CA VAL A 18 8.57 -3.62 -4.51
C VAL A 18 8.15 -5.03 -4.13
N TRP A 19 9.16 -5.75 -3.64
CA TRP A 19 9.06 -7.13 -3.19
C TRP A 19 7.79 -7.42 -2.40
N GLU A 20 7.01 -8.37 -2.90
CA GLU A 20 5.77 -8.74 -2.23
C GLU A 20 5.98 -9.95 -1.33
N GLY A 21 7.16 -10.02 -0.76
CA GLY A 21 7.50 -11.12 0.11
C GLY A 21 8.37 -12.10 -0.62
N ASP A 22 7.91 -13.34 -0.76
CA ASP A 22 8.67 -14.36 -1.49
C ASP A 22 8.35 -14.27 -2.97
N GLU A 23 7.58 -13.24 -3.33
CA GLU A 23 7.22 -12.97 -4.70
C GLU A 23 8.19 -11.96 -5.30
N PRO A 24 8.70 -12.21 -6.52
CA PRO A 24 9.65 -11.31 -7.20
C PRO A 24 9.10 -9.88 -7.32
N PRO A 25 9.97 -8.86 -7.22
CA PRO A 25 9.54 -7.47 -7.34
C PRO A 25 8.81 -7.22 -8.66
N LYS A 26 7.71 -6.51 -8.57
CA LYS A 26 6.90 -6.19 -9.73
C LYS A 26 6.12 -4.93 -9.46
N LEU A 27 5.48 -4.41 -10.50
CA LEU A 27 4.71 -3.19 -10.39
C LEU A 27 3.35 -3.47 -9.77
N ARG A 28 2.94 -2.61 -8.85
CA ARG A 28 1.65 -2.73 -8.20
C ARG A 28 1.13 -1.36 -7.82
N TYR A 29 -0.08 -1.09 -8.21
CA TYR A 29 -0.72 0.18 -7.91
C TYR A 29 -1.38 0.08 -6.56
N VAL A 30 -0.74 0.68 -5.56
CA VAL A 30 -1.24 0.66 -4.20
C VAL A 30 -2.33 1.71 -4.01
N PHE A 31 -3.55 1.25 -3.80
CA PHE A 31 -4.69 2.14 -3.61
C PHE A 31 -5.30 1.93 -2.23
N LEU A 32 -5.37 2.97 -1.41
CA LEU A 32 -5.95 2.81 -0.07
C LEU A 32 -7.26 3.59 0.00
N PHE A 33 -8.36 2.88 0.22
CA PHE A 33 -9.69 3.51 0.34
C PHE A 33 -10.38 2.92 1.57
N ARG A 34 -10.47 3.73 2.63
CA ARG A 34 -11.06 3.32 3.91
C ARG A 34 -10.16 2.26 4.59
N ASN A 35 -10.75 1.39 5.38
CA ASN A 35 -10.00 0.34 6.06
C ASN A 35 -9.64 -0.79 5.11
N LYS A 36 -8.72 -0.53 4.17
CA LYS A 36 -8.27 -1.55 3.21
C LYS A 36 -7.25 -0.99 2.23
N ILE A 37 -6.57 -1.91 1.54
CA ILE A 37 -5.59 -1.58 0.50
C ILE A 37 -5.95 -2.40 -0.73
N MET A 38 -6.62 -1.76 -1.67
CA MET A 38 -7.06 -2.44 -2.91
C MET A 38 -6.01 -2.31 -4.00
N PHE A 39 -4.77 -2.58 -3.65
CA PHE A 39 -3.66 -2.50 -4.59
C PHE A 39 -3.78 -3.50 -5.75
N THR A 40 -3.62 -2.99 -6.97
CA THR A 40 -3.69 -3.82 -8.17
C THR A 40 -2.30 -4.27 -8.58
N GLU A 41 -2.07 -5.57 -8.48
CA GLU A 41 -0.78 -6.15 -8.81
C GLU A 41 -0.56 -6.16 -10.33
N GLN A 42 0.64 -6.54 -10.77
CA GLN A 42 0.94 -6.58 -12.19
C GLN A 42 1.91 -7.73 -12.48
N ASP A 43 1.95 -8.15 -13.74
CA ASP A 43 2.82 -9.24 -14.14
C ASP A 43 3.83 -8.76 -15.16
N ALA A 44 4.98 -8.35 -14.67
CA ALA A 44 6.08 -7.84 -15.50
C ALA A 44 5.67 -6.59 -16.29
N SER A 45 4.57 -5.98 -15.87
CA SER A 45 4.03 -4.77 -16.50
C SER A 45 3.62 -5.00 -17.95
N THR A 46 2.31 -4.92 -18.19
CA THR A 46 1.72 -5.08 -19.52
C THR A 46 2.20 -6.35 -20.24
N SER A 47 1.92 -7.50 -19.65
CA SER A 47 2.30 -8.77 -20.29
C SER A 47 1.03 -9.57 -20.64
N PRO A 48 1.16 -10.67 -21.41
CA PRO A 48 0.00 -11.49 -21.81
C PRO A 48 -0.93 -11.84 -20.63
N PRO A 49 -0.44 -12.41 -19.50
CA PRO A 49 -1.29 -12.75 -18.35
C PRO A 49 -1.72 -11.53 -17.55
N SER A 50 -0.76 -10.90 -16.87
CA SER A 50 -1.00 -9.72 -16.03
C SER A 50 -1.94 -10.03 -14.86
N TYR A 51 -2.10 -9.07 -13.95
CA TYR A 51 -2.96 -9.26 -12.80
C TYR A 51 -4.20 -8.36 -12.87
N THR A 52 -5.37 -8.99 -12.84
CA THR A 52 -6.62 -8.25 -12.91
C THR A 52 -7.26 -8.25 -11.53
N HIS A 53 -7.06 -7.14 -10.82
CA HIS A 53 -7.56 -6.98 -9.46
C HIS A 53 -6.83 -7.96 -8.54
N TYR A 54 -7.51 -9.06 -8.21
CA TYR A 54 -6.96 -10.15 -7.36
C TYR A 54 -6.59 -9.71 -5.94
N SER A 55 -5.42 -9.15 -5.84
CA SER A 55 -4.84 -8.72 -4.58
C SER A 55 -5.78 -7.80 -3.77
N SER A 56 -5.89 -8.08 -2.47
CA SER A 56 -6.72 -7.32 -1.55
C SER A 56 -6.20 -7.42 -0.11
N ILE A 57 -6.10 -6.29 0.57
CA ILE A 57 -5.61 -6.24 1.96
C ILE A 57 -6.70 -5.62 2.86
N ARG A 58 -6.61 -5.90 4.15
CA ARG A 58 -7.55 -5.37 5.13
C ARG A 58 -6.81 -4.58 6.19
N LEU A 59 -7.38 -3.45 6.61
CA LEU A 59 -6.75 -2.61 7.62
C LEU A 59 -7.28 -2.92 9.01
N ASP A 60 -8.44 -3.59 9.09
CA ASP A 60 -9.05 -3.91 10.37
C ASP A 60 -8.22 -4.96 11.12
N LYS A 61 -7.59 -5.86 10.37
CA LYS A 61 -6.79 -6.89 10.99
C LYS A 61 -5.47 -7.13 10.23
N TYR A 62 -4.57 -6.16 10.29
CA TYR A 62 -3.27 -6.31 9.67
C TYR A 62 -2.20 -5.69 10.55
N ASN A 63 -0.97 -6.20 10.45
CA ASN A 63 0.15 -5.68 11.23
C ASN A 63 0.96 -4.76 10.33
N ILE A 64 1.24 -3.56 10.81
CA ILE A 64 1.98 -2.59 10.00
C ILE A 64 3.17 -2.02 10.75
N ARG A 65 4.31 -1.96 10.09
CA ARG A 65 5.55 -1.44 10.68
C ARG A 65 6.18 -0.39 9.77
N GLN A 66 7.03 0.41 10.35
CA GLN A 66 7.73 1.49 9.67
C GLN A 66 9.19 1.55 10.12
N HIS A 67 10.12 1.40 9.19
CA HIS A 67 11.53 1.43 9.53
C HIS A 67 12.15 2.77 9.12
N THR A 68 12.14 3.73 10.01
CA THR A 68 12.70 5.04 9.70
C THR A 68 14.22 5.08 9.93
N THR A 69 14.95 4.70 8.91
CA THR A 69 16.41 4.69 8.95
C THR A 69 16.94 4.96 7.55
N ASP A 70 17.07 6.25 7.25
CA ASP A 70 17.53 6.74 5.94
C ASP A 70 16.39 6.63 4.95
N GLU A 71 15.79 5.45 4.85
CA GLU A 71 14.67 5.22 3.98
C GLU A 71 13.47 4.83 4.84
N ASP A 72 12.40 5.57 4.72
CA ASP A 72 11.19 5.31 5.53
C ASP A 72 10.40 4.15 4.94
N THR A 73 10.98 2.95 4.99
CA THR A 73 10.37 1.76 4.44
C THR A 73 9.19 1.26 5.26
N ILE A 74 8.04 1.15 4.61
CA ILE A 74 6.83 0.68 5.24
C ILE A 74 6.65 -0.81 4.95
N VAL A 75 6.44 -1.60 5.99
CA VAL A 75 6.26 -3.03 5.84
C VAL A 75 5.01 -3.46 6.57
N LEU A 76 4.39 -4.54 6.13
CA LEU A 76 3.21 -5.04 6.79
C LEU A 76 3.29 -6.55 6.93
N GLN A 77 2.91 -6.99 8.09
CA GLN A 77 2.91 -8.40 8.45
C GLN A 77 1.49 -8.90 8.67
N PRO A 78 1.24 -10.19 8.50
CA PRO A 78 -0.09 -10.75 8.64
C PRO A 78 -0.34 -11.35 10.02
N GLN A 79 -1.51 -11.08 10.58
CA GLN A 79 -1.87 -11.62 11.88
C GLN A 79 -2.96 -12.66 11.70
N GLU A 80 -3.30 -12.89 10.43
CA GLU A 80 -4.31 -13.89 10.06
C GLU A 80 -3.68 -14.95 9.15
N PRO A 81 -3.78 -16.24 9.53
CA PRO A 81 -3.22 -17.35 8.74
C PRO A 81 -3.82 -17.41 7.34
N GLY A 82 -3.01 -17.13 6.34
CA GLY A 82 -3.47 -17.14 4.98
C GLY A 82 -3.18 -15.84 4.27
N LEU A 83 -2.78 -14.84 5.04
CA LEU A 83 -2.48 -13.52 4.50
C LEU A 83 -0.97 -13.40 4.29
N PRO A 84 -0.55 -12.86 3.13
CA PRO A 84 0.87 -12.68 2.82
C PRO A 84 1.44 -11.40 3.43
N SER A 85 2.76 -11.36 3.57
CA SER A 85 3.47 -10.21 4.12
C SER A 85 4.41 -9.65 3.09
N PHE A 86 4.37 -8.35 2.89
CA PHE A 86 5.22 -7.72 1.90
C PHE A 86 5.71 -6.37 2.39
N ARG A 87 6.50 -5.67 1.56
CA ARG A 87 7.04 -4.38 1.91
C ARG A 87 6.98 -3.44 0.72
N ILE A 88 6.67 -2.18 0.98
CA ILE A 88 6.58 -1.19 -0.08
C ILE A 88 7.54 -0.02 0.15
N LYS A 89 8.31 0.33 -0.88
CA LYS A 89 9.24 1.43 -0.80
C LYS A 89 9.26 2.15 -2.15
N PRO A 90 9.41 3.47 -2.17
CA PRO A 90 9.42 4.22 -3.42
C PRO A 90 10.75 4.07 -4.15
N LYS A 91 10.86 3.03 -4.97
CA LYS A 91 12.08 2.78 -5.72
C LYS A 91 12.09 3.60 -7.02
N ASP A 92 11.09 3.39 -7.86
CA ASP A 92 11.02 4.09 -9.15
C ASP A 92 10.89 5.58 -8.94
N PHE A 93 10.14 5.95 -7.90
CA PHE A 93 9.89 7.35 -7.55
C PHE A 93 8.83 7.98 -8.43
N GLU A 94 9.26 8.83 -9.39
CA GLU A 94 8.33 9.54 -10.27
C GLU A 94 7.47 10.49 -9.44
N THR A 95 8.15 11.31 -8.62
CA THR A 95 7.49 12.27 -7.74
C THR A 95 6.64 11.55 -6.66
N SER A 96 7.22 10.49 -6.10
CA SER A 96 6.52 9.70 -5.08
C SER A 96 7.23 9.78 -3.74
N GLU A 97 8.36 10.45 -3.67
CA GLU A 97 9.07 10.62 -2.43
C GLU A 97 8.28 11.55 -1.52
N TYR A 98 7.92 12.68 -2.11
CA TYR A 98 7.17 13.71 -1.42
C TYR A 98 5.76 13.23 -1.11
N VAL A 99 5.23 12.34 -1.93
CA VAL A 99 3.90 11.78 -1.72
C VAL A 99 3.94 10.68 -0.67
N ARG A 100 4.88 9.73 -0.84
CA ARG A 100 5.03 8.61 0.08
C ARG A 100 5.38 9.12 1.48
N LYS A 101 5.86 10.36 1.58
CA LYS A 101 6.18 10.93 2.87
C LYS A 101 4.86 11.11 3.64
N ALA A 102 3.80 11.20 2.89
CA ALA A 102 2.47 11.34 3.46
C ALA A 102 1.76 9.97 3.42
N TRP A 103 2.56 8.91 3.24
CA TRP A 103 2.04 7.54 3.22
C TRP A 103 2.38 6.86 4.52
N LEU A 104 3.62 7.06 4.99
CA LEU A 104 4.06 6.49 6.25
C LEU A 104 3.29 7.12 7.39
N ARG A 105 3.00 8.41 7.24
CA ARG A 105 2.24 9.14 8.24
C ARG A 105 0.85 8.53 8.36
N ASP A 106 0.25 8.23 7.22
CA ASP A 106 -1.08 7.61 7.19
C ASP A 106 -0.99 6.14 7.56
N ILE A 107 0.24 5.62 7.66
CA ILE A 107 0.44 4.24 8.00
C ILE A 107 0.71 4.09 9.52
N ALA A 108 1.43 5.07 10.09
CA ALA A 108 1.74 5.09 11.52
C ALA A 108 0.45 5.24 12.32
N GLU A 109 -0.60 5.56 11.60
CA GLU A 109 -1.93 5.74 12.12
C GLU A 109 -2.89 5.73 10.93
N GLU A 110 -3.20 4.51 10.47
CA GLU A 110 -4.07 4.32 9.31
C GLU A 110 -5.34 5.12 9.47
N GLN A 111 -5.52 6.08 8.54
CA GLN A 111 -6.63 7.02 8.53
C GLN A 111 -7.11 7.33 9.96
N GLU A 112 -6.29 8.09 10.67
CA GLU A 112 -6.52 8.49 12.06
C GLU A 112 -7.98 8.92 12.33
N LYS A 113 -8.65 9.48 11.33
CA LYS A 113 -10.02 9.95 11.48
C LYS A 113 -11.05 8.79 11.43
N TYR A 114 -10.63 7.66 10.86
CA TYR A 114 -11.53 6.51 10.73
C TYR A 114 -11.92 5.88 12.09
N ALA A 115 -10.97 5.19 12.70
CA ALA A 115 -11.22 4.53 13.97
C ALA A 115 -10.55 5.25 15.13
N ALA A 116 -11.08 5.04 16.33
CA ALA A 116 -10.52 5.65 17.52
C ALA A 116 -9.42 4.77 18.07
N GLU A 117 -9.70 3.47 18.15
CA GLU A 117 -8.74 2.49 18.63
C GLU A 117 -8.81 1.21 17.80
N ARG A 118 -9.56 0.24 18.30
CA ARG A 118 -9.72 -1.02 17.60
C ARG A 118 -11.07 -1.64 17.93
N ASP A 119 -11.24 -2.90 17.53
CA ASP A 119 -12.47 -3.61 17.80
C ASP A 119 -12.17 -5.06 18.12
N MET A 1 -18.10 -1.12 -13.03
CA MET A 1 -18.51 0.31 -13.03
C MET A 1 -20.00 0.46 -13.24
N GLY A 2 -20.48 1.68 -13.10
CA GLY A 2 -21.89 1.97 -13.27
C GLY A 2 -22.25 3.26 -12.58
N ASP A 3 -22.56 3.15 -11.30
CA ASP A 3 -22.86 4.32 -10.49
C ASP A 3 -21.57 5.11 -10.29
N THR A 4 -20.50 4.38 -10.05
CA THR A 4 -19.18 4.98 -9.88
C THR A 4 -18.30 4.71 -11.10
N GLY A 5 -17.28 5.53 -11.25
CA GLY A 5 -16.36 5.38 -12.35
C GLY A 5 -15.10 4.66 -11.92
N LYS A 6 -13.96 5.21 -12.27
CA LYS A 6 -12.68 4.61 -11.89
C LYS A 6 -11.95 5.46 -10.86
N LEU A 7 -12.71 6.04 -9.94
CA LEU A 7 -12.13 6.86 -8.88
C LEU A 7 -12.41 6.23 -7.52
N GLY A 8 -12.43 7.06 -6.48
CA GLY A 8 -12.68 6.55 -5.14
C GLY A 8 -11.40 6.44 -4.34
N ARG A 9 -10.40 7.22 -4.72
CA ARG A 9 -9.11 7.23 -4.03
C ARG A 9 -9.19 8.06 -2.76
N ILE A 10 -10.12 7.69 -1.88
CA ILE A 10 -10.35 8.40 -0.62
C ILE A 10 -9.08 8.63 0.19
N ILE A 11 -8.31 7.59 0.49
CA ILE A 11 -7.09 7.78 1.26
C ILE A 11 -5.92 8.22 0.36
N ARG A 12 -5.26 7.26 -0.26
CA ARG A 12 -4.11 7.55 -1.11
C ARG A 12 -3.94 6.51 -2.22
N HIS A 13 -3.10 6.81 -3.19
CA HIS A 13 -2.83 5.91 -4.30
C HIS A 13 -1.42 6.17 -4.84
N ASP A 14 -0.64 5.13 -5.04
CA ASP A 14 0.74 5.28 -5.53
C ASP A 14 1.09 4.17 -6.49
N ALA A 15 2.39 3.97 -6.71
CA ALA A 15 2.88 2.92 -7.59
C ALA A 15 4.24 2.45 -7.13
N PHE A 16 4.28 1.23 -6.60
CA PHE A 16 5.53 0.66 -6.13
C PHE A 16 5.90 -0.56 -6.94
N GLN A 17 7.15 -0.67 -7.26
CA GLN A 17 7.66 -1.81 -8.01
C GLN A 17 8.66 -2.52 -7.14
N VAL A 18 8.13 -3.31 -6.22
CA VAL A 18 8.94 -4.02 -5.26
C VAL A 18 8.34 -5.37 -4.91
N TRP A 19 9.21 -6.22 -4.44
CA TRP A 19 8.92 -7.59 -4.05
C TRP A 19 7.50 -7.79 -3.48
N GLU A 20 6.78 -8.73 -4.09
CA GLU A 20 5.40 -9.03 -3.71
C GLU A 20 5.10 -10.54 -3.75
N GLY A 21 4.32 -10.99 -2.77
CA GLY A 21 3.90 -12.39 -2.68
C GLY A 21 5.02 -13.39 -2.92
N ASP A 22 4.71 -14.41 -3.72
CA ASP A 22 5.68 -15.45 -4.05
C ASP A 22 6.28 -15.22 -5.42
N GLU A 23 6.11 -14.02 -5.91
CA GLU A 23 6.66 -13.62 -7.20
C GLU A 23 7.61 -12.44 -6.95
N PRO A 24 8.90 -12.75 -6.70
CA PRO A 24 10.00 -11.83 -6.40
C PRO A 24 9.66 -10.32 -6.55
N PRO A 25 10.25 -9.50 -7.48
CA PRO A 25 9.85 -8.10 -7.53
C PRO A 25 8.67 -7.91 -8.47
N LYS A 26 7.62 -7.28 -7.98
CA LYS A 26 6.42 -7.08 -8.77
C LYS A 26 5.81 -5.70 -8.51
N LEU A 27 5.45 -5.02 -9.59
CA LEU A 27 4.86 -3.70 -9.48
C LEU A 27 3.41 -3.80 -9.04
N ARG A 28 3.00 -2.85 -8.23
CA ARG A 28 1.65 -2.84 -7.71
C ARG A 28 1.17 -1.40 -7.52
N TYR A 29 0.00 -1.11 -8.05
CA TYR A 29 -0.59 0.21 -7.91
C TYR A 29 -1.40 0.20 -6.62
N VAL A 30 -0.82 0.73 -5.56
CA VAL A 30 -1.48 0.71 -4.26
C VAL A 30 -2.48 1.85 -4.09
N PHE A 31 -3.72 1.46 -3.84
CA PHE A 31 -4.81 2.38 -3.59
C PHE A 31 -5.38 2.08 -2.21
N LEU A 32 -5.36 3.04 -1.31
CA LEU A 32 -5.89 2.80 0.00
C LEU A 32 -7.28 3.39 0.11
N PHE A 33 -8.23 2.58 0.56
CA PHE A 33 -9.60 3.01 0.72
C PHE A 33 -9.94 2.91 2.21
N ARG A 34 -11.13 3.32 2.62
CA ARG A 34 -11.44 3.20 4.02
C ARG A 34 -11.87 1.78 4.34
N ASN A 35 -11.26 1.24 5.40
CA ASN A 35 -11.51 -0.12 5.87
C ASN A 35 -10.81 -1.17 4.99
N LYS A 36 -9.80 -0.76 4.20
CA LYS A 36 -9.05 -1.70 3.37
C LYS A 36 -7.94 -1.02 2.56
N ILE A 37 -7.10 -1.85 1.96
CA ILE A 37 -6.01 -1.40 1.10
C ILE A 37 -6.07 -2.25 -0.18
N MET A 38 -6.44 -1.62 -1.28
CA MET A 38 -6.59 -2.34 -2.53
C MET A 38 -5.57 -1.92 -3.59
N PHE A 39 -4.75 -2.87 -4.00
CA PHE A 39 -3.75 -2.61 -5.02
C PHE A 39 -3.87 -3.66 -6.12
N THR A 40 -3.25 -3.36 -7.25
CA THR A 40 -3.30 -4.24 -8.41
C THR A 40 -1.88 -4.59 -8.85
N GLU A 41 -1.62 -5.87 -9.04
CA GLU A 41 -0.29 -6.34 -9.43
C GLU A 41 -0.09 -6.25 -10.94
N GLN A 42 1.07 -5.75 -11.34
CA GLN A 42 1.42 -5.61 -12.75
C GLN A 42 2.93 -5.80 -12.91
N ASP A 43 3.37 -6.63 -13.83
CA ASP A 43 4.80 -6.84 -14.03
C ASP A 43 5.24 -6.02 -15.25
N ALA A 44 6.55 -5.94 -15.47
CA ALA A 44 7.12 -5.15 -16.58
C ALA A 44 6.44 -5.49 -17.92
N SER A 45 5.63 -4.56 -18.42
CA SER A 45 4.90 -4.73 -19.67
C SER A 45 3.91 -5.90 -19.57
N THR A 46 4.40 -7.11 -19.79
CA THR A 46 3.59 -8.30 -19.68
C THR A 46 4.28 -9.26 -18.71
N SER A 47 5.42 -9.78 -19.14
CA SER A 47 6.25 -10.67 -18.34
C SER A 47 5.51 -11.98 -17.96
N PRO A 48 6.25 -13.12 -17.92
CA PRO A 48 5.69 -14.43 -17.59
C PRO A 48 4.80 -14.43 -16.33
N PRO A 49 5.29 -13.94 -15.16
CA PRO A 49 4.47 -13.91 -13.93
C PRO A 49 3.26 -13.01 -14.08
N SER A 50 3.50 -11.78 -14.52
CA SER A 50 2.45 -10.76 -14.70
C SER A 50 1.84 -10.40 -13.34
N TYR A 51 0.78 -11.09 -12.97
CA TYR A 51 0.13 -10.87 -11.69
C TYR A 51 -0.34 -12.20 -11.13
N THR A 52 -0.64 -12.23 -9.85
CA THR A 52 -1.12 -13.44 -9.23
C THR A 52 -2.63 -13.35 -9.11
N HIS A 53 -3.08 -12.28 -8.47
CA HIS A 53 -4.48 -11.97 -8.27
C HIS A 53 -4.61 -10.51 -7.93
N TYR A 54 -5.80 -10.06 -7.61
CA TYR A 54 -5.98 -8.68 -7.19
C TYR A 54 -5.91 -8.67 -5.68
N SER A 55 -4.70 -8.84 -5.17
CA SER A 55 -4.42 -8.92 -3.75
C SER A 55 -5.07 -7.77 -2.98
N SER A 56 -5.86 -8.13 -1.98
CA SER A 56 -6.53 -7.16 -1.13
C SER A 56 -5.96 -7.22 0.26
N ILE A 57 -5.77 -6.07 0.89
CA ILE A 57 -5.22 -6.02 2.22
C ILE A 57 -6.27 -5.54 3.21
N ARG A 58 -6.36 -6.26 4.31
CA ARG A 58 -7.29 -5.94 5.36
C ARG A 58 -6.72 -4.82 6.22
N LEU A 59 -7.42 -3.72 6.22
CA LEU A 59 -7.05 -2.54 6.98
C LEU A 59 -7.92 -2.45 8.22
N ASP A 60 -8.00 -3.54 8.93
CA ASP A 60 -8.84 -3.62 10.14
C ASP A 60 -8.04 -4.10 11.35
N LYS A 61 -7.39 -5.24 11.20
CA LYS A 61 -6.61 -5.84 12.28
C LYS A 61 -5.33 -6.47 11.73
N TYR A 62 -4.40 -5.65 11.28
CA TYR A 62 -3.14 -6.15 10.72
C TYR A 62 -1.98 -5.34 11.28
N ASN A 63 -0.77 -5.90 11.22
CA ASN A 63 0.40 -5.22 11.75
C ASN A 63 1.24 -4.61 10.65
N ILE A 64 1.20 -3.30 10.55
CA ILE A 64 1.98 -2.58 9.55
C ILE A 64 3.08 -1.81 10.25
N ARG A 65 4.26 -1.77 9.65
CA ARG A 65 5.39 -1.09 10.24
C ARG A 65 6.10 -0.21 9.21
N GLN A 66 7.05 0.57 9.66
CA GLN A 66 7.83 1.43 8.78
C GLN A 66 9.23 1.60 9.32
N HIS A 67 10.22 1.50 8.45
CA HIS A 67 11.61 1.63 8.84
C HIS A 67 12.26 2.76 8.08
N THR A 68 12.49 3.87 8.77
CA THR A 68 13.09 5.04 8.15
C THR A 68 14.60 5.10 8.43
N THR A 69 15.07 6.27 8.90
CA THR A 69 16.49 6.49 9.21
C THR A 69 17.35 6.58 7.94
N ASP A 70 17.15 5.64 7.03
CA ASP A 70 17.88 5.62 5.77
C ASP A 70 16.92 5.91 4.62
N GLU A 71 15.90 5.06 4.50
CA GLU A 71 14.87 5.22 3.49
C GLU A 71 13.56 4.75 4.08
N ASP A 72 12.49 5.48 3.82
CA ASP A 72 11.17 5.13 4.35
C ASP A 72 10.65 3.84 3.74
N THR A 73 10.96 2.74 4.42
CA THR A 73 10.58 1.41 4.00
C THR A 73 9.31 0.94 4.73
N ILE A 74 8.23 0.78 3.98
CA ILE A 74 6.96 0.34 4.55
C ILE A 74 6.79 -1.17 4.45
N VAL A 75 6.52 -1.83 5.57
CA VAL A 75 6.33 -3.27 5.59
C VAL A 75 5.05 -3.61 6.33
N LEU A 76 4.55 -4.82 6.15
CA LEU A 76 3.33 -5.24 6.82
C LEU A 76 3.39 -6.72 7.16
N GLN A 77 3.05 -7.04 8.39
CA GLN A 77 3.07 -8.40 8.88
C GLN A 77 1.65 -8.86 9.22
N PRO A 78 1.26 -10.06 8.75
CA PRO A 78 -0.07 -10.61 9.01
C PRO A 78 -0.23 -11.19 10.42
N GLN A 79 -1.34 -10.89 11.07
CA GLN A 79 -1.63 -11.41 12.40
C GLN A 79 -2.86 -12.29 12.33
N GLU A 80 -3.41 -12.38 11.13
CA GLU A 80 -4.57 -13.22 10.85
C GLU A 80 -4.24 -14.05 9.61
N PRO A 81 -4.43 -15.38 9.67
CA PRO A 81 -4.12 -16.25 8.54
C PRO A 81 -4.95 -15.95 7.29
N GLY A 82 -4.28 -15.42 6.27
CA GLY A 82 -4.95 -15.08 5.03
C GLY A 82 -4.31 -13.89 4.36
N LEU A 83 -3.62 -13.08 5.15
CA LEU A 83 -2.95 -11.91 4.63
C LEU A 83 -1.47 -12.18 4.39
N PRO A 84 -0.97 -11.75 3.22
CA PRO A 84 0.43 -11.93 2.85
C PRO A 84 1.29 -10.79 3.40
N SER A 85 2.60 -10.98 3.39
CA SER A 85 3.51 -9.94 3.89
C SER A 85 4.45 -9.50 2.78
N PHE A 86 4.25 -8.27 2.30
CA PHE A 86 5.07 -7.73 1.24
C PHE A 86 5.86 -6.52 1.72
N ARG A 87 6.69 -5.97 0.83
CA ARG A 87 7.51 -4.80 1.15
C ARG A 87 7.41 -3.80 0.01
N ILE A 88 7.15 -2.53 0.34
CA ILE A 88 7.07 -1.49 -0.67
C ILE A 88 8.16 -0.45 -0.46
N LYS A 89 8.95 -0.24 -1.51
CA LYS A 89 10.08 0.69 -1.45
C LYS A 89 9.94 1.78 -2.51
N PRO A 90 10.23 3.03 -2.13
CA PRO A 90 10.18 4.19 -3.02
C PRO A 90 11.50 4.36 -3.77
N LYS A 91 11.79 3.41 -4.66
CA LYS A 91 13.01 3.42 -5.45
C LYS A 91 13.06 4.61 -6.40
N ASP A 92 12.02 4.75 -7.20
CA ASP A 92 11.96 5.83 -8.16
C ASP A 92 10.52 6.05 -8.62
N PHE A 93 10.00 7.24 -8.39
CA PHE A 93 8.64 7.57 -8.78
C PHE A 93 8.39 9.07 -8.68
N GLU A 94 9.15 9.85 -9.46
CA GLU A 94 9.02 11.30 -9.51
C GLU A 94 9.26 11.95 -8.13
N THR A 95 8.76 13.17 -7.93
CA THR A 95 8.93 13.88 -6.67
C THR A 95 7.80 13.51 -5.70
N SER A 96 7.39 12.25 -5.76
CA SER A 96 6.32 11.72 -4.92
C SER A 96 6.80 11.43 -3.51
N GLU A 97 7.98 11.94 -3.18
CA GLU A 97 8.55 11.75 -1.85
C GLU A 97 7.75 12.55 -0.84
N TYR A 98 7.22 13.69 -1.29
CA TYR A 98 6.44 14.57 -0.44
C TYR A 98 5.24 13.82 0.10
N VAL A 99 4.43 13.30 -0.80
CA VAL A 99 3.25 12.56 -0.41
C VAL A 99 3.64 11.25 0.25
N ARG A 100 4.83 10.75 -0.06
CA ARG A 100 5.33 9.50 0.51
C ARG A 100 5.51 9.66 2.02
N LYS A 101 5.93 10.85 2.44
CA LYS A 101 6.12 11.13 3.84
C LYS A 101 4.78 11.05 4.57
N ALA A 102 3.73 11.37 3.83
CA ALA A 102 2.38 11.35 4.35
C ALA A 102 1.72 9.98 4.14
N TRP A 103 2.49 9.04 3.59
CA TRP A 103 1.98 7.68 3.40
C TRP A 103 2.15 6.91 4.69
N LEU A 104 3.33 7.04 5.28
CA LEU A 104 3.59 6.37 6.55
C LEU A 104 2.75 6.99 7.64
N ARG A 105 2.43 8.26 7.46
CA ARG A 105 1.62 8.96 8.46
C ARG A 105 0.23 8.31 8.50
N ASP A 106 -0.33 8.07 7.33
CA ASP A 106 -1.64 7.43 7.25
C ASP A 106 -1.55 5.97 7.64
N ILE A 107 -0.34 5.44 7.55
CA ILE A 107 -0.06 4.04 7.90
C ILE A 107 0.10 3.91 9.42
N ALA A 108 0.84 4.84 10.00
CA ALA A 108 1.09 4.87 11.42
C ALA A 108 -0.19 5.15 12.22
N GLU A 109 -1.20 5.66 11.53
CA GLU A 109 -2.48 5.97 12.16
C GLU A 109 -3.56 6.13 11.09
N GLU A 110 -3.96 4.99 10.53
CA GLU A 110 -4.99 4.95 9.49
C GLU A 110 -6.39 5.23 10.05
N GLN A 111 -7.41 5.09 9.19
CA GLN A 111 -8.81 5.32 9.56
C GLN A 111 -9.38 4.23 10.46
N GLU A 112 -8.77 4.08 11.64
CA GLU A 112 -9.18 3.08 12.62
C GLU A 112 -10.49 3.50 13.31
N LYS A 113 -10.78 4.81 13.28
CA LYS A 113 -11.98 5.34 13.90
C LYS A 113 -13.22 4.90 13.11
N TYR A 114 -13.25 5.26 11.82
CA TYR A 114 -14.36 4.92 10.92
C TYR A 114 -15.69 5.26 11.58
N ALA A 115 -15.80 6.48 12.11
CA ALA A 115 -17.00 6.95 12.78
C ALA A 115 -17.10 8.46 12.70
N ALA A 116 -18.14 8.97 12.03
CA ALA A 116 -18.35 10.40 11.87
C ALA A 116 -17.07 11.05 11.34
N GLU A 117 -16.64 10.59 10.18
CA GLU A 117 -15.42 11.07 9.55
C GLU A 117 -15.63 12.41 8.86
N ARG A 118 -15.32 13.47 9.57
CA ARG A 118 -15.46 14.83 9.07
C ARG A 118 -14.38 15.16 8.06
N ASP A 119 -13.13 14.91 8.45
CA ASP A 119 -12.00 15.18 7.59
C ASP A 119 -11.43 13.87 7.08
N MET A 1 -6.94 13.50 -12.67
CA MET A 1 -7.68 14.76 -12.42
C MET A 1 -8.82 14.91 -13.41
N GLY A 2 -9.96 15.36 -12.91
CA GLY A 2 -11.12 15.55 -13.76
C GLY A 2 -11.77 14.24 -14.12
N ASP A 3 -12.03 14.03 -15.40
CA ASP A 3 -12.65 12.79 -15.87
C ASP A 3 -11.68 11.64 -15.75
N THR A 4 -10.41 11.94 -15.90
CA THR A 4 -9.35 10.95 -15.83
C THR A 4 -9.02 10.61 -14.39
N GLY A 5 -9.54 9.49 -13.90
CA GLY A 5 -9.26 9.08 -12.54
C GLY A 5 -10.47 9.10 -11.63
N LYS A 6 -11.25 10.18 -11.70
CA LYS A 6 -12.45 10.37 -10.85
C LYS A 6 -12.07 10.73 -9.42
N LEU A 7 -10.95 10.19 -8.94
CA LEU A 7 -10.43 10.45 -7.60
C LEU A 7 -11.41 9.97 -6.53
N GLY A 8 -11.91 8.76 -6.70
CA GLY A 8 -12.83 8.21 -5.74
C GLY A 8 -12.09 7.61 -4.56
N ARG A 9 -10.78 7.74 -4.60
CA ARG A 9 -9.92 7.21 -3.53
C ARG A 9 -9.81 8.23 -2.41
N ILE A 10 -10.94 8.40 -1.70
CA ILE A 10 -11.09 9.34 -0.60
C ILE A 10 -9.81 9.62 0.21
N ILE A 11 -9.10 8.59 0.59
CA ILE A 11 -7.86 8.75 1.32
C ILE A 11 -6.74 9.08 0.35
N ARG A 12 -6.17 8.07 -0.28
CA ARG A 12 -5.09 8.27 -1.23
C ARG A 12 -4.92 7.05 -2.11
N HIS A 13 -4.04 7.17 -3.09
CA HIS A 13 -3.74 6.07 -3.97
C HIS A 13 -2.38 6.33 -4.60
N ASP A 14 -1.56 5.30 -4.70
CA ASP A 14 -0.23 5.45 -5.27
C ASP A 14 0.18 4.20 -6.05
N ALA A 15 1.46 4.12 -6.42
CA ALA A 15 1.98 2.98 -7.17
C ALA A 15 3.46 2.80 -6.85
N PHE A 16 3.86 1.56 -6.64
CA PHE A 16 5.25 1.25 -6.31
C PHE A 16 5.71 0.00 -7.04
N GLN A 17 6.97 -0.37 -6.84
CA GLN A 17 7.54 -1.57 -7.45
C GLN A 17 8.61 -2.07 -6.50
N VAL A 18 8.14 -2.48 -5.35
CA VAL A 18 8.96 -2.97 -4.27
C VAL A 18 8.98 -4.50 -4.29
N TRP A 19 8.74 -5.17 -3.17
CA TRP A 19 8.79 -6.62 -3.13
C TRP A 19 7.63 -7.22 -2.34
N GLU A 20 7.33 -8.47 -2.66
CA GLU A 20 6.24 -9.23 -2.02
C GLU A 20 6.74 -10.63 -1.78
N GLY A 21 6.53 -11.14 -0.58
CA GLY A 21 6.98 -12.47 -0.22
C GLY A 21 8.49 -12.55 -0.24
N ASP A 22 9.11 -11.39 -0.25
CA ASP A 22 10.58 -11.25 -0.32
C ASP A 22 11.06 -11.82 -1.65
N GLU A 23 10.17 -11.80 -2.62
CA GLU A 23 10.44 -12.30 -3.96
C GLU A 23 10.90 -11.12 -4.83
N PRO A 24 11.25 -11.36 -6.11
CA PRO A 24 11.70 -10.28 -7.02
C PRO A 24 10.74 -9.10 -7.06
N PRO A 25 11.25 -7.89 -7.37
CA PRO A 25 10.44 -6.67 -7.44
C PRO A 25 9.21 -6.84 -8.32
N LYS A 26 8.06 -6.52 -7.74
CA LYS A 26 6.79 -6.69 -8.43
C LYS A 26 6.02 -5.38 -8.44
N LEU A 27 5.63 -4.92 -9.61
CA LEU A 27 4.90 -3.65 -9.73
C LEU A 27 3.56 -3.78 -9.02
N ARG A 28 3.16 -2.75 -8.29
CA ARG A 28 1.89 -2.81 -7.56
C ARG A 28 1.27 -1.42 -7.41
N TYR A 29 -0.03 -1.34 -7.64
CA TYR A 29 -0.76 -0.10 -7.51
C TYR A 29 -1.57 -0.09 -6.21
N VAL A 30 -1.00 0.54 -5.19
CA VAL A 30 -1.60 0.59 -3.87
C VAL A 30 -2.65 1.70 -3.74
N PHE A 31 -3.90 1.30 -3.62
CA PHE A 31 -5.01 2.24 -3.45
C PHE A 31 -5.50 2.11 -2.02
N LEU A 32 -5.78 3.22 -1.36
CA LEU A 32 -6.23 3.19 0.02
C LEU A 32 -7.47 4.05 0.20
N PHE A 33 -8.45 3.44 0.83
CA PHE A 33 -9.74 4.08 1.08
C PHE A 33 -10.07 4.06 2.58
N ARG A 34 -11.15 4.72 2.98
CA ARG A 34 -11.55 4.71 4.39
C ARG A 34 -12.44 3.51 4.66
N ASN A 35 -11.85 2.33 4.52
CA ASN A 35 -12.55 1.06 4.72
C ASN A 35 -11.55 -0.07 4.68
N LYS A 36 -10.65 0.02 3.72
CA LYS A 36 -9.63 -0.99 3.55
C LYS A 36 -8.63 -0.55 2.48
N ILE A 37 -7.63 -1.37 2.26
CA ILE A 37 -6.62 -1.06 1.26
C ILE A 37 -6.76 -2.03 0.07
N MET A 38 -6.56 -1.52 -1.14
CA MET A 38 -6.64 -2.31 -2.36
C MET A 38 -5.42 -2.10 -3.23
N PHE A 39 -4.58 -3.11 -3.30
CA PHE A 39 -3.38 -3.02 -4.12
C PHE A 39 -3.33 -4.12 -5.18
N THR A 40 -3.16 -3.72 -6.42
CA THR A 40 -3.12 -4.64 -7.54
C THR A 40 -1.69 -4.98 -7.96
N GLU A 41 -1.37 -6.26 -7.94
CA GLU A 41 -0.05 -6.75 -8.31
C GLU A 41 0.11 -6.89 -9.83
N GLN A 42 1.29 -6.52 -10.31
CA GLN A 42 1.63 -6.62 -11.72
C GLN A 42 3.03 -7.22 -11.82
N ASP A 43 3.14 -8.37 -12.44
CA ASP A 43 4.41 -9.04 -12.57
C ASP A 43 4.94 -8.88 -13.98
N ALA A 44 5.94 -8.01 -14.09
CA ALA A 44 6.63 -7.72 -15.35
C ALA A 44 5.79 -6.86 -16.31
N SER A 45 4.59 -6.45 -15.88
CA SER A 45 3.71 -5.61 -16.70
C SER A 45 3.40 -6.28 -18.04
N THR A 46 3.24 -7.60 -18.03
CA THR A 46 2.95 -8.34 -19.25
C THR A 46 1.82 -9.33 -18.98
N SER A 47 2.20 -10.55 -18.63
CA SER A 47 1.26 -11.60 -18.31
C SER A 47 1.59 -12.09 -16.90
N PRO A 48 1.16 -11.32 -15.86
CA PRO A 48 1.46 -11.58 -14.45
C PRO A 48 0.95 -12.93 -13.94
N PRO A 49 1.86 -13.88 -13.74
CA PRO A 49 1.53 -15.21 -13.24
C PRO A 49 1.62 -15.27 -11.72
N SER A 50 2.08 -14.18 -11.14
CA SER A 50 2.26 -14.08 -9.72
C SER A 50 1.28 -13.10 -9.11
N TYR A 51 0.11 -12.97 -9.72
CA TYR A 51 -0.90 -12.07 -9.20
C TYR A 51 -1.90 -12.83 -8.36
N THR A 52 -2.57 -13.81 -8.97
CA THR A 52 -3.58 -14.63 -8.30
C THR A 52 -4.78 -13.80 -7.85
N HIS A 53 -4.64 -13.05 -6.74
CA HIS A 53 -5.74 -12.22 -6.25
C HIS A 53 -5.25 -11.02 -5.46
N TYR A 54 -4.79 -11.26 -4.22
CA TYR A 54 -4.34 -10.19 -3.35
C TYR A 54 -5.37 -9.07 -3.29
N SER A 55 -4.91 -7.84 -3.49
CA SER A 55 -5.77 -6.65 -3.53
C SER A 55 -6.44 -6.33 -2.19
N SER A 56 -7.36 -7.17 -1.75
CA SER A 56 -8.10 -6.93 -0.53
C SER A 56 -7.24 -7.01 0.74
N ILE A 57 -7.11 -5.88 1.40
CA ILE A 57 -6.39 -5.78 2.65
C ILE A 57 -7.37 -5.29 3.70
N ARG A 58 -7.34 -5.87 4.88
CA ARG A 58 -8.25 -5.43 5.92
C ARG A 58 -7.42 -4.96 7.12
N LEU A 59 -7.64 -3.71 7.48
CA LEU A 59 -6.90 -3.07 8.56
C LEU A 59 -7.25 -3.59 9.95
N ASP A 60 -8.19 -4.51 10.04
CA ASP A 60 -8.60 -5.02 11.34
C ASP A 60 -7.67 -6.14 11.87
N LYS A 61 -7.09 -6.95 11.01
CA LYS A 61 -6.25 -8.05 11.50
C LYS A 61 -4.80 -8.05 10.98
N TYR A 62 -4.44 -7.17 10.05
CA TYR A 62 -3.06 -7.15 9.57
C TYR A 62 -2.27 -6.16 10.40
N ASN A 63 -1.07 -6.55 10.78
CA ASN A 63 -0.20 -5.70 11.58
C ASN A 63 0.71 -4.97 10.62
N ILE A 64 0.96 -3.70 10.89
CA ILE A 64 1.80 -2.93 10.01
C ILE A 64 2.92 -2.23 10.77
N ARG A 65 4.06 -2.12 10.11
CA ARG A 65 5.27 -1.49 10.68
C ARG A 65 6.05 -0.81 9.56
N GLN A 66 7.23 -0.33 9.89
CA GLN A 66 8.10 0.30 8.90
C GLN A 66 9.55 0.16 9.36
N HIS A 67 10.46 0.16 8.40
CA HIS A 67 11.89 0.04 8.71
C HIS A 67 12.66 1.07 7.92
N THR A 68 13.35 1.95 8.64
CA THR A 68 14.11 3.02 8.01
C THR A 68 15.47 2.53 7.48
N THR A 69 16.58 3.14 7.95
CA THR A 69 17.92 2.79 7.48
C THR A 69 18.07 3.31 6.05
N ASP A 70 18.24 4.64 5.94
CA ASP A 70 18.37 5.33 4.66
C ASP A 70 17.00 5.46 4.00
N GLU A 71 16.55 4.40 3.37
CA GLU A 71 15.25 4.37 2.73
C GLU A 71 14.28 3.68 3.68
N ASP A 72 13.13 4.30 3.90
CA ASP A 72 12.14 3.75 4.82
C ASP A 72 11.13 2.89 4.08
N THR A 73 11.02 1.67 4.51
CA THR A 73 10.12 0.71 3.91
C THR A 73 8.98 0.34 4.85
N ILE A 74 7.75 0.38 4.35
CA ILE A 74 6.58 0.03 5.12
C ILE A 74 6.31 -1.46 4.98
N VAL A 75 6.18 -2.18 6.09
CA VAL A 75 5.93 -3.60 6.02
C VAL A 75 4.56 -3.96 6.54
N LEU A 76 3.95 -4.94 5.90
CA LEU A 76 2.65 -5.42 6.31
C LEU A 76 2.79 -6.88 6.76
N GLN A 77 2.16 -7.22 7.87
CA GLN A 77 2.24 -8.57 8.40
C GLN A 77 1.11 -9.45 7.86
N PRO A 78 1.44 -10.73 7.71
CA PRO A 78 0.56 -11.75 7.12
C PRO A 78 -0.60 -12.21 7.99
N GLN A 79 -1.61 -11.37 8.11
CA GLN A 79 -2.79 -11.69 8.92
C GLN A 79 -3.57 -12.93 8.46
N GLU A 80 -3.52 -13.21 7.16
CA GLU A 80 -4.30 -14.31 6.61
C GLU A 80 -3.48 -15.16 5.65
N PRO A 81 -3.89 -16.44 5.47
CA PRO A 81 -3.24 -17.36 4.55
C PRO A 81 -3.41 -16.88 3.11
N GLY A 82 -2.32 -16.87 2.35
CA GLY A 82 -2.38 -16.38 0.99
C GLY A 82 -1.84 -14.97 0.96
N LEU A 83 -1.48 -14.51 2.15
CA LEU A 83 -0.92 -13.20 2.36
C LEU A 83 0.39 -13.37 3.12
N PRO A 84 1.51 -13.44 2.40
CA PRO A 84 2.82 -13.62 3.00
C PRO A 84 3.38 -12.29 3.52
N SER A 85 4.68 -12.13 3.48
CA SER A 85 5.27 -10.90 3.94
C SER A 85 5.13 -9.90 2.82
N PHE A 86 4.90 -8.65 3.15
CA PHE A 86 4.69 -7.62 2.15
C PHE A 86 5.34 -6.33 2.60
N ARG A 87 6.15 -5.77 1.74
CA ARG A 87 6.87 -4.54 2.04
C ARG A 87 6.79 -3.58 0.88
N ILE A 88 6.63 -2.30 1.17
CA ILE A 88 6.55 -1.27 0.13
C ILE A 88 7.54 -0.16 0.39
N LYS A 89 8.30 0.20 -0.63
CA LYS A 89 9.27 1.26 -0.52
C LYS A 89 8.87 2.40 -1.43
N PRO A 90 9.05 3.65 -0.97
CA PRO A 90 8.68 4.82 -1.75
C PRO A 90 9.71 5.11 -2.84
N LYS A 91 9.83 4.18 -3.78
CA LYS A 91 10.79 4.31 -4.86
C LYS A 91 10.13 4.14 -6.23
N ASP A 92 9.04 4.83 -6.43
CA ASP A 92 8.32 4.84 -7.67
C ASP A 92 7.37 6.03 -7.67
N PHE A 93 7.33 6.78 -8.77
CA PHE A 93 6.45 7.96 -8.85
C PHE A 93 6.50 8.61 -10.22
N GLU A 94 5.62 9.59 -10.38
CA GLU A 94 5.57 10.39 -11.58
C GLU A 94 6.41 11.64 -11.32
N THR A 95 6.04 12.33 -10.24
CA THR A 95 6.71 13.55 -9.81
C THR A 95 6.37 13.80 -8.33
N SER A 96 7.29 14.43 -7.59
CA SER A 96 7.08 14.75 -6.19
C SER A 96 7.27 13.58 -5.26
N GLU A 97 8.53 13.35 -4.91
CA GLU A 97 8.89 12.31 -3.97
C GLU A 97 8.27 12.64 -2.61
N TYR A 98 7.90 13.90 -2.47
CA TYR A 98 7.24 14.42 -1.29
C TYR A 98 6.00 13.57 -0.98
N VAL A 99 5.23 13.29 -2.03
CA VAL A 99 4.00 12.48 -1.92
C VAL A 99 4.31 11.06 -1.42
N ARG A 100 5.46 10.52 -1.78
CA ARG A 100 5.87 9.18 -1.33
C ARG A 100 6.05 9.16 0.20
N LYS A 101 6.66 10.21 0.71
CA LYS A 101 6.91 10.35 2.13
C LYS A 101 5.59 10.56 2.87
N ALA A 102 4.66 11.26 2.20
CA ALA A 102 3.36 11.54 2.76
C ALA A 102 2.46 10.30 2.85
N TRP A 103 2.98 9.13 2.51
CA TRP A 103 2.21 7.89 2.64
C TRP A 103 2.62 7.21 3.93
N LEU A 104 3.82 7.52 4.40
CA LEU A 104 4.29 6.97 5.66
C LEU A 104 3.42 7.54 6.80
N ARG A 105 3.01 8.78 6.62
CA ARG A 105 2.12 9.42 7.59
C ARG A 105 0.74 8.81 7.50
N ASP A 106 0.37 8.41 6.29
CA ASP A 106 -0.92 7.76 6.04
C ASP A 106 -0.96 6.41 6.74
N ILE A 107 0.23 5.84 6.95
CA ILE A 107 0.37 4.56 7.63
C ILE A 107 0.59 4.77 9.12
N ALA A 108 1.15 5.92 9.49
CA ALA A 108 1.38 6.27 10.88
C ALA A 108 0.03 6.52 11.56
N GLU A 109 -0.96 6.89 10.76
CA GLU A 109 -2.32 7.13 11.24
C GLU A 109 -3.25 7.07 10.05
N GLU A 110 -3.66 5.84 9.75
CA GLU A 110 -4.54 5.55 8.64
C GLU A 110 -5.91 6.21 8.79
N GLN A 111 -6.63 6.27 7.67
CA GLN A 111 -7.96 6.83 7.58
C GLN A 111 -8.02 8.26 8.10
N GLU A 112 -7.57 9.20 7.26
CA GLU A 112 -7.59 10.62 7.62
C GLU A 112 -8.99 11.09 7.89
N LYS A 113 -9.87 10.75 6.95
CA LYS A 113 -11.27 11.15 7.02
C LYS A 113 -11.99 10.49 8.18
N TYR A 114 -11.32 9.55 8.84
CA TYR A 114 -11.89 8.90 9.99
C TYR A 114 -11.92 9.90 11.14
N ALA A 115 -10.91 10.76 11.17
CA ALA A 115 -10.79 11.80 12.19
C ALA A 115 -11.46 13.08 11.72
N ALA A 116 -11.36 14.13 12.54
CA ALA A 116 -11.98 15.42 12.27
C ALA A 116 -13.49 15.37 12.51
N GLU A 117 -14.07 14.19 12.33
CA GLU A 117 -15.49 13.97 12.55
C GLU A 117 -15.80 14.08 14.04
N ARG A 118 -14.96 13.44 14.84
CA ARG A 118 -15.14 13.43 16.28
C ARG A 118 -13.82 13.25 17.02
N ASP A 119 -12.93 12.43 16.45
CA ASP A 119 -11.63 12.13 17.04
C ASP A 119 -11.80 11.38 18.33
N MET A 1 -4.19 9.55 -14.80
CA MET A 1 -5.17 8.56 -14.32
C MET A 1 -6.08 9.15 -13.24
N GLY A 2 -7.26 8.57 -13.08
CA GLY A 2 -8.20 9.04 -12.08
C GLY A 2 -9.64 8.88 -12.55
N ASP A 3 -10.59 9.08 -11.65
CA ASP A 3 -12.01 8.96 -11.98
C ASP A 3 -12.67 10.34 -11.93
N THR A 4 -13.80 10.44 -11.24
CA THR A 4 -14.51 11.72 -11.12
C THR A 4 -13.87 12.55 -10.00
N GLY A 5 -12.61 12.85 -10.18
CA GLY A 5 -11.86 13.61 -9.21
C GLY A 5 -10.37 13.58 -9.53
N LYS A 6 -9.61 14.50 -8.95
CA LYS A 6 -8.18 14.58 -9.18
C LYS A 6 -7.41 13.65 -8.24
N LEU A 7 -6.10 13.84 -8.18
CA LEU A 7 -5.23 12.99 -7.36
C LEU A 7 -5.29 13.41 -5.89
N GLY A 8 -6.47 13.37 -5.32
CA GLY A 8 -6.64 13.72 -3.93
C GLY A 8 -7.07 12.52 -3.15
N ARG A 9 -6.70 11.34 -3.65
CA ARG A 9 -7.05 10.09 -3.00
C ARG A 9 -6.48 10.04 -1.59
N ILE A 10 -7.36 10.29 -0.64
CA ILE A 10 -6.99 10.32 0.76
C ILE A 10 -6.32 9.02 1.19
N ILE A 11 -5.01 9.09 1.39
CA ILE A 11 -4.20 7.97 1.85
C ILE A 11 -3.99 6.85 0.80
N ARG A 12 -4.96 6.60 -0.09
CA ARG A 12 -4.84 5.43 -0.95
C ARG A 12 -4.02 5.53 -2.22
N HIS A 13 -3.56 6.66 -2.66
CA HIS A 13 -2.93 6.59 -3.97
C HIS A 13 -1.43 6.87 -4.05
N ASP A 14 -0.70 5.81 -4.39
CA ASP A 14 0.75 5.85 -4.62
C ASP A 14 1.18 4.60 -5.38
N ALA A 15 2.25 4.73 -6.14
CA ALA A 15 2.79 3.62 -6.91
C ALA A 15 3.94 2.97 -6.17
N PHE A 16 3.73 1.73 -5.75
CA PHE A 16 4.74 1.00 -5.01
C PHE A 16 5.30 -0.17 -5.77
N GLN A 17 6.48 0.04 -6.31
CA GLN A 17 7.21 -1.00 -7.02
C GLN A 17 8.12 -1.61 -5.99
N VAL A 18 7.86 -2.85 -5.65
CA VAL A 18 8.61 -3.48 -4.60
C VAL A 18 8.51 -4.99 -4.62
N TRP A 19 9.48 -5.57 -4.00
CA TRP A 19 9.65 -6.98 -3.88
C TRP A 19 8.47 -7.64 -3.17
N GLU A 20 7.74 -8.44 -3.94
CA GLU A 20 6.57 -9.13 -3.43
C GLU A 20 6.89 -10.59 -3.11
N GLY A 21 6.92 -10.90 -1.84
CA GLY A 21 7.16 -12.27 -1.42
C GLY A 21 8.55 -12.81 -1.74
N ASP A 22 8.70 -13.40 -2.92
CA ASP A 22 9.99 -14.00 -3.34
C ASP A 22 11.00 -12.92 -3.76
N GLU A 23 10.92 -11.76 -3.10
CA GLU A 23 11.77 -10.60 -3.33
C GLU A 23 11.90 -10.10 -4.79
N PRO A 24 10.89 -10.23 -5.66
CA PRO A 24 10.97 -9.70 -7.02
C PRO A 24 10.38 -8.30 -7.05
N PRO A 25 11.05 -7.34 -7.70
CA PRO A 25 10.55 -5.96 -7.73
C PRO A 25 9.30 -5.84 -8.59
N LYS A 26 8.24 -6.24 -7.96
CA LYS A 26 6.91 -6.28 -8.54
C LYS A 26 6.17 -4.95 -8.33
N LEU A 27 5.92 -4.26 -9.42
CA LEU A 27 5.20 -3.00 -9.38
C LEU A 27 3.80 -3.25 -8.82
N ARG A 28 3.33 -2.37 -7.96
CA ARG A 28 2.00 -2.53 -7.39
C ARG A 28 1.33 -1.17 -7.16
N TYR A 29 0.09 -1.06 -7.59
CA TYR A 29 -0.69 0.15 -7.39
C TYR A 29 -1.48 -0.04 -6.12
N VAL A 30 -0.92 0.41 -4.99
CA VAL A 30 -1.55 0.22 -3.70
C VAL A 30 -2.62 1.28 -3.44
N PHE A 31 -3.77 0.83 -2.97
CA PHE A 31 -4.88 1.72 -2.71
C PHE A 31 -5.52 1.47 -1.32
N LEU A 32 -5.27 2.33 -0.34
CA LEU A 32 -5.93 2.17 0.96
C LEU A 32 -6.75 3.38 1.37
N PHE A 33 -8.05 3.17 1.46
CA PHE A 33 -8.99 4.20 1.86
C PHE A 33 -9.55 3.88 3.25
N ARG A 34 -10.87 3.97 3.42
CA ARG A 34 -11.49 3.67 4.70
C ARG A 34 -12.07 2.27 4.72
N ASN A 35 -12.13 1.63 3.56
CA ASN A 35 -12.69 0.29 3.45
C ASN A 35 -11.64 -0.79 3.60
N LYS A 36 -10.60 -0.74 2.77
CA LYS A 36 -9.54 -1.73 2.80
C LYS A 36 -8.42 -1.32 1.89
N ILE A 37 -7.38 -2.14 1.82
CA ILE A 37 -6.22 -1.88 0.98
C ILE A 37 -6.26 -2.75 -0.26
N MET A 38 -6.47 -2.13 -1.41
CA MET A 38 -6.51 -2.87 -2.68
C MET A 38 -5.30 -2.51 -3.51
N PHE A 39 -4.43 -3.46 -3.75
CA PHE A 39 -3.26 -3.22 -4.57
C PHE A 39 -3.25 -4.17 -5.76
N THR A 40 -3.54 -3.62 -6.94
CA THR A 40 -3.63 -4.40 -8.15
C THR A 40 -2.29 -4.99 -8.55
N GLU A 41 -2.32 -6.19 -9.06
CA GLU A 41 -1.10 -6.87 -9.45
C GLU A 41 -0.49 -6.29 -10.72
N GLN A 42 0.56 -5.51 -10.56
CA GLN A 42 1.25 -4.94 -11.71
C GLN A 42 2.52 -5.75 -11.97
N ASP A 43 2.34 -6.95 -12.50
CA ASP A 43 3.45 -7.85 -12.79
C ASP A 43 3.94 -7.64 -14.21
N ALA A 44 4.28 -6.38 -14.49
CA ALA A 44 4.78 -5.92 -15.81
C ALA A 44 4.61 -4.42 -15.93
N SER A 45 4.84 -3.89 -17.13
CA SER A 45 4.68 -2.48 -17.39
C SER A 45 3.57 -2.31 -18.41
N THR A 46 2.49 -1.68 -17.97
CA THR A 46 1.28 -1.43 -18.77
C THR A 46 0.67 -2.74 -19.28
N SER A 47 -0.45 -3.12 -18.67
CA SER A 47 -1.15 -4.34 -19.01
C SER A 47 -0.30 -5.56 -18.64
N PRO A 48 -0.23 -5.88 -17.33
CA PRO A 48 0.55 -7.02 -16.84
C PRO A 48 -0.14 -8.36 -17.13
N PRO A 49 0.63 -9.38 -17.54
CA PRO A 49 0.09 -10.71 -17.86
C PRO A 49 -0.33 -11.48 -16.61
N SER A 50 0.18 -11.07 -15.48
CA SER A 50 -0.13 -11.73 -14.22
C SER A 50 -1.10 -10.89 -13.40
N TYR A 51 -2.03 -10.23 -14.09
CA TYR A 51 -3.02 -9.40 -13.40
C TYR A 51 -4.26 -10.22 -13.07
N THR A 52 -4.07 -11.53 -12.96
CA THR A 52 -5.16 -12.41 -12.62
C THR A 52 -5.32 -12.39 -11.09
N HIS A 53 -4.33 -11.78 -10.45
CA HIS A 53 -4.31 -11.64 -8.99
C HIS A 53 -4.86 -10.26 -8.58
N TYR A 54 -5.93 -10.26 -7.82
CA TYR A 54 -6.49 -9.01 -7.34
C TYR A 54 -6.21 -8.89 -5.86
N SER A 55 -4.95 -8.63 -5.53
CA SER A 55 -4.52 -8.49 -4.14
C SER A 55 -5.31 -7.43 -3.39
N SER A 56 -6.03 -7.87 -2.38
CA SER A 56 -6.84 -6.98 -1.57
C SER A 56 -6.77 -7.38 -0.10
N ILE A 57 -6.20 -6.50 0.70
CA ILE A 57 -6.03 -6.70 2.15
C ILE A 57 -7.02 -5.80 2.89
N ARG A 58 -7.38 -6.13 4.13
CA ARG A 58 -8.29 -5.28 4.90
C ARG A 58 -7.47 -4.51 5.91
N LEU A 59 -8.04 -3.44 6.46
CA LEU A 59 -7.37 -2.66 7.47
C LEU A 59 -7.39 -3.41 8.78
N ASP A 60 -8.61 -3.69 9.24
CA ASP A 60 -8.90 -4.38 10.48
C ASP A 60 -7.70 -5.11 11.08
N LYS A 61 -7.49 -6.35 10.68
CA LYS A 61 -6.44 -7.17 11.27
C LYS A 61 -5.17 -7.35 10.42
N TYR A 62 -4.37 -6.30 10.33
CA TYR A 62 -3.08 -6.38 9.64
C TYR A 62 -2.06 -5.58 10.45
N ASN A 63 -0.85 -6.06 10.53
CA ASN A 63 0.18 -5.35 11.27
C ASN A 63 1.05 -4.53 10.33
N ILE A 64 0.90 -3.22 10.39
CA ILE A 64 1.66 -2.33 9.54
C ILE A 64 2.88 -1.81 10.28
N ARG A 65 4.04 -1.86 9.64
CA ARG A 65 5.26 -1.41 10.27
C ARG A 65 6.08 -0.57 9.30
N GLN A 66 7.39 -0.53 9.52
CA GLN A 66 8.30 0.19 8.64
C GLN A 66 9.74 -0.28 8.84
N HIS A 67 10.55 -0.14 7.80
CA HIS A 67 11.95 -0.57 7.85
C HIS A 67 12.88 0.41 7.17
N THR A 68 14.16 0.00 7.02
CA THR A 68 15.20 0.81 6.38
C THR A 68 15.68 1.92 7.32
N THR A 69 16.98 2.20 7.32
CA THR A 69 17.57 3.19 8.23
C THR A 69 17.08 4.62 7.94
N ASP A 70 17.28 5.07 6.73
CA ASP A 70 16.87 6.42 6.35
C ASP A 70 15.45 6.42 5.89
N GLU A 71 15.18 5.68 4.84
CA GLU A 71 13.84 5.58 4.32
C GLU A 71 12.97 4.74 5.23
N ASP A 72 11.69 5.02 5.20
CA ASP A 72 10.75 4.28 6.02
C ASP A 72 9.89 3.39 5.13
N THR A 73 10.40 2.20 4.83
CA THR A 73 9.70 1.25 3.99
C THR A 73 8.46 0.74 4.69
N ILE A 74 7.30 0.91 4.06
CA ILE A 74 6.05 0.50 4.64
C ILE A 74 5.84 -1.00 4.42
N VAL A 75 6.02 -1.77 5.49
CA VAL A 75 5.90 -3.21 5.45
C VAL A 75 4.59 -3.68 6.09
N LEU A 76 3.96 -4.67 5.45
CA LEU A 76 2.70 -5.21 5.93
C LEU A 76 2.95 -6.62 6.49
N GLN A 77 2.80 -6.74 7.79
CA GLN A 77 3.03 -8.02 8.47
C GLN A 77 1.72 -8.71 8.83
N PRO A 78 1.53 -9.94 8.34
CA PRO A 78 0.31 -10.72 8.59
C PRO A 78 0.16 -11.13 10.05
N GLN A 79 -0.65 -10.37 10.79
CA GLN A 79 -0.89 -10.68 12.21
C GLN A 79 -1.88 -11.84 12.34
N GLU A 80 -2.41 -12.29 11.21
CA GLU A 80 -3.34 -13.40 11.18
C GLU A 80 -2.91 -14.37 10.11
N PRO A 81 -3.04 -15.68 10.34
CA PRO A 81 -2.66 -16.70 9.37
C PRO A 81 -3.59 -16.69 8.16
N GLY A 82 -3.13 -16.08 7.08
CA GLY A 82 -3.92 -16.01 5.87
C GLY A 82 -3.59 -14.76 5.09
N LEU A 83 -2.55 -14.09 5.49
CA LEU A 83 -2.11 -12.90 4.80
C LEU A 83 -0.71 -13.10 4.25
N PRO A 84 -0.45 -12.64 3.04
CA PRO A 84 0.87 -12.75 2.44
C PRO A 84 1.85 -11.77 3.08
N SER A 85 3.12 -12.00 2.88
CA SER A 85 4.12 -11.12 3.43
C SER A 85 4.72 -10.28 2.32
N PHE A 86 4.44 -8.99 2.35
CA PHE A 86 5.00 -8.08 1.36
C PHE A 86 5.28 -6.73 1.99
N ARG A 87 6.19 -6.00 1.39
CA ARG A 87 6.56 -4.68 1.84
C ARG A 87 6.46 -3.77 0.64
N ILE A 88 6.21 -2.47 0.81
CA ILE A 88 6.08 -1.58 -0.34
C ILE A 88 7.08 -0.42 -0.30
N LYS A 89 7.99 -0.46 -1.27
CA LYS A 89 9.06 0.50 -1.42
C LYS A 89 8.88 1.35 -2.67
N PRO A 90 9.28 2.64 -2.62
CA PRO A 90 9.23 3.51 -3.79
C PRO A 90 10.48 3.29 -4.64
N LYS A 91 10.59 2.11 -5.26
CA LYS A 91 11.75 1.71 -6.08
C LYS A 91 12.22 2.84 -6.99
N ASP A 92 11.59 2.98 -8.15
CA ASP A 92 11.94 4.03 -9.07
C ASP A 92 10.74 4.93 -9.29
N PHE A 93 10.92 5.95 -10.13
CA PHE A 93 9.88 6.95 -10.45
C PHE A 93 9.87 8.03 -9.37
N GLU A 94 10.55 9.14 -9.68
CA GLU A 94 10.70 10.27 -8.76
C GLU A 94 9.37 10.79 -8.31
N THR A 95 8.43 10.93 -9.24
CA THR A 95 7.11 11.41 -8.88
C THR A 95 6.32 10.25 -8.27
N SER A 96 6.68 9.87 -7.05
CA SER A 96 6.05 8.78 -6.35
C SER A 96 6.71 8.63 -4.97
N GLU A 97 8.02 8.79 -4.94
CA GLU A 97 8.81 8.67 -3.71
C GLU A 97 8.33 9.66 -2.65
N TYR A 98 8.13 10.92 -3.04
CA TYR A 98 7.69 11.96 -2.12
C TYR A 98 6.26 11.71 -1.66
N VAL A 99 5.49 11.00 -2.49
CA VAL A 99 4.13 10.66 -2.14
C VAL A 99 4.16 9.55 -1.10
N ARG A 100 5.10 8.62 -1.26
CA ARG A 100 5.27 7.52 -0.32
C ARG A 100 5.49 8.06 1.09
N LYS A 101 6.21 9.19 1.18
CA LYS A 101 6.48 9.85 2.45
C LYS A 101 5.20 10.30 3.13
N ALA A 102 4.19 10.55 2.34
CA ALA A 102 2.90 10.97 2.86
C ALA A 102 2.19 9.79 3.51
N TRP A 103 2.35 8.61 2.94
CA TRP A 103 1.75 7.40 3.49
C TRP A 103 2.30 7.12 4.89
N LEU A 104 3.49 7.67 5.18
CA LEU A 104 4.11 7.54 6.49
C LEU A 104 3.26 8.27 7.52
N ARG A 105 2.72 9.42 7.10
CA ARG A 105 1.85 10.22 7.95
C ARG A 105 0.49 9.56 8.06
N ASP A 106 0.02 8.99 6.95
CA ASP A 106 -1.26 8.30 6.92
C ASP A 106 -1.21 7.12 7.86
N ILE A 107 -0.26 6.22 7.62
CA ILE A 107 -0.07 5.04 8.45
C ILE A 107 0.16 5.40 9.93
N ALA A 108 0.91 6.48 10.15
CA ALA A 108 1.24 6.93 11.49
C ALA A 108 0.01 7.25 12.32
N GLU A 109 -0.95 7.93 11.73
CA GLU A 109 -2.14 8.31 12.47
C GLU A 109 -3.27 8.83 11.58
N GLU A 110 -3.02 9.15 10.32
CA GLU A 110 -4.09 9.68 9.50
C GLU A 110 -5.19 8.64 9.29
N GLN A 111 -4.81 7.40 9.02
CA GLN A 111 -5.77 6.31 8.87
C GLN A 111 -6.38 5.95 10.25
N GLU A 112 -7.12 6.92 10.79
CA GLU A 112 -7.76 6.82 12.09
C GLU A 112 -8.56 5.53 12.28
N LYS A 113 -9.11 4.98 11.21
CA LYS A 113 -9.89 3.75 11.32
C LYS A 113 -9.02 2.59 11.79
N TYR A 114 -7.75 2.65 11.44
CA TYR A 114 -6.82 1.61 11.86
C TYR A 114 -6.50 1.77 13.35
N ALA A 115 -5.90 2.90 13.67
CA ALA A 115 -5.52 3.23 15.05
C ALA A 115 -4.62 2.17 15.65
N ALA A 116 -5.10 1.52 16.69
CA ALA A 116 -4.34 0.48 17.36
C ALA A 116 -5.26 -0.50 18.07
N GLU A 117 -5.49 -1.66 17.45
CA GLU A 117 -6.35 -2.69 18.03
C GLU A 117 -5.54 -3.77 18.70
N ARG A 118 -6.21 -4.50 19.59
CA ARG A 118 -5.59 -5.58 20.33
C ARG A 118 -6.49 -6.81 20.32
N ASP A 119 -7.71 -6.63 20.82
CA ASP A 119 -8.69 -7.68 20.87
C ASP A 119 -10.01 -7.15 20.36
N MET A 1 -20.77 15.87 -8.54
CA MET A 1 -19.67 15.91 -7.54
C MET A 1 -19.68 14.65 -6.68
N GLY A 2 -18.93 14.68 -5.58
CA GLY A 2 -18.86 13.52 -4.71
C GLY A 2 -17.46 13.00 -4.58
N ASP A 3 -17.02 12.28 -5.60
CA ASP A 3 -15.68 11.72 -5.63
C ASP A 3 -14.69 12.73 -6.18
N THR A 4 -14.65 13.90 -5.56
CA THR A 4 -13.77 14.97 -5.98
C THR A 4 -12.33 14.66 -5.59
N GLY A 5 -11.49 14.52 -6.60
CA GLY A 5 -10.10 14.21 -6.38
C GLY A 5 -9.68 13.09 -7.29
N LYS A 6 -9.43 13.44 -8.54
CA LYS A 6 -9.05 12.48 -9.56
C LYS A 6 -7.93 11.59 -9.07
N LEU A 7 -6.83 12.20 -8.67
CA LEU A 7 -5.70 11.44 -8.18
C LEU A 7 -5.58 11.58 -6.66
N GLY A 8 -6.70 11.42 -5.98
CA GLY A 8 -6.70 11.50 -4.55
C GLY A 8 -7.84 10.72 -3.96
N ARG A 9 -9.07 11.11 -4.31
CA ARG A 9 -10.27 10.44 -3.84
C ARG A 9 -10.24 10.35 -2.32
N ILE A 10 -10.28 9.15 -1.82
CA ILE A 10 -10.21 8.93 -0.39
C ILE A 10 -8.84 8.35 -0.05
N ILE A 11 -8.18 8.99 0.89
CA ILE A 11 -6.85 8.63 1.32
C ILE A 11 -5.88 8.85 0.15
N ARG A 12 -5.23 7.79 -0.32
CA ARG A 12 -4.26 7.91 -1.41
C ARG A 12 -4.16 6.62 -2.22
N HIS A 13 -3.69 6.75 -3.46
CA HIS A 13 -3.51 5.59 -4.32
C HIS A 13 -2.28 5.82 -5.23
N ASP A 14 -1.27 5.00 -5.04
CA ASP A 14 -0.02 5.11 -5.78
C ASP A 14 0.63 3.75 -5.99
N ALA A 15 1.34 3.59 -7.10
CA ALA A 15 2.02 2.32 -7.42
C ALA A 15 3.48 2.38 -7.03
N PHE A 16 3.96 1.31 -6.39
CA PHE A 16 5.34 1.21 -5.98
C PHE A 16 5.98 0.04 -6.71
N GLN A 17 7.29 -0.08 -6.60
CA GLN A 17 8.00 -1.15 -7.27
C GLN A 17 8.76 -1.95 -6.25
N VAL A 18 8.01 -2.76 -5.53
CA VAL A 18 8.56 -3.56 -4.46
C VAL A 18 7.79 -4.86 -4.26
N TRP A 19 8.47 -5.72 -3.57
CA TRP A 19 8.03 -7.06 -3.23
C TRP A 19 6.61 -7.12 -2.65
N GLU A 20 5.80 -8.01 -3.20
CA GLU A 20 4.41 -8.20 -2.79
C GLU A 20 4.01 -9.66 -2.96
N GLY A 21 4.94 -10.51 -2.65
CA GLY A 21 4.74 -11.93 -2.83
C GLY A 21 5.42 -12.35 -4.09
N ASP A 22 5.80 -13.62 -4.18
CA ASP A 22 6.52 -14.13 -5.34
C ASP A 22 7.78 -13.30 -5.49
N GLU A 23 8.39 -13.07 -4.30
CA GLU A 23 9.62 -12.27 -4.09
C GLU A 23 9.97 -11.25 -5.20
N PRO A 24 10.63 -11.64 -6.35
CA PRO A 24 10.98 -10.73 -7.44
C PRO A 24 10.10 -9.47 -7.51
N PRO A 25 10.71 -8.29 -7.29
CA PRO A 25 9.99 -7.01 -7.30
C PRO A 25 9.36 -6.70 -8.65
N LYS A 26 8.05 -6.42 -8.60
CA LYS A 26 7.26 -6.15 -9.78
C LYS A 26 6.83 -4.69 -9.86
N LEU A 27 5.53 -4.47 -9.92
CA LEU A 27 4.94 -3.15 -9.98
C LEU A 27 3.56 -3.26 -9.34
N ARG A 28 3.48 -3.02 -8.05
CA ARG A 28 2.22 -3.18 -7.34
C ARG A 28 1.48 -1.86 -7.18
N TYR A 29 0.21 -1.87 -7.58
CA TYR A 29 -0.64 -0.70 -7.47
C TYR A 29 -1.26 -0.66 -6.08
N VAL A 30 -0.75 0.22 -5.22
CA VAL A 30 -1.25 0.34 -3.85
C VAL A 30 -2.37 1.37 -3.77
N PHE A 31 -3.55 0.88 -3.49
CA PHE A 31 -4.72 1.74 -3.39
C PHE A 31 -5.30 1.71 -1.99
N LEU A 32 -5.47 2.85 -1.37
CA LEU A 32 -6.11 2.86 -0.06
C LEU A 32 -7.38 3.66 -0.15
N PHE A 33 -8.51 2.99 -0.10
CA PHE A 33 -9.80 3.67 -0.16
C PHE A 33 -10.62 3.30 1.07
N ARG A 34 -10.57 4.20 2.05
CA ARG A 34 -11.25 4.04 3.34
C ARG A 34 -10.51 3.01 4.19
N ASN A 35 -11.24 2.18 4.93
CA ASN A 35 -10.60 1.20 5.79
C ASN A 35 -10.28 -0.11 5.09
N LYS A 36 -9.44 -0.02 4.07
CA LYS A 36 -8.99 -1.18 3.32
C LYS A 36 -7.94 -0.75 2.31
N ILE A 37 -7.09 -1.68 1.95
CA ILE A 37 -6.03 -1.42 0.98
C ILE A 37 -6.20 -2.38 -0.19
N MET A 38 -6.32 -1.86 -1.39
CA MET A 38 -6.49 -2.67 -2.59
C MET A 38 -5.17 -2.77 -3.34
N PHE A 39 -4.87 -3.95 -3.86
CA PHE A 39 -3.61 -4.18 -4.57
C PHE A 39 -3.81 -4.85 -5.91
N THR A 40 -3.63 -4.11 -6.96
CA THR A 40 -3.72 -4.67 -8.29
C THR A 40 -2.35 -5.21 -8.69
N GLU A 41 -2.35 -6.42 -9.21
CA GLU A 41 -1.12 -7.11 -9.58
C GLU A 41 -0.64 -6.77 -10.98
N GLN A 42 0.59 -6.31 -11.04
CA GLN A 42 1.26 -6.01 -12.29
C GLN A 42 2.59 -6.74 -12.30
N ASP A 43 2.75 -7.67 -13.23
CA ASP A 43 3.95 -8.49 -13.28
C ASP A 43 4.91 -7.99 -14.36
N ALA A 44 6.17 -8.40 -14.24
CA ALA A 44 7.21 -8.01 -15.19
C ALA A 44 8.45 -8.87 -15.00
N SER A 45 8.25 -10.17 -14.84
CA SER A 45 9.36 -11.08 -14.66
C SER A 45 9.87 -11.56 -16.02
N THR A 46 9.07 -12.39 -16.68
CA THR A 46 9.40 -12.92 -18.00
C THR A 46 8.24 -12.70 -18.96
N SER A 47 7.18 -13.48 -18.78
CA SER A 47 5.97 -13.35 -19.56
C SER A 47 4.83 -12.95 -18.61
N PRO A 48 4.67 -11.64 -18.40
CA PRO A 48 3.67 -11.09 -17.46
C PRO A 48 2.24 -11.09 -18.01
N PRO A 49 1.34 -11.89 -17.39
CA PRO A 49 -0.07 -11.96 -17.78
C PRO A 49 -0.83 -10.71 -17.34
N SER A 50 -0.32 -10.07 -16.29
CA SER A 50 -0.89 -8.84 -15.73
C SER A 50 -2.23 -9.11 -15.00
N TYR A 51 -2.15 -9.04 -13.67
CA TYR A 51 -3.31 -9.23 -12.78
C TYR A 51 -3.92 -10.62 -12.89
N THR A 52 -3.11 -11.63 -12.67
CA THR A 52 -3.59 -13.00 -12.72
C THR A 52 -3.85 -13.50 -11.30
N HIS A 53 -3.66 -12.61 -10.34
CA HIS A 53 -3.86 -12.91 -8.94
C HIS A 53 -4.47 -11.71 -8.21
N TYR A 54 -5.61 -11.93 -7.59
CA TYR A 54 -6.32 -10.89 -6.84
C TYR A 54 -5.57 -10.56 -5.56
N SER A 55 -5.56 -9.29 -5.16
CA SER A 55 -4.86 -8.89 -3.96
C SER A 55 -5.61 -7.80 -3.19
N SER A 56 -5.97 -8.12 -1.96
CA SER A 56 -6.69 -7.19 -1.11
C SER A 56 -6.10 -7.22 0.29
N ILE A 57 -6.18 -6.12 1.01
CA ILE A 57 -5.63 -6.03 2.35
C ILE A 57 -6.61 -5.40 3.33
N ARG A 58 -6.97 -6.14 4.37
CA ARG A 58 -7.87 -5.61 5.39
C ARG A 58 -7.11 -4.59 6.22
N LEU A 59 -7.58 -3.35 6.23
CA LEU A 59 -6.92 -2.30 6.99
C LEU A 59 -7.31 -2.37 8.46
N ASP A 60 -7.97 -3.45 8.82
CA ASP A 60 -8.34 -3.68 10.20
C ASP A 60 -7.10 -4.12 10.95
N LYS A 61 -7.04 -5.39 11.27
CA LYS A 61 -5.93 -5.92 12.05
C LYS A 61 -4.95 -6.77 11.26
N TYR A 62 -3.85 -6.14 10.91
CA TYR A 62 -2.76 -6.78 10.23
C TYR A 62 -1.49 -6.26 10.88
N ASN A 63 -0.38 -6.96 10.80
CA ASN A 63 0.83 -6.51 11.43
C ASN A 63 1.59 -5.63 10.47
N ILE A 64 2.03 -4.49 10.94
CA ILE A 64 2.74 -3.57 10.09
C ILE A 64 3.92 -2.91 10.80
N ARG A 65 5.03 -2.84 10.08
CA ARG A 65 6.24 -2.22 10.58
C ARG A 65 6.80 -1.37 9.46
N GLN A 66 7.25 -0.20 9.79
CA GLN A 66 7.75 0.70 8.78
C GLN A 66 9.28 0.61 8.62
N HIS A 67 9.95 1.76 8.61
CA HIS A 67 11.41 1.86 8.51
C HIS A 67 11.83 3.30 8.25
N THR A 68 12.90 3.71 8.90
CA THR A 68 13.43 5.05 8.74
C THR A 68 14.71 4.97 7.88
N THR A 69 15.86 5.29 8.48
CA THR A 69 17.16 5.24 7.80
C THR A 69 17.09 5.92 6.44
N ASP A 70 16.64 7.18 6.44
CA ASP A 70 16.53 8.02 5.25
C ASP A 70 15.84 7.30 4.07
N GLU A 71 14.97 6.35 4.38
CA GLU A 71 14.23 5.60 3.37
C GLU A 71 12.88 5.17 3.91
N ASP A 72 11.85 5.93 3.58
CA ASP A 72 10.50 5.63 4.03
C ASP A 72 10.06 4.28 3.51
N THR A 73 9.62 3.42 4.43
CA THR A 73 9.22 2.07 4.09
C THR A 73 7.97 1.62 4.87
N ILE A 74 7.19 0.72 4.25
CA ILE A 74 5.97 0.16 4.84
C ILE A 74 5.97 -1.37 4.66
N VAL A 75 6.27 -2.09 5.74
CA VAL A 75 6.34 -3.54 5.72
C VAL A 75 5.07 -4.14 6.34
N LEU A 76 4.37 -4.96 5.57
CA LEU A 76 3.16 -5.61 6.07
C LEU A 76 3.44 -7.06 6.43
N GLN A 77 3.02 -7.44 7.63
CA GLN A 77 3.19 -8.80 8.13
C GLN A 77 1.83 -9.37 8.53
N PRO A 78 1.58 -10.65 8.29
CA PRO A 78 0.29 -11.24 8.60
C PRO A 78 0.17 -11.85 10.00
N GLN A 79 -1.02 -11.68 10.58
CA GLN A 79 -1.33 -12.27 11.87
C GLN A 79 -2.22 -13.47 11.59
N GLU A 80 -2.48 -13.63 10.32
CA GLU A 80 -3.29 -14.70 9.79
C GLU A 80 -2.74 -15.08 8.40
N PRO A 81 -2.75 -16.38 8.02
CA PRO A 81 -2.24 -16.81 6.71
C PRO A 81 -2.92 -16.08 5.55
N GLY A 82 -4.20 -15.76 5.74
CA GLY A 82 -4.94 -15.03 4.72
C GLY A 82 -4.62 -13.55 4.78
N LEU A 83 -3.34 -13.26 4.60
CA LEU A 83 -2.78 -11.92 4.64
C LEU A 83 -1.33 -12.06 4.16
N PRO A 84 -0.98 -11.52 2.99
CA PRO A 84 0.36 -11.67 2.44
C PRO A 84 1.38 -10.75 3.12
N SER A 85 2.57 -11.27 3.28
CA SER A 85 3.65 -10.50 3.87
C SER A 85 4.48 -9.92 2.75
N PHE A 86 4.58 -8.60 2.71
CA PHE A 86 5.33 -7.95 1.64
C PHE A 86 5.91 -6.65 2.16
N ARG A 87 6.78 -6.02 1.38
CA ARG A 87 7.40 -4.79 1.81
C ARG A 87 7.28 -3.73 0.72
N ILE A 88 6.44 -2.72 0.93
CA ILE A 88 6.29 -1.63 -0.04
C ILE A 88 7.18 -0.48 0.36
N LYS A 89 8.16 -0.17 -0.46
CA LYS A 89 9.08 0.90 -0.13
C LYS A 89 9.49 1.63 -1.38
N PRO A 90 9.23 2.93 -1.44
CA PRO A 90 9.61 3.74 -2.59
C PRO A 90 11.12 3.71 -2.73
N LYS A 91 11.58 2.84 -3.61
CA LYS A 91 13.00 2.60 -3.85
C LYS A 91 13.81 3.89 -3.93
N ASP A 92 13.24 4.90 -4.57
CA ASP A 92 13.89 6.20 -4.69
C ASP A 92 12.88 7.29 -4.42
N PHE A 93 13.31 8.54 -4.46
CA PHE A 93 12.41 9.65 -4.22
C PHE A 93 11.61 9.93 -5.50
N GLU A 94 10.29 10.07 -5.36
CA GLU A 94 9.42 10.31 -6.49
C GLU A 94 9.01 11.77 -6.55
N THR A 95 8.59 12.30 -5.42
CA THR A 95 8.20 13.69 -5.32
C THR A 95 8.93 14.32 -4.16
N SER A 96 10.26 14.12 -4.16
CA SER A 96 11.13 14.63 -3.13
C SER A 96 10.62 14.20 -1.76
N GLU A 97 10.33 12.90 -1.67
CA GLU A 97 9.88 12.26 -0.42
C GLU A 97 8.57 12.83 0.14
N TYR A 98 8.22 14.04 -0.27
CA TYR A 98 7.03 14.74 0.21
C TYR A 98 5.81 13.83 0.32
N VAL A 99 5.49 13.19 -0.79
CA VAL A 99 4.35 12.30 -0.84
C VAL A 99 4.67 10.95 -0.17
N ARG A 100 5.94 10.58 -0.20
CA ARG A 100 6.40 9.35 0.41
C ARG A 100 6.23 9.40 1.93
N LYS A 101 6.57 10.54 2.52
CA LYS A 101 6.46 10.73 3.97
C LYS A 101 4.98 10.72 4.37
N ALA A 102 4.14 11.24 3.48
CA ALA A 102 2.71 11.26 3.70
C ALA A 102 2.18 9.84 3.87
N TRP A 103 2.50 8.98 2.91
CA TRP A 103 2.06 7.58 2.94
C TRP A 103 2.36 6.91 4.29
N LEU A 104 3.55 7.13 4.82
CA LEU A 104 3.91 6.56 6.11
C LEU A 104 3.04 7.17 7.22
N ARG A 105 3.10 8.49 7.32
CA ARG A 105 2.36 9.22 8.35
C ARG A 105 0.89 8.85 8.32
N ASP A 106 0.31 8.77 7.13
CA ASP A 106 -1.10 8.41 6.97
C ASP A 106 -1.32 6.92 7.25
N ILE A 107 -0.24 6.19 7.53
CA ILE A 107 -0.32 4.77 7.86
C ILE A 107 -0.23 4.59 9.37
N ALA A 108 0.66 5.38 9.98
CA ALA A 108 0.88 5.36 11.41
C ALA A 108 -0.36 5.92 12.14
N GLU A 109 -1.22 6.57 11.36
CA GLU A 109 -2.46 7.15 11.86
C GLU A 109 -3.43 7.32 10.69
N GLU A 110 -4.10 6.21 10.38
CA GLU A 110 -5.04 6.13 9.27
C GLU A 110 -6.21 7.08 9.46
N GLN A 111 -6.71 7.58 8.32
CA GLN A 111 -7.86 8.50 8.21
C GLN A 111 -8.18 9.21 9.52
N GLU A 112 -7.68 10.43 9.65
CA GLU A 112 -7.85 11.26 10.84
C GLU A 112 -9.23 11.20 11.55
N LYS A 113 -10.29 10.75 10.87
CA LYS A 113 -11.60 10.61 11.53
C LYS A 113 -11.51 9.50 12.59
N TYR A 114 -10.59 8.57 12.36
CA TYR A 114 -10.36 7.43 13.26
C TYR A 114 -9.93 7.92 14.64
N ALA A 115 -8.79 8.61 14.69
CA ALA A 115 -8.25 9.18 15.93
C ALA A 115 -8.10 8.15 17.06
N ALA A 116 -8.19 8.62 18.30
CA ALA A 116 -8.06 7.78 19.50
C ALA A 116 -6.72 7.05 19.54
N GLU A 117 -5.68 7.73 19.07
CA GLU A 117 -4.35 7.15 19.05
C GLU A 117 -3.75 7.11 20.46
N ARG A 118 -3.57 5.91 20.96
CA ARG A 118 -2.99 5.67 22.27
C ARG A 118 -2.54 4.25 22.36
N ASP A 119 -1.40 4.04 22.98
CA ASP A 119 -0.83 2.72 23.14
C ASP A 119 -0.30 2.60 24.58
N MET A 1 -23.47 -0.62 -11.23
CA MET A 1 -22.47 0.35 -10.70
C MET A 1 -21.14 0.19 -11.42
N GLY A 2 -20.54 -0.98 -11.29
CA GLY A 2 -19.27 -1.24 -11.92
C GLY A 2 -18.49 -2.29 -11.17
N ASP A 3 -17.17 -2.16 -11.17
CA ASP A 3 -16.31 -3.11 -10.48
C ASP A 3 -15.93 -2.60 -9.10
N THR A 4 -15.13 -1.54 -9.06
CA THR A 4 -14.70 -0.96 -7.80
C THR A 4 -14.72 0.57 -7.87
N GLY A 5 -15.61 1.18 -7.11
CA GLY A 5 -15.72 2.62 -7.08
C GLY A 5 -14.74 3.20 -6.09
N LYS A 6 -13.82 4.02 -6.59
CA LYS A 6 -12.79 4.63 -5.74
C LYS A 6 -13.35 5.75 -4.88
N LEU A 7 -14.22 5.37 -3.96
CA LEU A 7 -14.82 6.30 -3.02
C LEU A 7 -14.40 5.89 -1.61
N GLY A 8 -14.77 6.69 -0.62
CA GLY A 8 -14.39 6.39 0.73
C GLY A 8 -12.89 6.51 0.90
N ARG A 9 -12.40 7.71 0.64
CA ARG A 9 -10.96 8.00 0.73
C ARG A 9 -10.49 8.03 2.18
N ILE A 10 -10.59 6.88 2.83
CA ILE A 10 -10.19 6.73 4.23
C ILE A 10 -8.72 7.08 4.43
N ILE A 11 -7.87 6.71 3.48
CA ILE A 11 -6.45 7.00 3.57
C ILE A 11 -5.98 7.76 2.33
N ARG A 12 -5.38 7.06 1.37
CA ARG A 12 -4.88 7.68 0.14
C ARG A 12 -4.78 6.68 -0.99
N HIS A 13 -4.37 7.16 -2.15
CA HIS A 13 -4.20 6.31 -3.32
C HIS A 13 -2.88 6.62 -4.01
N ASP A 14 -2.07 5.59 -4.28
CA ASP A 14 -0.78 5.80 -4.95
C ASP A 14 -0.26 4.47 -5.53
N ALA A 15 1.05 4.29 -5.53
CA ALA A 15 1.65 3.07 -6.07
C ALA A 15 3.02 2.81 -5.46
N PHE A 16 3.40 1.55 -5.39
CA PHE A 16 4.70 1.16 -4.87
C PHE A 16 5.28 0.06 -5.75
N GLN A 17 6.57 0.09 -5.95
CA GLN A 17 7.23 -0.91 -6.76
C GLN A 17 8.27 -1.61 -5.91
N VAL A 18 7.76 -2.23 -4.86
CA VAL A 18 8.55 -2.90 -3.87
C VAL A 18 8.60 -4.42 -4.14
N TRP A 19 9.01 -5.18 -3.13
CA TRP A 19 9.13 -6.61 -3.20
C TRP A 19 7.98 -7.33 -2.49
N GLU A 20 7.85 -8.62 -2.77
CA GLU A 20 6.84 -9.47 -2.15
C GLU A 20 7.60 -10.64 -1.54
N GLY A 21 7.03 -11.28 -0.53
CA GLY A 21 7.65 -12.41 0.19
C GLY A 21 8.78 -13.08 -0.55
N ASP A 22 8.45 -14.06 -1.35
CA ASP A 22 9.44 -14.77 -2.15
C ASP A 22 9.14 -14.50 -3.61
N GLU A 23 8.77 -13.26 -3.86
CA GLU A 23 8.44 -12.81 -5.21
C GLU A 23 9.32 -11.62 -5.58
N PRO A 24 9.62 -11.44 -6.88
CA PRO A 24 10.43 -10.33 -7.34
C PRO A 24 9.68 -9.00 -7.21
N PRO A 25 10.37 -7.85 -7.30
CA PRO A 25 9.73 -6.54 -7.19
C PRO A 25 8.70 -6.32 -8.30
N LYS A 26 7.60 -5.67 -7.95
CA LYS A 26 6.54 -5.38 -8.91
C LYS A 26 5.88 -4.04 -8.61
N LEU A 27 5.35 -3.41 -9.66
CA LEU A 27 4.69 -2.11 -9.53
C LEU A 27 3.26 -2.28 -9.05
N ARG A 28 3.09 -2.41 -7.75
CA ARG A 28 1.78 -2.59 -7.18
C ARG A 28 1.14 -1.25 -6.83
N TYR A 29 0.05 -0.94 -7.50
CA TYR A 29 -0.67 0.30 -7.25
C TYR A 29 -1.48 0.16 -5.97
N VAL A 30 -0.95 0.76 -4.92
CA VAL A 30 -1.55 0.70 -3.60
C VAL A 30 -2.59 1.77 -3.37
N PHE A 31 -3.84 1.37 -3.38
CA PHE A 31 -4.95 2.26 -3.11
C PHE A 31 -5.53 1.86 -1.78
N LEU A 32 -5.66 2.78 -0.84
CA LEU A 32 -6.21 2.44 0.45
C LEU A 32 -7.45 3.24 0.70
N PHE A 33 -8.56 2.62 0.36
CA PHE A 33 -9.86 3.23 0.52
C PHE A 33 -10.77 2.26 1.26
N ARG A 34 -12.01 2.70 1.53
CA ARG A 34 -13.01 1.88 2.22
C ARG A 34 -12.49 1.45 3.60
N ASN A 35 -11.89 0.27 3.64
CA ASN A 35 -11.31 -0.27 4.86
C ASN A 35 -10.45 -1.47 4.49
N LYS A 36 -9.76 -1.34 3.36
CA LYS A 36 -8.91 -2.40 2.87
C LYS A 36 -7.78 -1.83 2.02
N ILE A 37 -6.73 -2.61 1.84
CA ILE A 37 -5.59 -2.21 1.03
C ILE A 37 -5.71 -2.87 -0.33
N MET A 38 -5.97 -2.07 -1.35
CA MET A 38 -6.11 -2.58 -2.70
C MET A 38 -4.86 -2.25 -3.50
N PHE A 39 -3.91 -3.17 -3.50
CA PHE A 39 -2.68 -2.97 -4.24
C PHE A 39 -2.62 -3.90 -5.45
N THR A 40 -2.84 -3.32 -6.62
CA THR A 40 -2.83 -4.09 -7.86
C THR A 40 -1.42 -4.15 -8.44
N GLU A 41 -0.82 -5.33 -8.40
CA GLU A 41 0.54 -5.52 -8.87
C GLU A 41 0.64 -5.51 -10.39
N GLN A 42 1.19 -4.43 -10.90
CA GLN A 42 1.40 -4.26 -12.33
C GLN A 42 2.77 -4.86 -12.66
N ASP A 43 2.76 -5.97 -13.37
CA ASP A 43 4.01 -6.65 -13.72
C ASP A 43 4.21 -6.62 -15.24
N ALA A 44 5.45 -6.69 -15.68
CA ALA A 44 5.76 -6.65 -17.11
C ALA A 44 5.79 -8.06 -17.72
N SER A 45 6.92 -8.75 -17.57
CA SER A 45 7.06 -10.09 -18.13
C SER A 45 8.07 -10.91 -17.30
N THR A 46 9.00 -11.60 -17.97
CA THR A 46 10.02 -12.45 -17.34
C THR A 46 9.39 -13.58 -16.52
N SER A 47 8.95 -13.27 -15.32
CA SER A 47 8.30 -14.24 -14.45
C SER A 47 6.79 -13.99 -14.46
N PRO A 48 5.97 -14.94 -14.00
CA PRO A 48 4.52 -14.78 -13.99
C PRO A 48 4.12 -13.57 -13.14
N PRO A 49 3.15 -12.78 -13.60
CA PRO A 49 2.71 -11.59 -12.87
C PRO A 49 1.86 -11.92 -11.65
N SER A 50 1.38 -10.87 -11.00
CA SER A 50 0.57 -11.01 -9.80
C SER A 50 -0.55 -9.96 -9.80
N TYR A 51 -1.20 -9.79 -10.93
CA TYR A 51 -2.27 -8.82 -11.02
C TYR A 51 -3.62 -9.49 -10.75
N THR A 52 -3.98 -10.44 -11.60
CA THR A 52 -5.22 -11.17 -11.48
C THR A 52 -6.41 -10.22 -11.60
N HIS A 53 -6.86 -9.64 -10.49
CA HIS A 53 -7.95 -8.69 -10.49
C HIS A 53 -7.70 -7.59 -9.47
N TYR A 54 -8.10 -7.80 -8.23
CA TYR A 54 -7.89 -6.82 -7.18
C TYR A 54 -7.47 -7.49 -5.89
N SER A 55 -6.24 -7.23 -5.46
CA SER A 55 -5.74 -7.79 -4.21
C SER A 55 -6.27 -6.97 -3.04
N SER A 56 -6.64 -7.61 -1.95
CA SER A 56 -7.19 -6.89 -0.81
C SER A 56 -6.60 -7.37 0.52
N ILE A 57 -6.29 -6.40 1.38
CA ILE A 57 -5.75 -6.66 2.71
C ILE A 57 -6.60 -5.94 3.76
N ARG A 58 -7.04 -6.67 4.78
CA ARG A 58 -7.88 -6.08 5.82
C ARG A 58 -7.15 -4.94 6.54
N LEU A 59 -7.83 -3.83 6.70
CA LEU A 59 -7.27 -2.66 7.37
C LEU A 59 -7.80 -2.56 8.80
N ASP A 60 -7.82 -3.66 9.53
CA ASP A 60 -8.34 -3.62 10.89
C ASP A 60 -7.55 -4.47 11.88
N LYS A 61 -7.12 -5.66 11.47
CA LYS A 61 -6.38 -6.54 12.38
C LYS A 61 -5.11 -7.08 11.72
N TYR A 62 -4.33 -6.18 11.14
CA TYR A 62 -3.08 -6.55 10.51
C TYR A 62 -1.96 -5.78 11.19
N ASN A 63 -0.82 -6.40 11.37
CA ASN A 63 0.29 -5.73 12.04
C ASN A 63 1.14 -5.00 11.01
N ILE A 64 0.89 -3.70 10.89
CA ILE A 64 1.60 -2.88 9.92
C ILE A 64 2.78 -2.17 10.58
N ARG A 65 3.96 -2.44 10.05
CA ARG A 65 5.18 -1.87 10.60
C ARG A 65 5.80 -0.87 9.63
N GLN A 66 6.71 -0.07 10.15
CA GLN A 66 7.39 0.95 9.37
C GLN A 66 8.78 1.17 9.97
N HIS A 67 9.81 0.82 9.20
CA HIS A 67 11.19 0.93 9.67
C HIS A 67 11.95 1.96 8.86
N THR A 68 12.62 2.86 9.54
CA THR A 68 13.38 3.89 8.87
C THR A 68 14.88 3.57 8.83
N THR A 69 15.35 2.98 7.75
CA THR A 69 16.76 2.70 7.61
C THR A 69 17.39 3.96 7.02
N ASP A 70 17.70 3.98 5.73
CA ASP A 70 18.21 5.20 5.10
C ASP A 70 17.00 5.98 4.64
N GLU A 71 15.97 5.23 4.28
CA GLU A 71 14.68 5.75 3.86
C GLU A 71 13.61 4.99 4.61
N ASP A 72 12.48 5.63 4.86
CA ASP A 72 11.40 4.98 5.60
C ASP A 72 10.78 3.84 4.78
N THR A 73 10.81 2.65 5.35
CA THR A 73 10.30 1.46 4.67
C THR A 73 9.14 0.83 5.43
N ILE A 74 8.03 0.56 4.72
CA ILE A 74 6.87 -0.04 5.36
C ILE A 74 6.93 -1.57 5.25
N VAL A 75 6.43 -2.25 6.26
CA VAL A 75 6.40 -3.70 6.29
C VAL A 75 5.04 -4.15 6.83
N LEU A 76 4.46 -5.21 6.28
CA LEU A 76 3.15 -5.66 6.74
C LEU A 76 3.17 -7.12 7.18
N GLN A 77 2.71 -7.33 8.40
CA GLN A 77 2.63 -8.67 8.97
C GLN A 77 1.15 -9.05 9.09
N PRO A 78 0.73 -10.05 8.31
CA PRO A 78 -0.67 -10.48 8.25
C PRO A 78 -1.16 -11.36 9.39
N GLN A 79 -2.48 -11.40 9.53
CA GLN A 79 -3.15 -12.26 10.50
C GLN A 79 -3.35 -13.63 9.85
N GLU A 80 -2.86 -13.69 8.61
CA GLU A 80 -2.84 -14.88 7.75
C GLU A 80 -4.20 -15.56 7.45
N PRO A 81 -5.27 -14.80 7.17
CA PRO A 81 -6.56 -15.32 6.77
C PRO A 81 -6.73 -15.01 5.29
N GLY A 82 -5.63 -15.18 4.59
CA GLY A 82 -5.52 -14.78 3.21
C GLY A 82 -4.84 -13.43 3.31
N LEU A 83 -3.60 -13.31 2.84
CA LEU A 83 -2.83 -12.06 2.97
C LEU A 83 -1.34 -12.38 2.80
N PRO A 84 -0.66 -11.75 1.84
CA PRO A 84 0.76 -11.99 1.63
C PRO A 84 1.63 -11.21 2.62
N SER A 85 2.75 -11.79 2.99
CA SER A 85 3.67 -11.12 3.90
C SER A 85 4.71 -10.39 3.08
N PHE A 86 4.59 -9.09 3.00
CA PHE A 86 5.51 -8.31 2.22
C PHE A 86 5.91 -7.00 2.90
N ARG A 87 6.38 -6.08 2.08
CA ARG A 87 6.77 -4.76 2.52
C ARG A 87 6.51 -3.80 1.38
N ILE A 88 6.28 -2.53 1.69
CA ILE A 88 6.06 -1.53 0.65
C ILE A 88 7.10 -0.44 0.78
N LYS A 89 7.87 -0.29 -0.28
CA LYS A 89 8.98 0.63 -0.30
C LYS A 89 9.06 1.33 -1.66
N PRO A 90 9.15 2.66 -1.64
CA PRO A 90 9.22 3.47 -2.86
C PRO A 90 10.61 3.43 -3.50
N LYS A 91 11.04 2.23 -3.93
CA LYS A 91 12.34 2.03 -4.57
C LYS A 91 13.50 2.44 -3.66
N ASP A 92 13.16 2.76 -2.40
CA ASP A 92 14.14 3.21 -1.41
C ASP A 92 14.77 4.50 -1.91
N PHE A 93 13.93 5.28 -2.60
CA PHE A 93 14.33 6.54 -3.20
C PHE A 93 13.51 7.67 -2.64
N GLU A 94 14.08 8.87 -2.61
CA GLU A 94 13.38 10.04 -2.09
C GLU A 94 12.47 10.66 -3.15
N THR A 95 13.07 11.18 -4.21
CA THR A 95 12.32 11.80 -5.29
C THR A 95 11.66 10.74 -6.19
N SER A 96 10.93 9.83 -5.56
CA SER A 96 10.22 8.79 -6.29
C SER A 96 9.03 9.46 -6.93
N GLU A 97 7.88 9.34 -6.30
CA GLU A 97 6.72 10.05 -6.77
C GLU A 97 6.94 11.50 -6.33
N TYR A 98 6.58 11.73 -5.08
CA TYR A 98 6.65 12.97 -4.36
C TYR A 98 5.66 12.76 -3.24
N VAL A 99 4.64 11.99 -3.60
CA VAL A 99 3.56 11.59 -2.71
C VAL A 99 3.98 10.38 -1.88
N ARG A 100 4.67 9.44 -2.53
CA ARG A 100 5.12 8.19 -1.89
C ARG A 100 5.72 8.40 -0.50
N LYS A 101 6.58 9.40 -0.35
CA LYS A 101 7.20 9.68 0.94
C LYS A 101 6.22 10.28 1.94
N ALA A 102 5.23 11.01 1.44
CA ALA A 102 4.25 11.65 2.30
C ALA A 102 3.24 10.64 2.83
N TRP A 103 2.42 10.10 1.93
CA TRP A 103 1.38 9.17 2.32
C TRP A 103 1.92 7.91 2.98
N LEU A 104 3.23 7.70 2.92
CA LEU A 104 3.85 6.57 3.60
C LEU A 104 3.74 6.87 5.09
N ARG A 105 4.01 8.13 5.41
CA ARG A 105 3.92 8.63 6.76
C ARG A 105 2.45 8.51 7.20
N ASP A 106 1.54 8.68 6.24
CA ASP A 106 0.10 8.51 6.49
C ASP A 106 -0.23 7.02 6.63
N ILE A 107 0.74 6.18 6.30
CA ILE A 107 0.58 4.73 6.42
C ILE A 107 0.87 4.36 7.85
N ALA A 108 1.75 5.13 8.49
CA ALA A 108 2.08 4.91 9.87
C ALA A 108 0.88 5.31 10.71
N GLU A 109 0.37 6.50 10.39
CA GLU A 109 -0.81 7.06 11.05
C GLU A 109 -2.10 6.49 10.46
N GLU A 110 -2.12 5.21 10.11
CA GLU A 110 -3.31 4.62 9.50
C GLU A 110 -4.46 4.40 10.49
N GLN A 111 -5.44 3.63 10.04
CA GLN A 111 -6.67 3.37 10.78
C GLN A 111 -6.55 2.54 12.07
N GLU A 112 -5.50 1.75 12.27
CA GLU A 112 -5.43 0.91 13.48
C GLU A 112 -5.46 1.74 14.77
N LYS A 113 -5.19 3.03 14.67
CA LYS A 113 -5.23 3.91 15.84
C LYS A 113 -6.68 4.21 16.24
N TYR A 114 -7.58 4.06 15.25
CA TYR A 114 -9.03 4.30 15.38
C TYR A 114 -9.41 5.40 16.40
N ALA A 115 -8.63 6.47 16.43
CA ALA A 115 -8.90 7.60 17.33
C ALA A 115 -8.06 8.81 16.93
N ALA A 116 -8.43 9.97 17.46
CA ALA A 116 -7.71 11.21 17.15
C ALA A 116 -7.78 12.17 18.33
N GLU A 117 -6.73 12.96 18.53
CA GLU A 117 -6.69 13.90 19.64
C GLU A 117 -7.60 15.11 19.39
N ARG A 118 -7.90 15.34 18.11
CA ARG A 118 -8.77 16.45 17.71
C ARG A 118 -8.11 17.80 17.97
N ASP A 119 -8.93 18.80 18.26
CA ASP A 119 -8.41 20.13 18.52
C ASP A 119 -9.35 20.90 19.44
N MET A 1 -19.82 15.03 -1.57
CA MET A 1 -19.18 16.34 -1.89
C MET A 1 -17.68 16.23 -1.87
N GLY A 2 -17.01 17.35 -1.62
CA GLY A 2 -15.57 17.35 -1.60
C GLY A 2 -15.00 17.79 -2.94
N ASP A 3 -13.89 17.20 -3.33
CA ASP A 3 -13.26 17.52 -4.61
C ASP A 3 -13.95 16.78 -5.75
N THR A 4 -14.81 17.51 -6.47
CA THR A 4 -15.59 16.96 -7.62
C THR A 4 -16.70 16.02 -7.15
N GLY A 5 -16.38 15.05 -6.31
CA GLY A 5 -17.37 14.12 -5.84
C GLY A 5 -17.49 12.87 -6.68
N LYS A 6 -16.63 12.76 -7.68
CA LYS A 6 -16.66 11.61 -8.57
C LYS A 6 -15.25 11.10 -8.91
N LEU A 7 -14.30 11.40 -8.05
CA LEU A 7 -12.92 10.98 -8.29
C LEU A 7 -12.64 9.63 -7.66
N GLY A 8 -13.49 9.26 -6.70
CA GLY A 8 -13.31 8.02 -5.99
C GLY A 8 -12.02 8.01 -5.19
N ARG A 9 -11.78 9.09 -4.47
CA ARG A 9 -10.55 9.23 -3.73
C ARG A 9 -10.82 9.63 -2.31
N ILE A 10 -11.60 8.81 -1.62
CA ILE A 10 -11.96 9.09 -0.24
C ILE A 10 -10.71 9.26 0.63
N ILE A 11 -9.70 8.43 0.34
CA ILE A 11 -8.45 8.54 1.06
C ILE A 11 -7.32 8.88 0.08
N ARG A 12 -6.60 7.90 -0.40
CA ARG A 12 -5.53 8.15 -1.32
C ARG A 12 -5.16 6.90 -2.12
N HIS A 13 -4.29 7.06 -3.08
CA HIS A 13 -3.85 5.93 -3.90
C HIS A 13 -2.49 6.29 -4.48
N ASP A 14 -1.54 5.35 -4.43
CA ASP A 14 -0.21 5.58 -4.95
C ASP A 14 0.31 4.35 -5.67
N ALA A 15 1.62 4.23 -5.78
CA ALA A 15 2.18 3.09 -6.50
C ALA A 15 3.61 2.79 -6.01
N PHE A 16 3.84 1.52 -5.73
CA PHE A 16 5.16 1.06 -5.25
C PHE A 16 5.61 -0.17 -6.06
N GLN A 17 6.90 -0.27 -6.28
CA GLN A 17 7.47 -1.38 -7.03
C GLN A 17 8.49 -2.08 -6.15
N VAL A 18 7.99 -2.83 -5.19
CA VAL A 18 8.81 -3.49 -4.23
C VAL A 18 8.32 -4.90 -3.94
N TRP A 19 9.26 -5.75 -3.58
CA TRP A 19 9.07 -7.17 -3.33
C TRP A 19 7.89 -7.52 -2.41
N GLU A 20 7.29 -8.66 -2.66
CA GLU A 20 6.19 -9.14 -1.84
C GLU A 20 6.68 -10.00 -0.68
N GLY A 21 7.90 -9.75 -0.28
CA GLY A 21 8.51 -10.53 0.78
C GLY A 21 9.28 -11.68 0.19
N ASP A 22 10.51 -11.40 -0.28
CA ASP A 22 11.39 -12.39 -0.89
C ASP A 22 10.82 -12.89 -2.22
N GLU A 23 9.86 -12.14 -2.72
CA GLU A 23 9.23 -12.42 -4.00
C GLU A 23 9.64 -11.36 -5.01
N PRO A 24 9.63 -11.71 -6.31
CA PRO A 24 10.06 -10.81 -7.40
C PRO A 24 9.42 -9.42 -7.31
N PRO A 25 10.19 -8.38 -7.64
CA PRO A 25 9.71 -7.01 -7.60
C PRO A 25 8.68 -6.76 -8.72
N LYS A 26 7.70 -5.89 -8.44
CA LYS A 26 6.64 -5.59 -9.40
C LYS A 26 5.95 -4.28 -9.04
N LEU A 27 5.44 -3.60 -10.05
CA LEU A 27 4.73 -2.37 -9.84
C LEU A 27 3.31 -2.65 -9.36
N ARG A 28 2.94 -2.00 -8.28
CA ARG A 28 1.62 -2.18 -7.68
C ARG A 28 1.01 -0.83 -7.30
N TYR A 29 -0.23 -0.60 -7.69
CA TYR A 29 -0.94 0.63 -7.37
C TYR A 29 -1.67 0.47 -6.03
N VAL A 30 -1.06 1.02 -4.97
CA VAL A 30 -1.63 0.93 -3.65
C VAL A 30 -2.87 1.86 -3.52
N PHE A 31 -4.04 1.25 -3.59
CA PHE A 31 -5.29 1.99 -3.49
C PHE A 31 -5.84 1.84 -2.09
N LEU A 32 -5.93 2.94 -1.34
CA LEU A 32 -6.45 2.92 0.04
C LEU A 32 -7.67 3.79 0.15
N PHE A 33 -8.70 3.18 0.69
CA PHE A 33 -9.99 3.86 0.85
C PHE A 33 -10.66 3.46 2.18
N ARG A 34 -11.93 3.82 2.31
CA ARG A 34 -12.70 3.51 3.52
C ARG A 34 -13.26 2.10 3.44
N ASN A 35 -12.37 1.13 3.37
CA ASN A 35 -12.75 -0.27 3.29
C ASN A 35 -11.55 -1.14 3.59
N LYS A 36 -10.53 -1.03 2.71
CA LYS A 36 -9.28 -1.75 2.85
C LYS A 36 -8.27 -1.19 1.86
N ILE A 37 -7.10 -1.79 1.86
CA ILE A 37 -6.02 -1.35 0.99
C ILE A 37 -5.87 -2.31 -0.18
N MET A 38 -6.66 -2.10 -1.21
CA MET A 38 -6.61 -2.95 -2.40
C MET A 38 -5.55 -2.44 -3.35
N PHE A 39 -4.44 -3.15 -3.45
CA PHE A 39 -3.36 -2.72 -4.32
C PHE A 39 -3.29 -3.62 -5.54
N THR A 40 -3.64 -3.06 -6.69
CA THR A 40 -3.60 -3.79 -7.95
C THR A 40 -2.17 -3.79 -8.44
N GLU A 41 -1.77 -4.81 -9.18
CA GLU A 41 -0.41 -4.89 -9.67
C GLU A 41 -0.33 -4.91 -11.18
N GLN A 42 0.88 -4.84 -11.70
CA GLN A 42 1.15 -4.86 -13.14
C GLN A 42 2.64 -4.91 -13.38
N ASP A 43 3.12 -5.97 -14.00
CA ASP A 43 4.55 -6.10 -14.29
C ASP A 43 4.76 -6.67 -15.68
N ALA A 44 5.06 -5.80 -16.63
CA ALA A 44 5.28 -6.19 -18.03
C ALA A 44 4.13 -7.08 -18.52
N SER A 45 4.42 -8.15 -19.26
CA SER A 45 3.35 -9.01 -19.73
C SER A 45 3.85 -10.39 -20.21
N THR A 46 3.13 -11.43 -19.74
CA THR A 46 3.34 -12.83 -20.09
C THR A 46 4.71 -13.45 -19.78
N SER A 47 5.82 -12.74 -19.94
CA SER A 47 7.14 -13.33 -19.75
C SER A 47 7.71 -13.15 -18.32
N PRO A 48 7.75 -11.90 -17.78
CA PRO A 48 8.30 -11.65 -16.44
C PRO A 48 7.31 -12.05 -15.35
N PRO A 49 7.59 -11.80 -14.03
CA PRO A 49 6.70 -12.18 -12.93
C PRO A 49 5.23 -11.86 -13.24
N SER A 50 5.02 -10.70 -13.87
CA SER A 50 3.70 -10.21 -14.27
C SER A 50 2.72 -10.07 -13.11
N TYR A 51 1.54 -9.54 -13.40
CA TYR A 51 0.56 -9.32 -12.32
C TYR A 51 -0.51 -10.40 -12.32
N THR A 52 -1.10 -10.58 -11.12
CA THR A 52 -2.14 -11.58 -10.89
C THR A 52 -2.65 -11.41 -9.47
N HIS A 53 -3.44 -12.34 -8.96
CA HIS A 53 -3.96 -12.24 -7.59
C HIS A 53 -5.02 -11.14 -7.40
N TYR A 54 -4.61 -9.89 -7.67
CA TYR A 54 -5.46 -8.71 -7.45
C TYR A 54 -5.51 -8.49 -5.95
N SER A 55 -4.32 -8.40 -5.39
CA SER A 55 -4.06 -8.28 -3.94
C SER A 55 -4.80 -7.11 -3.26
N SER A 56 -5.05 -7.31 -1.98
CA SER A 56 -5.70 -6.32 -1.14
C SER A 56 -5.34 -6.57 0.34
N ILE A 57 -5.32 -5.51 1.13
CA ILE A 57 -4.95 -5.62 2.51
C ILE A 57 -6.05 -5.09 3.45
N ARG A 58 -6.60 -6.00 4.23
CA ARG A 58 -7.64 -5.68 5.19
C ARG A 58 -7.05 -4.84 6.32
N LEU A 59 -7.78 -3.87 6.81
CA LEU A 59 -7.29 -3.03 7.90
C LEU A 59 -7.58 -3.71 9.23
N ASP A 60 -8.64 -4.53 9.21
CA ASP A 60 -9.17 -5.27 10.36
C ASP A 60 -8.13 -5.59 11.42
N LYS A 61 -7.29 -6.58 11.16
CA LYS A 61 -6.29 -6.98 12.13
C LYS A 61 -5.00 -7.51 11.53
N TYR A 62 -3.99 -6.66 11.46
CA TYR A 62 -2.67 -7.05 10.97
C TYR A 62 -1.63 -6.20 11.68
N ASN A 63 -0.38 -6.60 11.63
CA ASN A 63 0.69 -5.86 12.25
C ASN A 63 1.45 -5.10 11.20
N ILE A 64 1.57 -3.80 11.36
CA ILE A 64 2.31 -2.98 10.41
C ILE A 64 3.37 -2.16 11.13
N ARG A 65 4.59 -2.17 10.57
CA ARG A 65 5.70 -1.42 11.13
C ARG A 65 6.45 -0.72 10.01
N GLN A 66 7.48 0.02 10.40
CA GLN A 66 8.27 0.75 9.42
C GLN A 66 9.72 0.82 9.88
N HIS A 67 10.67 0.66 8.98
CA HIS A 67 12.06 0.71 9.33
C HIS A 67 12.76 1.72 8.44
N THR A 68 13.26 2.80 9.04
CA THR A 68 13.97 3.83 8.30
C THR A 68 15.44 3.53 8.34
N THR A 69 16.24 4.42 8.94
CA THR A 69 17.69 4.25 9.04
C THR A 69 18.39 4.48 7.71
N ASP A 70 17.92 3.79 6.68
CA ASP A 70 18.45 3.92 5.34
C ASP A 70 17.34 4.41 4.41
N GLU A 71 16.33 3.58 4.21
CA GLU A 71 15.20 3.93 3.36
C GLU A 71 13.90 3.65 4.11
N ASP A 72 12.87 4.48 3.92
CA ASP A 72 11.58 4.29 4.58
C ASP A 72 10.92 3.00 4.08
N THR A 73 11.09 1.93 4.84
CA THR A 73 10.52 0.65 4.47
C THR A 73 9.32 0.29 5.32
N ILE A 74 8.19 0.16 4.67
CA ILE A 74 6.97 -0.22 5.35
C ILE A 74 6.80 -1.72 5.23
N VAL A 75 6.67 -2.39 6.35
CA VAL A 75 6.49 -3.82 6.36
C VAL A 75 5.18 -4.22 7.01
N LEU A 76 4.58 -5.30 6.50
CA LEU A 76 3.32 -5.77 7.04
C LEU A 76 3.43 -7.23 7.46
N GLN A 77 3.29 -7.47 8.75
CA GLN A 77 3.33 -8.80 9.31
C GLN A 77 1.93 -9.26 9.72
N PRO A 78 1.25 -10.00 8.84
CA PRO A 78 -0.10 -10.47 9.09
C PRO A 78 -0.19 -11.42 10.27
N GLN A 79 -1.22 -11.25 11.08
CA GLN A 79 -1.42 -12.10 12.23
C GLN A 79 -2.44 -13.18 11.88
N GLU A 80 -2.67 -13.32 10.60
CA GLU A 80 -3.58 -14.32 10.07
C GLU A 80 -2.86 -15.05 8.96
N PRO A 81 -3.07 -16.38 8.83
CA PRO A 81 -2.41 -17.19 7.80
C PRO A 81 -2.83 -16.76 6.37
N GLY A 82 -4.05 -16.27 6.25
CA GLY A 82 -4.56 -15.80 4.98
C GLY A 82 -4.42 -14.31 4.91
N LEU A 83 -3.34 -13.87 4.29
CA LEU A 83 -3.04 -12.43 4.14
C LEU A 83 -1.61 -12.30 3.64
N PRO A 84 -1.40 -11.51 2.57
CA PRO A 84 -0.07 -11.31 2.00
C PRO A 84 0.85 -10.51 2.90
N SER A 85 2.08 -11.00 3.04
CA SER A 85 3.09 -10.36 3.88
C SER A 85 4.20 -9.82 3.02
N PHE A 86 4.24 -8.51 2.86
CA PHE A 86 5.26 -7.89 2.03
C PHE A 86 5.81 -6.62 2.66
N ARG A 87 6.59 -5.90 1.84
CA ARG A 87 7.18 -4.65 2.25
C ARG A 87 7.14 -3.67 1.09
N ILE A 88 7.00 -2.39 1.38
CA ILE A 88 6.94 -1.37 0.34
C ILE A 88 8.03 -0.33 0.51
N LYS A 89 8.83 -0.12 -0.56
CA LYS A 89 9.91 0.84 -0.53
C LYS A 89 9.78 1.79 -1.73
N PRO A 90 9.90 3.09 -1.50
CA PRO A 90 9.83 4.10 -2.56
C PRO A 90 11.10 4.13 -3.41
N LYS A 91 11.46 2.98 -3.96
CA LYS A 91 12.63 2.87 -4.80
C LYS A 91 12.32 3.34 -6.22
N ASP A 92 12.30 4.64 -6.32
CA ASP A 92 12.03 5.35 -7.57
C ASP A 92 12.70 6.72 -7.47
N PHE A 93 12.18 7.73 -8.15
CA PHE A 93 12.75 9.07 -8.02
C PHE A 93 12.33 9.67 -6.67
N GLU A 94 13.30 9.82 -5.78
CA GLU A 94 13.02 10.39 -4.48
C GLU A 94 12.97 11.89 -4.58
N THR A 95 12.18 12.49 -3.71
CA THR A 95 11.98 13.94 -3.67
C THR A 95 11.30 14.36 -4.97
N SER A 96 10.04 13.97 -5.03
CA SER A 96 9.22 14.23 -6.19
C SER A 96 7.78 14.39 -5.74
N GLU A 97 6.99 13.38 -6.06
CA GLU A 97 5.57 13.36 -5.71
C GLU A 97 5.40 13.71 -4.25
N TYR A 98 6.39 13.27 -3.44
CA TYR A 98 6.44 13.50 -2.01
C TYR A 98 5.24 12.83 -1.29
N VAL A 99 4.21 12.53 -2.08
CA VAL A 99 3.03 11.90 -1.59
C VAL A 99 3.32 10.43 -1.49
N ARG A 100 4.15 9.96 -2.42
CA ARG A 100 4.57 8.58 -2.45
C ARG A 100 5.18 8.19 -1.10
N LYS A 101 6.15 8.98 -0.65
CA LYS A 101 6.78 8.72 0.64
C LYS A 101 5.87 9.13 1.78
N ALA A 102 4.99 10.10 1.52
CA ALA A 102 4.06 10.61 2.52
C ALA A 102 3.32 9.44 3.14
N TRP A 103 2.94 8.47 2.31
CA TRP A 103 2.17 7.30 2.72
C TRP A 103 2.74 6.63 4.00
N LEU A 104 3.99 6.95 4.36
CA LEU A 104 4.56 6.44 5.62
C LEU A 104 3.70 6.99 6.75
N ARG A 105 3.40 8.30 6.61
CA ARG A 105 2.58 9.02 7.58
C ARG A 105 1.16 8.47 7.56
N ASP A 106 0.58 8.31 6.38
CA ASP A 106 -0.78 7.81 6.25
C ASP A 106 -0.92 6.39 6.79
N ILE A 107 0.20 5.67 6.88
CA ILE A 107 0.19 4.33 7.40
C ILE A 107 0.36 4.40 8.91
N ALA A 108 1.13 5.38 9.36
CA ALA A 108 1.36 5.59 10.79
C ALA A 108 0.08 6.08 11.46
N GLU A 109 -0.84 6.56 10.64
CA GLU A 109 -2.13 7.09 11.11
C GLU A 109 -3.12 7.18 9.97
N GLU A 110 -3.75 6.05 9.69
CA GLU A 110 -4.71 5.94 8.59
C GLU A 110 -5.92 6.84 8.86
N GLN A 111 -6.65 7.23 7.80
CA GLN A 111 -7.83 8.06 7.98
C GLN A 111 -8.95 7.33 8.73
N GLU A 112 -8.70 6.04 9.01
CA GLU A 112 -9.63 5.24 9.80
C GLU A 112 -9.66 5.88 11.20
N LYS A 113 -8.53 6.45 11.56
CA LYS A 113 -8.37 7.13 12.84
C LYS A 113 -8.91 8.56 12.78
N TYR A 114 -8.60 9.22 11.66
CA TYR A 114 -9.00 10.59 11.44
C TYR A 114 -10.52 10.74 11.62
N ALA A 115 -11.29 10.09 10.75
CA ALA A 115 -12.73 10.10 10.82
C ALA A 115 -13.20 8.98 11.75
N ALA A 116 -14.33 9.16 12.41
CA ALA A 116 -14.84 8.14 13.31
C ALA A 116 -15.19 6.89 12.53
N GLU A 117 -15.53 5.82 13.26
CA GLU A 117 -15.89 4.58 12.65
C GLU A 117 -17.28 4.62 11.99
N ARG A 118 -17.36 5.36 10.90
CA ARG A 118 -18.55 5.56 10.13
C ARG A 118 -18.17 6.11 8.78
N ASP A 119 -17.93 7.42 8.73
CA ASP A 119 -17.50 8.10 7.54
C ASP A 119 -17.07 9.51 7.90
N MET A 1 0.96 18.28 -8.53
CA MET A 1 1.97 17.84 -7.57
C MET A 1 1.52 16.54 -6.92
N GLY A 2 2.23 15.47 -7.19
CA GLY A 2 1.85 14.19 -6.63
C GLY A 2 0.77 13.55 -7.48
N ASP A 3 -0.44 13.40 -6.92
CA ASP A 3 -1.56 12.82 -7.63
C ASP A 3 -2.24 13.87 -8.53
N THR A 4 -3.46 13.60 -8.98
CA THR A 4 -4.16 14.51 -9.87
C THR A 4 -5.68 14.35 -9.77
N GLY A 5 -6.32 15.28 -9.05
CA GLY A 5 -7.76 15.26 -8.91
C GLY A 5 -8.27 14.38 -7.80
N LYS A 6 -9.46 14.70 -7.31
CA LYS A 6 -10.12 13.94 -6.27
C LYS A 6 -10.95 12.84 -6.93
N LEU A 7 -10.29 11.74 -7.27
CA LEU A 7 -10.94 10.63 -7.95
C LEU A 7 -11.45 9.58 -6.94
N GLY A 8 -12.15 10.04 -5.90
CA GLY A 8 -12.68 9.15 -4.87
C GLY A 8 -11.58 8.48 -4.09
N ARG A 9 -10.40 9.06 -4.10
CA ARG A 9 -9.27 8.51 -3.39
C ARG A 9 -9.29 8.97 -1.95
N ILE A 10 -10.24 8.44 -1.17
CA ILE A 10 -10.41 8.80 0.24
C ILE A 10 -9.07 8.90 0.98
N ILE A 11 -8.20 7.91 0.79
CA ILE A 11 -6.90 7.96 1.43
C ILE A 11 -5.86 8.48 0.44
N ARG A 12 -5.15 7.59 -0.22
CA ARG A 12 -4.14 7.99 -1.19
C ARG A 12 -3.94 6.92 -2.27
N HIS A 13 -3.25 7.34 -3.32
CA HIS A 13 -2.90 6.46 -4.43
C HIS A 13 -1.41 6.59 -4.68
N ASP A 14 -0.65 5.57 -4.36
CA ASP A 14 0.79 5.59 -4.56
C ASP A 14 1.19 4.39 -5.45
N ALA A 15 2.46 4.26 -5.77
CA ALA A 15 2.93 3.18 -6.62
C ALA A 15 4.27 2.66 -6.16
N PHE A 16 4.56 1.40 -6.48
CA PHE A 16 5.81 0.80 -6.08
C PHE A 16 6.16 -0.40 -6.96
N GLN A 17 7.37 -0.92 -6.79
CA GLN A 17 7.84 -2.07 -7.55
C GLN A 17 8.86 -2.83 -6.70
N VAL A 18 8.40 -3.34 -5.57
CA VAL A 18 9.27 -4.02 -4.63
C VAL A 18 8.74 -5.36 -4.16
N TRP A 19 9.60 -6.03 -3.44
CA TRP A 19 9.42 -7.35 -2.88
C TRP A 19 8.11 -7.54 -2.12
N GLU A 20 7.25 -8.36 -2.71
CA GLU A 20 5.94 -8.66 -2.16
C GLU A 20 5.99 -9.82 -1.15
N GLY A 21 7.08 -9.92 -0.43
CA GLY A 21 7.21 -10.96 0.57
C GLY A 21 8.28 -11.97 0.25
N ASP A 22 7.92 -13.05 -0.45
CA ASP A 22 8.87 -14.11 -0.82
C ASP A 22 9.75 -13.65 -1.99
N GLU A 23 10.32 -12.47 -1.81
CA GLU A 23 11.21 -11.84 -2.80
C GLU A 23 10.63 -11.71 -4.21
N PRO A 24 9.33 -11.39 -4.39
CA PRO A 24 8.71 -11.23 -5.68
C PRO A 24 8.47 -9.75 -5.98
N PRO A 25 9.46 -9.05 -6.54
CA PRO A 25 9.35 -7.63 -6.83
C PRO A 25 8.64 -7.39 -8.15
N LYS A 26 7.52 -6.71 -8.06
CA LYS A 26 6.71 -6.41 -9.22
C LYS A 26 6.10 -5.02 -9.12
N LEU A 27 5.86 -4.41 -10.27
CA LEU A 27 5.24 -3.09 -10.34
C LEU A 27 3.78 -3.22 -9.93
N ARG A 28 3.43 -2.55 -8.85
CA ARG A 28 2.07 -2.59 -8.32
C ARG A 28 1.65 -1.22 -7.81
N TYR A 29 0.36 -0.97 -7.85
CA TYR A 29 -0.18 0.31 -7.41
C TYR A 29 -0.94 0.12 -6.10
N VAL A 30 -0.56 0.88 -5.08
CA VAL A 30 -1.18 0.78 -3.77
C VAL A 30 -2.19 1.89 -3.53
N PHE A 31 -3.45 1.51 -3.50
CA PHE A 31 -4.52 2.45 -3.23
C PHE A 31 -5.12 2.10 -1.90
N LEU A 32 -5.07 2.98 -0.92
CA LEU A 32 -5.70 2.66 0.35
C LEU A 32 -7.08 3.29 0.32
N PHE A 33 -8.12 2.50 0.59
CA PHE A 33 -9.47 3.02 0.53
C PHE A 33 -10.24 2.78 1.83
N ARG A 34 -10.29 3.82 2.65
CA ARG A 34 -10.99 3.82 3.94
C ARG A 34 -10.40 2.80 4.91
N ASN A 35 -10.83 1.55 4.83
CA ASN A 35 -10.34 0.51 5.73
C ASN A 35 -9.44 -0.47 5.05
N LYS A 36 -9.74 -0.82 3.81
CA LYS A 36 -8.95 -1.81 3.10
C LYS A 36 -8.04 -1.22 2.04
N ILE A 37 -6.99 -1.95 1.76
CA ILE A 37 -6.00 -1.56 0.75
C ILE A 37 -6.36 -2.22 -0.57
N MET A 38 -6.43 -1.44 -1.63
CA MET A 38 -6.73 -1.95 -2.95
C MET A 38 -5.41 -2.18 -3.69
N PHE A 39 -5.17 -3.40 -4.14
CA PHE A 39 -3.92 -3.73 -4.81
C PHE A 39 -4.14 -4.15 -6.26
N THR A 40 -3.40 -3.52 -7.17
CA THR A 40 -3.46 -3.87 -8.57
C THR A 40 -2.08 -4.29 -9.03
N GLU A 41 -2.02 -5.28 -9.91
CA GLU A 41 -0.74 -5.75 -10.40
C GLU A 41 -0.48 -5.15 -11.78
N GLN A 42 0.70 -4.60 -11.98
CA GLN A 42 1.06 -3.99 -13.25
C GLN A 42 2.36 -4.63 -13.71
N ASP A 43 2.45 -5.93 -13.58
CA ASP A 43 3.66 -6.67 -13.92
C ASP A 43 3.52 -7.51 -15.19
N ALA A 44 4.67 -7.78 -15.79
CA ALA A 44 4.78 -8.60 -16.97
C ALA A 44 6.09 -9.36 -16.93
N SER A 45 6.40 -9.92 -15.78
CA SER A 45 7.63 -10.63 -15.59
C SER A 45 7.38 -12.11 -15.41
N THR A 46 8.37 -12.84 -15.84
CA THR A 46 8.44 -14.31 -15.78
C THR A 46 7.26 -15.00 -16.46
N SER A 47 6.59 -15.91 -15.76
CA SER A 47 5.49 -16.67 -16.32
C SER A 47 4.11 -16.20 -15.85
N PRO A 48 3.88 -15.95 -14.54
CA PRO A 48 2.58 -15.53 -14.03
C PRO A 48 2.52 -14.04 -13.68
N PRO A 49 2.34 -13.18 -14.68
CA PRO A 49 2.27 -11.75 -14.49
C PRO A 49 0.84 -11.24 -14.58
N SER A 50 0.68 -10.01 -15.05
CA SER A 50 -0.61 -9.37 -15.22
C SER A 50 -1.34 -9.21 -13.89
N TYR A 51 -2.09 -10.22 -13.48
CA TYR A 51 -2.81 -10.15 -12.22
C TYR A 51 -3.02 -11.54 -11.63
N THR A 52 -2.34 -11.80 -10.51
CA THR A 52 -2.44 -13.09 -9.86
C THR A 52 -3.07 -12.98 -8.45
N HIS A 53 -4.38 -12.75 -8.43
CA HIS A 53 -5.19 -12.67 -7.20
C HIS A 53 -4.69 -11.66 -6.16
N TYR A 54 -5.25 -10.44 -6.20
CA TYR A 54 -4.91 -9.41 -5.24
C TYR A 54 -6.17 -8.80 -4.64
N SER A 55 -6.92 -8.07 -5.46
CA SER A 55 -8.16 -7.42 -5.05
C SER A 55 -7.91 -6.45 -3.90
N SER A 56 -8.40 -6.77 -2.72
CA SER A 56 -8.22 -5.90 -1.56
C SER A 56 -7.69 -6.70 -0.36
N ILE A 57 -6.88 -6.07 0.46
CA ILE A 57 -6.33 -6.73 1.63
C ILE A 57 -7.08 -6.25 2.88
N ARG A 58 -6.87 -6.91 4.00
CA ARG A 58 -7.56 -6.52 5.21
C ARG A 58 -6.64 -5.88 6.24
N LEU A 59 -7.05 -4.71 6.72
CA LEU A 59 -6.31 -3.93 7.69
C LEU A 59 -6.86 -4.10 9.11
N ASP A 60 -7.66 -5.14 9.34
CA ASP A 60 -8.22 -5.34 10.66
C ASP A 60 -7.34 -6.23 11.52
N LYS A 61 -6.64 -7.17 10.90
CA LYS A 61 -5.79 -8.07 11.66
C LYS A 61 -4.39 -8.22 11.08
N TYR A 62 -3.73 -7.10 10.79
CA TYR A 62 -2.37 -7.14 10.30
C TYR A 62 -1.54 -6.07 11.01
N ASN A 63 -0.25 -6.35 11.19
CA ASN A 63 0.65 -5.41 11.85
C ASN A 63 1.35 -4.58 10.80
N ILE A 64 1.18 -3.29 10.85
CA ILE A 64 1.81 -2.41 9.88
C ILE A 64 3.12 -1.88 10.45
N ARG A 65 4.22 -2.27 9.84
CA ARG A 65 5.53 -1.87 10.28
C ARG A 65 6.11 -0.84 9.34
N GLN A 66 7.13 -0.16 9.78
CA GLN A 66 7.79 0.86 8.98
C GLN A 66 9.19 1.10 9.54
N HIS A 67 10.20 0.99 8.70
CA HIS A 67 11.58 1.18 9.15
C HIS A 67 12.22 2.34 8.41
N THR A 68 13.33 2.84 8.93
CA THR A 68 14.01 3.97 8.31
C THR A 68 15.49 3.66 8.06
N THR A 69 15.77 2.92 6.99
CA THR A 69 17.13 2.55 6.63
C THR A 69 17.84 3.74 5.97
N ASP A 70 17.06 4.47 5.20
CA ASP A 70 17.46 5.68 4.50
C ASP A 70 16.19 6.47 4.36
N GLU A 71 15.25 5.81 3.73
CA GLU A 71 13.91 6.32 3.60
C GLU A 71 13.05 5.47 4.51
N ASP A 72 11.74 5.53 4.37
CA ASP A 72 10.88 4.72 5.21
C ASP A 72 10.23 3.62 4.38
N THR A 73 10.31 2.42 4.91
CA THR A 73 9.76 1.24 4.25
C THR A 73 8.55 0.70 5.01
N ILE A 74 7.43 0.52 4.30
CA ILE A 74 6.21 0.01 4.92
C ILE A 74 6.16 -1.51 4.78
N VAL A 75 6.10 -2.20 5.91
CA VAL A 75 6.07 -3.66 5.94
C VAL A 75 4.78 -4.16 6.59
N LEU A 76 4.10 -5.09 5.94
CA LEU A 76 2.86 -5.62 6.48
C LEU A 76 3.09 -7.02 7.07
N GLN A 77 2.80 -7.17 8.37
CA GLN A 77 2.99 -8.45 9.07
C GLN A 77 1.64 -9.05 9.44
N PRO A 78 1.25 -10.12 8.74
CA PRO A 78 -0.02 -10.79 8.98
C PRO A 78 -0.01 -11.71 10.19
N GLN A 79 -1.10 -11.69 10.94
CA GLN A 79 -1.25 -12.55 12.11
C GLN A 79 -2.33 -13.60 11.82
N GLU A 80 -2.75 -13.64 10.57
CA GLU A 80 -3.79 -14.56 10.12
C GLU A 80 -3.32 -15.37 8.92
N PRO A 81 -3.45 -16.71 9.02
CA PRO A 81 -3.06 -17.60 7.94
C PRO A 81 -3.89 -17.31 6.68
N GLY A 82 -3.22 -16.88 5.63
CA GLY A 82 -3.90 -16.55 4.40
C GLY A 82 -3.36 -15.25 3.85
N LEU A 83 -2.81 -14.44 4.76
CA LEU A 83 -2.21 -13.16 4.39
C LEU A 83 -0.70 -13.27 4.34
N PRO A 84 -0.09 -12.75 3.28
CA PRO A 84 1.37 -12.75 3.11
C PRO A 84 2.01 -11.58 3.84
N SER A 85 3.32 -11.64 3.99
CA SER A 85 4.04 -10.56 4.63
C SER A 85 4.94 -9.89 3.61
N PHE A 86 4.55 -8.71 3.18
CA PHE A 86 5.30 -8.00 2.17
C PHE A 86 5.84 -6.69 2.70
N ARG A 87 6.83 -6.15 2.01
CA ARG A 87 7.41 -4.88 2.40
C ARG A 87 7.51 -4.01 1.15
N ILE A 88 7.00 -2.79 1.24
CA ILE A 88 7.00 -1.91 0.10
C ILE A 88 7.70 -0.60 0.36
N LYS A 89 8.46 -0.19 -0.64
CA LYS A 89 9.15 1.07 -0.65
C LYS A 89 8.81 1.70 -2.01
N PRO A 90 7.88 2.67 -2.00
CA PRO A 90 7.36 3.32 -3.23
C PRO A 90 8.39 4.18 -3.98
N LYS A 91 9.66 3.89 -3.77
CA LYS A 91 10.73 4.64 -4.40
C LYS A 91 10.82 4.26 -5.86
N ASP A 92 9.88 4.79 -6.56
CA ASP A 92 9.71 4.60 -7.99
C ASP A 92 9.02 5.83 -8.53
N PHE A 93 9.78 6.64 -9.28
CA PHE A 93 9.31 7.93 -9.85
C PHE A 93 9.47 9.04 -8.83
N GLU A 94 9.62 10.27 -9.28
CA GLU A 94 9.77 11.40 -8.38
C GLU A 94 8.44 12.10 -8.14
N THR A 95 7.54 11.96 -9.09
CA THR A 95 6.22 12.58 -9.00
C THR A 95 5.43 11.99 -7.83
N SER A 96 5.88 10.84 -7.41
CA SER A 96 5.25 10.10 -6.34
C SER A 96 6.02 10.24 -5.03
N GLU A 97 7.10 11.01 -5.04
CA GLU A 97 7.89 11.22 -3.83
C GLU A 97 7.13 12.06 -2.83
N TYR A 98 6.51 13.10 -3.33
CA TYR A 98 5.73 14.04 -2.53
C TYR A 98 4.63 13.30 -1.77
N VAL A 99 4.04 12.31 -2.41
CA VAL A 99 3.00 11.51 -1.78
C VAL A 99 3.65 10.55 -0.78
N ARG A 100 4.50 9.69 -1.33
CA ARG A 100 5.21 8.66 -0.56
C ARG A 100 5.80 9.17 0.75
N LYS A 101 6.53 10.27 0.69
CA LYS A 101 7.18 10.82 1.87
C LYS A 101 6.19 11.32 2.91
N ALA A 102 4.98 11.58 2.48
CA ALA A 102 3.95 12.07 3.39
C ALA A 102 3.01 10.96 3.84
N TRP A 103 2.33 10.34 2.88
CA TRP A 103 1.34 9.31 3.16
C TRP A 103 1.88 8.14 3.98
N LEU A 104 3.20 8.01 4.10
CA LEU A 104 3.79 6.95 4.93
C LEU A 104 3.39 7.23 6.38
N ARG A 105 3.58 8.47 6.78
CA ARG A 105 3.19 8.92 8.12
C ARG A 105 1.68 8.81 8.24
N ASP A 106 0.99 9.03 7.13
CA ASP A 106 -0.45 8.90 7.10
C ASP A 106 -0.87 7.43 7.13
N ILE A 107 0.09 6.53 6.98
CA ILE A 107 -0.18 5.09 7.02
C ILE A 107 -0.38 4.69 8.48
N ALA A 108 0.36 5.36 9.34
CA ALA A 108 0.31 5.13 10.76
C ALA A 108 -1.00 5.63 11.34
N GLU A 109 -1.37 6.84 10.97
CA GLU A 109 -2.59 7.46 11.45
C GLU A 109 -3.84 7.02 10.68
N GLU A 110 -3.71 6.04 9.77
CA GLU A 110 -4.85 5.60 8.99
C GLU A 110 -5.92 4.90 9.83
N GLN A 111 -7.07 4.68 9.20
CA GLN A 111 -8.26 4.09 9.80
C GLN A 111 -8.12 2.63 10.22
N GLU A 112 -7.06 2.27 10.93
CA GLU A 112 -6.94 0.91 11.45
C GLU A 112 -8.13 0.76 12.39
N LYS A 113 -8.24 1.76 13.25
CA LYS A 113 -9.36 1.91 14.14
C LYS A 113 -10.47 2.62 13.36
N TYR A 114 -11.50 1.89 12.96
CA TYR A 114 -12.60 2.45 12.17
C TYR A 114 -13.35 3.55 12.94
N ALA A 115 -13.03 3.69 14.22
CA ALA A 115 -13.64 4.72 15.05
C ALA A 115 -13.28 6.10 14.51
N ALA A 116 -12.16 6.19 13.81
CA ALA A 116 -11.70 7.45 13.24
C ALA A 116 -12.51 7.82 12.00
N GLU A 117 -13.12 6.84 11.37
CA GLU A 117 -13.93 7.07 10.18
C GLU A 117 -15.40 7.06 10.53
N ARG A 118 -15.78 7.90 11.49
CA ARG A 118 -17.16 7.97 11.92
C ARG A 118 -17.68 9.39 11.88
N ASP A 119 -17.11 10.26 12.70
CA ASP A 119 -17.51 11.65 12.74
C ASP A 119 -16.59 12.50 11.88
N MET A 1 -6.69 15.99 11.98
CA MET A 1 -7.56 15.01 12.69
C MET A 1 -8.84 14.75 11.91
N GLY A 2 -8.87 13.65 11.17
CA GLY A 2 -10.04 13.31 10.38
C GLY A 2 -9.68 12.59 9.10
N ASP A 3 -10.41 12.85 8.03
CA ASP A 3 -10.15 12.21 6.74
C ASP A 3 -9.61 13.22 5.73
N THR A 4 -10.18 13.22 4.53
CA THR A 4 -9.76 14.13 3.47
C THR A 4 -10.98 14.49 2.60
N GLY A 5 -10.88 15.57 1.85
CA GLY A 5 -11.98 15.98 0.99
C GLY A 5 -11.98 15.24 -0.32
N LYS A 6 -12.15 13.93 -0.26
CA LYS A 6 -12.16 13.11 -1.47
C LYS A 6 -13.32 12.11 -1.42
N LEU A 7 -13.66 11.57 -2.58
CA LEU A 7 -14.72 10.58 -2.67
C LEU A 7 -14.15 9.26 -3.15
N GLY A 8 -14.51 8.17 -2.47
CA GLY A 8 -13.98 6.86 -2.83
C GLY A 8 -12.54 6.73 -2.37
N ARG A 9 -11.65 7.40 -3.10
CA ARG A 9 -10.24 7.43 -2.76
C ARG A 9 -10.08 8.47 -1.67
N ILE A 10 -10.17 8.03 -0.43
CA ILE A 10 -10.08 8.92 0.72
C ILE A 10 -8.64 9.14 1.17
N ILE A 11 -7.78 8.15 0.99
CA ILE A 11 -6.39 8.27 1.38
C ILE A 11 -5.51 8.66 0.19
N ARG A 12 -4.73 7.71 -0.32
CA ARG A 12 -3.85 8.00 -1.44
C ARG A 12 -3.57 6.75 -2.28
N HIS A 13 -3.21 6.99 -3.54
CA HIS A 13 -2.88 5.92 -4.45
C HIS A 13 -1.49 6.17 -5.05
N ASP A 14 -0.59 5.22 -4.87
CA ASP A 14 0.77 5.37 -5.37
C ASP A 14 1.32 4.04 -5.87
N ALA A 15 2.03 4.08 -7.00
CA ALA A 15 2.61 2.88 -7.57
C ALA A 15 3.96 2.56 -6.94
N PHE A 16 4.04 1.40 -6.29
CA PHE A 16 5.27 1.00 -5.64
C PHE A 16 5.87 -0.27 -6.22
N GLN A 17 6.81 -0.08 -7.12
CA GLN A 17 7.51 -1.19 -7.75
C GLN A 17 8.50 -1.75 -6.75
N VAL A 18 8.12 -2.84 -6.10
CA VAL A 18 8.97 -3.42 -5.06
C VAL A 18 8.99 -4.94 -5.11
N TRP A 19 8.99 -5.54 -3.93
CA TRP A 19 9.04 -6.99 -3.75
C TRP A 19 7.92 -7.41 -2.81
N GLU A 20 7.09 -8.38 -3.19
CA GLU A 20 5.99 -8.84 -2.34
C GLU A 20 6.47 -9.97 -1.45
N GLY A 21 7.63 -9.74 -0.86
CA GLY A 21 8.28 -10.71 -0.02
C GLY A 21 9.74 -10.41 0.05
N ASP A 22 10.56 -11.43 0.08
CA ASP A 22 12.01 -11.22 0.12
C ASP A 22 12.64 -11.73 -1.17
N GLU A 23 11.81 -11.88 -2.21
CA GLU A 23 12.32 -12.37 -3.49
C GLU A 23 11.48 -11.91 -4.70
N PRO A 24 10.17 -12.23 -4.76
CA PRO A 24 9.33 -11.87 -5.92
C PRO A 24 9.02 -10.37 -6.01
N PRO A 25 9.61 -9.67 -7.01
CA PRO A 25 9.39 -8.25 -7.22
C PRO A 25 8.12 -8.01 -8.02
N LYS A 26 7.26 -7.14 -7.54
CA LYS A 26 6.01 -6.86 -8.22
C LYS A 26 5.69 -5.37 -8.20
N LEU A 27 5.09 -4.90 -9.30
CA LEU A 27 4.67 -3.51 -9.41
C LEU A 27 3.28 -3.36 -8.80
N ARG A 28 3.22 -3.03 -7.52
CA ARG A 28 1.94 -2.91 -6.85
C ARG A 28 1.45 -1.49 -6.79
N TYR A 29 0.29 -1.27 -7.36
CA TYR A 29 -0.33 0.03 -7.33
C TYR A 29 -1.06 0.17 -5.99
N VAL A 30 -0.37 0.73 -5.02
CA VAL A 30 -0.90 0.86 -3.67
C VAL A 30 -2.04 1.87 -3.61
N PHE A 31 -3.23 1.34 -3.40
CA PHE A 31 -4.43 2.17 -3.28
C PHE A 31 -4.92 2.05 -1.85
N LEU A 32 -4.99 3.13 -1.11
CA LEU A 32 -5.52 3.00 0.23
C LEU A 32 -6.82 3.75 0.37
N PHE A 33 -7.81 3.10 0.93
CA PHE A 33 -9.10 3.72 1.14
C PHE A 33 -9.56 3.44 2.57
N ARG A 34 -10.80 3.76 2.85
CA ARG A 34 -11.36 3.50 4.15
C ARG A 34 -11.83 2.05 4.19
N ASN A 35 -11.53 1.35 5.28
CA ASN A 35 -11.93 -0.05 5.47
C ASN A 35 -11.00 -1.05 4.75
N LYS A 36 -10.22 -0.60 3.77
CA LYS A 36 -9.30 -1.49 3.08
C LYS A 36 -8.30 -0.79 2.18
N ILE A 37 -7.31 -1.58 1.79
CA ILE A 37 -6.24 -1.19 0.91
C ILE A 37 -6.37 -2.02 -0.38
N MET A 38 -6.45 -1.38 -1.54
CA MET A 38 -6.52 -2.13 -2.79
C MET A 38 -5.11 -2.40 -3.23
N PHE A 39 -4.83 -3.65 -3.54
CA PHE A 39 -3.47 -4.05 -3.88
C PHE A 39 -3.37 -4.98 -5.07
N THR A 40 -3.46 -4.43 -6.26
CA THR A 40 -3.30 -5.24 -7.46
C THR A 40 -1.81 -5.53 -7.62
N GLU A 41 -1.48 -6.80 -7.55
CA GLU A 41 -0.11 -7.25 -7.61
C GLU A 41 0.34 -7.54 -9.04
N GLN A 42 0.53 -6.47 -9.79
CA GLN A 42 0.99 -6.57 -11.18
C GLN A 42 2.49 -6.74 -11.22
N ASP A 43 3.06 -6.72 -12.42
CA ASP A 43 4.49 -6.87 -12.58
C ASP A 43 4.99 -5.68 -13.40
N ALA A 44 6.19 -5.19 -13.08
CA ALA A 44 6.74 -4.04 -13.78
C ALA A 44 6.87 -4.28 -15.27
N SER A 45 5.88 -3.82 -16.02
CA SER A 45 5.87 -3.99 -17.45
C SER A 45 4.79 -3.10 -18.07
N THR A 46 5.13 -2.44 -19.16
CA THR A 46 4.21 -1.54 -19.82
C THR A 46 3.34 -2.31 -20.82
N SER A 47 3.44 -3.62 -20.73
CA SER A 47 2.67 -4.54 -21.53
C SER A 47 1.95 -5.46 -20.56
N PRO A 48 0.80 -6.05 -20.94
CA PRO A 48 0.02 -6.94 -20.09
C PRO A 48 0.91 -7.93 -19.33
N PRO A 49 1.14 -7.71 -18.03
CA PRO A 49 2.01 -8.56 -17.23
C PRO A 49 1.26 -9.72 -16.58
N SER A 50 1.95 -10.43 -15.69
CA SER A 50 1.37 -11.56 -15.01
C SER A 50 0.99 -11.19 -13.57
N TYR A 51 -0.30 -11.26 -13.28
CA TYR A 51 -0.80 -10.95 -11.94
C TYR A 51 -1.93 -11.91 -11.60
N THR A 52 -1.92 -12.42 -10.37
CA THR A 52 -2.91 -13.40 -9.91
C THR A 52 -4.34 -12.88 -9.92
N HIS A 53 -4.56 -11.69 -9.37
CA HIS A 53 -5.89 -11.09 -9.31
C HIS A 53 -5.79 -9.64 -8.79
N TYR A 54 -6.48 -9.36 -7.70
CA TYR A 54 -6.47 -8.04 -7.08
C TYR A 54 -6.45 -8.22 -5.57
N SER A 55 -5.25 -8.36 -5.02
CA SER A 55 -5.09 -8.57 -3.58
C SER A 55 -5.85 -7.53 -2.77
N SER A 56 -6.80 -8.01 -1.97
CA SER A 56 -7.59 -7.13 -1.13
C SER A 56 -7.13 -7.25 0.31
N ILE A 57 -6.50 -6.20 0.79
CA ILE A 57 -5.97 -6.15 2.15
C ILE A 57 -6.82 -5.21 2.98
N ARG A 58 -7.50 -5.76 3.99
CA ARG A 58 -8.35 -4.93 4.84
C ARG A 58 -7.50 -4.15 5.83
N LEU A 59 -7.81 -2.87 5.99
CA LEU A 59 -7.10 -2.01 6.90
C LEU A 59 -7.36 -2.47 8.32
N ASP A 60 -8.66 -2.59 8.62
CA ASP A 60 -9.19 -3.00 9.93
C ASP A 60 -8.19 -3.80 10.77
N LYS A 61 -7.78 -4.96 10.28
CA LYS A 61 -6.85 -5.81 11.02
C LYS A 61 -5.70 -6.33 10.15
N TYR A 62 -4.57 -5.65 10.20
CA TYR A 62 -3.36 -6.07 9.50
C TYR A 62 -2.16 -5.56 10.29
N ASN A 63 -1.02 -6.24 10.21
CA ASN A 63 0.17 -5.80 10.93
C ASN A 63 1.07 -5.06 9.98
N ILE A 64 1.64 -3.96 10.44
CA ILE A 64 2.48 -3.16 9.58
C ILE A 64 3.62 -2.47 10.34
N ARG A 65 4.77 -2.35 9.68
CA ARG A 65 5.98 -1.71 10.22
C ARG A 65 6.71 -0.99 9.09
N GLN A 66 7.21 0.21 9.36
CA GLN A 66 7.94 0.98 8.36
C GLN A 66 9.42 0.97 8.72
N HIS A 67 10.27 0.77 7.73
CA HIS A 67 11.71 0.69 7.97
C HIS A 67 12.50 1.62 7.08
N THR A 68 13.83 1.57 7.31
CA THR A 68 14.84 2.32 6.56
C THR A 68 14.78 3.84 6.76
N THR A 69 15.91 4.40 7.14
CA THR A 69 16.05 5.83 7.30
C THR A 69 16.81 6.35 6.08
N ASP A 70 16.03 6.71 5.08
CA ASP A 70 16.49 7.22 3.79
C ASP A 70 15.39 6.95 2.78
N GLU A 71 15.20 5.66 2.49
CA GLU A 71 14.15 5.22 1.60
C GLU A 71 13.08 4.54 2.43
N ASP A 72 12.14 5.32 2.87
CA ASP A 72 11.04 4.84 3.70
C ASP A 72 10.33 3.67 3.04
N THR A 73 10.38 2.51 3.67
CA THR A 73 9.71 1.34 3.15
C THR A 73 8.58 0.95 4.10
N ILE A 74 7.56 0.30 3.60
CA ILE A 74 6.45 -0.14 4.45
C ILE A 74 6.35 -1.66 4.38
N VAL A 75 6.60 -2.29 5.50
CA VAL A 75 6.55 -3.74 5.58
C VAL A 75 5.34 -4.19 6.39
N LEU A 76 4.47 -4.95 5.77
CA LEU A 76 3.29 -5.43 6.45
C LEU A 76 3.53 -6.86 6.95
N GLN A 77 3.07 -7.15 8.15
CA GLN A 77 3.21 -8.47 8.72
C GLN A 77 1.86 -9.16 8.75
N PRO A 78 1.84 -10.49 8.63
CA PRO A 78 0.60 -11.26 8.59
C PRO A 78 -0.11 -11.43 9.95
N GLN A 79 -1.32 -10.88 10.07
CA GLN A 79 -2.11 -11.04 11.30
C GLN A 79 -2.95 -12.30 11.15
N GLU A 80 -2.65 -13.01 10.08
CA GLU A 80 -3.28 -14.25 9.72
C GLU A 80 -2.22 -15.18 9.16
N PRO A 81 -2.41 -16.51 9.24
CA PRO A 81 -1.44 -17.48 8.69
C PRO A 81 -1.24 -17.25 7.18
N GLY A 82 -2.26 -16.65 6.56
CA GLY A 82 -2.20 -16.35 5.15
C GLY A 82 -2.57 -14.91 4.84
N LEU A 83 -1.79 -13.98 5.38
CA LEU A 83 -1.97 -12.55 5.13
C LEU A 83 -0.69 -12.15 4.43
N PRO A 84 -0.75 -11.60 3.21
CA PRO A 84 0.45 -11.25 2.46
C PRO A 84 1.33 -10.20 3.13
N SER A 85 2.58 -10.57 3.27
CA SER A 85 3.61 -9.71 3.85
C SER A 85 4.43 -9.20 2.69
N PHE A 86 4.88 -7.95 2.72
CA PHE A 86 5.67 -7.43 1.63
C PHE A 86 6.44 -6.19 2.07
N ARG A 87 6.93 -5.47 1.06
CA ARG A 87 7.63 -4.21 1.26
C ARG A 87 7.30 -3.31 0.07
N ILE A 88 7.42 -1.99 0.23
CA ILE A 88 7.13 -1.05 -0.83
C ILE A 88 8.09 0.13 -0.77
N LYS A 89 8.67 0.52 -1.91
CA LYS A 89 9.63 1.60 -1.94
C LYS A 89 9.23 2.62 -3.01
N PRO A 90 9.52 3.92 -2.78
CA PRO A 90 9.19 5.01 -3.72
C PRO A 90 10.03 5.03 -4.99
N LYS A 91 10.24 3.85 -5.56
CA LYS A 91 11.04 3.68 -6.76
C LYS A 91 10.64 4.69 -7.85
N ASP A 92 9.37 4.70 -8.23
CA ASP A 92 8.89 5.59 -9.29
C ASP A 92 8.33 6.90 -8.74
N PHE A 93 9.12 7.65 -7.97
CA PHE A 93 8.65 8.92 -7.44
C PHE A 93 9.82 9.80 -7.02
N GLU A 94 9.70 11.08 -7.35
CA GLU A 94 10.74 12.07 -7.00
C GLU A 94 10.77 12.29 -5.49
N THR A 95 11.92 12.70 -4.98
CA THR A 95 12.09 12.93 -3.54
C THR A 95 11.42 14.21 -3.11
N SER A 96 10.19 14.09 -2.63
CA SER A 96 9.42 15.19 -2.16
C SER A 96 8.79 14.71 -0.88
N GLU A 97 9.70 14.28 0.02
CA GLU A 97 9.43 13.76 1.37
C GLU A 97 7.96 13.75 1.76
N TYR A 98 7.43 14.96 1.78
CA TYR A 98 6.05 15.29 2.15
C TYR A 98 5.01 14.33 1.54
N VAL A 99 5.31 13.82 0.37
CA VAL A 99 4.42 12.86 -0.25
C VAL A 99 4.59 11.51 0.42
N ARG A 100 5.84 11.08 0.53
CA ARG A 100 6.16 9.82 1.13
C ARG A 100 5.75 9.71 2.59
N LYS A 101 6.31 10.55 3.46
CA LYS A 101 6.02 10.46 4.90
C LYS A 101 4.56 10.75 5.24
N ALA A 102 4.02 11.85 4.75
CA ALA A 102 2.63 12.20 5.06
C ALA A 102 1.65 11.14 4.59
N TRP A 103 2.05 10.36 3.61
CA TRP A 103 1.18 9.32 3.10
C TRP A 103 1.63 7.96 3.60
N LEU A 104 2.87 7.88 4.07
CA LEU A 104 3.37 6.68 4.66
C LEU A 104 2.70 6.50 6.00
N ARG A 105 2.81 7.50 6.86
CA ARG A 105 2.26 7.44 8.21
C ARG A 105 0.75 7.17 8.19
N ASP A 106 0.11 7.40 7.05
CA ASP A 106 -1.33 7.10 6.92
C ASP A 106 -1.53 5.60 7.01
N ILE A 107 -0.51 4.86 6.58
CA ILE A 107 -0.51 3.41 6.66
C ILE A 107 -0.48 3.00 8.14
N ALA A 108 0.38 3.68 8.90
CA ALA A 108 0.52 3.40 10.34
C ALA A 108 -0.74 3.82 11.08
N GLU A 109 -1.05 5.11 11.03
CA GLU A 109 -2.26 5.64 11.65
C GLU A 109 -3.44 5.35 10.72
N GLU A 110 -3.70 4.08 10.50
CA GLU A 110 -4.75 3.64 9.62
C GLU A 110 -6.15 3.91 10.18
N GLN A 111 -6.88 4.75 9.44
CA GLN A 111 -8.27 5.15 9.75
C GLN A 111 -8.71 4.94 11.20
N GLU A 112 -8.02 5.60 12.12
CA GLU A 112 -8.39 5.53 13.52
C GLU A 112 -9.49 6.56 13.75
N LYS A 113 -9.42 7.62 12.95
CA LYS A 113 -10.38 8.71 12.99
C LYS A 113 -11.71 8.29 12.39
N TYR A 114 -11.75 7.07 11.88
CA TYR A 114 -12.95 6.51 11.28
C TYR A 114 -14.06 6.43 12.33
N ALA A 115 -13.83 5.63 13.36
CA ALA A 115 -14.79 5.46 14.44
C ALA A 115 -14.10 4.90 15.68
N ALA A 116 -14.64 5.20 16.85
CA ALA A 116 -14.06 4.71 18.10
C ALA A 116 -14.87 3.52 18.61
N GLU A 117 -15.83 3.10 17.79
CA GLU A 117 -16.69 1.97 18.13
C GLU A 117 -17.51 2.24 19.38
N ARG A 118 -18.40 3.24 19.25
CA ARG A 118 -19.29 3.67 20.32
C ARG A 118 -18.57 3.78 21.67
N ASP A 119 -19.29 3.44 22.74
CA ASP A 119 -18.73 3.51 24.07
C ASP A 119 -19.66 2.76 25.01
#